data_5ZLI
#
_entry.id   5ZLI
#
_cell.length_a   191.085
_cell.length_b   131.462
_cell.length_c   131.411
_cell.angle_alpha   90.000
_cell.angle_beta   122.670
_cell.angle_gamma   90.000
#
_symmetry.space_group_name_H-M   'C 1 2 1'
#
_entity_poly.entity_id   1
_entity_poly.type   'polypeptide(L)'
_entity_poly.pdbx_seq_one_letter_code
;MIVRTQNSESKIKEFFEFCKENEVEFVDFRFSDIKGTWNHIAYSFGALTHGMLKEGIPFDASCFKGWQGIEHSDMILTPD
LVRYFIDPFSADVSVVVFCDVYDVYKNQPYEKCPRSIAKKALQHLKDSGLGDVAYFGAENEFFIFDSIKIKDASNSQYYE
VDSEEGEWNRDRSFENGVNFGHRPGKQGGYMPVPPTDTMMDIRTEIVKVLNQVGLETFVVHHEVAQAQGEVGVKFGDLVE
AADNVQKLKYVVKMVAHLNGKTATFMPKPLYGDNGSGMHTHVSVWKNNENLFSGETYKGLSEFALHFLGGVLRHARGLAA
FTNASTNSYKRLIPGYEAPSILTYSANNRSASVRIPYGISKNSARFEFRFPDSSSNPYLAFAAILMAGMDGVKNKIDPGE
AMDINLFKLTLDEIREKGIKQMPHTLRRSLEEMLADKQYLKESQVFSEEFIQAYQSLKFNAEVFPWESKPHPFEFITTYS
C
;
_entity_poly.pdbx_strand_id   A,B,C,D,E,F
#
# COMPACT_ATOMS: atom_id res chain seq x y z
N SER A 8 -18.71 -41.69 34.11
CA SER A 8 -18.63 -40.73 33.01
C SER A 8 -17.66 -41.21 31.92
N GLU A 9 -17.21 -42.47 32.01
CA GLU A 9 -16.16 -42.99 31.12
C GLU A 9 -16.70 -43.60 29.84
N SER A 10 -18.03 -43.76 29.73
CA SER A 10 -18.67 -44.00 28.44
C SER A 10 -18.08 -43.03 27.44
N LYS A 11 -18.50 -41.78 27.56
CA LYS A 11 -18.15 -40.69 26.65
C LYS A 11 -16.66 -40.62 26.37
N ILE A 12 -15.84 -40.83 27.41
CA ILE A 12 -14.44 -40.40 27.40
C ILE A 12 -13.63 -41.11 26.34
N LYS A 13 -13.81 -42.41 26.19
CA LYS A 13 -13.20 -43.10 25.06
C LYS A 13 -13.61 -42.41 23.78
N GLU A 14 -14.91 -42.32 23.54
CA GLU A 14 -15.39 -41.78 22.28
C GLU A 14 -14.88 -40.36 22.08
N PHE A 15 -15.08 -39.50 23.09
CA PHE A 15 -14.56 -38.13 23.00
C PHE A 15 -13.08 -38.12 22.66
N PHE A 16 -12.30 -38.97 23.32
CA PHE A 16 -10.89 -39.09 22.95
C PHE A 16 -10.76 -39.52 21.49
N GLU A 17 -11.68 -40.36 21.01
CA GLU A 17 -11.61 -40.75 19.60
C GLU A 17 -12.03 -39.60 18.69
N PHE A 18 -12.92 -38.74 19.14
CA PHE A 18 -13.34 -37.58 18.33
C PHE A 18 -12.20 -36.57 18.19
N CYS A 19 -11.43 -36.38 19.28
CA CYS A 19 -10.26 -35.53 19.23
C CYS A 19 -9.23 -36.08 18.26
N LYS A 20 -9.02 -37.40 18.26
CA LYS A 20 -7.99 -38.02 17.44
C LYS A 20 -8.19 -37.68 15.96
N GLU A 21 -9.42 -37.78 15.45
CA GLU A 21 -9.67 -37.64 14.02
C GLU A 21 -10.00 -36.24 13.58
N ASN A 22 -10.08 -35.31 14.52
CA ASN A 22 -10.16 -33.88 14.26
C ASN A 22 -8.84 -33.20 14.51
N GLU A 23 -7.80 -34.00 14.80
CA GLU A 23 -6.44 -33.52 14.88
C GLU A 23 -6.38 -32.38 15.90
N VAL A 24 -6.73 -32.71 17.14
CA VAL A 24 -6.96 -31.72 18.18
C VAL A 24 -5.67 -31.54 18.97
N GLU A 25 -5.34 -30.29 19.23
CA GLU A 25 -4.19 -29.93 20.02
C GLU A 25 -4.58 -29.28 21.32
N PHE A 26 -5.82 -28.82 21.43
CA PHE A 26 -6.21 -28.20 22.67
C PHE A 26 -7.64 -28.57 22.99
N VAL A 27 -7.87 -28.81 24.27
CA VAL A 27 -9.20 -29.01 24.79
C VAL A 27 -9.44 -27.81 25.69
N ASP A 28 -10.51 -27.08 25.40
CA ASP A 28 -10.81 -25.77 25.96
C ASP A 28 -11.99 -25.99 26.94
N PHE A 29 -11.70 -26.09 28.24
CA PHE A 29 -12.75 -26.32 29.23
C PHE A 29 -13.47 -25.03 29.56
N ARG A 30 -14.78 -24.99 29.28
CA ARG A 30 -15.54 -23.76 29.46
C ARG A 30 -16.66 -23.94 30.46
N PHE A 31 -16.84 -22.91 31.26
CA PHE A 31 -17.68 -22.94 32.43
C PHE A 31 -18.10 -21.51 32.72
N SER A 32 -19.28 -21.37 33.30
CA SER A 32 -19.93 -20.08 33.43
C SER A 32 -19.94 -19.70 34.89
N ASP A 33 -19.36 -18.52 35.23
CA ASP A 33 -19.49 -17.97 36.56
C ASP A 33 -20.89 -17.39 36.77
N ILE A 34 -21.13 -16.90 37.98
CA ILE A 34 -22.44 -16.34 38.33
C ILE A 34 -22.83 -15.27 37.33
N LYS A 35 -21.90 -14.36 37.01
CA LYS A 35 -22.21 -13.18 36.18
C LYS A 35 -22.80 -13.59 34.84
N GLY A 36 -22.45 -14.79 34.36
CA GLY A 36 -22.83 -15.23 33.03
C GLY A 36 -21.67 -15.28 32.06
N THR A 37 -20.50 -14.84 32.50
CA THR A 37 -19.31 -14.80 31.67
C THR A 37 -18.81 -16.19 31.32
N TRP A 38 -18.52 -16.39 30.07
CA TRP A 38 -17.93 -17.65 29.69
C TRP A 38 -16.41 -17.57 29.88
N ASN A 39 -15.87 -18.57 30.58
CA ASN A 39 -14.46 -18.67 30.92
C ASN A 39 -13.90 -19.99 30.40
N HIS A 40 -12.60 -19.97 30.05
CA HIS A 40 -11.98 -21.15 29.44
C HIS A 40 -10.55 -21.36 29.95
N ILE A 41 -10.12 -22.59 29.82
CA ILE A 41 -8.77 -22.96 30.20
C ILE A 41 -8.37 -24.15 29.34
N ALA A 42 -7.31 -23.99 28.57
CA ALA A 42 -6.94 -24.92 27.51
C ALA A 42 -5.84 -25.87 27.99
N TYR A 43 -6.04 -27.17 27.73
CA TYR A 43 -5.05 -28.18 28.05
C TYR A 43 -4.46 -28.74 26.76
N SER A 44 -3.13 -28.78 26.67
CA SER A 44 -2.48 -29.41 25.53
C SER A 44 -2.91 -30.86 25.44
N PHE A 45 -3.50 -31.23 24.31
CA PHE A 45 -4.19 -32.52 24.23
C PHE A 45 -3.29 -33.67 24.68
N GLY A 46 -2.09 -33.77 24.11
CA GLY A 46 -1.17 -34.85 24.46
C GLY A 46 -1.02 -35.10 25.94
N ALA A 47 -1.27 -34.08 26.77
CA ALA A 47 -1.15 -34.18 28.21
C ALA A 47 -2.45 -34.58 28.87
N LEU A 48 -3.40 -35.14 28.12
CA LEU A 48 -4.66 -35.59 28.70
C LEU A 48 -4.66 -37.09 28.90
N THR A 49 -4.85 -37.54 30.15
CA THR A 49 -5.11 -38.94 30.44
C THR A 49 -6.59 -39.12 30.69
N HIS A 50 -7.06 -40.35 30.49
CA HIS A 50 -8.44 -40.67 30.82
C HIS A 50 -8.77 -40.32 32.27
N GLY A 51 -7.84 -40.56 33.17
CA GLY A 51 -8.10 -40.28 34.58
C GLY A 51 -8.31 -38.82 34.86
N MET A 52 -7.73 -37.96 34.02
CA MET A 52 -7.82 -36.53 34.20
C MET A 52 -9.24 -36.01 34.02
N LEU A 53 -10.11 -36.81 33.39
CA LEU A 53 -11.49 -36.45 33.18
C LEU A 53 -12.44 -37.02 34.24
N LYS A 54 -12.04 -38.05 35.02
CA LYS A 54 -12.83 -38.40 36.19
C LYS A 54 -12.56 -37.42 37.32
N GLU A 55 -11.27 -37.18 37.59
CA GLU A 55 -10.85 -36.36 38.70
C GLU A 55 -11.40 -34.95 38.55
N GLY A 56 -11.05 -34.34 37.44
CA GLY A 56 -11.48 -33.02 37.05
C GLY A 56 -10.29 -32.14 36.76
N ILE A 57 -10.59 -30.88 36.54
CA ILE A 57 -9.55 -29.91 36.26
C ILE A 57 -9.48 -29.00 37.47
N PRO A 58 -8.34 -28.89 38.13
CA PRO A 58 -8.25 -27.96 39.24
C PRO A 58 -8.24 -26.55 38.69
N PHE A 59 -8.71 -25.61 39.48
CA PHE A 59 -8.54 -24.22 39.09
C PHE A 59 -8.68 -23.36 40.34
N ASP A 60 -8.50 -22.05 40.17
CA ASP A 60 -8.52 -21.11 41.28
C ASP A 60 -9.89 -20.45 41.25
N ALA A 61 -10.84 -21.02 41.99
CA ALA A 61 -12.19 -20.47 42.01
C ALA A 61 -12.36 -19.30 42.97
N SER A 62 -11.29 -18.71 43.48
CA SER A 62 -11.39 -17.51 44.31
C SER A 62 -11.45 -16.22 43.48
N CYS A 63 -11.15 -16.31 42.16
CA CYS A 63 -11.09 -15.23 41.17
C CYS A 63 -12.45 -14.82 40.58
N PHE A 64 -13.54 -15.37 41.07
CA PHE A 64 -14.88 -15.10 40.57
C PHE A 64 -15.67 -14.55 41.74
N LYS A 65 -16.14 -13.32 41.65
CA LYS A 65 -16.85 -12.78 42.82
C LYS A 65 -18.15 -13.55 43.04
N GLY A 66 -18.47 -13.82 44.31
CA GLY A 66 -19.58 -14.68 44.61
C GLY A 66 -19.23 -16.15 44.79
N TRP A 67 -18.02 -16.56 44.42
CA TRP A 67 -17.62 -17.93 44.64
C TRP A 67 -16.68 -17.97 45.85
N GLN A 68 -15.47 -18.48 45.67
CA GLN A 68 -14.62 -18.87 46.78
C GLN A 68 -13.76 -17.70 47.28
N GLY A 69 -13.55 -17.65 48.63
CA GLY A 69 -12.50 -16.84 49.22
C GLY A 69 -11.14 -17.52 49.14
N ILE A 70 -10.07 -16.73 49.26
CA ILE A 70 -8.74 -17.28 48.97
C ILE A 70 -8.36 -18.42 49.90
N GLU A 71 -8.84 -18.42 51.16
CA GLU A 71 -8.45 -19.47 52.10
C GLU A 71 -8.79 -20.87 51.60
N HIS A 72 -9.88 -21.02 50.85
CA HIS A 72 -10.31 -22.28 50.26
C HIS A 72 -10.42 -22.20 48.75
N SER A 73 -9.32 -21.83 48.10
CA SER A 73 -9.35 -21.41 46.71
C SER A 73 -9.50 -22.56 45.73
N ASP A 74 -8.91 -23.73 46.02
CA ASP A 74 -8.91 -24.82 45.06
C ASP A 74 -10.33 -25.32 44.79
N MET A 75 -10.65 -25.52 43.50
CA MET A 75 -11.87 -26.19 43.09
C MET A 75 -11.57 -27.10 41.89
N ILE A 76 -12.61 -27.77 41.39
CA ILE A 76 -12.48 -28.70 40.29
C ILE A 76 -13.48 -28.34 39.21
N LEU A 77 -13.06 -28.43 37.95
CA LEU A 77 -14.02 -28.48 36.86
C LEU A 77 -14.30 -29.93 36.49
N THR A 78 -15.58 -30.28 36.39
CA THR A 78 -15.99 -31.62 35.99
C THR A 78 -16.47 -31.55 34.55
N PRO A 79 -15.71 -32.04 33.60
CA PRO A 79 -16.14 -31.86 32.22
C PRO A 79 -17.41 -32.65 32.00
N ASP A 80 -18.37 -32.00 31.38
CA ASP A 80 -19.56 -32.67 30.91
C ASP A 80 -19.32 -32.90 29.42
N LEU A 81 -19.30 -34.15 29.00
CA LEU A 81 -18.89 -34.44 27.62
C LEU A 81 -20.11 -34.50 26.70
N VAL A 82 -20.81 -33.37 26.63
CA VAL A 82 -21.96 -33.16 25.77
C VAL A 82 -21.74 -31.88 24.98
N ARG A 83 -22.30 -31.84 23.75
CA ARG A 83 -22.27 -30.63 22.90
C ARG A 83 -20.88 -30.09 22.70
N TYR A 84 -19.84 -30.88 22.92
CA TYR A 84 -18.52 -30.41 22.57
C TYR A 84 -18.42 -30.22 21.05
N PHE A 85 -17.48 -29.39 20.65
CA PHE A 85 -17.36 -29.01 19.26
C PHE A 85 -15.97 -28.44 19.07
N ILE A 86 -15.52 -28.50 17.81
CA ILE A 86 -14.26 -27.89 17.40
C ILE A 86 -14.45 -26.38 17.32
N ASP A 87 -13.53 -25.64 17.93
CA ASP A 87 -13.58 -24.18 17.88
C ASP A 87 -13.29 -23.75 16.44
N PRO A 88 -14.20 -23.03 15.78
CA PRO A 88 -13.97 -22.72 14.36
C PRO A 88 -12.89 -21.70 14.13
N PHE A 89 -12.65 -20.80 15.11
CA PHE A 89 -11.82 -19.58 15.06
C PHE A 89 -10.36 -19.80 15.47
N SER A 90 -10.15 -20.62 16.50
CA SER A 90 -8.82 -20.80 17.03
C SER A 90 -7.89 -21.24 15.90
N ALA A 91 -6.72 -20.62 15.84
CA ALA A 91 -5.78 -20.96 14.78
C ALA A 91 -5.44 -22.43 14.81
N ASP A 92 -5.09 -22.94 15.99
CA ASP A 92 -4.75 -24.35 16.17
C ASP A 92 -5.91 -25.12 16.81
N VAL A 93 -6.10 -26.36 16.38
CA VAL A 93 -7.35 -27.09 16.65
C VAL A 93 -7.64 -27.16 18.14
N SER A 94 -8.86 -26.81 18.48
CA SER A 94 -9.30 -26.77 19.86
C SER A 94 -10.70 -27.35 19.91
N VAL A 95 -10.97 -28.08 20.98
CA VAL A 95 -12.29 -28.63 21.23
C VAL A 95 -12.79 -27.90 22.45
N VAL A 96 -14.00 -27.43 22.39
CA VAL A 96 -14.57 -26.81 23.57
C VAL A 96 -15.45 -27.82 24.30
N VAL A 97 -15.35 -27.83 25.61
CA VAL A 97 -16.14 -28.72 26.45
C VAL A 97 -16.72 -27.92 27.61
N PHE A 98 -18.02 -28.03 27.82
CA PHE A 98 -18.59 -27.38 28.97
C PHE A 98 -18.12 -28.14 30.21
N CYS A 99 -18.16 -27.45 31.34
CA CYS A 99 -17.71 -28.05 32.58
C CYS A 99 -18.62 -27.64 33.72
N ASP A 100 -18.67 -28.50 34.71
CA ASP A 100 -19.30 -28.22 35.97
C ASP A 100 -18.26 -28.02 37.07
N VAL A 101 -18.56 -27.09 37.97
CA VAL A 101 -17.73 -26.81 39.12
C VAL A 101 -18.13 -27.74 40.25
N TYR A 102 -17.17 -28.48 40.77
CA TYR A 102 -17.37 -29.42 41.87
C TYR A 102 -16.79 -28.85 43.16
N ASP A 103 -17.62 -28.78 44.19
CA ASP A 103 -17.17 -28.31 45.50
C ASP A 103 -16.46 -29.47 46.20
N VAL A 104 -15.17 -29.31 46.44
CA VAL A 104 -14.37 -30.37 47.04
C VAL A 104 -14.36 -30.27 48.56
N TYR A 105 -14.99 -29.23 49.13
CA TYR A 105 -15.11 -29.13 50.58
C TYR A 105 -16.39 -29.77 51.08
N LYS A 106 -17.38 -29.92 50.21
CA LYS A 106 -18.63 -30.59 50.51
C LYS A 106 -18.81 -31.83 49.63
N ASN A 107 -17.88 -32.09 48.72
CA ASN A 107 -17.88 -33.28 47.86
C ASN A 107 -19.24 -33.47 47.18
N GLN A 108 -19.81 -32.36 46.72
CA GLN A 108 -21.08 -32.27 46.01
C GLN A 108 -20.95 -31.21 44.93
N PRO A 109 -21.72 -31.32 43.83
CA PRO A 109 -21.78 -30.21 42.87
C PRO A 109 -22.00 -28.86 43.54
N TYR A 110 -21.30 -27.87 43.02
CA TYR A 110 -21.12 -26.58 43.67
C TYR A 110 -22.45 -25.82 43.73
N GLU A 111 -22.94 -25.57 44.95
CA GLU A 111 -24.26 -24.94 45.04
C GLU A 111 -24.27 -23.50 44.53
N LYS A 112 -23.10 -22.97 44.18
CA LYS A 112 -22.99 -21.67 43.55
C LYS A 112 -22.56 -21.78 42.08
N CYS A 113 -22.63 -22.99 41.48
CA CYS A 113 -22.40 -23.17 40.06
C CYS A 113 -23.69 -22.94 39.29
N PRO A 114 -23.76 -21.95 38.40
CA PRO A 114 -25.03 -21.67 37.73
C PRO A 114 -25.52 -22.85 36.93
N ARG A 115 -24.66 -23.42 36.10
CA ARG A 115 -25.01 -24.61 35.37
C ARG A 115 -25.33 -25.79 36.31
N SER A 116 -24.76 -25.82 37.51
CA SER A 116 -25.21 -26.83 38.45
C SER A 116 -26.65 -26.61 38.87
N ILE A 117 -27.00 -25.37 39.19
CA ILE A 117 -28.39 -25.05 39.53
C ILE A 117 -29.31 -25.45 38.39
N ALA A 118 -28.89 -25.19 37.15
CA ALA A 118 -29.75 -25.50 36.01
C ALA A 118 -29.97 -27.01 35.87
N LYS A 119 -29.01 -27.82 36.29
CA LYS A 119 -29.30 -29.25 36.29
C LYS A 119 -30.19 -29.63 37.45
N LYS A 120 -30.03 -28.98 38.61
CA LYS A 120 -30.84 -29.28 39.78
C LYS A 120 -32.29 -28.89 39.55
N ALA A 121 -32.54 -27.88 38.72
CA ALA A 121 -33.91 -27.49 38.43
C ALA A 121 -34.55 -28.42 37.40
N LEU A 122 -33.83 -28.77 36.34
CA LEU A 122 -34.46 -29.67 35.39
C LEU A 122 -34.59 -31.07 35.97
N GLN A 123 -33.91 -31.34 37.08
CA GLN A 123 -34.18 -32.56 37.83
C GLN A 123 -35.35 -32.40 38.80
N HIS A 124 -35.49 -31.24 39.43
CA HIS A 124 -36.60 -31.04 40.37
C HIS A 124 -37.95 -31.22 39.68
N LEU A 125 -38.01 -31.01 38.37
CA LEU A 125 -39.24 -31.24 37.64
C LEU A 125 -39.46 -32.72 37.34
N LYS A 126 -38.40 -33.44 36.98
CA LYS A 126 -38.45 -34.89 36.94
C LYS A 126 -38.99 -35.44 38.25
N ASP A 127 -38.51 -34.87 39.37
CA ASP A 127 -38.71 -35.43 40.70
C ASP A 127 -40.11 -35.19 41.23
N SER A 128 -40.76 -34.10 40.81
CA SER A 128 -42.11 -33.82 41.25
C SER A 128 -43.20 -34.57 40.47
N GLY A 129 -42.91 -35.03 39.26
CA GLY A 129 -43.91 -35.69 38.44
C GLY A 129 -44.71 -34.76 37.54
N LEU A 130 -44.65 -33.45 37.75
CA LEU A 130 -45.42 -32.52 36.92
C LEU A 130 -45.06 -32.65 35.46
N GLY A 131 -43.76 -32.71 35.14
CA GLY A 131 -43.32 -32.78 33.77
C GLY A 131 -42.09 -33.64 33.62
N ASP A 132 -41.79 -33.99 32.38
CA ASP A 132 -40.57 -34.74 32.06
C ASP A 132 -39.49 -33.86 31.47
N VAL A 133 -39.84 -33.09 30.46
CA VAL A 133 -38.88 -32.18 29.85
C VAL A 133 -39.40 -30.76 29.99
N ALA A 134 -38.49 -29.81 30.10
CA ALA A 134 -38.81 -28.38 30.07
C ALA A 134 -38.02 -27.77 28.92
N TYR A 135 -38.74 -27.45 27.84
CA TYR A 135 -38.13 -26.98 26.61
C TYR A 135 -38.05 -25.45 26.64
N PHE A 136 -36.87 -24.91 26.30
CA PHE A 136 -36.68 -23.47 26.25
C PHE A 136 -36.13 -23.09 24.89
N GLY A 137 -36.57 -21.93 24.40
CA GLY A 137 -36.19 -21.44 23.09
C GLY A 137 -35.90 -19.95 23.04
N ALA A 138 -34.62 -19.61 22.93
CA ALA A 138 -34.16 -18.23 23.05
C ALA A 138 -33.96 -17.60 21.67
N GLU A 139 -34.41 -16.36 21.56
CA GLU A 139 -34.08 -15.42 20.49
C GLU A 139 -33.21 -14.38 21.17
N ASN A 140 -31.95 -14.35 20.80
CA ASN A 140 -31.03 -13.40 21.40
C ASN A 140 -30.79 -12.26 20.40
N GLU A 141 -31.54 -11.18 20.56
CA GLU A 141 -31.24 -9.94 19.85
C GLU A 141 -29.90 -9.38 20.31
N PHE A 142 -29.16 -8.82 19.35
CA PHE A 142 -27.81 -8.32 19.56
C PHE A 142 -27.55 -7.14 18.63
N PHE A 143 -26.37 -6.57 18.73
CA PHE A 143 -26.01 -5.40 17.95
C PHE A 143 -24.60 -5.58 17.43
N ILE A 144 -24.37 -5.09 16.23
CA ILE A 144 -23.05 -5.09 15.65
C ILE A 144 -22.66 -3.64 15.38
N PHE A 145 -21.75 -3.13 16.19
CA PHE A 145 -21.20 -1.78 16.03
C PHE A 145 -19.82 -1.89 15.39
N ASP A 146 -19.32 -0.77 14.87
CA ASP A 146 -17.95 -0.78 14.36
C ASP A 146 -16.95 -0.53 15.49
N SER A 147 -17.32 0.33 16.43
CA SER A 147 -16.40 0.86 17.42
C SER A 147 -17.14 1.16 18.71
N ILE A 148 -16.48 0.97 19.83
CA ILE A 148 -17.05 1.32 21.13
C ILE A 148 -15.97 1.99 21.96
N LYS A 149 -16.29 3.16 22.52
CA LYS A 149 -15.33 3.88 23.33
C LYS A 149 -15.92 4.30 24.66
N ILE A 150 -15.16 4.05 25.73
CA ILE A 150 -15.62 4.23 27.09
C ILE A 150 -14.61 5.00 27.90
N LYS A 151 -15.11 5.71 28.92
CA LYS A 151 -14.29 6.48 29.86
C LYS A 151 -14.95 6.43 31.23
N ASP A 152 -14.21 5.90 32.20
CA ASP A 152 -14.62 5.79 33.60
C ASP A 152 -13.55 6.50 34.41
N ALA A 153 -13.89 7.65 34.99
CA ALA A 153 -12.88 8.42 35.69
C ALA A 153 -13.54 9.45 36.61
N SER A 154 -12.73 9.96 37.53
CA SER A 154 -13.09 11.02 38.47
C SER A 154 -13.86 12.15 37.80
N ASN A 155 -13.37 12.63 36.67
CA ASN A 155 -13.93 13.83 36.10
C ASN A 155 -14.74 13.57 34.85
N SER A 156 -14.86 12.32 34.43
CA SER A 156 -15.50 12.09 33.13
C SER A 156 -16.02 10.67 33.06
N GLN A 157 -17.30 10.54 32.73
CA GLN A 157 -17.92 9.30 32.29
C GLN A 157 -18.31 9.42 30.81
N TYR A 158 -18.05 8.38 30.01
CA TYR A 158 -18.19 8.54 28.56
C TYR A 158 -18.44 7.23 27.87
N TYR A 159 -19.41 7.21 26.95
CA TYR A 159 -19.54 6.11 26.01
C TYR A 159 -19.95 6.63 24.65
N GLU A 160 -19.58 5.83 23.64
CA GLU A 160 -20.05 6.09 22.28
C GLU A 160 -19.87 4.81 21.48
N VAL A 161 -20.98 4.23 21.07
CA VAL A 161 -20.93 3.14 20.12
C VAL A 161 -20.85 3.75 18.74
N ASP A 162 -20.40 2.98 17.77
CA ASP A 162 -20.47 3.50 16.42
C ASP A 162 -20.76 2.37 15.43
N SER A 163 -21.53 2.73 14.41
CA SER A 163 -22.02 1.82 13.38
C SER A 163 -22.18 2.67 12.13
N GLU A 164 -21.78 2.14 10.97
CA GLU A 164 -21.99 2.92 9.77
C GLU A 164 -23.47 3.12 9.46
N GLU A 165 -24.35 2.33 10.08
CA GLU A 165 -25.78 2.49 9.84
C GLU A 165 -26.44 3.60 10.64
N GLY A 166 -25.76 4.18 11.63
CA GLY A 166 -26.45 5.04 12.59
C GLY A 166 -26.87 6.36 11.99
N GLU A 167 -28.05 6.84 12.42
CA GLU A 167 -28.50 8.18 12.03
C GLU A 167 -27.41 9.22 12.25
N TRP A 168 -26.57 9.04 13.26
CA TRP A 168 -25.51 9.97 13.59
C TRP A 168 -24.38 10.05 12.56
N ASN A 169 -24.36 9.21 11.53
CA ASN A 169 -23.29 9.27 10.54
C ASN A 169 -23.75 9.74 9.16
N ARG A 170 -24.98 10.26 9.04
CA ARG A 170 -25.53 10.61 7.75
C ARG A 170 -24.73 11.66 7.00
N ASP A 171 -23.88 12.42 7.72
CA ASP A 171 -23.13 13.56 7.20
C ASP A 171 -21.63 13.35 7.29
N ARG A 172 -21.20 12.21 7.78
CA ARG A 172 -19.79 11.94 8.06
C ARG A 172 -19.02 11.65 6.79
N SER A 173 -17.72 11.96 6.82
CA SER A 173 -16.78 11.54 5.79
C SER A 173 -16.05 10.28 6.27
N PHE A 174 -16.14 9.21 5.48
CA PHE A 174 -15.52 7.93 5.77
C PHE A 174 -14.18 7.77 5.06
N GLU A 175 -14.24 7.30 3.80
CA GLU A 175 -13.06 6.94 3.01
C GLU A 175 -12.76 8.09 2.04
N ASN A 176 -12.02 9.08 2.56
CA ASN A 176 -11.67 10.34 1.91
C ASN A 176 -12.89 11.26 1.68
N GLY A 177 -13.97 11.06 2.43
CA GLY A 177 -15.14 11.87 2.28
C GLY A 177 -16.26 11.26 1.44
N VAL A 178 -16.32 9.94 1.35
CA VAL A 178 -17.39 9.26 0.64
C VAL A 178 -18.39 8.73 1.66
N ASN A 179 -19.69 9.04 1.47
CA ASN A 179 -20.77 8.55 2.32
C ASN A 179 -21.83 7.94 1.44
N PHE A 180 -22.23 6.69 1.70
CA PHE A 180 -23.08 5.98 0.75
C PHE A 180 -24.56 6.09 1.04
N GLY A 181 -24.96 6.88 2.05
CA GLY A 181 -26.38 7.10 2.26
C GLY A 181 -27.07 5.82 2.73
N HIS A 182 -28.32 5.66 2.33
CA HIS A 182 -29.03 4.41 2.56
C HIS A 182 -28.83 3.92 3.98
N ARG A 183 -29.54 4.51 4.91
CA ARG A 183 -29.43 4.18 6.31
C ARG A 183 -30.83 3.88 6.79
N PRO A 184 -31.04 2.81 7.52
CA PRO A 184 -32.34 2.65 8.14
C PRO A 184 -32.50 3.80 9.12
N GLY A 185 -33.70 4.35 9.23
CA GLY A 185 -33.85 5.39 10.22
C GLY A 185 -33.68 4.89 11.64
N LYS A 186 -33.77 5.78 12.63
CA LYS A 186 -34.11 5.36 13.98
C LYS A 186 -35.30 4.39 13.96
N GLN A 187 -35.11 3.20 14.55
CA GLN A 187 -36.13 2.14 14.63
C GLN A 187 -36.56 1.64 13.26
N GLY A 188 -35.70 1.71 12.26
CA GLY A 188 -36.14 1.38 10.93
C GLY A 188 -35.58 0.13 10.28
N GLY A 189 -34.88 -0.74 11.03
CA GLY A 189 -34.13 -1.86 10.49
C GLY A 189 -34.92 -3.09 10.08
N TYR A 190 -36.22 -3.05 10.28
CA TYR A 190 -37.04 -4.23 10.09
C TYR A 190 -37.97 -4.06 8.90
N MET A 191 -37.66 -4.62 7.73
CA MET A 191 -36.41 -5.29 7.44
C MET A 191 -35.95 -4.89 6.06
N PRO A 192 -35.55 -3.62 5.92
CA PRO A 192 -35.17 -3.13 4.60
C PRO A 192 -34.12 -4.03 3.98
N VAL A 193 -34.13 -4.11 2.65
CA VAL A 193 -33.17 -4.90 1.89
C VAL A 193 -31.88 -4.11 1.81
N PRO A 194 -30.75 -4.78 1.50
CA PRO A 194 -29.47 -4.13 1.20
C PRO A 194 -29.56 -3.24 -0.02
N PRO A 195 -28.71 -2.21 -0.11
CA PRO A 195 -27.59 -1.91 0.79
C PRO A 195 -27.97 -1.19 2.11
N THR A 196 -29.25 -0.82 2.28
CA THR A 196 -29.66 -0.27 3.57
C THR A 196 -29.34 -1.24 4.70
N ASP A 197 -29.54 -2.53 4.45
CA ASP A 197 -29.12 -3.58 5.37
C ASP A 197 -27.66 -3.91 5.05
N THR A 198 -26.73 -3.50 5.92
CA THR A 198 -25.32 -3.74 5.64
C THR A 198 -24.80 -5.04 6.24
N MET A 199 -25.62 -5.73 7.03
CA MET A 199 -25.21 -6.90 7.80
C MET A 199 -25.70 -8.21 7.19
N MET A 200 -26.08 -8.23 5.89
CA MET A 200 -26.70 -9.42 5.33
C MET A 200 -25.73 -10.59 5.28
N ASP A 201 -24.51 -10.31 4.87
CA ASP A 201 -23.53 -11.38 4.84
C ASP A 201 -22.95 -11.62 6.22
N ILE A 202 -22.97 -10.63 7.10
CA ILE A 202 -22.47 -10.82 8.46
C ILE A 202 -23.39 -11.77 9.23
N ARG A 203 -24.70 -11.52 9.15
CA ARG A 203 -25.70 -12.38 9.78
C ARG A 203 -25.68 -13.79 9.18
N THR A 204 -25.54 -13.86 7.85
CA THR A 204 -25.56 -15.13 7.15
C THR A 204 -24.38 -16.01 7.51
N GLU A 205 -23.18 -15.45 7.64
CA GLU A 205 -22.02 -16.25 8.01
C GLU A 205 -22.09 -16.68 9.47
N ILE A 206 -22.65 -15.83 10.34
CA ILE A 206 -22.88 -16.23 11.72
C ILE A 206 -23.65 -17.54 11.74
N VAL A 207 -24.78 -17.57 11.05
CA VAL A 207 -25.60 -18.77 11.00
C VAL A 207 -24.80 -20.00 10.56
N LYS A 208 -23.92 -19.83 9.57
CA LYS A 208 -23.14 -20.98 9.13
C LYS A 208 -22.24 -21.51 10.24
N VAL A 209 -21.56 -20.60 10.94
CA VAL A 209 -20.71 -21.04 12.04
C VAL A 209 -21.54 -21.58 13.20
N LEU A 210 -22.76 -21.05 13.42
CA LEU A 210 -23.64 -21.61 14.46
C LEU A 210 -23.98 -23.07 14.16
N ASN A 211 -24.27 -23.35 12.90
CA ASN A 211 -24.46 -24.73 12.51
C ASN A 211 -23.17 -25.51 12.71
N GLN A 212 -22.02 -24.83 12.53
CA GLN A 212 -20.72 -25.48 12.63
C GLN A 212 -20.48 -26.04 14.02
N VAL A 213 -21.14 -25.51 15.03
CA VAL A 213 -20.94 -25.92 16.40
C VAL A 213 -22.15 -26.67 16.95
N GLY A 214 -23.00 -27.19 16.07
CA GLY A 214 -24.12 -27.97 16.52
C GLY A 214 -25.34 -27.18 16.97
N LEU A 215 -25.64 -26.08 16.29
CA LEU A 215 -26.84 -25.31 16.57
C LEU A 215 -27.64 -25.25 15.28
N GLU A 216 -28.75 -26.00 15.26
CA GLU A 216 -29.71 -25.94 14.14
C GLU A 216 -30.41 -24.59 14.17
N THR A 217 -30.45 -23.92 13.04
CA THR A 217 -30.95 -22.56 12.96
C THR A 217 -32.25 -22.50 12.17
N PHE A 218 -33.01 -21.42 12.39
CA PHE A 218 -34.23 -21.22 11.60
C PHE A 218 -34.21 -19.91 10.82
N VAL A 219 -34.46 -18.78 11.49
CA VAL A 219 -34.68 -17.48 10.85
C VAL A 219 -33.48 -16.58 11.12
N VAL A 220 -33.19 -15.67 10.21
CA VAL A 220 -32.17 -14.66 10.48
C VAL A 220 -32.61 -13.35 9.86
N HIS A 221 -32.73 -12.31 10.68
CA HIS A 221 -33.19 -11.05 10.14
C HIS A 221 -32.50 -9.90 10.84
N HIS A 222 -32.49 -8.75 10.17
CA HIS A 222 -32.28 -7.48 10.84
C HIS A 222 -33.38 -7.24 11.88
N GLU A 223 -33.05 -6.56 12.93
CA GLU A 223 -34.11 -6.24 13.89
C GLU A 223 -34.45 -4.74 13.80
N VAL A 224 -35.27 -4.28 14.75
CA VAL A 224 -35.88 -2.96 14.59
C VAL A 224 -34.84 -1.88 14.72
N ALA A 225 -33.96 -1.99 15.71
CA ALA A 225 -32.98 -0.95 15.95
C ALA A 225 -31.93 -0.96 14.85
N GLN A 226 -31.10 0.09 14.86
CA GLN A 226 -30.33 0.42 13.67
C GLN A 226 -29.29 -0.66 13.35
N ALA A 227 -28.56 -1.22 14.33
CA ALA A 227 -27.49 -2.15 14.01
C ALA A 227 -27.79 -3.57 14.47
N GLN A 228 -29.06 -3.90 14.58
CA GLN A 228 -29.49 -5.02 15.38
C GLN A 228 -29.80 -6.30 14.56
N GLY A 229 -29.77 -7.43 15.26
CA GLY A 229 -29.94 -8.72 14.63
C GLY A 229 -30.45 -9.81 15.56
N GLU A 230 -30.77 -10.94 14.94
CA GLU A 230 -31.42 -12.04 15.63
C GLU A 230 -31.23 -13.29 14.79
N VAL A 231 -31.13 -14.43 15.47
CA VAL A 231 -31.11 -15.74 14.82
C VAL A 231 -32.04 -16.66 15.60
N GLY A 232 -32.96 -17.31 14.88
CA GLY A 232 -33.80 -18.30 15.51
C GLY A 232 -33.12 -19.63 15.58
N VAL A 233 -32.97 -20.10 16.81
CA VAL A 233 -32.28 -21.35 17.14
C VAL A 233 -33.31 -22.27 17.76
N LYS A 234 -33.06 -23.58 17.67
CA LYS A 234 -34.07 -24.59 17.95
C LYS A 234 -34.25 -24.79 19.45
N PHE A 235 -35.51 -24.91 19.88
CA PHE A 235 -35.82 -25.24 21.26
C PHE A 235 -34.89 -26.34 21.74
N GLY A 236 -34.52 -26.27 23.01
CA GLY A 236 -33.76 -27.32 23.65
C GLY A 236 -34.20 -27.39 25.10
N ASP A 237 -33.81 -28.47 25.76
CA ASP A 237 -34.08 -28.61 27.19
C ASP A 237 -33.30 -27.57 27.98
N LEU A 238 -33.67 -27.43 29.26
CA LEU A 238 -33.30 -26.25 30.04
C LEU A 238 -31.80 -25.99 30.03
N VAL A 239 -31.00 -26.98 30.38
CA VAL A 239 -29.57 -26.73 30.34
C VAL A 239 -29.15 -26.55 28.90
N GLU A 240 -29.52 -27.50 28.05
CA GLU A 240 -29.10 -27.45 26.65
C GLU A 240 -29.50 -26.13 25.98
N ALA A 241 -30.65 -25.58 26.36
CA ALA A 241 -31.00 -24.26 25.84
C ALA A 241 -30.00 -23.22 26.28
N ALA A 242 -29.68 -23.21 27.58
CA ALA A 242 -28.71 -22.27 28.13
C ALA A 242 -27.32 -22.56 27.61
N ASP A 243 -26.99 -23.82 27.37
CA ASP A 243 -25.71 -24.18 26.76
C ASP A 243 -25.55 -23.55 25.39
N ASN A 244 -26.61 -23.51 24.61
CA ASN A 244 -26.54 -22.95 23.28
C ASN A 244 -26.57 -21.46 23.29
N VAL A 245 -27.14 -20.85 24.33
CA VAL A 245 -27.01 -19.41 24.46
C VAL A 245 -25.55 -19.03 24.62
N GLN A 246 -24.83 -19.72 25.53
CA GLN A 246 -23.39 -19.48 25.67
C GLN A 246 -22.69 -19.60 24.33
N LYS A 247 -23.01 -20.66 23.58
CA LYS A 247 -22.44 -20.84 22.25
C LYS A 247 -22.83 -19.68 21.31
N LEU A 248 -24.14 -19.40 21.21
CA LEU A 248 -24.63 -18.38 20.29
C LEU A 248 -23.85 -17.10 20.43
N LYS A 249 -23.78 -16.59 21.67
CA LYS A 249 -23.06 -15.35 21.99
C LYS A 249 -21.58 -15.42 21.60
N TYR A 250 -20.93 -16.53 21.94
CA TYR A 250 -19.53 -16.66 21.55
C TYR A 250 -19.37 -16.52 20.04
N VAL A 251 -20.29 -17.10 19.26
CA VAL A 251 -20.06 -17.09 17.83
C VAL A 251 -20.30 -15.68 17.32
N VAL A 252 -21.38 -15.07 17.75
CA VAL A 252 -21.74 -13.77 17.22
C VAL A 252 -20.66 -12.75 17.58
N LYS A 253 -20.18 -12.80 18.82
CA LYS A 253 -19.13 -11.88 19.21
C LYS A 253 -17.84 -12.10 18.40
N MET A 254 -17.52 -13.36 18.10
CA MET A 254 -16.25 -13.65 17.46
C MET A 254 -16.25 -13.38 15.96
N VAL A 255 -17.40 -13.52 15.31
CA VAL A 255 -17.48 -13.26 13.89
C VAL A 255 -17.57 -11.77 13.64
N ALA A 256 -18.32 -11.07 14.49
CA ALA A 256 -18.15 -9.63 14.55
C ALA A 256 -16.67 -9.28 14.62
N HIS A 257 -15.93 -9.99 15.48
CA HIS A 257 -14.53 -9.65 15.66
C HIS A 257 -13.69 -9.97 14.42
N LEU A 258 -13.93 -11.10 13.75
CA LEU A 258 -13.11 -11.44 12.58
C LEU A 258 -13.28 -10.39 11.49
N ASN A 259 -14.51 -9.90 11.30
CA ASN A 259 -14.82 -8.93 10.27
C ASN A 259 -14.60 -7.52 10.72
N GLY A 260 -13.87 -7.35 11.81
CA GLY A 260 -13.46 -6.06 12.30
C GLY A 260 -14.52 -5.30 13.04
N LYS A 261 -15.51 -5.97 13.61
CA LYS A 261 -16.54 -5.24 14.33
C LYS A 261 -16.55 -5.74 15.76
N THR A 262 -17.61 -5.39 16.47
CA THR A 262 -17.72 -5.67 17.89
C THR A 262 -19.19 -5.81 18.15
N ALA A 263 -19.56 -6.92 18.77
CA ALA A 263 -20.95 -7.26 19.04
C ALA A 263 -21.23 -7.06 20.52
N THR A 264 -22.51 -7.07 20.85
CA THR A 264 -22.95 -7.02 22.23
C THR A 264 -24.39 -7.46 22.25
N PHE A 265 -24.73 -8.22 23.28
CA PHE A 265 -26.10 -8.60 23.57
C PHE A 265 -26.65 -7.78 24.71
N MET A 266 -26.00 -6.65 25.02
CA MET A 266 -26.41 -5.85 26.17
C MET A 266 -27.80 -5.27 25.92
N PRO A 267 -28.60 -5.13 26.99
CA PRO A 267 -30.02 -4.78 26.81
C PRO A 267 -30.28 -3.51 26.02
N LYS A 268 -29.69 -2.36 26.41
CA LYS A 268 -30.02 -1.06 25.79
C LYS A 268 -28.78 -0.18 25.55
N PRO A 269 -28.12 -0.35 24.40
CA PRO A 269 -26.93 0.45 24.08
C PRO A 269 -27.22 1.83 23.50
N LEU A 270 -28.35 1.98 22.82
CA LEU A 270 -28.75 3.21 22.14
C LEU A 270 -29.97 3.78 22.84
N TYR A 271 -29.90 5.06 23.19
CA TYR A 271 -31.09 5.75 23.66
C TYR A 271 -32.08 5.99 22.53
N GLY A 272 -33.37 5.78 22.83
CA GLY A 272 -34.41 6.06 21.86
C GLY A 272 -34.52 5.06 20.73
N ASP A 273 -33.86 3.91 20.88
CA ASP A 273 -33.93 2.84 19.92
C ASP A 273 -34.16 1.56 20.69
N ASN A 274 -34.53 0.51 19.95
CA ASN A 274 -34.94 -0.74 20.59
C ASN A 274 -33.80 -1.37 21.37
N GLY A 275 -34.14 -1.96 22.50
CA GLY A 275 -33.22 -2.81 23.20
C GLY A 275 -33.18 -4.24 22.62
N SER A 276 -32.27 -5.04 23.19
CA SER A 276 -32.11 -6.40 22.79
C SER A 276 -32.96 -7.26 23.73
N GLY A 277 -33.72 -8.20 23.16
CA GLY A 277 -34.42 -9.07 24.06
C GLY A 277 -33.88 -10.49 24.05
N MET A 278 -34.12 -11.24 25.13
CA MET A 278 -34.00 -12.69 25.10
C MET A 278 -35.43 -13.20 25.17
N HIS A 279 -36.09 -13.16 24.02
CA HIS A 279 -37.43 -13.70 23.92
C HIS A 279 -37.30 -15.21 24.15
N THR A 280 -37.84 -15.63 25.28
CA THR A 280 -37.72 -16.99 25.78
C THR A 280 -39.02 -17.74 25.51
N HIS A 281 -38.90 -18.89 24.86
CA HIS A 281 -40.06 -19.72 24.56
C HIS A 281 -40.03 -20.99 25.41
N VAL A 282 -41.10 -21.23 26.18
CA VAL A 282 -41.18 -22.40 27.04
C VAL A 282 -42.40 -23.25 26.74
N SER A 283 -42.21 -24.56 26.86
CA SER A 283 -43.28 -25.53 27.00
C SER A 283 -42.77 -26.63 27.92
N VAL A 284 -43.69 -27.26 28.64
CA VAL A 284 -43.42 -28.45 29.44
C VAL A 284 -44.10 -29.65 28.79
N TRP A 285 -43.39 -30.77 28.68
CA TRP A 285 -43.97 -31.98 28.11
C TRP A 285 -43.89 -33.17 29.08
N LYS A 286 -44.75 -34.15 28.85
CA LYS A 286 -44.65 -35.39 29.60
C LYS A 286 -45.19 -36.52 28.74
N ASN A 287 -44.40 -37.59 28.61
CA ASN A 287 -44.78 -38.79 27.88
C ASN A 287 -45.22 -38.45 26.47
N ASN A 288 -44.50 -37.53 25.83
CA ASN A 288 -44.65 -37.10 24.44
C ASN A 288 -45.85 -36.19 24.23
N GLU A 289 -46.71 -36.01 25.23
CA GLU A 289 -47.83 -35.07 25.15
C GLU A 289 -47.37 -33.70 25.67
N ASN A 290 -47.49 -32.67 24.84
CA ASN A 290 -47.20 -31.29 25.24
C ASN A 290 -48.22 -30.81 26.27
N LEU A 291 -47.78 -30.60 27.50
CA LEU A 291 -48.70 -30.22 28.57
C LEU A 291 -49.20 -28.78 28.47
N PHE A 292 -48.64 -27.97 27.58
CA PHE A 292 -49.11 -26.60 27.50
C PHE A 292 -50.36 -26.48 26.65
N SER A 293 -50.60 -27.46 25.81
CA SER A 293 -51.71 -27.45 24.88
C SER A 293 -53.00 -27.89 25.53
N GLY A 294 -54.06 -27.14 25.30
CA GLY A 294 -55.36 -27.50 25.81
C GLY A 294 -56.40 -26.67 25.12
N GLU A 295 -57.54 -26.54 25.81
CA GLU A 295 -58.64 -25.73 25.27
C GLU A 295 -59.20 -24.78 26.33
N THR A 296 -58.55 -24.67 27.50
CA THR A 296 -58.91 -23.67 28.50
C THR A 296 -58.83 -22.25 27.94
N TYR A 297 -57.77 -21.95 27.20
CA TYR A 297 -57.61 -20.63 26.59
C TYR A 297 -56.77 -20.76 25.32
N LYS A 298 -57.26 -20.14 24.24
CA LYS A 298 -56.65 -20.06 22.92
C LYS A 298 -55.60 -21.14 22.65
N GLY A 299 -55.98 -22.40 22.83
CA GLY A 299 -55.12 -23.50 22.46
C GLY A 299 -54.14 -23.93 23.53
N LEU A 300 -54.37 -23.51 24.78
CA LEU A 300 -53.48 -23.80 25.90
C LEU A 300 -54.24 -24.51 27.00
N SER A 301 -53.51 -25.21 27.84
CA SER A 301 -54.13 -25.94 28.93
C SER A 301 -54.19 -25.06 30.18
N GLU A 302 -55.07 -25.45 31.11
CA GLU A 302 -55.10 -24.74 32.38
C GLU A 302 -53.80 -24.94 33.15
N PHE A 303 -53.22 -26.13 33.01
CA PHE A 303 -51.87 -26.38 33.51
C PHE A 303 -50.89 -25.33 33.01
N ALA A 304 -50.95 -25.01 31.72
CA ALA A 304 -50.08 -23.98 31.17
C ALA A 304 -50.39 -22.63 31.80
N LEU A 305 -51.68 -22.31 31.99
CA LEU A 305 -52.03 -21.03 32.57
C LEU A 305 -51.68 -20.96 34.04
N HIS A 306 -51.68 -22.09 34.75
CA HIS A 306 -51.19 -22.06 36.13
C HIS A 306 -49.70 -21.79 36.17
N PHE A 307 -48.95 -22.42 35.26
CA PHE A 307 -47.52 -22.12 35.13
C PHE A 307 -47.32 -20.63 35.00
N LEU A 308 -48.02 -20.04 34.03
CA LEU A 308 -47.97 -18.61 33.79
C LEU A 308 -48.41 -17.84 35.03
N GLY A 309 -49.40 -18.37 35.75
CA GLY A 309 -49.82 -17.71 36.96
C GLY A 309 -48.67 -17.55 37.93
N GLY A 310 -47.80 -18.57 38.00
CA GLY A 310 -46.64 -18.51 38.89
C GLY A 310 -45.53 -17.61 38.39
N VAL A 311 -45.27 -17.63 37.09
CA VAL A 311 -44.25 -16.74 36.53
C VAL A 311 -44.64 -15.28 36.78
N LEU A 312 -45.90 -14.95 36.54
CA LEU A 312 -46.36 -13.58 36.71
C LEU A 312 -46.38 -13.18 38.17
N ARG A 313 -46.65 -14.15 39.05
CA ARG A 313 -46.82 -13.86 40.47
C ARG A 313 -45.50 -13.40 41.08
N HIS A 314 -44.44 -14.16 40.82
CA HIS A 314 -43.10 -13.90 41.33
C HIS A 314 -42.29 -13.05 40.38
N ALA A 315 -42.88 -12.59 39.28
CA ALA A 315 -42.09 -11.92 38.26
C ALA A 315 -41.29 -10.77 38.86
N ARG A 316 -41.93 -9.90 39.66
CA ARG A 316 -41.21 -8.73 40.19
C ARG A 316 -39.88 -9.16 40.84
N GLY A 317 -39.87 -10.29 41.53
CA GLY A 317 -38.62 -10.84 42.03
C GLY A 317 -37.86 -11.67 41.01
N LEU A 318 -38.58 -12.38 40.13
CA LEU A 318 -37.92 -13.16 39.09
C LEU A 318 -37.03 -12.30 38.22
N ALA A 319 -37.34 -11.00 38.14
CA ALA A 319 -36.58 -10.09 37.30
C ALA A 319 -35.12 -9.96 37.74
N ALA A 320 -34.83 -10.18 39.02
CA ALA A 320 -33.45 -10.15 39.52
C ALA A 320 -32.53 -11.16 38.81
N PHE A 321 -33.08 -12.24 38.21
CA PHE A 321 -32.27 -13.18 37.45
C PHE A 321 -32.40 -13.04 35.94
N THR A 322 -33.55 -12.55 35.43
CA THR A 322 -33.77 -12.37 34.01
C THR A 322 -33.33 -10.99 33.50
N ASN A 323 -33.30 -10.01 34.38
CA ASN A 323 -32.94 -8.63 34.05
C ASN A 323 -31.89 -8.24 35.08
N ALA A 324 -30.66 -8.73 34.87
CA ALA A 324 -29.66 -8.81 35.91
C ALA A 324 -28.66 -7.69 35.85
N SER A 325 -28.89 -6.68 35.02
CA SER A 325 -28.02 -5.53 34.89
C SER A 325 -28.83 -4.26 35.05
N THR A 326 -28.19 -3.18 35.51
CA THR A 326 -28.96 -1.95 35.58
C THR A 326 -29.38 -1.52 34.20
N ASN A 327 -28.56 -1.84 33.20
CA ASN A 327 -28.88 -1.50 31.84
C ASN A 327 -30.16 -2.18 31.43
N SER A 328 -30.45 -3.36 32.02
CA SER A 328 -31.67 -4.13 31.73
C SER A 328 -32.92 -3.30 31.87
N TYR A 329 -32.91 -2.36 32.81
CA TYR A 329 -34.10 -1.60 33.13
C TYR A 329 -34.21 -0.35 32.30
N LYS A 330 -33.13 0.05 31.65
CA LYS A 330 -33.20 1.11 30.64
C LYS A 330 -34.01 0.68 29.43
N ARG A 331 -34.17 -0.63 29.23
CA ARG A 331 -34.99 -1.24 28.20
C ARG A 331 -36.43 -1.37 28.63
N LEU A 332 -36.67 -1.63 29.92
CA LEU A 332 -38.04 -1.83 30.31
C LEU A 332 -38.79 -0.54 30.36
N ILE A 333 -38.76 0.18 29.24
CA ILE A 333 -39.47 1.44 29.09
C ILE A 333 -40.54 1.26 28.02
N PRO A 334 -41.72 1.82 28.23
CA PRO A 334 -42.80 1.63 27.25
C PRO A 334 -42.42 2.28 25.94
N GLY A 335 -42.92 1.69 24.86
CA GLY A 335 -42.86 2.28 23.55
C GLY A 335 -41.76 1.75 22.68
N TYR A 336 -41.18 0.61 23.05
CA TYR A 336 -40.10 0.00 22.29
C TYR A 336 -40.27 -1.50 22.14
N GLU A 337 -41.52 -1.98 22.18
CA GLU A 337 -41.78 -3.42 22.17
C GLU A 337 -41.05 -4.12 23.32
N ALA A 338 -40.79 -3.38 24.42
CA ALA A 338 -40.33 -3.95 25.66
C ALA A 338 -41.43 -3.85 26.69
N PRO A 339 -41.75 -4.96 27.34
CA PRO A 339 -42.83 -4.97 28.33
C PRO A 339 -42.43 -4.23 29.59
N SER A 340 -43.33 -3.39 30.08
CA SER A 340 -43.20 -2.98 31.46
C SER A 340 -44.35 -3.46 32.33
N ILE A 341 -45.43 -3.99 31.76
CA ILE A 341 -46.62 -4.37 32.52
C ILE A 341 -46.74 -5.88 32.46
N LEU A 342 -46.99 -6.51 33.62
CA LEU A 342 -46.94 -7.97 33.77
C LEU A 342 -48.32 -8.58 33.51
N THR A 343 -48.63 -8.74 32.23
CA THR A 343 -49.84 -9.44 31.84
C THR A 343 -49.52 -10.27 30.59
N TYR A 344 -50.47 -11.09 30.16
CA TYR A 344 -50.30 -11.90 28.96
C TYR A 344 -51.34 -11.50 27.93
N SER A 345 -51.07 -11.81 26.67
CA SER A 345 -51.99 -11.50 25.58
C SER A 345 -51.54 -12.21 24.30
N ALA A 346 -52.51 -12.57 23.48
CA ALA A 346 -52.22 -13.14 22.18
C ALA A 346 -51.78 -12.06 21.20
N ASN A 347 -50.71 -12.36 20.45
CA ASN A 347 -50.25 -11.52 19.34
C ASN A 347 -49.97 -10.10 19.80
N ASN A 348 -49.66 -9.92 21.08
CA ASN A 348 -49.48 -8.60 21.65
C ASN A 348 -48.04 -8.48 22.15
N ARG A 349 -47.32 -7.50 21.60
CA ARG A 349 -45.93 -7.23 21.96
C ARG A 349 -45.77 -6.06 22.93
N SER A 350 -46.87 -5.45 23.38
CA SER A 350 -46.77 -4.54 24.52
C SER A 350 -46.89 -5.31 25.83
N ALA A 351 -47.28 -6.58 25.74
CA ALA A 351 -47.53 -7.43 26.89
C ALA A 351 -46.24 -8.07 27.37
N SER A 352 -46.21 -8.39 28.67
CA SER A 352 -45.07 -9.12 29.23
C SER A 352 -44.92 -10.49 28.60
N VAL A 353 -46.01 -11.24 28.52
CA VAL A 353 -46.02 -12.56 27.93
C VAL A 353 -46.82 -12.50 26.66
N ARG A 354 -46.45 -13.36 25.72
CA ARG A 354 -47.14 -13.39 24.44
C ARG A 354 -47.47 -14.84 24.13
N ILE A 355 -48.70 -15.06 23.68
CA ILE A 355 -49.09 -16.34 23.10
C ILE A 355 -48.90 -16.21 21.59
N PRO A 356 -47.93 -16.89 21.00
CA PRO A 356 -47.73 -16.76 19.56
C PRO A 356 -48.92 -17.26 18.76
N TYR A 357 -48.86 -17.01 17.45
CA TYR A 357 -50.00 -17.26 16.59
C TYR A 357 -50.23 -18.77 16.38
N GLY A 358 -49.18 -19.53 16.03
CA GLY A 358 -49.30 -20.93 15.63
C GLY A 358 -50.08 -21.87 16.54
N ILE A 359 -49.61 -22.05 17.78
CA ILE A 359 -50.25 -22.82 18.87
C ILE A 359 -50.94 -24.10 18.41
N SER A 360 -50.26 -24.90 17.58
CA SER A 360 -50.63 -26.30 17.43
C SER A 360 -50.42 -27.04 18.74
N LYS A 361 -51.10 -28.18 18.89
CA LYS A 361 -50.92 -29.00 20.10
C LYS A 361 -49.45 -29.42 20.24
N ASN A 362 -48.63 -29.17 19.21
CA ASN A 362 -47.22 -29.49 19.26
C ASN A 362 -46.35 -28.29 19.56
N SER A 363 -46.80 -27.09 19.23
CA SER A 363 -45.99 -25.89 19.39
C SER A 363 -46.50 -24.99 20.51
N ALA A 364 -47.52 -25.41 21.25
CA ALA A 364 -48.09 -24.56 22.29
C ALA A 364 -47.03 -24.17 23.30
N ARG A 365 -47.04 -22.89 23.68
CA ARG A 365 -45.93 -22.34 24.45
C ARG A 365 -46.30 -20.93 24.88
N PHE A 366 -45.47 -20.37 25.75
CA PHE A 366 -45.47 -18.93 25.94
C PHE A 366 -44.17 -18.32 25.45
N GLU A 367 -44.23 -17.03 25.18
CA GLU A 367 -43.03 -16.25 24.89
C GLU A 367 -42.98 -15.15 25.93
N PHE A 368 -41.98 -15.24 26.80
CA PHE A 368 -41.72 -14.27 27.84
C PHE A 368 -40.77 -13.24 27.24
N ARG A 369 -41.27 -12.01 27.09
CA ARG A 369 -40.50 -11.01 26.37
C ARG A 369 -39.62 -10.17 27.29
N PHE A 370 -39.84 -10.21 28.61
CA PHE A 370 -39.15 -9.33 29.55
C PHE A 370 -37.67 -9.65 29.85
N PRO A 371 -37.18 -10.88 29.71
CA PRO A 371 -35.74 -11.11 29.94
C PRO A 371 -34.87 -10.49 28.85
N ASP A 372 -33.61 -10.27 29.20
CA ASP A 372 -32.64 -9.77 28.26
C ASP A 372 -31.38 -10.60 28.39
N SER A 373 -30.48 -10.43 27.43
CA SER A 373 -29.34 -11.32 27.35
C SER A 373 -28.25 -10.95 28.32
N SER A 374 -28.47 -9.87 29.09
CA SER A 374 -27.57 -9.56 30.19
C SER A 374 -27.61 -10.59 31.30
N SER A 375 -28.61 -11.47 31.30
CA SER A 375 -28.81 -12.46 32.35
C SER A 375 -27.81 -13.60 32.22
N ASN A 376 -27.59 -14.31 33.32
CA ASN A 376 -26.94 -15.61 33.24
C ASN A 376 -28.00 -16.55 32.66
N PRO A 377 -27.82 -17.09 31.45
CA PRO A 377 -28.86 -17.96 30.88
C PRO A 377 -29.24 -19.11 31.77
N TYR A 378 -28.26 -19.68 32.47
CA TYR A 378 -28.56 -20.78 33.39
C TYR A 378 -29.54 -20.38 34.46
N LEU A 379 -29.24 -19.29 35.18
CA LEU A 379 -30.09 -18.86 36.27
C LEU A 379 -31.48 -18.45 35.77
N ALA A 380 -31.54 -17.68 34.69
CA ALA A 380 -32.82 -17.19 34.16
C ALA A 380 -33.77 -18.35 33.85
N PHE A 381 -33.31 -19.28 33.01
CA PHE A 381 -34.12 -20.45 32.66
C PHE A 381 -34.50 -21.21 33.90
N ALA A 382 -33.52 -21.50 34.74
CA ALA A 382 -33.79 -22.17 36.00
C ALA A 382 -34.85 -21.44 36.79
N ALA A 383 -34.62 -20.16 37.06
CA ALA A 383 -35.53 -19.43 37.94
C ALA A 383 -36.95 -19.40 37.39
N ILE A 384 -37.11 -19.21 36.08
CA ILE A 384 -38.44 -19.24 35.47
C ILE A 384 -39.14 -20.55 35.76
N LEU A 385 -38.42 -21.68 35.59
CA LEU A 385 -39.11 -22.95 35.80
C LEU A 385 -39.54 -23.09 37.24
N MET A 386 -38.69 -22.68 38.21
CA MET A 386 -39.10 -22.74 39.61
C MET A 386 -40.30 -21.85 39.91
N ALA A 387 -40.48 -20.79 39.12
CA ALA A 387 -41.63 -19.90 39.30
C ALA A 387 -42.88 -20.45 38.65
N GLY A 388 -42.73 -21.09 37.48
CA GLY A 388 -43.83 -21.78 36.83
C GLY A 388 -44.30 -23.04 37.55
N MET A 389 -43.40 -23.72 38.25
CA MET A 389 -43.82 -24.92 38.99
C MET A 389 -44.56 -24.54 40.26
N ASP A 390 -44.07 -23.53 40.97
CA ASP A 390 -44.83 -22.98 42.08
C ASP A 390 -46.24 -22.66 41.64
N GLY A 391 -46.39 -22.18 40.42
CA GLY A 391 -47.71 -21.85 39.92
C GLY A 391 -48.61 -23.06 39.86
N VAL A 392 -48.12 -24.17 39.30
CA VAL A 392 -49.00 -25.31 39.15
C VAL A 392 -49.23 -26.00 40.48
N LYS A 393 -48.24 -25.99 41.37
CA LYS A 393 -48.51 -26.50 42.71
C LYS A 393 -49.68 -25.76 43.32
N ASN A 394 -49.63 -24.44 43.30
CA ASN A 394 -50.66 -23.62 43.93
C ASN A 394 -51.73 -23.25 42.93
N LYS A 395 -51.70 -23.86 41.75
CA LYS A 395 -52.67 -23.60 40.70
C LYS A 395 -52.95 -22.09 40.66
N ILE A 396 -51.88 -21.33 40.40
CA ILE A 396 -51.90 -19.88 40.56
C ILE A 396 -52.66 -19.22 39.44
N ASP A 397 -53.58 -18.31 39.80
CA ASP A 397 -54.37 -17.56 38.81
C ASP A 397 -53.53 -16.50 38.11
N PRO A 398 -53.39 -16.57 36.79
CA PRO A 398 -52.62 -15.56 36.07
C PRO A 398 -53.40 -14.29 35.77
N GLY A 399 -54.62 -14.16 36.25
CA GLY A 399 -55.41 -13.00 35.91
C GLY A 399 -56.00 -13.10 34.51
N GLU A 400 -56.59 -11.99 34.07
CA GLU A 400 -57.25 -11.95 32.79
C GLU A 400 -56.32 -11.37 31.74
N ALA A 401 -56.53 -11.79 30.50
CA ALA A 401 -55.75 -11.25 29.40
C ALA A 401 -56.04 -9.77 29.22
N MET A 402 -55.04 -9.04 28.76
CA MET A 402 -55.19 -7.63 28.43
C MET A 402 -54.84 -7.48 26.94
N ASP A 403 -55.86 -7.41 26.09
CA ASP A 403 -55.68 -7.26 24.65
C ASP A 403 -55.85 -5.81 24.21
N ILE A 404 -55.15 -4.88 24.85
CA ILE A 404 -55.10 -3.49 24.43
C ILE A 404 -53.65 -3.14 24.14
N ASN A 405 -53.43 -1.97 23.56
CA ASN A 405 -52.06 -1.47 23.52
C ASN A 405 -51.71 -0.99 24.92
N LEU A 406 -50.87 -1.77 25.60
CA LEU A 406 -50.64 -1.53 27.02
C LEU A 406 -49.98 -0.18 27.27
N PHE A 407 -49.20 0.33 26.32
CA PHE A 407 -48.64 1.68 26.42
C PHE A 407 -49.72 2.75 26.28
N LYS A 408 -50.80 2.63 27.06
CA LYS A 408 -51.87 3.59 27.11
C LYS A 408 -52.12 3.95 28.57
N LEU A 409 -52.91 5.01 28.77
CA LEU A 409 -53.26 5.61 30.06
C LEU A 409 -52.27 5.32 31.19
N THR A 410 -51.05 5.86 31.09
CA THR A 410 -49.96 5.46 31.97
C THR A 410 -50.30 5.70 33.44
N LEU A 411 -50.45 6.97 33.83
CA LEU A 411 -50.48 7.31 35.25
C LEU A 411 -51.76 6.81 35.93
N ASP A 412 -52.91 7.11 35.34
CA ASP A 412 -54.18 6.77 35.97
C ASP A 412 -54.49 5.28 35.93
N GLU A 413 -54.70 4.72 34.73
CA GLU A 413 -55.21 3.35 34.62
C GLU A 413 -54.30 2.33 35.30
N ILE A 414 -53.02 2.65 35.44
CA ILE A 414 -52.10 1.76 36.15
C ILE A 414 -52.44 1.70 37.63
N ARG A 415 -52.57 2.87 38.28
CA ARG A 415 -52.80 2.91 39.71
C ARG A 415 -54.27 2.64 40.07
N GLU A 416 -55.21 2.98 39.18
CA GLU A 416 -56.62 2.83 39.51
C GLU A 416 -57.12 1.40 39.33
N LYS A 417 -56.77 0.76 38.22
CA LYS A 417 -57.29 -0.56 37.94
C LYS A 417 -56.20 -1.61 37.75
N GLY A 418 -55.00 -1.22 37.35
CA GLY A 418 -54.09 -2.13 36.69
C GLY A 418 -53.29 -2.98 37.67
N ILE A 419 -52.56 -3.94 37.07
CA ILE A 419 -51.87 -5.05 37.72
C ILE A 419 -50.41 -4.64 37.88
N LYS A 420 -49.64 -5.48 38.57
CA LYS A 420 -48.23 -5.24 38.86
C LYS A 420 -47.41 -5.02 37.59
N GLN A 421 -46.45 -4.10 37.66
CA GLN A 421 -45.55 -3.94 36.53
C GLN A 421 -44.12 -4.23 36.95
N MET A 422 -43.24 -4.35 35.95
CA MET A 422 -41.87 -4.72 36.19
C MET A 422 -41.19 -3.70 37.10
N PRO A 423 -40.26 -4.15 37.95
CA PRO A 423 -39.51 -3.20 38.78
C PRO A 423 -38.68 -2.29 37.91
N HIS A 424 -38.54 -1.05 38.35
CA HIS A 424 -37.92 -0.06 37.50
C HIS A 424 -36.40 -0.03 37.64
N THR A 425 -35.84 -0.50 38.75
CA THR A 425 -34.41 -0.53 38.90
C THR A 425 -34.02 -1.94 39.32
N LEU A 426 -32.74 -2.25 39.17
CA LEU A 426 -32.22 -3.53 39.64
C LEU A 426 -32.34 -3.68 41.13
N ARG A 427 -32.27 -2.56 41.86
CA ARG A 427 -32.38 -2.67 43.30
C ARG A 427 -33.75 -3.16 43.71
N ARG A 428 -34.82 -2.60 43.13
CA ARG A 428 -36.13 -3.05 43.55
C ARG A 428 -36.31 -4.52 43.19
N SER A 429 -35.72 -4.95 42.07
CA SER A 429 -35.79 -6.36 41.67
C SER A 429 -35.15 -7.26 42.70
N LEU A 430 -34.07 -6.81 43.34
CA LEU A 430 -33.42 -7.61 44.35
C LEU A 430 -34.21 -7.61 45.65
N GLU A 431 -34.71 -6.45 46.08
CA GLU A 431 -35.57 -6.39 47.26
C GLU A 431 -36.68 -7.43 47.12
N GLU A 432 -37.43 -7.36 46.02
CA GLU A 432 -38.53 -8.27 45.78
C GLU A 432 -38.04 -9.71 45.76
N MET A 433 -36.87 -9.93 45.19
CA MET A 433 -36.35 -11.28 45.16
C MET A 433 -36.12 -11.80 46.58
N LEU A 434 -35.45 -11.00 47.42
CA LEU A 434 -35.16 -11.44 48.77
C LEU A 434 -36.41 -11.56 49.62
N ALA A 435 -37.46 -10.84 49.28
CA ALA A 435 -38.69 -10.89 50.02
C ALA A 435 -39.59 -12.03 49.60
N ASP A 436 -39.16 -12.85 48.64
CA ASP A 436 -40.00 -13.95 48.20
C ASP A 436 -39.14 -15.00 47.52
N LYS A 437 -38.51 -15.87 48.30
CA LYS A 437 -37.49 -16.76 47.73
C LYS A 437 -37.81 -18.24 47.90
N GLN A 438 -38.99 -18.57 48.39
CA GLN A 438 -39.22 -19.98 48.69
C GLN A 438 -39.37 -20.78 47.40
N TYR A 439 -40.06 -20.23 46.40
CA TYR A 439 -40.27 -21.01 45.19
C TYR A 439 -38.96 -21.33 44.53
N LEU A 440 -37.91 -20.61 44.89
CA LEU A 440 -36.57 -20.94 44.45
C LEU A 440 -35.91 -21.98 45.34
N LYS A 441 -36.24 -21.98 46.62
CA LYS A 441 -35.44 -22.77 47.54
C LYS A 441 -35.90 -24.22 47.70
N GLU A 442 -37.09 -24.59 47.26
CA GLU A 442 -37.54 -25.97 47.40
C GLU A 442 -36.54 -26.93 46.75
N SER A 443 -36.32 -28.06 47.41
CA SER A 443 -35.44 -29.10 46.89
C SER A 443 -34.02 -28.58 46.68
N GLN A 444 -33.72 -27.44 47.30
CA GLN A 444 -32.40 -26.81 47.36
C GLN A 444 -31.82 -26.48 45.99
N VAL A 445 -32.69 -26.34 44.98
CA VAL A 445 -32.26 -25.87 43.67
C VAL A 445 -31.45 -24.59 43.83
N PHE A 446 -32.05 -23.60 44.47
CA PHE A 446 -31.36 -22.36 44.79
C PHE A 446 -31.15 -22.39 46.32
N SER A 447 -29.97 -22.81 46.76
CA SER A 447 -29.64 -22.75 48.18
C SER A 447 -29.55 -21.31 48.62
N GLU A 448 -29.79 -21.05 49.91
CA GLU A 448 -29.82 -19.65 50.32
C GLU A 448 -28.45 -19.01 50.34
N GLU A 449 -27.37 -19.81 50.46
CA GLU A 449 -26.03 -19.23 50.37
C GLU A 449 -25.76 -18.73 48.95
N PHE A 450 -26.17 -19.49 47.94
CA PHE A 450 -26.10 -18.99 46.57
C PHE A 450 -26.95 -17.73 46.40
N ILE A 451 -28.18 -17.75 46.87
CA ILE A 451 -29.05 -16.59 46.75
C ILE A 451 -28.42 -15.39 47.46
N GLN A 452 -27.81 -15.63 48.61
CA GLN A 452 -27.12 -14.55 49.30
C GLN A 452 -25.83 -14.16 48.60
N ALA A 453 -25.16 -15.11 47.94
CA ALA A 453 -23.97 -14.76 47.18
C ALA A 453 -24.32 -13.81 46.04
N TYR A 454 -25.36 -14.15 45.29
CA TYR A 454 -25.79 -13.38 44.13
C TYR A 454 -26.24 -11.97 44.50
N GLN A 455 -26.88 -11.79 45.65
CA GLN A 455 -27.35 -10.46 46.08
C GLN A 455 -26.17 -9.51 46.38
N SER A 456 -25.17 -9.98 47.12
CA SER A 456 -23.98 -9.18 47.41
C SER A 456 -23.15 -8.89 46.17
N LEU A 457 -23.05 -9.88 45.28
CA LEU A 457 -22.29 -9.71 44.06
C LEU A 457 -22.95 -8.68 43.15
N LYS A 458 -24.27 -8.76 43.03
CA LYS A 458 -25.00 -7.91 42.11
C LYS A 458 -25.15 -6.50 42.65
N PHE A 459 -25.25 -6.30 43.96
CA PHE A 459 -25.30 -4.94 44.48
C PHE A 459 -24.00 -4.20 44.24
N ASN A 460 -22.86 -4.88 44.42
CA ASN A 460 -21.53 -4.28 44.26
C ASN A 460 -21.14 -4.14 42.79
N ALA A 461 -21.50 -5.12 41.96
CA ALA A 461 -21.09 -5.03 40.57
C ALA A 461 -21.96 -4.05 39.77
N GLU A 462 -23.25 -3.96 40.11
CA GLU A 462 -24.27 -3.34 39.27
C GLU A 462 -24.93 -2.14 39.93
N VAL A 463 -25.38 -2.27 41.17
CA VAL A 463 -26.19 -1.23 41.79
C VAL A 463 -25.30 -0.15 42.37
N PHE A 464 -24.41 -0.55 43.28
CA PHE A 464 -23.52 0.41 43.93
C PHE A 464 -22.69 1.24 42.94
N PRO A 465 -22.15 0.72 41.85
CA PRO A 465 -21.52 1.62 40.89
C PRO A 465 -22.52 2.53 40.20
N TRP A 466 -23.68 2.01 39.82
CA TRP A 466 -24.63 2.85 39.12
C TRP A 466 -25.21 3.92 40.02
N GLU A 467 -25.43 3.58 41.29
CA GLU A 467 -25.96 4.56 42.21
C GLU A 467 -24.92 5.60 42.60
N SER A 468 -23.64 5.42 42.19
CA SER A 468 -22.56 6.22 42.73
C SER A 468 -21.68 6.89 41.70
N LYS A 469 -21.76 6.52 40.44
CA LYS A 469 -21.02 7.23 39.42
C LYS A 469 -21.97 8.19 38.74
N PRO A 470 -21.67 9.49 38.75
CA PRO A 470 -22.61 10.46 38.17
C PRO A 470 -22.83 10.18 36.69
N HIS A 471 -23.97 10.60 36.20
CA HIS A 471 -24.42 10.41 34.84
C HIS A 471 -24.44 11.72 34.08
N PRO A 472 -23.92 11.74 32.83
CA PRO A 472 -23.85 12.98 32.05
C PRO A 472 -25.16 13.77 31.96
N PHE A 473 -26.31 13.15 32.17
CA PHE A 473 -27.54 13.91 32.05
C PHE A 473 -27.79 14.80 33.26
N GLU A 474 -27.27 14.40 34.41
CA GLU A 474 -27.38 15.25 35.58
C GLU A 474 -26.69 16.59 35.34
N PHE A 475 -25.66 16.59 34.48
CA PHE A 475 -24.99 17.82 34.11
C PHE A 475 -25.84 18.68 33.19
N ILE A 476 -26.71 18.10 32.38
CA ILE A 476 -27.60 18.96 31.64
C ILE A 476 -28.63 19.55 32.56
N THR A 477 -29.08 18.77 33.54
CA THR A 477 -30.17 19.19 34.41
C THR A 477 -29.68 20.11 35.50
N THR A 478 -28.66 19.66 36.22
CA THR A 478 -28.36 20.19 37.53
C THR A 478 -27.14 21.09 37.57
N TYR A 479 -26.23 20.98 36.59
CA TYR A 479 -25.00 21.76 36.63
C TYR A 479 -25.30 23.22 36.96
N SER A 480 -26.38 23.75 36.40
CA SER A 480 -26.80 25.13 36.62
C SER A 480 -27.69 25.29 37.87
N CYS A 481 -27.84 24.26 38.69
CA CYS A 481 -28.65 24.41 39.92
C CYS A 481 -28.06 25.40 40.96
N ASN B 7 31.97 -34.73 28.84
CA ASN B 7 30.96 -35.01 27.83
C ASN B 7 31.33 -36.25 26.98
N SER B 8 30.80 -37.43 27.35
CA SER B 8 31.27 -38.69 26.80
C SER B 8 31.08 -38.73 25.29
N GLU B 9 32.10 -39.22 24.59
CA GLU B 9 32.12 -39.23 23.15
C GLU B 9 31.15 -40.22 22.55
N SER B 10 30.45 -40.99 23.37
CA SER B 10 29.25 -41.66 22.89
C SER B 10 28.21 -40.61 22.51
N LYS B 11 28.14 -39.54 23.29
CA LYS B 11 27.15 -38.49 23.13
C LYS B 11 27.59 -37.38 22.16
N ILE B 12 28.90 -37.21 21.98
CA ILE B 12 29.39 -36.22 21.03
C ILE B 12 29.19 -36.73 19.60
N LYS B 13 29.43 -38.02 19.38
CA LYS B 13 29.20 -38.59 18.06
C LYS B 13 27.77 -38.36 17.61
N GLU B 14 26.81 -38.86 18.38
CA GLU B 14 25.42 -38.85 17.94
C GLU B 14 24.93 -37.43 17.80
N PHE B 15 25.52 -36.52 18.57
CA PHE B 15 25.20 -35.11 18.41
C PHE B 15 25.63 -34.62 17.04
N PHE B 16 26.82 -35.00 16.58
CA PHE B 16 27.28 -34.63 15.24
C PHE B 16 26.38 -35.17 14.15
N GLU B 17 25.81 -36.35 14.36
CA GLU B 17 24.93 -36.93 13.34
C GLU B 17 23.58 -36.25 13.34
N PHE B 18 23.07 -35.89 14.53
CA PHE B 18 21.88 -35.07 14.64
C PHE B 18 22.00 -33.81 13.78
N CYS B 19 23.19 -33.20 13.75
CA CYS B 19 23.42 -32.01 12.94
C CYS B 19 23.44 -32.31 11.44
N LYS B 20 24.16 -33.34 10.99
CA LYS B 20 24.26 -33.57 9.56
C LYS B 20 22.89 -33.82 8.91
N GLU B 21 22.01 -34.58 9.58
CA GLU B 21 20.71 -34.95 9.01
C GLU B 21 19.60 -33.96 9.31
N ASN B 22 19.91 -32.89 10.04
CA ASN B 22 18.99 -31.77 10.15
C ASN B 22 19.57 -30.53 9.49
N GLU B 23 20.70 -30.67 8.81
CA GLU B 23 21.30 -29.64 7.99
C GLU B 23 21.52 -28.36 8.81
N VAL B 24 22.35 -28.52 9.84
CA VAL B 24 22.60 -27.47 10.82
C VAL B 24 23.82 -26.68 10.36
N GLU B 25 23.68 -25.38 10.35
CA GLU B 25 24.75 -24.56 9.87
C GLU B 25 25.39 -23.72 10.96
N PHE B 26 24.75 -23.61 12.12
CA PHE B 26 25.32 -22.87 13.23
C PHE B 26 24.99 -23.59 14.52
N VAL B 27 25.94 -23.60 15.44
CA VAL B 27 25.73 -24.17 16.77
C VAL B 27 25.76 -23.00 17.76
N ASP B 28 24.68 -22.85 18.51
CA ASP B 28 24.42 -21.71 19.37
C ASP B 28 24.68 -22.17 20.80
N PHE B 29 25.89 -21.95 21.28
CA PHE B 29 26.25 -22.37 22.63
C PHE B 29 25.65 -21.37 23.58
N ARG B 30 24.78 -21.81 24.48
CA ARG B 30 24.12 -20.89 25.37
C ARG B 30 24.45 -21.17 26.83
N PHE B 31 24.56 -20.09 27.60
CA PHE B 31 25.03 -20.16 28.97
C PHE B 31 24.43 -18.99 29.73
N SER B 32 24.26 -19.18 31.04
CA SER B 32 23.56 -18.23 31.87
C SER B 32 24.56 -17.58 32.81
N ASP B 33 24.65 -16.26 32.75
CA ASP B 33 25.42 -15.51 33.74
C ASP B 33 24.66 -15.53 35.05
N ILE B 34 25.21 -14.86 36.08
CA ILE B 34 24.59 -14.88 37.40
C ILE B 34 23.19 -14.29 37.37
N LYS B 35 23.01 -13.14 36.71
CA LYS B 35 21.74 -12.41 36.71
C LYS B 35 20.57 -13.23 36.14
N GLY B 36 20.84 -14.23 35.31
CA GLY B 36 19.77 -14.98 34.68
C GLY B 36 19.67 -14.74 33.20
N THR B 37 20.51 -13.88 32.67
CA THR B 37 20.47 -13.64 31.24
C THR B 37 21.02 -14.84 30.50
N TRP B 38 20.29 -15.28 29.50
CA TRP B 38 20.78 -16.32 28.65
C TRP B 38 21.66 -15.65 27.58
N ASN B 39 22.88 -16.16 27.41
CA ASN B 39 23.83 -15.60 26.47
C ASN B 39 24.19 -16.66 25.44
N HIS B 40 24.64 -16.22 24.26
CA HIS B 40 24.99 -17.17 23.22
C HIS B 40 26.18 -16.71 22.39
N ILE B 41 26.76 -17.68 21.71
CA ILE B 41 27.88 -17.50 20.80
C ILE B 41 27.76 -18.59 19.75
N ALA B 42 27.66 -18.22 18.49
CA ALA B 42 27.36 -19.16 17.44
C ALA B 42 28.65 -19.54 16.73
N TYR B 43 28.83 -20.82 16.48
CA TYR B 43 29.96 -21.30 15.68
C TYR B 43 29.42 -21.79 14.35
N SER B 44 30.08 -21.39 13.28
CA SER B 44 29.79 -21.94 11.98
C SER B 44 30.05 -23.42 12.03
N PHE B 45 28.99 -24.24 11.88
CA PHE B 45 29.18 -25.68 11.92
C PHE B 45 30.22 -26.03 10.86
N GLY B 46 30.83 -27.19 11.02
CA GLY B 46 31.85 -27.57 10.07
C GLY B 46 33.20 -27.06 10.49
N ALA B 47 33.22 -25.97 11.24
CA ALA B 47 34.39 -25.47 11.90
C ALA B 47 34.43 -26.00 13.32
N LEU B 48 33.56 -26.95 13.62
CA LEU B 48 33.47 -27.56 14.93
C LEU B 48 34.32 -28.80 14.98
N THR B 49 35.15 -28.87 16.01
CA THR B 49 35.96 -30.03 16.27
C THR B 49 35.26 -30.96 17.23
N HIS B 50 35.63 -32.23 17.15
CA HIS B 50 35.33 -33.12 18.26
C HIS B 50 35.96 -32.57 19.54
N GLY B 51 37.19 -32.04 19.43
CA GLY B 51 37.92 -31.54 20.57
C GLY B 51 37.33 -30.30 21.23
N MET B 52 36.65 -29.46 20.45
CA MET B 52 36.04 -28.25 20.99
C MET B 52 34.85 -28.57 21.88
N LEU B 53 34.29 -29.78 21.79
CA LEU B 53 33.19 -30.19 22.67
C LEU B 53 33.71 -30.83 23.94
N LYS B 54 35.00 -31.12 23.98
CA LYS B 54 35.65 -31.63 25.16
C LYS B 54 36.36 -30.49 25.85
N GLU B 55 37.46 -30.03 25.24
CA GLU B 55 38.19 -28.90 25.80
C GLU B 55 37.24 -27.75 26.10
N GLY B 56 36.53 -27.27 25.08
CA GLY B 56 35.54 -26.25 25.31
C GLY B 56 35.65 -25.08 24.38
N ILE B 57 34.87 -24.06 24.68
CA ILE B 57 34.83 -22.87 23.84
C ILE B 57 35.36 -21.70 24.65
N PRO B 58 36.39 -20.99 24.17
CA PRO B 58 36.90 -19.83 24.90
C PRO B 58 35.93 -18.68 24.79
N PHE B 59 35.92 -17.82 25.82
CA PHE B 59 35.15 -16.58 25.73
C PHE B 59 35.70 -15.59 26.74
N ASP B 60 35.12 -14.39 26.74
CA ASP B 60 35.59 -13.27 27.56
C ASP B 60 34.71 -13.12 28.79
N ALA B 61 35.12 -13.72 29.90
CA ALA B 61 34.32 -13.67 31.11
C ALA B 61 34.52 -12.39 31.94
N SER B 62 35.24 -11.40 31.42
CA SER B 62 35.36 -10.13 32.13
C SER B 62 34.15 -9.23 31.89
N CYS B 63 33.35 -9.54 30.86
CA CYS B 63 32.17 -8.77 30.47
C CYS B 63 30.95 -9.00 31.37
N PHE B 64 31.03 -9.90 32.36
CA PHE B 64 29.89 -10.31 33.16
C PHE B 64 30.15 -9.88 34.59
N LYS B 65 29.31 -8.99 35.11
CA LYS B 65 29.58 -8.47 36.44
C LYS B 65 29.29 -9.57 37.46
N GLY B 66 30.18 -9.68 38.43
CA GLY B 66 30.23 -10.80 39.33
C GLY B 66 31.17 -11.91 38.93
N TRP B 67 31.67 -11.90 37.70
CA TRP B 67 32.54 -12.95 37.17
C TRP B 67 33.97 -12.50 37.13
N GLN B 68 34.73 -12.60 36.07
CA GLN B 68 36.18 -12.45 36.02
C GLN B 68 36.62 -11.00 35.77
N GLY B 69 37.82 -10.65 36.33
CA GLY B 69 38.54 -9.45 35.93
C GLY B 69 39.28 -9.60 34.60
N ILE B 70 39.62 -8.45 34.01
CA ILE B 70 40.23 -8.44 32.66
C ILE B 70 41.59 -9.12 32.65
N GLU B 71 42.36 -9.00 33.75
CA GLU B 71 43.69 -9.64 33.80
C GLU B 71 43.61 -11.16 33.68
N HIS B 72 42.55 -11.78 34.20
CA HIS B 72 42.37 -13.22 34.05
C HIS B 72 41.06 -13.49 33.32
N SER B 73 40.86 -12.83 32.19
CA SER B 73 39.54 -12.78 31.56
C SER B 73 39.15 -14.08 30.86
N ASP B 74 40.12 -14.79 30.31
CA ASP B 74 39.80 -15.95 29.47
C ASP B 74 39.17 -17.06 30.32
N MET B 75 38.04 -17.60 29.85
CA MET B 75 37.41 -18.75 30.46
C MET B 75 36.96 -19.70 29.35
N ILE B 76 36.36 -20.81 29.73
CA ILE B 76 35.93 -21.83 28.78
C ILE B 76 34.44 -22.08 28.93
N LEU B 77 33.76 -22.24 27.80
CA LEU B 77 32.43 -22.84 27.82
C LEU B 77 32.53 -24.34 27.66
N THR B 78 31.86 -25.05 28.54
CA THR B 78 31.80 -26.50 28.45
C THR B 78 30.41 -26.90 28.00
N PRO B 79 30.25 -27.35 26.76
CA PRO B 79 28.92 -27.74 26.30
C PRO B 79 28.44 -29.00 27.01
N ASP B 80 27.16 -29.00 27.40
CA ASP B 80 26.49 -30.20 27.89
C ASP B 80 25.53 -30.67 26.79
N LEU B 81 25.72 -31.89 26.31
CA LEU B 81 24.94 -32.34 25.17
C LEU B 81 23.69 -33.05 25.63
N VAL B 82 22.89 -32.32 26.42
CA VAL B 82 21.55 -32.76 26.81
C VAL B 82 20.60 -31.61 26.55
N ARG B 83 19.37 -31.97 26.16
CA ARG B 83 18.27 -31.04 25.93
C ARG B 83 18.62 -29.98 24.89
N TYR B 84 19.59 -30.26 24.01
CA TYR B 84 19.82 -29.38 22.89
C TYR B 84 18.58 -29.39 21.99
N PHE B 85 18.50 -28.41 21.10
CA PHE B 85 17.32 -28.32 20.26
C PHE B 85 17.61 -27.43 19.09
N ILE B 86 16.93 -27.69 17.97
CA ILE B 86 17.02 -26.78 16.85
C ILE B 86 16.22 -25.51 17.13
N ASP B 87 16.87 -24.36 17.00
CA ASP B 87 16.18 -23.09 17.22
C ASP B 87 15.22 -22.83 16.06
N PRO B 88 13.91 -22.73 16.31
CA PRO B 88 12.96 -22.51 15.21
C PRO B 88 13.03 -21.13 14.61
N PHE B 89 13.49 -20.14 15.39
CA PHE B 89 13.38 -18.75 14.96
C PHE B 89 14.45 -18.39 13.96
N SER B 90 15.69 -18.82 14.18
CA SER B 90 16.79 -18.40 13.33
C SER B 90 16.50 -18.74 11.86
N ALA B 91 16.79 -17.78 10.99
CA ALA B 91 16.55 -17.95 9.56
C ALA B 91 17.32 -19.15 9.01
N ASP B 92 18.61 -19.24 9.33
CA ASP B 92 19.44 -20.37 8.94
C ASP B 92 19.51 -21.36 10.12
N VAL B 93 19.50 -22.66 9.80
CA VAL B 93 19.28 -23.68 10.83
C VAL B 93 20.38 -23.65 11.90
N SER B 94 19.96 -23.60 13.16
CA SER B 94 20.87 -23.51 14.29
C SER B 94 20.41 -24.48 15.35
N VAL B 95 21.34 -25.15 16.01
CA VAL B 95 20.99 -25.98 17.14
C VAL B 95 21.56 -25.32 18.39
N VAL B 96 20.74 -25.20 19.37
CA VAL B 96 21.17 -24.60 20.61
C VAL B 96 21.65 -25.71 21.53
N VAL B 97 22.76 -25.45 22.22
CA VAL B 97 23.33 -26.42 23.13
C VAL B 97 23.74 -25.68 24.40
N PHE B 98 23.41 -26.27 25.55
CA PHE B 98 23.75 -25.68 26.83
C PHE B 98 25.23 -25.79 27.15
N CYS B 99 25.69 -24.91 28.04
CA CYS B 99 27.08 -24.89 28.47
C CYS B 99 27.20 -24.45 29.93
N ASP B 100 28.27 -24.91 30.57
CA ASP B 100 28.75 -24.35 31.83
C ASP B 100 30.11 -23.69 31.60
N VAL B 101 30.46 -22.82 32.52
CA VAL B 101 31.79 -22.21 32.56
C VAL B 101 32.75 -23.12 33.31
N TYR B 102 33.91 -23.38 32.70
CA TYR B 102 34.97 -24.09 33.40
C TYR B 102 36.03 -23.09 33.83
N ASP B 103 36.34 -23.09 35.12
CA ASP B 103 37.35 -22.22 35.70
C ASP B 103 38.70 -22.82 35.34
N VAL B 104 39.49 -22.10 34.55
CA VAL B 104 40.76 -22.65 34.09
C VAL B 104 41.90 -22.23 35.00
N TYR B 105 41.63 -21.34 35.95
CA TYR B 105 42.63 -20.93 36.92
C TYR B 105 42.62 -21.82 38.16
N LYS B 106 41.50 -22.48 38.42
CA LYS B 106 41.38 -23.38 39.55
C LYS B 106 41.14 -24.80 39.11
N ASN B 107 40.96 -25.04 37.81
CA ASN B 107 40.78 -26.36 37.24
C ASN B 107 39.67 -27.15 37.96
N GLN B 108 38.55 -26.46 38.16
CA GLN B 108 37.29 -26.95 38.72
C GLN B 108 36.15 -26.26 37.96
N PRO B 109 34.98 -26.91 37.82
CA PRO B 109 33.80 -26.21 37.27
C PRO B 109 33.57 -24.90 38.00
N TYR B 110 33.27 -23.85 37.25
CA TYR B 110 33.35 -22.49 37.77
C TYR B 110 32.43 -22.35 38.97
N GLU B 111 33.00 -21.99 40.11
CA GLU B 111 32.18 -21.95 41.31
C GLU B 111 31.15 -20.82 41.27
N LYS B 112 31.26 -19.89 40.32
CA LYS B 112 30.30 -18.79 40.16
C LYS B 112 29.42 -18.96 38.93
N CYS B 113 29.50 -20.13 38.29
CA CYS B 113 28.62 -20.44 37.17
C CYS B 113 27.32 -20.97 37.73
N PRO B 114 26.20 -20.26 37.58
CA PRO B 114 24.96 -20.69 38.21
C PRO B 114 24.53 -22.09 37.81
N ARG B 115 24.61 -22.42 36.52
CA ARG B 115 24.27 -23.77 36.13
C ARG B 115 25.23 -24.80 36.74
N SER B 116 26.50 -24.43 36.99
CA SER B 116 27.42 -25.30 37.71
C SER B 116 26.99 -25.46 39.18
N ILE B 117 26.54 -24.37 39.79
CA ILE B 117 25.96 -24.46 41.12
C ILE B 117 24.79 -25.44 41.13
N ALA B 118 23.93 -25.41 40.11
CA ALA B 118 22.72 -26.22 40.12
C ALA B 118 23.02 -27.70 40.03
N LYS B 119 24.15 -28.09 39.45
CA LYS B 119 24.55 -29.47 39.52
C LYS B 119 25.15 -29.77 40.89
N LYS B 120 26.01 -28.89 41.39
CA LYS B 120 26.60 -29.12 42.69
C LYS B 120 25.53 -29.18 43.79
N ALA B 121 24.40 -28.50 43.58
CA ALA B 121 23.32 -28.52 44.56
C ALA B 121 22.51 -29.80 44.48
N LEU B 122 22.27 -30.30 43.27
CA LEU B 122 21.59 -31.57 43.10
C LEU B 122 22.51 -32.74 43.38
N GLN B 123 23.81 -32.57 43.25
CA GLN B 123 24.68 -33.69 43.58
C GLN B 123 24.94 -33.78 45.08
N HIS B 124 24.92 -32.65 45.80
CA HIS B 124 25.02 -32.69 47.26
C HIS B 124 23.88 -33.51 47.89
N LEU B 125 22.74 -33.64 47.22
CA LEU B 125 21.65 -34.44 47.77
C LEU B 125 21.89 -35.93 47.58
N LYS B 126 22.20 -36.35 46.35
CA LYS B 126 22.48 -37.77 46.12
C LYS B 126 23.63 -38.24 47.01
N ASP B 127 24.59 -37.36 47.32
CA ASP B 127 25.72 -37.76 48.17
C ASP B 127 25.31 -37.96 49.61
N SER B 128 24.36 -37.15 50.09
CA SER B 128 23.93 -37.23 51.49
C SER B 128 22.99 -38.40 51.75
N GLY B 129 22.46 -39.06 50.71
CA GLY B 129 21.62 -40.20 50.96
C GLY B 129 20.17 -39.87 51.24
N LEU B 130 19.85 -38.61 51.51
CA LEU B 130 18.46 -38.23 51.79
C LEU B 130 17.55 -38.50 50.59
N GLY B 131 18.05 -38.29 49.37
CA GLY B 131 17.27 -38.49 48.16
C GLY B 131 18.10 -38.89 46.95
N ASP B 132 17.39 -39.31 45.89
CA ASP B 132 18.02 -39.58 44.59
C ASP B 132 17.83 -38.42 43.61
N VAL B 133 16.59 -38.02 43.44
CA VAL B 133 16.19 -36.97 42.51
C VAL B 133 15.50 -35.88 43.31
N ALA B 134 15.56 -34.64 42.83
CA ALA B 134 14.75 -33.55 43.36
C ALA B 134 13.99 -32.95 42.19
N TYR B 135 12.67 -33.15 42.17
CA TYR B 135 11.84 -32.72 41.05
C TYR B 135 11.32 -31.31 41.28
N PHE B 136 11.47 -30.45 40.26
CA PHE B 136 10.98 -29.07 40.31
C PHE B 136 10.09 -28.79 39.11
N GLY B 137 9.02 -28.04 39.34
CA GLY B 137 8.08 -27.67 38.31
C GLY B 137 7.59 -26.24 38.43
N ALA B 138 8.06 -25.35 37.56
CA ALA B 138 7.80 -23.91 37.66
C ALA B 138 6.66 -23.49 36.75
N GLU B 139 5.80 -22.61 37.26
CA GLU B 139 4.79 -21.91 36.45
C GLU B 139 5.26 -20.48 36.34
N ASN B 140 5.76 -20.07 35.17
CA ASN B 140 6.23 -18.69 34.98
C ASN B 140 5.14 -17.89 34.28
N GLU B 141 4.32 -17.21 35.09
CA GLU B 141 3.39 -16.22 34.55
C GLU B 141 4.18 -15.09 33.89
N PHE B 142 3.61 -14.57 32.80
CA PHE B 142 4.24 -13.54 31.98
C PHE B 142 3.19 -12.61 31.42
N PHE B 143 3.66 -11.65 30.65
CA PHE B 143 2.83 -10.62 30.06
C PHE B 143 3.25 -10.43 28.62
N ILE B 144 2.29 -10.17 27.77
CA ILE B 144 2.58 -9.86 26.40
C ILE B 144 2.03 -8.48 26.15
N PHE B 145 2.91 -7.53 25.99
CA PHE B 145 2.53 -6.15 25.76
C PHE B 145 2.66 -5.77 24.29
N ASP B 146 2.05 -4.64 23.93
CA ASP B 146 2.25 -4.07 22.59
C ASP B 146 3.46 -3.17 22.54
N SER B 147 3.69 -2.43 23.62
CA SER B 147 4.69 -1.39 23.67
C SER B 147 5.23 -1.24 25.08
N ILE B 148 6.49 -0.88 25.15
CA ILE B 148 7.11 -0.50 26.40
C ILE B 148 7.99 0.70 26.08
N LYS B 149 7.87 1.78 26.86
CA LYS B 149 8.66 2.99 26.62
C LYS B 149 9.28 3.41 27.94
N ILE B 150 10.58 3.68 27.92
CA ILE B 150 11.33 3.96 29.14
C ILE B 150 12.20 5.18 28.94
N LYS B 151 12.47 5.87 30.05
CA LYS B 151 13.33 7.05 30.04
C LYS B 151 14.02 7.15 31.39
N ASP B 152 15.36 7.13 31.37
CA ASP B 152 16.24 7.34 32.53
C ASP B 152 17.11 8.53 32.20
N ALA B 153 16.92 9.62 32.94
CA ALA B 153 17.71 10.82 32.68
C ALA B 153 17.68 11.71 33.91
N SER B 154 18.62 12.66 33.90
CA SER B 154 18.74 13.69 34.92
C SER B 154 17.37 14.20 35.35
N ASN B 155 16.54 14.58 34.39
CA ASN B 155 15.31 15.34 34.66
C ASN B 155 14.03 14.56 34.41
N SER B 156 14.11 13.25 34.13
CA SER B 156 12.91 12.51 33.77
C SER B 156 13.15 11.03 34.02
N GLN B 157 12.31 10.43 34.85
CA GLN B 157 12.13 8.99 34.91
C GLN B 157 10.76 8.69 34.35
N TYR B 158 10.65 7.58 33.60
CA TYR B 158 9.42 7.32 32.86
C TYR B 158 9.32 5.91 32.33
N TYR B 159 8.17 5.28 32.52
CA TYR B 159 7.86 4.03 31.84
C TYR B 159 6.41 4.06 31.37
N GLU B 160 6.15 3.23 30.36
CA GLU B 160 4.79 3.04 29.91
C GLU B 160 4.69 1.71 29.18
N VAL B 161 3.95 0.79 29.76
CA VAL B 161 3.59 -0.38 29.01
C VAL B 161 2.26 -0.07 28.35
N ASP B 162 1.99 -0.73 27.23
CA ASP B 162 0.71 -0.52 26.59
C ASP B 162 0.26 -1.84 26.01
N SER B 163 -1.06 -2.03 26.04
CA SER B 163 -1.70 -3.25 25.60
C SER B 163 -3.07 -2.88 25.07
N GLU B 164 -3.55 -3.65 24.09
CA GLU B 164 -4.88 -3.37 23.57
C GLU B 164 -5.95 -3.68 24.59
N GLU B 165 -5.67 -4.60 25.51
CA GLU B 165 -6.61 -5.04 26.53
C GLU B 165 -6.68 -4.09 27.72
N GLY B 166 -5.78 -3.12 27.83
CA GLY B 166 -5.67 -2.36 29.06
C GLY B 166 -6.82 -1.38 29.25
N GLU B 167 -7.31 -1.32 30.49
CA GLU B 167 -8.33 -0.35 30.85
C GLU B 167 -7.97 1.07 30.39
N TRP B 168 -6.68 1.37 30.34
CA TRP B 168 -6.26 2.66 29.80
C TRP B 168 -6.57 2.80 28.32
N ASN B 169 -6.99 1.76 27.63
CA ASN B 169 -7.31 1.91 26.21
C ASN B 169 -8.81 1.87 25.93
N ARG B 170 -9.65 1.97 26.98
CA ARG B 170 -11.09 1.86 26.79
C ARG B 170 -11.66 2.94 25.89
N ASP B 171 -10.89 4.01 25.69
CA ASP B 171 -11.29 5.25 25.00
C ASP B 171 -10.42 5.59 23.81
N ARG B 172 -9.34 4.84 23.60
CA ARG B 172 -8.38 5.19 22.58
C ARG B 172 -9.01 4.99 21.21
N SER B 173 -8.52 5.75 20.24
CA SER B 173 -8.89 5.59 18.85
C SER B 173 -7.77 4.79 18.17
N PHE B 174 -8.11 3.63 17.56
CA PHE B 174 -7.10 2.79 16.92
C PHE B 174 -6.95 3.00 15.42
N GLU B 175 -7.13 1.92 14.64
CA GLU B 175 -6.71 1.89 13.25
C GLU B 175 -7.38 3.01 12.44
N ASN B 176 -8.70 3.17 12.59
CA ASN B 176 -9.41 4.37 12.12
C ASN B 176 -10.27 4.90 13.24
N GLY B 177 -9.73 4.90 14.46
CA GLY B 177 -10.52 5.26 15.62
C GLY B 177 -11.58 4.24 15.97
N VAL B 178 -11.39 2.99 15.59
CA VAL B 178 -12.31 1.93 15.98
C VAL B 178 -11.74 1.21 17.20
N ASN B 179 -12.58 1.04 18.20
CA ASN B 179 -12.23 0.39 19.45
C ASN B 179 -13.20 -0.77 19.62
N PHE B 180 -12.65 -1.97 19.75
CA PHE B 180 -13.42 -3.22 19.74
C PHE B 180 -14.13 -3.49 21.06
N GLY B 181 -13.91 -2.66 22.09
CA GLY B 181 -14.49 -2.98 23.39
C GLY B 181 -13.98 -4.30 23.95
N HIS B 182 -14.82 -4.96 24.73
CA HIS B 182 -14.49 -6.29 25.26
C HIS B 182 -13.11 -6.33 25.91
N ARG B 183 -13.01 -5.80 27.12
CA ARG B 183 -11.72 -5.75 27.77
C ARG B 183 -11.88 -6.31 29.18
N PRO B 184 -11.00 -7.18 29.62
CA PRO B 184 -11.05 -7.64 31.00
C PRO B 184 -10.73 -6.47 31.92
N GLY B 185 -11.42 -6.41 33.05
CA GLY B 185 -11.08 -5.40 34.02
C GLY B 185 -9.67 -5.60 34.54
N LYS B 186 -9.12 -4.53 35.09
CA LYS B 186 -8.05 -4.72 36.05
C LYS B 186 -8.42 -5.90 36.94
N GLN B 187 -7.57 -6.92 36.94
CA GLN B 187 -7.77 -8.14 37.73
C GLN B 187 -8.85 -9.06 37.13
N GLY B 188 -9.17 -8.94 35.83
CA GLY B 188 -10.26 -9.72 35.28
C GLY B 188 -9.92 -10.76 34.24
N GLY B 189 -8.63 -11.04 33.99
CA GLY B 189 -8.25 -11.92 32.90
C GLY B 189 -8.46 -13.41 33.10
N TYR B 190 -8.99 -13.80 34.26
CA TYR B 190 -9.14 -15.20 34.61
C TYR B 190 -10.61 -15.61 34.72
N MET B 191 -11.16 -16.28 33.69
CA MET B 191 -10.47 -16.50 32.42
C MET B 191 -11.46 -16.19 31.27
N PRO B 192 -11.81 -14.93 31.07
CA PRO B 192 -12.81 -14.64 30.05
C PRO B 192 -12.38 -15.25 28.74
N VAL B 193 -13.38 -15.65 27.96
CA VAL B 193 -13.16 -16.24 26.64
C VAL B 193 -12.92 -15.09 25.68
N PRO B 194 -12.36 -15.36 24.51
CA PRO B 194 -12.24 -14.36 23.43
C PRO B 194 -13.62 -13.91 22.98
N PRO B 195 -13.72 -12.71 22.38
CA PRO B 195 -12.63 -11.83 21.95
C PRO B 195 -12.03 -10.96 23.05
N THR B 196 -12.62 -11.04 24.25
CA THR B 196 -12.02 -10.41 25.43
C THR B 196 -10.62 -10.95 25.65
N ASP B 197 -10.44 -12.24 25.41
CA ASP B 197 -9.13 -12.88 25.43
C ASP B 197 -8.51 -12.75 24.04
N THR B 198 -7.50 -11.90 23.93
CA THR B 198 -6.84 -11.69 22.65
C THR B 198 -5.66 -12.63 22.44
N MET B 199 -5.21 -13.35 23.45
CA MET B 199 -3.94 -14.08 23.36
C MET B 199 -4.15 -15.56 23.10
N MET B 200 -5.33 -15.96 22.66
CA MET B 200 -5.63 -17.38 22.57
C MET B 200 -4.78 -18.03 21.48
N ASP B 201 -4.55 -17.33 20.36
CA ASP B 201 -3.71 -17.90 19.30
C ASP B 201 -2.23 -17.66 19.58
N ILE B 202 -1.93 -16.61 20.31
CA ILE B 202 -0.56 -16.34 20.72
C ILE B 202 -0.13 -17.38 21.76
N ARG B 203 -0.98 -17.63 22.75
CA ARG B 203 -0.66 -18.63 23.76
C ARG B 203 -0.58 -20.00 23.14
N THR B 204 -1.51 -20.29 22.24
CA THR B 204 -1.49 -21.55 21.53
C THR B 204 -0.23 -21.68 20.67
N GLU B 205 0.24 -20.58 20.07
CA GLU B 205 1.45 -20.65 19.25
C GLU B 205 2.71 -20.82 20.11
N ILE B 206 2.70 -20.30 21.32
CA ILE B 206 3.81 -20.52 22.26
C ILE B 206 3.98 -22.01 22.57
N VAL B 207 2.96 -22.64 23.12
CA VAL B 207 3.13 -24.05 23.47
C VAL B 207 3.42 -24.91 22.23
N LYS B 208 3.01 -24.49 21.04
CA LYS B 208 3.48 -25.25 19.89
C LYS B 208 5.00 -25.20 19.82
N VAL B 209 5.58 -24.04 20.11
CA VAL B 209 7.03 -23.92 19.97
C VAL B 209 7.72 -24.45 21.20
N LEU B 210 7.09 -24.39 22.37
CA LEU B 210 7.69 -25.01 23.54
C LEU B 210 7.93 -26.48 23.28
N ASN B 211 6.95 -27.17 22.73
CA ASN B 211 7.20 -28.57 22.44
C ASN B 211 8.28 -28.71 21.39
N GLN B 212 8.38 -27.75 20.46
CA GLN B 212 9.41 -27.88 19.43
C GLN B 212 10.81 -27.97 20.03
N VAL B 213 10.98 -27.43 21.23
CA VAL B 213 12.28 -27.28 21.81
C VAL B 213 12.49 -28.31 22.93
N GLY B 214 11.69 -29.37 22.93
CA GLY B 214 11.81 -30.47 23.88
C GLY B 214 11.16 -30.24 25.22
N LEU B 215 10.08 -29.50 25.27
CA LEU B 215 9.36 -29.21 26.50
C LEU B 215 7.93 -29.70 26.41
N GLU B 216 7.45 -30.33 27.49
CA GLU B 216 6.07 -30.79 27.54
C GLU B 216 5.20 -29.83 28.37
N THR B 217 4.04 -29.52 27.81
CA THR B 217 3.10 -28.56 28.34
C THR B 217 1.82 -29.29 28.72
N PHE B 218 1.19 -28.90 29.85
CA PHE B 218 -0.16 -29.37 30.12
C PHE B 218 -1.21 -28.29 29.94
N VAL B 219 -1.14 -27.19 30.68
CA VAL B 219 -2.22 -26.23 30.72
C VAL B 219 -1.77 -24.92 30.11
N VAL B 220 -2.71 -24.19 29.50
CA VAL B 220 -2.42 -22.84 29.01
C VAL B 220 -3.67 -22.00 29.12
N HIS B 221 -3.60 -20.90 29.89
CA HIS B 221 -4.76 -20.05 30.10
C HIS B 221 -4.30 -18.62 30.12
N HIS B 222 -5.24 -17.72 29.86
CA HIS B 222 -5.04 -16.34 30.30
C HIS B 222 -4.89 -16.31 31.83
N GLU B 223 -4.16 -15.32 32.33
CA GLU B 223 -4.06 -15.14 33.79
C GLU B 223 -4.85 -13.93 34.28
N VAL B 224 -4.71 -13.62 35.57
CA VAL B 224 -5.61 -12.68 36.26
C VAL B 224 -5.38 -11.23 35.83
N ALA B 225 -4.13 -10.81 35.68
CA ALA B 225 -3.86 -9.45 35.21
C ALA B 225 -4.13 -9.33 33.71
N GLN B 226 -4.13 -8.09 33.23
CA GLN B 226 -4.77 -7.77 31.96
C GLN B 226 -4.07 -8.40 30.75
N ALA B 227 -2.74 -8.39 30.69
CA ALA B 227 -2.08 -8.99 29.51
C ALA B 227 -1.31 -10.25 29.87
N GLN B 228 -1.75 -10.92 30.92
CA GLN B 228 -0.97 -11.94 31.58
C GLN B 228 -1.35 -13.31 31.05
N GLY B 229 -0.40 -14.23 31.18
CA GLY B 229 -0.56 -15.58 30.64
C GLY B 229 0.33 -16.52 31.39
N GLU B 230 0.18 -17.81 31.09
CA GLU B 230 0.90 -18.85 31.82
C GLU B 230 0.82 -20.15 31.01
N VAL B 231 1.89 -20.95 31.08
CA VAL B 231 1.91 -22.28 30.51
C VAL B 231 2.48 -23.23 31.55
N GLY B 232 1.79 -24.34 31.77
CA GLY B 232 2.27 -25.39 32.65
C GLY B 232 3.17 -26.35 31.90
N VAL B 233 4.39 -26.58 32.42
CA VAL B 233 5.38 -27.45 31.83
C VAL B 233 5.61 -28.64 32.76
N LYS B 234 6.09 -29.74 32.19
CA LYS B 234 6.35 -30.92 33.00
C LYS B 234 7.41 -30.61 34.06
N PHE B 235 7.17 -31.10 35.29
CA PHE B 235 8.22 -31.23 36.30
C PHE B 235 9.53 -31.67 35.69
N GLY B 236 10.64 -31.24 36.30
CA GLY B 236 11.96 -31.74 35.94
C GLY B 236 12.89 -31.72 37.13
N ASP B 237 14.01 -32.45 36.99
CA ASP B 237 15.04 -32.43 38.01
C ASP B 237 15.67 -31.03 38.09
N LEU B 238 16.44 -30.80 39.15
CA LEU B 238 16.74 -29.43 39.54
C LEU B 238 17.33 -28.65 38.39
N VAL B 239 18.36 -29.19 37.75
CA VAL B 239 18.98 -28.46 36.64
C VAL B 239 18.03 -28.40 35.43
N GLU B 240 17.51 -29.56 35.03
CA GLU B 240 16.63 -29.64 33.86
C GLU B 240 15.40 -28.74 33.98
N ALA B 241 14.84 -28.61 35.18
CA ALA B 241 13.74 -27.66 35.30
C ALA B 241 14.22 -26.24 35.03
N ALA B 242 15.33 -25.85 35.64
CA ALA B 242 15.86 -24.52 35.42
C ALA B 242 16.25 -24.34 33.97
N ASP B 243 16.69 -25.42 33.32
CA ASP B 243 16.97 -25.35 31.90
C ASP B 243 15.72 -25.06 31.08
N ASN B 244 14.63 -25.74 31.39
CA ASN B 244 13.44 -25.54 30.57
C ASN B 244 12.88 -24.15 30.79
N VAL B 245 13.13 -23.59 31.97
CA VAL B 245 12.73 -22.21 32.22
C VAL B 245 13.46 -21.26 31.28
N GLN B 246 14.78 -21.43 31.12
CA GLN B 246 15.51 -20.61 30.13
C GLN B 246 14.91 -20.75 28.73
N LYS B 247 14.64 -21.98 28.28
CA LYS B 247 14.02 -22.18 26.96
C LYS B 247 12.65 -21.50 26.87
N LEU B 248 11.76 -21.80 27.82
CA LEU B 248 10.44 -21.18 27.90
C LEU B 248 10.49 -19.65 27.82
N LYS B 249 11.33 -19.00 28.65
CA LYS B 249 11.43 -17.54 28.58
C LYS B 249 11.80 -17.05 27.18
N TYR B 250 12.79 -17.68 26.58
CA TYR B 250 13.20 -17.38 25.21
C TYR B 250 12.04 -17.60 24.23
N VAL B 251 11.24 -18.65 24.43
CA VAL B 251 10.26 -19.02 23.41
C VAL B 251 9.11 -18.04 23.39
N VAL B 252 8.63 -17.65 24.55
CA VAL B 252 7.56 -16.68 24.56
C VAL B 252 8.09 -15.31 24.12
N LYS B 253 9.29 -14.92 24.57
CA LYS B 253 9.81 -13.60 24.20
C LYS B 253 9.92 -13.46 22.69
N MET B 254 10.34 -14.54 22.05
CA MET B 254 10.60 -14.53 20.64
C MET B 254 9.32 -14.70 19.84
N VAL B 255 8.31 -15.34 20.44
CA VAL B 255 7.03 -15.52 19.75
C VAL B 255 6.17 -14.30 19.89
N ALA B 256 6.12 -13.73 21.10
CA ALA B 256 5.64 -12.35 21.23
C ALA B 256 6.27 -11.47 20.15
N HIS B 257 7.58 -11.65 19.91
CA HIS B 257 8.31 -10.81 18.96
C HIS B 257 7.94 -11.04 17.49
N LEU B 258 7.79 -12.29 17.06
CA LEU B 258 7.50 -12.57 15.66
C LEU B 258 6.15 -12.04 15.25
N ASN B 259 5.21 -12.00 16.19
CA ASN B 259 3.91 -11.41 15.95
C ASN B 259 3.85 -9.95 16.28
N GLY B 260 4.99 -9.27 16.40
CA GLY B 260 4.98 -7.82 16.59
C GLY B 260 4.72 -7.27 17.98
N LYS B 261 5.04 -8.03 19.03
CA LYS B 261 4.81 -7.59 20.41
C LYS B 261 6.07 -7.70 21.28
N THR B 262 5.90 -7.60 22.58
CA THR B 262 7.06 -7.61 23.47
C THR B 262 6.62 -8.22 24.77
N ALA B 263 7.34 -9.23 25.22
CA ALA B 263 6.99 -10.00 26.40
C ALA B 263 7.82 -9.56 27.59
N THR B 264 7.43 -10.02 28.78
CA THR B 264 8.23 -9.86 29.99
C THR B 264 7.80 -10.89 31.02
N PHE B 265 8.76 -11.41 31.77
CA PHE B 265 8.42 -12.17 32.95
C PHE B 265 8.64 -11.39 34.25
N MET B 266 8.80 -10.05 34.18
CA MET B 266 9.11 -9.25 35.37
C MET B 266 7.96 -9.28 36.39
N PRO B 267 8.29 -9.29 37.68
CA PRO B 267 7.25 -9.56 38.72
C PRO B 267 6.05 -8.62 38.73
N LYS B 268 6.23 -7.28 38.66
CA LYS B 268 5.11 -6.33 38.80
C LYS B 268 5.23 -5.17 37.81
N PRO B 269 4.77 -5.34 36.55
CA PRO B 269 4.76 -4.22 35.60
C PRO B 269 3.60 -3.25 35.76
N LEU B 270 2.47 -3.70 36.28
CA LEU B 270 1.29 -2.86 36.38
C LEU B 270 1.00 -2.64 37.85
N TYR B 271 0.94 -1.38 38.26
CA TYR B 271 0.45 -1.08 39.59
C TYR B 271 -1.04 -1.42 39.66
N GLY B 272 -1.45 -2.00 40.77
CA GLY B 272 -2.85 -2.26 40.95
C GLY B 272 -3.41 -3.46 40.21
N ASP B 273 -2.55 -4.30 39.64
CA ASP B 273 -3.00 -5.55 39.07
C ASP B 273 -2.02 -6.63 39.50
N ASN B 274 -2.41 -7.88 39.24
CA ASN B 274 -1.65 -9.02 39.75
C ASN B 274 -0.24 -9.00 39.23
N GLY B 275 0.70 -9.42 40.09
CA GLY B 275 2.06 -9.61 39.64
C GLY B 275 2.22 -10.97 38.99
N SER B 276 3.41 -11.20 38.43
CA SER B 276 3.71 -12.49 37.84
C SER B 276 4.49 -13.31 38.85
N GLY B 277 4.11 -14.56 39.02
CA GLY B 277 4.82 -15.40 39.95
C GLY B 277 5.62 -16.45 39.22
N MET B 278 6.59 -17.04 39.91
CA MET B 278 7.14 -18.34 39.51
C MET B 278 6.72 -19.30 40.61
N HIS B 279 5.47 -19.78 40.51
CA HIS B 279 4.95 -20.82 41.37
C HIS B 279 5.74 -22.10 41.15
N THR B 280 6.56 -22.45 42.13
CA THR B 280 7.53 -23.54 42.03
C THR B 280 7.02 -24.72 42.85
N HIS B 281 6.95 -25.88 42.23
CA HIS B 281 6.48 -27.11 42.86
C HIS B 281 7.66 -28.05 43.13
N VAL B 282 7.79 -28.51 44.39
CA VAL B 282 8.91 -29.41 44.71
C VAL B 282 8.41 -30.79 45.17
N SER B 283 9.16 -31.82 44.81
CA SER B 283 9.10 -33.12 45.49
C SER B 283 10.52 -33.68 45.46
N VAL B 284 10.87 -34.41 46.51
CA VAL B 284 12.11 -35.16 46.55
C VAL B 284 11.76 -36.63 46.50
N TRP B 285 12.39 -37.38 45.60
CA TRP B 285 12.15 -38.81 45.47
C TRP B 285 13.47 -39.55 45.70
N LYS B 286 13.35 -40.80 46.11
CA LYS B 286 14.52 -41.65 46.25
C LYS B 286 14.09 -43.07 45.99
N ASN B 287 14.85 -43.76 45.15
CA ASN B 287 14.58 -45.15 44.83
C ASN B 287 13.15 -45.32 44.36
N ASN B 288 12.63 -44.29 43.67
CA ASN B 288 11.29 -44.27 43.06
C ASN B 288 10.16 -44.23 44.08
N GLU B 289 10.44 -43.86 45.32
CA GLU B 289 9.40 -43.58 46.29
C GLU B 289 9.36 -42.06 46.50
N ASN B 290 8.18 -41.51 46.75
CA ASN B 290 8.06 -40.07 46.89
C ASN B 290 8.14 -39.76 48.37
N LEU B 291 9.26 -39.22 48.81
CA LEU B 291 9.46 -39.02 50.23
C LEU B 291 8.56 -37.94 50.81
N PHE B 292 7.86 -37.17 49.98
CA PHE B 292 7.03 -36.10 50.50
C PHE B 292 5.66 -36.60 50.92
N SER B 293 5.23 -37.72 50.37
CA SER B 293 3.96 -38.32 50.70
C SER B 293 4.08 -39.19 51.96
N GLY B 294 3.16 -38.98 52.88
CA GLY B 294 3.11 -39.78 54.08
C GLY B 294 1.77 -39.52 54.71
N GLU B 295 1.66 -39.79 56.01
CA GLU B 295 0.39 -39.55 56.69
C GLU B 295 0.56 -38.67 57.93
N THR B 296 1.73 -38.06 58.10
CA THR B 296 1.92 -37.07 59.15
C THR B 296 0.90 -35.95 59.07
N TYR B 297 0.59 -35.50 57.85
CA TYR B 297 -0.34 -34.38 57.64
C TYR B 297 -1.11 -34.69 56.35
N LYS B 298 -1.75 -33.68 55.78
CA LYS B 298 -2.60 -33.87 54.60
C LYS B 298 -1.93 -34.57 53.42
N GLY B 299 -1.42 -35.78 53.64
CA GLY B 299 -0.79 -36.52 52.58
C GLY B 299 0.68 -36.23 52.43
N LEU B 300 1.29 -35.66 53.46
CA LEU B 300 2.70 -35.29 53.41
C LEU B 300 3.44 -35.99 54.53
N SER B 301 4.72 -36.23 54.31
CA SER B 301 5.51 -36.97 55.27
C SER B 301 6.22 -36.05 56.26
N GLU B 302 6.60 -36.62 57.40
CA GLU B 302 7.52 -35.94 58.31
C GLU B 302 8.73 -35.41 57.55
N PHE B 303 9.26 -36.22 56.63
CA PHE B 303 10.37 -35.80 55.79
C PHE B 303 10.05 -34.50 55.06
N ALA B 304 8.86 -34.44 54.42
CA ALA B 304 8.44 -33.23 53.71
C ALA B 304 8.21 -32.06 54.66
N LEU B 305 7.59 -32.31 55.82
CA LEU B 305 7.31 -31.20 56.72
C LEU B 305 8.59 -30.62 57.32
N HIS B 306 9.60 -31.47 57.53
CA HIS B 306 10.91 -30.97 57.93
C HIS B 306 11.56 -30.22 56.78
N PHE B 307 11.41 -30.71 55.55
CA PHE B 307 11.84 -29.92 54.40
C PHE B 307 11.22 -28.52 54.41
N LEU B 308 9.90 -28.44 54.58
CA LEU B 308 9.20 -27.16 54.58
C LEU B 308 9.67 -26.24 55.70
N GLY B 309 9.90 -26.80 56.89
CA GLY B 309 10.43 -26.00 57.98
C GLY B 309 11.78 -25.39 57.65
N GLY B 310 12.62 -26.14 56.91
CA GLY B 310 13.91 -25.60 56.53
C GLY B 310 13.76 -24.48 55.52
N VAL B 311 12.89 -24.68 54.54
CA VAL B 311 12.57 -23.62 53.58
C VAL B 311 11.97 -22.41 54.28
N LEU B 312 11.08 -22.64 55.25
CA LEU B 312 10.48 -21.52 55.98
C LEU B 312 11.47 -20.82 56.90
N ARG B 313 12.41 -21.56 57.50
CA ARG B 313 13.36 -20.97 58.43
C ARG B 313 14.27 -20.00 57.73
N HIS B 314 14.82 -20.42 56.60
CA HIS B 314 15.75 -19.61 55.84
C HIS B 314 15.03 -18.71 54.85
N ALA B 315 13.69 -18.68 54.91
CA ALA B 315 12.90 -18.03 53.87
C ALA B 315 13.36 -16.60 53.62
N ARG B 316 13.42 -15.76 54.67
CA ARG B 316 13.75 -14.35 54.45
C ARG B 316 15.10 -14.18 53.76
N GLY B 317 16.07 -15.04 54.06
CA GLY B 317 17.33 -14.99 53.33
C GLY B 317 17.26 -15.62 51.97
N LEU B 318 16.46 -16.68 51.82
CA LEU B 318 16.24 -17.30 50.51
C LEU B 318 15.61 -16.34 49.50
N ALA B 319 14.88 -15.33 49.97
CA ALA B 319 14.24 -14.39 49.05
C ALA B 319 15.26 -13.74 48.13
N ALA B 320 16.50 -13.57 48.59
CA ALA B 320 17.60 -13.02 47.80
C ALA B 320 17.91 -13.82 46.54
N PHE B 321 17.57 -15.10 46.47
CA PHE B 321 17.81 -15.79 45.21
C PHE B 321 16.55 -16.03 44.43
N THR B 322 15.40 -16.14 45.11
CA THR B 322 14.12 -16.39 44.47
C THR B 322 13.39 -15.12 44.09
N ASN B 323 13.70 -14.00 44.77
CA ASN B 323 13.07 -12.69 44.56
C ASN B 323 14.22 -11.67 44.46
N ALA B 324 14.92 -11.72 43.32
CA ALA B 324 16.27 -11.19 43.20
C ALA B 324 16.32 -9.82 42.56
N SER B 325 15.17 -9.16 42.40
CA SER B 325 15.10 -7.78 41.94
C SER B 325 14.25 -7.00 42.91
N THR B 326 14.49 -5.71 42.94
CA THR B 326 13.59 -4.88 43.73
C THR B 326 12.16 -4.92 43.18
N ASN B 327 12.02 -5.19 41.89
CA ASN B 327 10.68 -5.28 41.34
C ASN B 327 9.93 -6.46 41.95
N SER B 328 10.65 -7.48 42.39
CA SER B 328 10.00 -8.60 43.09
C SER B 328 9.16 -8.11 44.26
N TYR B 329 9.63 -7.08 44.94
CA TYR B 329 9.00 -6.67 46.17
C TYR B 329 7.84 -5.73 45.95
N LYS B 330 7.65 -5.18 44.75
CA LYS B 330 6.39 -4.54 44.42
C LYS B 330 5.25 -5.54 44.26
N ARG B 331 5.58 -6.80 44.03
CA ARG B 331 4.63 -7.88 43.92
C ARG B 331 4.24 -8.47 45.27
N LEU B 332 5.15 -8.46 46.25
CA LEU B 332 4.96 -9.06 47.56
C LEU B 332 4.17 -8.16 48.51
N ILE B 333 3.04 -7.67 48.00
CA ILE B 333 2.11 -6.78 48.68
C ILE B 333 0.79 -7.52 48.80
N PRO B 334 0.06 -7.34 49.90
CA PRO B 334 -1.16 -8.13 50.12
C PRO B 334 -2.21 -7.94 49.03
N GLY B 335 -2.92 -9.02 48.73
CA GLY B 335 -4.18 -8.93 48.03
C GLY B 335 -4.17 -9.19 46.56
N TYR B 336 -3.11 -9.78 46.02
CA TYR B 336 -3.01 -10.08 44.60
C TYR B 336 -2.61 -11.53 44.43
N GLU B 337 -3.00 -12.35 45.42
CA GLU B 337 -2.62 -13.76 45.51
C GLU B 337 -1.10 -13.94 45.57
N ALA B 338 -0.42 -12.92 46.13
CA ALA B 338 1.01 -12.90 46.37
C ALA B 338 1.29 -13.00 47.86
N PRO B 339 2.17 -13.91 48.27
CA PRO B 339 2.46 -14.08 49.71
C PRO B 339 3.25 -12.93 50.31
N SER B 340 2.76 -12.43 51.45
CA SER B 340 3.54 -11.64 52.39
C SER B 340 3.76 -12.36 53.72
N ILE B 341 3.06 -13.48 53.96
CA ILE B 341 3.09 -14.20 55.24
C ILE B 341 3.63 -15.60 54.98
N LEU B 342 4.61 -16.01 55.80
CA LEU B 342 5.35 -17.26 55.58
C LEU B 342 4.74 -18.42 56.36
N THR B 343 3.63 -18.93 55.85
CA THR B 343 3.01 -20.12 56.44
C THR B 343 2.53 -21.02 55.31
N TYR B 344 2.06 -22.20 55.67
CA TYR B 344 1.54 -23.17 54.71
C TYR B 344 0.05 -23.39 54.98
N SER B 345 -0.68 -23.79 53.93
CA SER B 345 -2.08 -24.16 54.07
C SER B 345 -2.54 -24.84 52.80
N ALA B 346 -3.42 -25.82 52.94
CA ALA B 346 -4.00 -26.45 51.77
C ALA B 346 -5.04 -25.52 51.17
N ASN B 347 -5.04 -25.44 49.84
CA ASN B 347 -6.03 -24.67 49.11
C ASN B 347 -5.96 -23.17 49.44
N ASN B 348 -4.81 -22.66 49.85
CA ASN B 348 -4.71 -21.27 50.31
C ASN B 348 -3.72 -20.50 49.45
N ARG B 349 -4.21 -19.47 48.75
CA ARG B 349 -3.36 -18.64 47.90
C ARG B 349 -2.92 -17.35 48.57
N SER B 350 -3.28 -17.17 49.84
CA SER B 350 -2.66 -16.13 50.66
C SER B 350 -1.37 -16.59 51.34
N ALA B 351 -1.11 -17.90 51.37
CA ALA B 351 0.05 -18.44 52.07
C ALA B 351 1.29 -18.46 51.19
N SER B 352 2.47 -18.40 51.85
CA SER B 352 3.75 -18.52 51.14
C SER B 352 3.91 -19.89 50.50
N VAL B 353 3.57 -20.94 51.22
CA VAL B 353 3.57 -22.29 50.67
C VAL B 353 2.13 -22.75 50.58
N ARG B 354 1.87 -23.59 49.59
CA ARG B 354 0.50 -24.04 49.37
C ARG B 354 0.53 -25.53 49.14
N ILE B 355 -0.38 -26.22 49.81
CA ILE B 355 -0.60 -27.65 49.60
C ILE B 355 -1.75 -27.79 48.60
N PRO B 356 -1.49 -28.26 47.38
CA PRO B 356 -2.59 -28.43 46.42
C PRO B 356 -3.59 -29.51 46.86
N TYR B 357 -4.78 -29.43 46.26
CA TYR B 357 -5.92 -30.26 46.63
C TYR B 357 -5.69 -31.75 46.33
N GLY B 358 -5.29 -32.08 45.08
CA GLY B 358 -5.13 -33.45 44.65
C GLY B 358 -4.30 -34.32 45.59
N ILE B 359 -3.02 -33.99 45.78
CA ILE B 359 -2.13 -34.59 46.77
C ILE B 359 -2.30 -36.10 46.89
N SER B 360 -2.26 -36.80 45.76
CA SER B 360 -2.01 -38.24 45.74
C SER B 360 -0.61 -38.59 46.27
N LYS B 361 -0.30 -39.89 46.28
CA LYS B 361 1.05 -40.36 46.58
C LYS B 361 2.04 -39.90 45.52
N ASN B 362 1.85 -40.34 44.28
CA ASN B 362 2.75 -39.95 43.20
C ASN B 362 2.85 -38.45 43.03
N SER B 363 1.87 -37.69 43.51
CA SER B 363 1.85 -36.25 43.28
C SER B 363 2.11 -35.42 44.52
N ALA B 364 2.35 -36.04 45.67
CA ALA B 364 2.53 -35.25 46.88
C ALA B 364 3.67 -34.27 46.67
N ARG B 365 3.45 -33.02 47.09
CA ARG B 365 4.37 -31.95 46.73
C ARG B 365 3.95 -30.70 47.48
N PHE B 366 4.88 -29.75 47.56
CA PHE B 366 4.54 -28.40 47.93
C PHE B 366 4.54 -27.50 46.69
N GLU B 367 3.91 -26.34 46.81
CA GLU B 367 4.07 -25.26 45.84
C GLU B 367 4.49 -23.98 46.58
N PHE B 368 5.66 -23.45 46.25
CA PHE B 368 6.14 -22.19 46.85
C PHE B 368 5.73 -21.03 45.94
N ARG B 369 4.89 -20.14 46.48
CA ARG B 369 4.29 -19.09 45.68
C ARG B 369 5.08 -17.78 45.72
N PHE B 370 6.08 -17.66 46.58
CA PHE B 370 6.81 -16.39 46.67
C PHE B 370 7.85 -16.16 45.59
N PRO B 371 8.44 -17.18 44.93
CA PRO B 371 9.43 -16.86 43.89
C PRO B 371 8.82 -16.28 42.63
N ASP B 372 9.67 -15.57 41.87
CA ASP B 372 9.33 -14.96 40.58
C ASP B 372 10.42 -15.20 39.55
N SER B 373 10.13 -14.80 38.32
CA SER B 373 11.04 -15.13 37.21
C SER B 373 12.20 -14.15 37.10
N SER B 374 12.22 -13.09 37.89
CA SER B 374 13.42 -12.27 37.98
C SER B 374 14.56 -13.04 38.64
N SER B 375 14.25 -14.21 39.18
CA SER B 375 15.26 -15.04 39.79
C SER B 375 16.04 -15.82 38.74
N ASN B 376 17.31 -16.05 39.01
CA ASN B 376 18.04 -17.02 38.21
C ASN B 376 17.52 -18.38 38.59
N PRO B 377 16.87 -19.10 37.66
CA PRO B 377 16.29 -20.43 38.00
C PRO B 377 17.30 -21.42 38.57
N TYR B 378 18.54 -21.39 38.11
CA TYR B 378 19.55 -22.29 38.67
C TYR B 378 19.78 -21.98 40.14
N LEU B 379 20.12 -20.73 40.44
CA LEU B 379 20.40 -20.32 41.80
C LEU B 379 19.16 -20.50 42.67
N ALA B 380 17.99 -20.08 42.17
CA ALA B 380 16.75 -20.25 42.91
C ALA B 380 16.51 -21.72 43.26
N PHE B 381 16.51 -22.61 42.27
CA PHE B 381 16.26 -24.01 42.56
C PHE B 381 17.33 -24.57 43.48
N ALA B 382 18.61 -24.33 43.13
CA ALA B 382 19.71 -24.77 43.97
C ALA B 382 19.49 -24.35 45.41
N ALA B 383 19.22 -23.07 45.63
CA ALA B 383 19.02 -22.58 47.01
C ALA B 383 17.77 -23.17 47.69
N ILE B 384 16.66 -23.27 46.97
CA ILE B 384 15.49 -23.90 47.58
C ILE B 384 15.81 -25.30 48.07
N LEU B 385 16.55 -26.07 47.27
CA LEU B 385 16.88 -27.42 47.70
C LEU B 385 17.84 -27.41 48.88
N MET B 386 18.84 -26.52 48.88
CA MET B 386 19.75 -26.45 50.02
C MET B 386 19.05 -26.04 51.30
N ALA B 387 17.96 -25.31 51.21
CA ALA B 387 17.26 -24.91 52.43
C ALA B 387 16.33 -25.99 52.93
N GLY B 388 15.73 -26.75 52.01
CA GLY B 388 14.91 -27.86 52.45
C GLY B 388 15.75 -28.98 53.06
N MET B 389 16.97 -29.16 52.57
CA MET B 389 17.79 -30.24 53.09
C MET B 389 18.29 -29.93 54.49
N ASP B 390 18.61 -28.67 54.75
CA ASP B 390 18.86 -28.25 56.11
C ASP B 390 17.70 -28.63 57.01
N GLY B 391 16.47 -28.50 56.50
CA GLY B 391 15.29 -28.84 57.29
C GLY B 391 15.25 -30.31 57.67
N VAL B 392 15.62 -31.20 56.73
CA VAL B 392 15.59 -32.62 57.02
C VAL B 392 16.74 -33.02 57.93
N LYS B 393 17.92 -32.42 57.73
CA LYS B 393 19.05 -32.68 58.59
C LYS B 393 18.73 -32.30 60.01
N ASN B 394 18.24 -31.08 60.22
CA ASN B 394 17.99 -30.55 61.56
C ASN B 394 16.56 -30.76 62.03
N LYS B 395 15.80 -31.65 61.38
CA LYS B 395 14.44 -31.99 61.76
C LYS B 395 13.64 -30.74 62.14
N ILE B 396 13.61 -29.77 61.23
CA ILE B 396 13.02 -28.47 61.55
C ILE B 396 11.50 -28.53 61.42
N ASP B 397 10.82 -28.13 62.48
CA ASP B 397 9.35 -28.03 62.52
C ASP B 397 8.92 -26.78 61.75
N PRO B 398 8.01 -26.89 60.79
CA PRO B 398 7.57 -25.71 60.05
C PRO B 398 6.53 -24.88 60.78
N GLY B 399 6.26 -25.25 62.03
CA GLY B 399 5.25 -24.58 62.83
C GLY B 399 3.85 -25.07 62.50
N GLU B 400 2.90 -24.13 62.62
CA GLU B 400 1.47 -24.45 62.52
C GLU B 400 0.90 -23.80 61.27
N ALA B 401 0.04 -24.54 60.57
CA ALA B 401 -0.62 -24.03 59.39
C ALA B 401 -1.64 -22.96 59.79
N MET B 402 -1.85 -21.99 58.89
CA MET B 402 -2.80 -20.91 59.11
C MET B 402 -3.88 -20.96 58.04
N ASP B 403 -5.04 -21.48 58.39
CA ASP B 403 -6.15 -21.59 57.46
C ASP B 403 -7.12 -20.42 57.64
N ILE B 404 -6.54 -19.23 57.47
CA ILE B 404 -7.26 -17.97 57.41
C ILE B 404 -6.98 -17.27 56.08
N ASN B 405 -7.70 -16.17 55.86
CA ASN B 405 -7.36 -15.22 54.80
C ASN B 405 -6.18 -14.38 55.29
N LEU B 406 -4.98 -14.71 54.79
CA LEU B 406 -3.80 -14.10 55.38
C LEU B 406 -3.74 -12.60 55.11
N PHE B 407 -4.28 -12.13 53.99
CA PHE B 407 -4.33 -10.69 53.70
C PHE B 407 -5.30 -9.91 54.58
N LYS B 408 -6.10 -10.57 55.41
CA LYS B 408 -7.03 -9.88 56.30
C LYS B 408 -6.41 -9.52 57.66
N LEU B 409 -5.21 -10.03 57.96
CA LEU B 409 -4.58 -9.83 59.27
C LEU B 409 -4.01 -8.41 59.41
N THR B 410 -4.19 -7.80 60.58
CA THR B 410 -3.81 -6.40 60.79
C THR B 410 -2.29 -6.28 60.94
N LEU B 411 -1.83 -5.01 60.97
CA LEU B 411 -0.47 -4.67 61.40
C LEU B 411 -0.28 -4.95 62.88
N ASP B 412 -1.37 -4.87 63.65
CA ASP B 412 -1.34 -5.36 65.02
C ASP B 412 -1.22 -6.88 65.00
N GLU B 413 -2.15 -7.56 64.31
CA GLU B 413 -2.18 -9.00 64.25
C GLU B 413 -0.88 -9.57 63.66
N ILE B 414 -0.14 -8.77 62.87
CA ILE B 414 1.16 -9.19 62.39
C ILE B 414 2.19 -9.24 63.52
N ARG B 415 2.45 -8.09 64.17
CA ARG B 415 3.54 -7.97 65.15
C ARG B 415 3.22 -8.67 66.46
N GLU B 416 2.04 -8.39 67.02
CA GLU B 416 1.61 -8.98 68.29
C GLU B 416 1.60 -10.52 68.25
N LYS B 417 1.11 -11.10 67.15
CA LYS B 417 0.97 -12.55 67.04
C LYS B 417 2.25 -13.24 66.54
N GLY B 418 3.34 -12.48 66.44
CA GLY B 418 4.66 -12.98 66.04
C GLY B 418 4.54 -13.90 64.85
N ILE B 419 4.36 -13.32 63.66
CA ILE B 419 4.03 -14.05 62.46
C ILE B 419 5.05 -13.63 61.40
N LYS B 420 5.92 -14.55 61.00
CA LYS B 420 7.12 -14.19 60.25
C LYS B 420 6.77 -13.89 58.79
N GLN B 421 6.84 -12.62 58.43
CA GLN B 421 6.43 -12.14 57.12
C GLN B 421 7.64 -12.10 56.17
N MET B 422 7.35 -11.97 54.88
CA MET B 422 8.39 -11.85 53.87
C MET B 422 9.14 -10.51 54.03
N PRO B 423 10.41 -10.45 53.63
CA PRO B 423 11.12 -9.16 53.64
C PRO B 423 10.55 -8.20 52.61
N HIS B 424 10.60 -6.92 52.96
CA HIS B 424 9.94 -5.94 52.11
C HIS B 424 10.81 -5.43 50.98
N THR B 425 12.12 -5.44 51.15
CA THR B 425 13.00 -4.98 50.11
C THR B 425 14.05 -6.04 49.87
N LEU B 426 14.67 -5.96 48.68
CA LEU B 426 15.83 -6.79 48.38
C LEU B 426 17.01 -6.49 49.28
N ARG B 427 17.13 -5.24 49.75
CA ARG B 427 18.23 -4.90 50.64
C ARG B 427 18.13 -5.69 51.93
N ARG B 428 16.91 -5.75 52.52
CA ARG B 428 16.79 -6.52 53.75
C ARG B 428 16.97 -8.01 53.45
N SER B 429 16.49 -8.49 52.29
CA SER B 429 16.67 -9.88 51.90
C SER B 429 18.14 -10.26 51.79
N LEU B 430 18.97 -9.36 51.24
CA LEU B 430 20.38 -9.68 51.15
C LEU B 430 21.02 -9.68 52.52
N GLU B 431 20.68 -8.67 53.33
CA GLU B 431 21.08 -8.68 54.74
C GLU B 431 20.68 -10.00 55.41
N GLU B 432 19.42 -10.41 55.27
CA GLU B 432 18.98 -11.65 55.90
C GLU B 432 19.76 -12.84 55.33
N MET B 433 20.07 -12.81 54.03
CA MET B 433 20.86 -13.90 53.49
C MET B 433 22.28 -13.87 54.03
N LEU B 434 22.90 -12.70 54.02
CA LEU B 434 24.29 -12.60 54.42
C LEU B 434 24.48 -12.96 55.88
N ALA B 435 23.45 -12.77 56.70
CA ALA B 435 23.50 -13.13 58.10
C ALA B 435 23.06 -14.57 58.36
N ASP B 436 22.76 -15.32 57.32
CA ASP B 436 22.35 -16.72 57.39
C ASP B 436 22.74 -17.35 56.07
N LYS B 437 23.99 -17.75 55.97
CA LYS B 437 24.50 -18.21 54.70
C LYS B 437 25.03 -19.62 54.81
N GLN B 438 24.91 -20.25 55.98
CA GLN B 438 25.64 -21.50 56.18
C GLN B 438 24.97 -22.67 55.49
N TYR B 439 23.64 -22.72 55.50
CA TYR B 439 22.97 -23.86 54.87
C TYR B 439 23.23 -23.91 53.38
N LEU B 440 23.67 -22.83 52.77
CA LEU B 440 24.08 -22.85 51.37
C LEU B 440 25.53 -23.30 51.20
N LYS B 441 26.39 -23.03 52.19
CA LYS B 441 27.82 -23.29 52.05
C LYS B 441 28.18 -24.74 52.30
N GLU B 442 27.21 -25.55 52.74
CA GLU B 442 27.43 -26.98 52.91
C GLU B 442 28.01 -27.53 51.62
N SER B 443 29.11 -28.29 51.75
CA SER B 443 29.77 -28.98 50.63
C SER B 443 30.11 -28.02 49.48
N GLN B 444 30.35 -26.75 49.82
CA GLN B 444 30.90 -25.76 48.89
C GLN B 444 29.98 -25.53 47.69
N VAL B 445 28.68 -25.78 47.88
CA VAL B 445 27.71 -25.64 46.80
C VAL B 445 27.62 -24.17 46.39
N PHE B 446 27.47 -23.30 47.37
CA PHE B 446 27.56 -21.86 47.22
C PHE B 446 28.87 -21.47 47.91
N SER B 447 29.94 -21.38 47.14
CA SER B 447 31.19 -20.92 47.72
C SER B 447 31.08 -19.46 48.17
N GLU B 448 31.87 -19.08 49.15
CA GLU B 448 31.72 -17.74 49.71
C GLU B 448 32.12 -16.67 48.71
N GLU B 449 33.17 -16.92 47.91
CA GLU B 449 33.50 -15.97 46.86
C GLU B 449 32.26 -15.64 46.02
N PHE B 450 31.54 -16.66 45.57
CA PHE B 450 30.30 -16.41 44.83
C PHE B 450 29.33 -15.54 45.62
N ILE B 451 29.04 -15.88 46.89
CA ILE B 451 28.05 -15.15 47.67
C ILE B 451 28.41 -13.69 47.74
N GLN B 452 29.69 -13.40 47.90
CA GLN B 452 30.09 -12.00 47.97
C GLN B 452 29.96 -11.37 46.59
N ALA B 453 30.25 -12.13 45.54
CA ALA B 453 29.98 -11.63 44.20
C ALA B 453 28.48 -11.38 44.02
N TYR B 454 27.65 -12.34 44.39
CA TYR B 454 26.23 -12.17 44.19
C TYR B 454 25.73 -10.98 44.99
N GLN B 455 26.25 -10.80 46.19
CA GLN B 455 25.87 -9.67 47.02
C GLN B 455 26.29 -8.36 46.36
N SER B 456 27.54 -8.30 45.90
CA SER B 456 28.04 -7.12 45.22
C SER B 456 27.26 -6.83 43.93
N LEU B 457 26.87 -7.87 43.21
CA LEU B 457 26.14 -7.68 41.96
C LEU B 457 24.77 -7.05 42.21
N LYS B 458 24.02 -7.60 43.17
CA LYS B 458 22.65 -7.18 43.36
C LYS B 458 22.58 -5.80 44.00
N PHE B 459 23.51 -5.46 44.89
CA PHE B 459 23.52 -4.11 45.41
C PHE B 459 23.84 -3.10 44.29
N ASN B 460 24.84 -3.37 43.43
CA ASN B 460 25.14 -2.39 42.37
C ASN B 460 24.14 -2.40 41.22
N ALA B 461 23.56 -3.55 40.86
CA ALA B 461 22.65 -3.56 39.73
C ALA B 461 21.27 -3.02 40.09
N GLU B 462 20.72 -3.44 41.24
CA GLU B 462 19.32 -3.22 41.58
C GLU B 462 19.07 -2.27 42.75
N VAL B 463 19.81 -2.40 43.85
CA VAL B 463 19.46 -1.65 45.05
C VAL B 463 19.93 -0.21 44.95
N PHE B 464 21.25 -0.02 44.82
CA PHE B 464 21.81 1.33 44.72
C PHE B 464 21.17 2.17 43.63
N PRO B 465 20.81 1.64 42.46
CA PRO B 465 20.03 2.44 41.50
C PRO B 465 18.59 2.74 41.89
N TRP B 466 17.88 1.78 42.48
CA TRP B 466 16.51 2.04 42.92
C TRP B 466 16.46 2.95 44.16
N GLU B 467 17.46 2.85 45.06
CA GLU B 467 17.53 3.72 46.23
C GLU B 467 17.96 5.14 45.89
N SER B 468 18.45 5.39 44.68
CA SER B 468 19.09 6.64 44.34
C SER B 468 18.47 7.36 43.15
N LYS B 469 17.62 6.70 42.35
CA LYS B 469 16.95 7.36 41.24
C LYS B 469 15.58 7.85 41.67
N PRO B 470 15.26 9.13 41.50
CA PRO B 470 13.97 9.62 41.98
C PRO B 470 12.86 8.85 41.32
N HIS B 471 11.77 8.76 42.02
CA HIS B 471 10.58 8.06 41.63
C HIS B 471 9.44 9.06 41.44
N PRO B 472 8.71 8.96 40.35
CA PRO B 472 7.62 9.91 40.08
C PRO B 472 6.58 10.08 41.18
N PHE B 473 6.42 9.12 42.08
CA PHE B 473 5.40 9.34 43.10
C PHE B 473 5.90 10.30 44.15
N GLU B 474 7.21 10.34 44.36
CA GLU B 474 7.76 11.34 45.26
C GLU B 474 7.44 12.75 44.77
N PHE B 475 7.21 12.88 43.47
CA PHE B 475 6.81 14.16 42.94
C PHE B 475 5.38 14.50 43.28
N ILE B 476 4.50 13.51 43.40
CA ILE B 476 3.15 13.79 43.87
C ILE B 476 3.17 14.10 45.35
N THR B 477 4.06 13.43 46.09
CA THR B 477 4.02 13.52 47.55
C THR B 477 4.72 14.77 48.06
N THR B 478 5.93 14.98 47.55
CA THR B 478 6.91 15.85 48.15
C THR B 478 7.15 17.14 47.35
N TYR B 479 6.83 17.14 46.05
CA TYR B 479 7.08 18.31 45.23
C TYR B 479 6.52 19.59 45.84
N SER B 480 5.33 19.51 46.50
CA SER B 480 4.69 20.70 47.05
C SER B 480 5.27 21.16 48.37
N CYS B 481 6.19 20.40 48.98
CA CYS B 481 6.84 20.86 50.20
C CYS B 481 7.73 22.09 49.93
N SER C 8 50.50 -15.76 -15.04
CA SER C 8 50.93 -17.12 -15.36
C SER C 8 49.96 -17.76 -16.37
N GLU C 9 50.43 -17.95 -17.62
CA GLU C 9 49.55 -18.19 -18.76
C GLU C 9 48.64 -19.40 -18.62
N SER C 10 49.08 -20.43 -17.87
CA SER C 10 48.19 -21.54 -17.56
C SER C 10 47.07 -21.10 -16.61
N LYS C 11 47.37 -20.18 -15.70
CA LYS C 11 46.32 -19.70 -14.81
C LYS C 11 45.36 -18.74 -15.53
N ILE C 12 45.86 -17.99 -16.52
CA ILE C 12 45.03 -17.00 -17.22
C ILE C 12 43.95 -17.70 -18.06
N LYS C 13 44.20 -18.92 -18.52
CA LYS C 13 43.11 -19.71 -19.07
C LYS C 13 42.30 -20.37 -17.96
N GLU C 14 42.97 -21.04 -17.02
CA GLU C 14 42.34 -21.65 -15.82
C GLU C 14 41.24 -20.77 -15.25
N PHE C 15 41.50 -19.47 -15.31
CA PHE C 15 40.51 -18.48 -14.89
C PHE C 15 39.45 -18.27 -15.94
N PHE C 16 39.84 -18.13 -17.21
CA PHE C 16 38.89 -17.92 -18.29
C PHE C 16 37.84 -19.02 -18.41
N GLU C 17 38.00 -20.14 -17.72
CA GLU C 17 36.95 -21.15 -17.69
C GLU C 17 36.15 -21.11 -16.40
N PHE C 18 36.75 -20.63 -15.32
CA PHE C 18 35.94 -20.40 -14.13
C PHE C 18 34.76 -19.49 -14.47
N CYS C 19 35.01 -18.47 -15.28
CA CYS C 19 33.94 -17.56 -15.72
C CYS C 19 32.94 -18.28 -16.60
N LYS C 20 33.43 -18.97 -17.63
CA LYS C 20 32.56 -19.62 -18.59
C LYS C 20 31.62 -20.61 -17.92
N GLU C 21 32.12 -21.33 -16.89
CA GLU C 21 31.42 -22.34 -16.12
C GLU C 21 30.66 -21.77 -14.92
N ASN C 22 30.75 -20.46 -14.68
CA ASN C 22 29.89 -19.77 -13.75
C ASN C 22 29.05 -18.70 -14.42
N GLU C 23 29.06 -18.64 -15.76
CA GLU C 23 28.20 -17.78 -16.55
C GLU C 23 28.38 -16.31 -16.13
N VAL C 24 29.60 -15.78 -16.42
CA VAL C 24 30.07 -14.44 -16.01
C VAL C 24 29.95 -13.41 -17.12
N GLU C 25 29.48 -12.20 -16.77
CA GLU C 25 29.42 -11.13 -17.75
C GLU C 25 30.35 -9.96 -17.48
N PHE C 26 30.85 -9.80 -16.25
CA PHE C 26 31.72 -8.68 -15.97
C PHE C 26 32.89 -9.07 -15.08
N VAL C 27 34.04 -8.46 -15.35
CA VAL C 27 35.24 -8.68 -14.56
C VAL C 27 35.54 -7.37 -13.84
N ASP C 28 35.52 -7.44 -12.53
CA ASP C 28 35.55 -6.29 -11.63
C ASP C 28 36.90 -6.32 -10.93
N PHE C 29 37.87 -5.63 -11.52
CA PHE C 29 39.24 -5.62 -11.00
C PHE C 29 39.30 -4.75 -9.76
N ARG C 30 39.79 -5.29 -8.66
CA ARG C 30 39.77 -4.49 -7.43
C ARG C 30 41.16 -4.29 -6.84
N PHE C 31 41.38 -3.07 -6.34
CA PHE C 31 42.69 -2.61 -5.89
C PHE C 31 42.47 -1.58 -4.78
N SER C 32 43.43 -1.53 -3.86
CA SER C 32 43.30 -0.80 -2.61
C SER C 32 44.19 0.43 -2.63
N ASP C 33 43.56 1.59 -2.48
CA ASP C 33 44.28 2.86 -2.33
C ASP C 33 45.02 2.89 -0.98
N ILE C 34 45.87 3.91 -0.81
CA ILE C 34 46.66 4.00 0.42
C ILE C 34 45.73 4.05 1.61
N LYS C 35 44.70 4.91 1.52
CA LYS C 35 43.78 5.11 2.63
C LYS C 35 43.15 3.80 3.07
N GLY C 36 43.10 2.82 2.17
CA GLY C 36 42.47 1.55 2.45
C GLY C 36 41.20 1.33 1.68
N THR C 37 40.76 2.32 0.91
CA THR C 37 39.54 2.19 0.14
C THR C 37 39.68 1.15 -0.96
N TRP C 38 38.72 0.26 -1.05
CA TRP C 38 38.72 -0.68 -2.13
C TRP C 38 38.11 0.02 -3.34
N ASN C 39 38.79 -0.08 -4.47
CA ASN C 39 38.40 0.56 -5.70
C ASN C 39 38.24 -0.52 -6.75
N HIS C 40 37.33 -0.28 -7.69
CA HIS C 40 37.05 -1.27 -8.73
C HIS C 40 36.83 -0.59 -10.08
N ILE C 41 36.92 -1.41 -11.12
CA ILE C 41 36.72 -0.99 -12.48
C ILE C 41 36.28 -2.22 -13.27
N ALA C 42 35.11 -2.15 -13.90
CA ALA C 42 34.50 -3.36 -14.45
C ALA C 42 34.70 -3.48 -15.95
N TYR C 43 35.13 -4.66 -16.39
CA TYR C 43 35.31 -4.95 -17.81
C TYR C 43 34.25 -5.94 -18.28
N SER C 44 33.63 -5.64 -19.42
CA SER C 44 32.69 -6.57 -20.04
C SER C 44 33.45 -7.81 -20.43
N PHE C 45 33.09 -8.93 -19.84
CA PHE C 45 33.94 -10.09 -20.00
C PHE C 45 34.14 -10.56 -21.45
N GLY C 46 33.14 -10.36 -22.32
CA GLY C 46 33.31 -10.70 -23.73
C GLY C 46 34.43 -9.95 -24.42
N ALA C 47 34.80 -8.77 -23.92
CA ALA C 47 35.88 -7.97 -24.48
C ALA C 47 37.24 -8.19 -23.80
N LEU C 48 37.37 -9.23 -22.98
CA LEU C 48 38.64 -9.54 -22.32
C LEU C 48 39.41 -10.56 -23.15
N THR C 49 40.64 -10.21 -23.50
CA THR C 49 41.56 -11.15 -24.12
C THR C 49 42.51 -11.70 -23.07
N HIS C 50 43.08 -12.87 -23.36
CA HIS C 50 44.15 -13.40 -22.54
C HIS C 50 45.25 -12.36 -22.37
N GLY C 51 45.58 -11.66 -23.47
CA GLY C 51 46.72 -10.76 -23.45
C GLY C 51 46.53 -9.56 -22.57
N MET C 52 45.31 -9.04 -22.47
CA MET C 52 45.17 -7.82 -21.70
C MET C 52 45.37 -8.06 -20.22
N LEU C 53 45.35 -9.32 -19.77
CA LEU C 53 45.72 -9.68 -18.39
C LEU C 53 47.14 -10.27 -18.26
N LYS C 54 48.00 -10.07 -19.25
CA LYS C 54 49.43 -10.02 -18.99
C LYS C 54 49.99 -8.62 -19.21
N GLU C 55 49.27 -7.77 -19.95
CA GLU C 55 49.65 -6.38 -20.19
C GLU C 55 49.23 -5.50 -19.01
N GLY C 56 47.94 -5.51 -18.68
CA GLY C 56 47.36 -4.84 -17.55
C GLY C 56 46.16 -3.99 -17.92
N ILE C 57 45.64 -3.28 -16.92
CA ILE C 57 44.46 -2.45 -17.08
C ILE C 57 44.86 -0.99 -16.81
N PRO C 58 44.74 -0.11 -17.79
CA PRO C 58 45.14 1.28 -17.62
C PRO C 58 44.14 2.02 -16.76
N PHE C 59 44.62 3.03 -16.05
CA PHE C 59 43.71 3.88 -15.30
C PHE C 59 44.42 5.17 -14.94
N ASP C 60 43.68 6.05 -14.25
CA ASP C 60 44.16 7.39 -13.91
C ASP C 60 44.59 7.47 -12.44
N ALA C 61 45.88 7.25 -12.20
CA ALA C 61 46.43 7.27 -10.84
C ALA C 61 46.61 8.69 -10.32
N SER C 62 46.08 9.68 -11.04
CA SER C 62 46.07 11.04 -10.52
C SER C 62 44.87 11.31 -9.63
N CYS C 63 43.86 10.42 -9.65
CA CYS C 63 42.64 10.57 -8.83
C CYS C 63 42.82 10.11 -7.40
N PHE C 64 43.99 9.59 -7.05
CA PHE C 64 44.23 9.01 -5.74
C PHE C 64 45.30 9.84 -5.05
N LYS C 65 44.97 10.40 -3.89
CA LYS C 65 45.98 11.18 -3.21
C LYS C 65 47.04 10.21 -2.74
N GLY C 66 48.30 10.62 -2.85
CA GLY C 66 49.42 9.76 -2.59
C GLY C 66 49.93 9.05 -3.80
N TRP C 67 49.24 9.12 -4.92
CA TRP C 67 49.66 8.42 -6.13
C TRP C 67 50.17 9.44 -7.14
N GLN C 68 49.75 9.40 -8.39
CA GLN C 68 50.46 10.12 -9.43
C GLN C 68 49.96 11.55 -9.57
N GLY C 69 50.87 12.43 -9.99
CA GLY C 69 50.46 13.69 -10.55
C GLY C 69 49.92 13.50 -11.96
N ILE C 70 49.12 14.47 -12.39
CA ILE C 70 48.43 14.36 -13.68
C ILE C 70 49.41 14.31 -14.84
N GLU C 71 50.53 15.04 -14.72
CA GLU C 71 51.55 15.05 -15.76
C GLU C 71 52.02 13.65 -16.11
N HIS C 72 52.06 12.75 -15.12
CA HIS C 72 52.40 11.35 -15.30
C HIS C 72 51.26 10.49 -14.79
N SER C 73 50.05 10.74 -15.30
CA SER C 73 48.83 10.20 -14.71
C SER C 73 48.65 8.72 -15.02
N ASP C 74 49.04 8.28 -16.20
CA ASP C 74 48.77 6.91 -16.63
C ASP C 74 49.53 5.90 -15.77
N MET C 75 48.81 4.85 -15.32
CA MET C 75 49.42 3.66 -14.69
C MET C 75 48.71 2.40 -15.18
N ILE C 76 49.13 1.24 -14.67
CA ILE C 76 48.53 -0.04 -15.00
C ILE C 76 48.28 -0.88 -13.75
N LEU C 77 47.14 -1.57 -13.73
CA LEU C 77 46.86 -2.61 -12.75
C LEU C 77 47.35 -3.96 -13.25
N THR C 78 48.05 -4.70 -12.38
CA THR C 78 48.60 -5.98 -12.75
C THR C 78 47.73 -7.06 -12.11
N PRO C 79 46.87 -7.74 -12.87
CA PRO C 79 45.95 -8.72 -12.26
C PRO C 79 46.67 -9.93 -11.71
N ASP C 80 46.28 -10.33 -10.51
CA ASP C 80 46.67 -11.56 -9.85
C ASP C 80 45.48 -12.48 -9.82
N LEU C 81 45.62 -13.69 -10.36
CA LEU C 81 44.48 -14.60 -10.44
C LEU C 81 44.46 -15.54 -9.24
N VAL C 82 44.36 -14.95 -8.04
CA VAL C 82 44.22 -15.69 -6.79
C VAL C 82 43.06 -15.14 -5.97
N ARG C 83 42.42 -16.03 -5.22
CA ARG C 83 41.37 -15.69 -4.25
C ARG C 83 40.26 -14.86 -4.85
N TYR C 84 40.15 -14.85 -6.18
CA TYR C 84 39.01 -14.26 -6.82
C TYR C 84 37.74 -14.99 -6.38
N PHE C 85 36.61 -14.37 -6.69
CA PHE C 85 35.33 -14.89 -6.25
C PHE C 85 34.24 -14.22 -7.08
N ILE C 86 33.12 -14.92 -7.21
CA ILE C 86 31.93 -14.36 -7.84
C ILE C 86 31.25 -13.40 -6.89
N ASP C 87 30.92 -12.23 -7.42
CA ASP C 87 30.29 -11.17 -6.66
C ASP C 87 28.86 -11.56 -6.28
N PRO C 88 28.52 -11.62 -4.99
CA PRO C 88 27.15 -12.01 -4.63
C PRO C 88 26.14 -10.91 -4.87
N PHE C 89 26.56 -9.66 -4.85
CA PHE C 89 25.58 -8.57 -4.80
C PHE C 89 25.10 -8.07 -6.17
N SER C 90 26.01 -7.93 -7.12
CA SER C 90 25.63 -7.34 -8.41
C SER C 90 24.52 -8.13 -9.09
N ALA C 91 23.54 -7.40 -9.64
CA ALA C 91 22.41 -8.03 -10.31
C ALA C 91 22.89 -9.00 -11.40
N ASP C 92 23.83 -8.55 -12.22
CA ASP C 92 24.48 -9.36 -13.27
C ASP C 92 25.81 -9.91 -12.77
N VAL C 93 26.11 -11.16 -13.14
CA VAL C 93 27.23 -11.90 -12.56
C VAL C 93 28.55 -11.20 -12.79
N SER C 94 29.34 -11.07 -11.74
CA SER C 94 30.63 -10.43 -11.85
C SER C 94 31.65 -11.22 -11.05
N VAL C 95 32.86 -11.33 -11.56
CA VAL C 95 33.95 -11.96 -10.85
C VAL C 95 34.85 -10.83 -10.41
N VAL C 96 35.24 -10.84 -9.16
CA VAL C 96 36.14 -9.85 -8.62
C VAL C 96 37.54 -10.45 -8.65
N VAL C 97 38.52 -9.64 -9.03
CA VAL C 97 39.92 -10.08 -9.04
C VAL C 97 40.81 -8.96 -8.51
N PHE C 98 41.75 -9.33 -7.63
CA PHE C 98 42.68 -8.39 -7.01
C PHE C 98 43.71 -7.87 -8.00
N CYS C 99 44.18 -6.66 -7.76
CA CYS C 99 45.15 -6.05 -8.67
C CYS C 99 46.14 -5.25 -7.85
N ASP C 100 47.36 -5.16 -8.39
CA ASP C 100 48.40 -4.28 -7.92
C ASP C 100 48.67 -3.25 -9.00
N VAL C 101 49.23 -2.11 -8.60
CA VAL C 101 49.63 -1.10 -9.55
C VAL C 101 51.02 -1.46 -10.08
N TYR C 102 51.17 -1.46 -11.39
CA TYR C 102 52.48 -1.58 -12.00
C TYR C 102 52.92 -0.18 -12.41
N ASP C 103 54.07 0.25 -11.89
CA ASP C 103 54.61 1.55 -12.24
C ASP C 103 55.30 1.43 -13.59
N VAL C 104 54.86 2.25 -14.53
CA VAL C 104 55.33 2.22 -15.91
C VAL C 104 56.49 3.18 -16.16
N TYR C 105 56.79 4.07 -15.21
CA TYR C 105 57.94 4.97 -15.32
C TYR C 105 59.19 4.40 -14.70
N LYS C 106 59.04 3.47 -13.77
CA LYS C 106 60.14 2.78 -13.14
C LYS C 106 60.12 1.29 -13.43
N ASN C 107 59.13 0.79 -14.18
CA ASN C 107 59.03 -0.62 -14.62
C ASN C 107 59.19 -1.61 -13.47
N GLN C 108 58.54 -1.29 -12.38
CA GLN C 108 58.55 -2.06 -11.15
C GLN C 108 57.16 -1.97 -10.55
N PRO C 109 56.77 -2.97 -9.74
CA PRO C 109 55.54 -2.83 -8.94
C PRO C 109 55.54 -1.50 -8.20
N TYR C 110 54.38 -0.84 -8.17
CA TYR C 110 54.32 0.54 -7.73
C TYR C 110 54.78 0.66 -6.29
N GLU C 111 55.79 1.49 -6.05
CA GLU C 111 56.35 1.53 -4.70
C GLU C 111 55.37 2.13 -3.70
N LYS C 112 54.27 2.71 -4.17
CA LYS C 112 53.23 3.20 -3.28
C LYS C 112 51.94 2.36 -3.34
N CYS C 113 51.97 1.17 -3.97
CA CYS C 113 50.83 0.24 -3.94
C CYS C 113 50.91 -0.61 -2.67
N PRO C 114 49.96 -0.45 -1.74
CA PRO C 114 50.04 -1.21 -0.49
C PRO C 114 50.09 -2.70 -0.70
N ARG C 115 49.20 -3.26 -1.52
CA ARG C 115 49.29 -4.70 -1.76
C ARG C 115 50.63 -5.09 -2.37
N SER C 116 51.29 -4.17 -3.10
CA SER C 116 52.67 -4.41 -3.54
C SER C 116 53.64 -4.42 -2.37
N ILE C 117 53.47 -3.50 -1.42
CA ILE C 117 54.22 -3.46 -0.14
C ILE C 117 53.98 -4.74 0.66
N ALA C 118 52.75 -5.21 0.71
CA ALA C 118 52.48 -6.44 1.45
C ALA C 118 53.15 -7.63 0.78
N LYS C 119 53.41 -7.56 -0.54
CA LYS C 119 54.21 -8.60 -1.15
C LYS C 119 55.69 -8.40 -0.91
N LYS C 120 56.15 -7.16 -0.92
CA LYS C 120 57.56 -6.95 -0.68
C LYS C 120 57.93 -7.30 0.76
N ALA C 121 56.97 -7.19 1.70
CA ALA C 121 57.22 -7.50 3.10
C ALA C 121 57.24 -9.01 3.36
N LEU C 122 56.38 -9.77 2.70
CA LEU C 122 56.44 -11.22 2.89
C LEU C 122 57.64 -11.80 2.16
N GLN C 123 58.00 -11.23 1.00
CA GLN C 123 59.17 -11.71 0.27
C GLN C 123 60.43 -11.51 1.09
N HIS C 124 60.67 -10.27 1.52
CA HIS C 124 61.78 -9.92 2.40
C HIS C 124 61.96 -10.90 3.54
N LEU C 125 60.87 -11.52 4.00
CA LEU C 125 60.98 -12.45 5.11
C LEU C 125 61.60 -13.76 4.65
N LYS C 126 61.12 -14.31 3.55
CA LYS C 126 61.76 -15.50 3.02
C LYS C 126 63.23 -15.21 2.73
N ASP C 127 63.48 -14.21 1.90
CA ASP C 127 64.82 -13.82 1.51
C ASP C 127 65.76 -13.62 2.69
N SER C 128 65.24 -13.25 3.86
CA SER C 128 66.12 -13.15 5.02
C SER C 128 66.41 -14.52 5.63
N GLY C 129 65.59 -15.52 5.32
CA GLY C 129 65.81 -16.85 5.85
C GLY C 129 65.21 -17.13 7.21
N LEU C 130 64.77 -16.12 7.96
CA LEU C 130 64.24 -16.34 9.29
C LEU C 130 63.04 -17.29 9.27
N GLY C 131 62.12 -17.06 8.33
CA GLY C 131 60.88 -17.82 8.23
C GLY C 131 60.49 -17.97 6.78
N ASP C 132 59.52 -18.88 6.57
CA ASP C 132 58.93 -19.18 5.26
C ASP C 132 57.58 -18.51 5.06
N VAL C 133 56.68 -18.64 6.05
CA VAL C 133 55.35 -18.07 5.98
C VAL C 133 55.10 -17.09 7.14
N ALA C 134 54.28 -16.07 6.86
CA ALA C 134 53.76 -15.16 7.87
C ALA C 134 52.24 -15.20 7.80
N TYR C 135 51.63 -15.87 8.77
CA TYR C 135 50.18 -16.06 8.85
C TYR C 135 49.58 -14.98 9.71
N PHE C 136 48.46 -14.41 9.28
CA PHE C 136 47.75 -13.41 10.09
C PHE C 136 46.31 -13.83 10.28
N GLY C 137 45.75 -13.51 11.44
CA GLY C 137 44.35 -13.80 11.69
C GLY C 137 43.63 -12.66 12.37
N ALA C 138 42.93 -11.86 11.58
CA ALA C 138 42.33 -10.61 12.00
C ALA C 138 40.83 -10.78 12.27
N GLU C 139 40.38 -10.24 13.39
CA GLU C 139 38.97 -10.14 13.75
C GLU C 139 38.58 -8.68 13.70
N ASN C 140 37.74 -8.33 12.74
CA ASN C 140 37.26 -6.96 12.55
C ASN C 140 35.88 -6.79 13.17
N GLU C 141 35.85 -6.29 14.40
CA GLU C 141 34.58 -5.87 15.00
C GLU C 141 33.90 -4.82 14.12
N PHE C 142 32.57 -4.84 14.10
CA PHE C 142 31.86 -3.91 13.25
C PHE C 142 30.54 -3.47 13.87
N PHE C 143 29.88 -2.57 13.18
CA PHE C 143 28.65 -2.00 13.67
C PHE C 143 27.66 -1.97 12.55
N ILE C 144 26.42 -2.29 12.85
CA ILE C 144 25.36 -2.20 11.89
C ILE C 144 24.33 -1.25 12.46
N PHE C 145 24.29 -0.05 11.90
CA PHE C 145 23.37 1.00 12.29
C PHE C 145 22.21 1.01 11.31
N ASP C 146 21.11 1.63 11.72
CA ASP C 146 20.02 1.83 10.79
C ASP C 146 20.17 3.11 9.97
N SER C 147 20.70 4.19 10.56
CA SER C 147 20.79 5.45 9.84
C SER C 147 22.00 6.22 10.37
N ILE C 148 22.60 7.00 9.47
CA ILE C 148 23.74 7.86 9.79
C ILE C 148 23.53 9.20 9.10
N LYS C 149 23.65 10.30 9.86
CA LYS C 149 23.43 11.67 9.35
C LYS C 149 24.63 12.54 9.71
N ILE C 150 25.14 13.28 8.73
CA ILE C 150 26.37 14.06 8.88
C ILE C 150 26.14 15.46 8.31
N LYS C 151 26.88 16.43 8.84
CA LYS C 151 26.84 17.80 8.32
C LYS C 151 28.19 18.45 8.64
N ASP C 152 28.85 18.97 7.60
CA ASP C 152 30.09 19.74 7.67
C ASP C 152 29.85 21.09 7.02
N ALA C 153 29.94 22.16 7.82
CA ALA C 153 29.67 23.49 7.28
C ALA C 153 30.29 24.54 8.19
N SER C 154 30.39 25.75 7.65
CA SER C 154 30.84 26.94 8.37
C SER C 154 30.27 27.04 9.79
N ASN C 155 28.95 26.83 9.92
CA ASN C 155 28.23 27.16 11.14
C ASN C 155 27.76 25.95 11.91
N SER C 156 28.11 24.74 11.46
CA SER C 156 27.52 23.52 12.00
C SER C 156 28.45 22.36 11.70
N GLN C 157 28.82 21.62 12.76
CA GLN C 157 29.34 20.26 12.67
C GLN C 157 28.31 19.33 13.32
N TYR C 158 28.11 18.14 12.73
CA TYR C 158 26.98 17.33 13.18
C TYR C 158 27.08 15.88 12.73
N TYR C 159 26.96 14.94 13.69
CA TYR C 159 26.78 13.54 13.38
C TYR C 159 25.70 13.00 14.28
N GLU C 160 25.10 11.90 13.82
CA GLU C 160 24.08 11.19 14.58
C GLU C 160 23.96 9.77 14.01
N VAL C 161 24.36 8.77 14.79
CA VAL C 161 24.07 7.39 14.40
C VAL C 161 22.75 6.97 15.03
N ASP C 162 22.10 6.01 14.41
CA ASP C 162 20.87 5.51 14.98
C ASP C 162 20.78 4.01 14.76
N SER C 163 20.21 3.34 15.75
CA SER C 163 20.07 1.91 15.79
C SER C 163 18.88 1.61 16.67
N GLU C 164 18.15 0.55 16.35
CA GLU C 164 17.02 0.24 17.21
C GLU C 164 17.49 -0.25 18.58
N GLU C 165 18.71 -0.80 18.65
CA GLU C 165 19.28 -1.30 19.90
C GLU C 165 19.69 -0.18 20.85
N GLY C 166 19.73 1.06 20.41
CA GLY C 166 20.34 2.11 21.21
C GLY C 166 19.51 2.50 22.43
N GLU C 167 20.18 2.58 23.59
CA GLU C 167 19.60 3.19 24.78
C GLU C 167 18.92 4.52 24.46
N TRP C 168 19.41 5.23 23.43
CA TRP C 168 18.78 6.48 23.05
C TRP C 168 17.39 6.30 22.43
N ASN C 169 16.96 5.07 22.16
CA ASN C 169 15.63 4.87 21.60
C ASN C 169 14.66 4.21 22.57
N ARG C 170 15.02 4.06 23.85
CA ARG C 170 14.16 3.40 24.81
C ARG C 170 12.78 4.06 24.91
N ASP C 171 12.61 5.29 24.40
CA ASP C 171 11.37 6.05 24.53
C ASP C 171 10.72 6.49 23.22
N ARG C 172 11.32 6.21 22.06
CA ARG C 172 10.85 6.71 20.78
C ARG C 172 9.66 5.90 20.28
N SER C 173 8.88 6.52 19.37
CA SER C 173 7.81 5.83 18.63
C SER C 173 8.26 5.42 17.23
N PHE C 174 8.16 4.12 16.95
CA PHE C 174 8.63 3.53 15.69
C PHE C 174 7.45 3.45 14.71
N GLU C 175 7.35 2.36 13.91
CA GLU C 175 6.10 1.74 13.57
C GLU C 175 4.97 2.24 14.47
N ASN C 176 4.18 3.21 13.97
CA ASN C 176 2.91 3.61 14.57
C ASN C 176 3.06 4.11 16.01
N GLY C 177 4.22 3.92 16.60
CA GLY C 177 4.40 4.15 18.01
C GLY C 177 4.50 2.92 18.87
N VAL C 178 4.97 1.81 18.33
CA VAL C 178 5.21 0.59 19.08
C VAL C 178 6.70 0.47 19.41
N ASN C 179 7.03 0.17 20.66
CA ASN C 179 8.42 -0.05 21.07
C ASN C 179 8.53 -1.43 21.74
N PHE C 180 9.40 -2.29 21.22
CA PHE C 180 9.44 -3.66 21.75
C PHE C 180 10.30 -3.79 23.01
N GLY C 181 10.80 -2.69 23.58
CA GLY C 181 11.68 -2.92 24.72
C GLY C 181 12.87 -3.80 24.36
N HIS C 182 13.35 -4.53 25.36
CA HIS C 182 14.48 -5.47 25.23
C HIS C 182 15.67 -4.80 24.56
N ARG C 183 16.41 -4.04 25.32
CA ARG C 183 17.58 -3.39 24.79
C ARG C 183 18.76 -3.69 25.70
N PRO C 184 19.90 -4.09 25.13
CA PRO C 184 21.13 -4.14 25.92
C PRO C 184 21.48 -2.75 26.43
N GLY C 185 22.07 -2.70 27.61
CA GLY C 185 22.56 -1.41 28.06
C GLY C 185 23.69 -0.91 27.20
N LYS C 186 24.27 0.24 27.58
CA LYS C 186 25.60 0.56 27.10
C LYS C 186 26.58 -0.48 27.64
N GLN C 187 27.51 -0.91 26.78
CA GLN C 187 28.48 -1.95 27.13
C GLN C 187 27.82 -3.27 27.56
N GLY C 188 26.59 -3.56 27.08
CA GLY C 188 25.86 -4.76 27.45
C GLY C 188 25.55 -5.77 26.35
N GLY C 189 26.15 -5.63 25.16
CA GLY C 189 25.78 -6.46 24.01
C GLY C 189 26.37 -7.86 23.98
N TYR C 190 27.14 -8.19 25.00
CA TYR C 190 27.90 -9.42 25.08
C TYR C 190 27.42 -10.30 26.22
N MET C 191 26.67 -11.36 25.91
CA MET C 191 26.14 -11.65 24.59
C MET C 191 24.71 -12.11 24.74
N PRO C 192 23.80 -11.21 25.10
CA PRO C 192 22.41 -11.62 25.30
C PRO C 192 21.84 -12.30 24.06
N VAL C 193 20.92 -13.22 24.32
CA VAL C 193 20.19 -13.94 23.28
C VAL C 193 19.08 -13.05 22.72
N PRO C 194 18.50 -13.41 21.57
CA PRO C 194 17.30 -12.73 21.06
C PRO C 194 16.09 -12.79 22.02
N PRO C 195 15.20 -11.77 21.97
CA PRO C 195 15.21 -10.63 21.04
C PRO C 195 16.11 -9.43 21.45
N THR C 196 16.81 -9.47 22.59
CA THR C 196 17.77 -8.40 22.88
C THR C 196 18.81 -8.27 21.77
N ASP C 197 19.27 -9.39 21.22
CA ASP C 197 20.16 -9.38 20.06
C ASP C 197 19.31 -9.39 18.79
N THR C 198 19.29 -8.29 18.05
CA THR C 198 18.49 -8.21 16.84
C THR C 198 19.24 -8.63 15.59
N MET C 199 20.54 -8.86 15.69
CA MET C 199 21.38 -9.05 14.52
C MET C 199 21.70 -10.52 14.26
N MET C 200 20.96 -11.44 14.88
CA MET C 200 21.33 -12.84 14.76
C MET C 200 21.11 -13.33 13.34
N ASP C 201 20.02 -12.93 12.70
CA ASP C 201 19.83 -13.39 11.34
C ASP C 201 20.72 -12.64 10.37
N ILE C 202 21.04 -11.38 10.67
CA ILE C 202 21.95 -10.64 9.82
C ILE C 202 23.37 -11.19 9.96
N ARG C 203 23.81 -11.48 11.19
CA ARG C 203 25.14 -12.06 11.35
C ARG C 203 25.20 -13.45 10.72
N THR C 204 24.14 -14.23 10.89
CA THR C 204 24.05 -15.52 10.22
C THR C 204 24.10 -15.36 8.71
N GLU C 205 23.56 -14.25 8.20
CA GLU C 205 23.55 -14.02 6.76
C GLU C 205 24.93 -13.62 6.25
N ILE C 206 25.69 -12.87 7.03
CA ILE C 206 27.05 -12.50 6.60
C ILE C 206 27.93 -13.74 6.45
N VAL C 207 28.01 -14.53 7.52
CA VAL C 207 28.79 -15.75 7.51
C VAL C 207 28.46 -16.57 6.28
N LYS C 208 27.17 -16.67 5.96
CA LYS C 208 26.71 -17.26 4.70
C LYS C 208 27.55 -16.76 3.54
N VAL C 209 27.43 -15.49 3.21
CA VAL C 209 28.13 -14.94 2.06
C VAL C 209 29.65 -15.06 2.18
N LEU C 210 30.21 -14.97 3.39
CA LEU C 210 31.66 -15.08 3.55
C LEU C 210 32.20 -16.39 3.01
N ASN C 211 31.55 -17.50 3.33
CA ASN C 211 32.02 -18.78 2.79
C ASN C 211 31.91 -18.78 1.27
N GLN C 212 30.78 -18.28 0.75
CA GLN C 212 30.52 -18.19 -0.69
C GLN C 212 31.68 -17.59 -1.47
N VAL C 213 32.40 -16.65 -0.88
CA VAL C 213 33.41 -15.90 -1.58
C VAL C 213 34.81 -16.35 -1.19
N GLY C 214 34.93 -17.54 -0.64
CA GLY C 214 36.23 -18.09 -0.27
C GLY C 214 36.76 -17.70 1.08
N LEU C 215 35.88 -17.53 2.06
CA LEU C 215 36.26 -17.20 3.42
C LEU C 215 35.71 -18.28 4.33
N GLU C 216 36.57 -18.96 5.06
CA GLU C 216 36.05 -19.91 6.02
C GLU C 216 35.85 -19.21 7.35
N THR C 217 34.86 -19.67 8.11
CA THR C 217 34.42 -18.98 9.31
C THR C 217 34.40 -19.92 10.52
N PHE C 218 34.66 -19.33 11.68
CA PHE C 218 34.61 -20.00 12.98
C PHE C 218 33.50 -19.47 13.87
N VAL C 219 33.57 -18.19 14.26
CA VAL C 219 32.74 -17.61 15.31
C VAL C 219 31.90 -16.47 14.75
N VAL C 220 30.73 -16.27 15.35
CA VAL C 220 29.86 -15.14 15.09
C VAL C 220 29.20 -14.82 16.41
N HIS C 221 29.37 -13.59 16.89
CA HIS C 221 28.68 -13.19 18.10
C HIS C 221 28.44 -11.71 18.06
N HIS C 222 27.39 -11.28 18.76
CA HIS C 222 27.30 -9.90 19.17
C HIS C 222 28.51 -9.55 20.04
N GLU C 223 28.93 -8.31 19.97
CA GLU C 223 30.03 -7.84 20.79
C GLU C 223 29.48 -6.89 21.86
N VAL C 224 30.37 -6.21 22.58
CA VAL C 224 29.96 -5.50 23.79
C VAL C 224 29.17 -4.25 23.46
N ALA C 225 29.61 -3.47 22.48
CA ALA C 225 28.88 -2.24 22.19
C ALA C 225 27.54 -2.55 21.50
N GLN C 226 26.66 -1.56 21.49
CA GLN C 226 25.23 -1.84 21.37
C GLN C 226 24.87 -2.47 20.03
N ALA C 227 25.41 -1.99 18.92
CA ALA C 227 25.04 -2.58 17.63
C ALA C 227 26.22 -3.35 17.03
N GLN C 228 27.05 -3.94 17.89
CA GLN C 228 28.38 -4.37 17.49
C GLN C 228 28.42 -5.86 17.18
N GLY C 229 29.40 -6.24 16.36
CA GLY C 229 29.54 -7.60 15.90
C GLY C 229 30.97 -7.94 15.50
N GLU C 230 31.15 -9.20 15.14
CA GLU C 230 32.41 -9.83 14.79
C GLU C 230 32.14 -11.16 14.13
N VAL C 231 33.06 -11.57 13.28
CA VAL C 231 33.10 -12.91 12.74
C VAL C 231 34.52 -13.41 12.84
N GLY C 232 34.69 -14.63 13.33
CA GLY C 232 35.98 -15.28 13.31
C GLY C 232 36.29 -15.91 11.96
N VAL C 233 37.42 -15.53 11.37
CA VAL C 233 37.90 -15.95 10.06
C VAL C 233 39.22 -16.71 10.17
N LYS C 234 39.44 -17.64 9.25
CA LYS C 234 40.67 -18.42 9.22
C LYS C 234 41.89 -17.57 8.85
N PHE C 235 43.02 -17.92 9.47
CA PHE C 235 44.32 -17.32 9.19
C PHE C 235 44.67 -17.43 7.70
N GLY C 236 45.56 -16.55 7.26
CA GLY C 236 46.09 -16.66 5.91
C GLY C 236 47.52 -16.16 5.91
N ASP C 237 48.24 -16.42 4.81
CA ASP C 237 49.55 -15.82 4.66
C ASP C 237 49.39 -14.30 4.66
N LEU C 238 50.49 -13.57 4.82
CA LEU C 238 50.36 -12.14 5.17
C LEU C 238 49.44 -11.41 4.22
N VAL C 239 49.69 -11.53 2.92
CA VAL C 239 48.85 -10.82 1.96
C VAL C 239 47.42 -11.38 1.99
N GLU C 240 47.31 -12.71 1.96
CA GLU C 240 46.01 -13.37 1.95
C GLU C 240 45.15 -12.97 3.16
N ALA C 241 45.76 -12.67 4.31
CA ALA C 241 44.99 -12.14 5.44
C ALA C 241 44.39 -10.76 5.12
N ALA C 242 45.18 -9.86 4.55
CA ALA C 242 44.67 -8.55 4.19
C ALA C 242 43.68 -8.63 3.05
N ASP C 243 43.84 -9.57 2.13
CA ASP C 243 42.86 -9.74 1.06
C ASP C 243 41.53 -10.14 1.64
N ASN C 244 41.55 -11.09 2.55
CA ASN C 244 40.29 -11.51 3.11
C ASN C 244 39.69 -10.42 3.95
N VAL C 245 40.53 -9.53 4.48
CA VAL C 245 40.02 -8.37 5.19
C VAL C 245 39.25 -7.44 4.25
N GLN C 246 39.85 -7.08 3.11
CA GLN C 246 39.13 -6.26 2.13
C GLN C 246 37.78 -6.89 1.79
N LYS C 247 37.76 -8.20 1.58
CA LYS C 247 36.50 -8.89 1.26
C LYS C 247 35.45 -8.74 2.36
N LEU C 248 35.78 -9.18 3.58
CA LEU C 248 34.85 -9.15 4.69
C LEU C 248 34.22 -7.77 4.84
N LYS C 249 35.02 -6.71 4.83
CA LYS C 249 34.47 -5.35 4.88
C LYS C 249 33.43 -5.15 3.77
N TYR C 250 33.76 -5.57 2.55
CA TYR C 250 32.81 -5.47 1.46
C TYR C 250 31.55 -6.32 1.75
N VAL C 251 31.71 -7.45 2.44
CA VAL C 251 30.55 -8.32 2.65
C VAL C 251 29.63 -7.75 3.71
N VAL C 252 30.19 -7.31 4.80
CA VAL C 252 29.36 -6.75 5.86
C VAL C 252 28.70 -5.47 5.39
N LYS C 253 29.43 -4.60 4.68
CA LYS C 253 28.83 -3.36 4.20
C LYS C 253 27.69 -3.63 3.22
N MET C 254 27.87 -4.63 2.35
CA MET C 254 26.88 -4.83 1.29
C MET C 254 25.66 -5.58 1.78
N VAL C 255 25.82 -6.40 2.81
CA VAL C 255 24.67 -7.10 3.38
C VAL C 255 23.85 -6.14 4.22
N ALA C 256 24.54 -5.35 5.06
CA ALA C 256 23.96 -4.19 5.75
C ALA C 256 23.14 -3.33 4.81
N HIS C 257 23.69 -3.00 3.66
CA HIS C 257 22.99 -2.14 2.73
C HIS C 257 21.70 -2.78 2.26
N LEU C 258 21.79 -4.09 1.94
CA LEU C 258 20.67 -4.88 1.38
C LEU C 258 19.55 -5.09 2.38
N ASN C 259 19.85 -5.20 3.64
CA ASN C 259 18.77 -5.29 4.59
C ASN C 259 18.33 -3.91 5.02
N GLY C 260 18.72 -2.86 4.29
CA GLY C 260 18.26 -1.53 4.61
C GLY C 260 18.98 -0.92 5.78
N LYS C 261 20.24 -1.30 6.00
CA LYS C 261 21.01 -0.80 7.13
C LYS C 261 22.33 -0.21 6.67
N THR C 262 23.21 0.11 7.59
CA THR C 262 24.46 0.71 7.16
C THR C 262 25.50 0.29 8.17
N ALA C 263 26.58 -0.24 7.68
CA ALA C 263 27.59 -0.79 8.54
C ALA C 263 28.74 0.20 8.67
N THR C 264 29.65 -0.04 9.61
CA THR C 264 30.95 0.64 9.62
C THR C 264 31.94 -0.13 10.46
N PHE C 265 33.18 -0.10 10.00
CA PHE C 265 34.32 -0.64 10.72
C PHE C 265 35.12 0.45 11.43
N MET C 266 34.56 1.64 11.57
CA MET C 266 35.29 2.73 12.18
C MET C 266 35.56 2.43 13.66
N PRO C 267 36.71 2.87 14.19
CA PRO C 267 37.13 2.41 15.53
C PRO C 267 36.14 2.73 16.62
N LYS C 268 35.66 3.96 16.68
CA LYS C 268 34.84 4.42 17.81
C LYS C 268 33.67 5.29 17.38
N PRO C 269 32.51 4.67 16.98
CA PRO C 269 31.32 5.46 16.61
C PRO C 269 30.51 5.97 17.80
N LEU C 270 30.56 5.29 18.95
CA LEU C 270 29.74 5.69 20.07
C LEU C 270 30.61 6.07 21.23
N TYR C 271 30.44 7.29 21.71
CA TYR C 271 31.06 7.73 22.95
C TYR C 271 30.53 6.94 24.16
N GLY C 272 31.44 6.46 24.99
CA GLY C 272 31.02 5.77 26.19
C GLY C 272 30.58 4.34 25.99
N ASP C 273 30.86 3.74 24.84
CA ASP C 273 30.66 2.32 24.65
C ASP C 273 31.88 1.79 23.92
N ASN C 274 32.00 0.47 23.88
CA ASN C 274 33.23 -0.12 23.37
C ASN C 274 33.46 0.28 21.93
N GLY C 275 34.74 0.51 21.57
CA GLY C 275 35.13 0.65 20.18
C GLY C 275 35.38 -0.69 19.49
N SER C 276 35.60 -0.65 18.19
CA SER C 276 35.91 -1.84 17.42
C SER C 276 37.41 -1.95 17.20
N GLY C 277 37.95 -3.15 17.39
CA GLY C 277 39.35 -3.40 17.10
C GLY C 277 39.54 -4.25 15.85
N MET C 278 40.78 -4.23 15.37
CA MET C 278 41.24 -5.26 14.45
C MET C 278 42.21 -6.09 15.29
N HIS C 279 41.65 -7.00 16.07
CA HIS C 279 42.42 -7.95 16.85
C HIS C 279 43.22 -8.80 15.89
N THR C 280 44.52 -8.60 15.88
CA THR C 280 45.37 -9.24 14.90
C THR C 280 46.10 -10.40 15.54
N HIS C 281 45.89 -11.58 14.99
CA HIS C 281 46.60 -12.78 15.34
C HIS C 281 47.53 -13.04 14.17
N VAL C 282 48.84 -13.24 14.47
CA VAL C 282 49.89 -13.47 13.48
C VAL C 282 50.33 -14.92 13.69
N SER C 283 50.88 -15.56 12.65
CA SER C 283 51.75 -16.70 12.88
C SER C 283 52.86 -16.77 11.82
N VAL C 284 54.08 -17.08 12.30
CA VAL C 284 55.27 -17.29 11.47
C VAL C 284 55.68 -18.75 11.54
N TRP C 285 55.85 -19.36 10.41
CA TRP C 285 56.28 -20.74 10.40
C TRP C 285 57.48 -20.82 9.47
N LYS C 286 58.26 -21.88 9.66
CA LYS C 286 59.34 -22.18 8.76
C LYS C 286 59.48 -23.67 8.73
N ASN C 287 59.46 -24.23 7.52
CA ASN C 287 59.60 -25.65 7.33
C ASN C 287 58.59 -26.36 8.20
N ASN C 288 57.32 -25.92 8.05
CA ASN C 288 56.10 -26.52 8.58
C ASN C 288 55.96 -26.40 10.09
N GLU C 289 56.91 -25.81 10.80
CA GLU C 289 56.77 -25.69 12.23
C GLU C 289 56.50 -24.24 12.63
N ASN C 290 55.78 -24.07 13.72
CA ASN C 290 55.54 -22.73 14.23
C ASN C 290 56.74 -22.27 15.05
N LEU C 291 57.45 -21.27 14.53
CA LEU C 291 58.63 -20.79 15.23
C LEU C 291 58.26 -20.07 16.52
N PHE C 292 56.98 -19.82 16.76
CA PHE C 292 56.54 -19.15 17.98
C PHE C 292 56.32 -20.13 19.10
N SER C 293 56.16 -21.41 18.79
CA SER C 293 55.94 -22.42 19.80
C SER C 293 57.29 -22.82 20.39
N GLY C 294 57.35 -22.85 21.72
CA GLY C 294 58.54 -23.19 22.46
C GLY C 294 58.22 -23.45 23.91
N GLU C 295 59.20 -23.28 24.82
CA GLU C 295 58.99 -23.49 26.24
C GLU C 295 59.47 -22.33 27.09
N THR C 296 59.91 -21.22 26.47
CA THR C 296 60.36 -20.07 27.27
C THR C 296 59.24 -19.52 28.14
N TYR C 297 58.04 -19.33 27.58
CA TYR C 297 57.02 -18.60 28.32
C TYR C 297 55.62 -19.05 27.90
N LYS C 298 54.99 -19.88 28.73
CA LYS C 298 53.61 -20.36 28.55
C LYS C 298 53.34 -20.80 27.11
N GLY C 299 54.21 -21.64 26.60
CA GLY C 299 54.05 -22.14 25.26
C GLY C 299 54.66 -21.27 24.19
N LEU C 300 55.55 -20.34 24.54
CA LEU C 300 56.14 -19.51 23.49
C LEU C 300 57.66 -19.65 23.46
N SER C 301 58.21 -19.41 22.27
CA SER C 301 59.61 -19.63 21.96
C SER C 301 60.46 -18.40 22.27
N GLU C 302 61.78 -18.61 22.26
CA GLU C 302 62.71 -17.49 22.31
C GLU C 302 62.62 -16.65 21.03
N PHE C 303 62.17 -17.26 19.93
CA PHE C 303 62.01 -16.52 18.69
C PHE C 303 60.85 -15.53 18.78
N ALA C 304 59.71 -16.00 19.28
CA ALA C 304 58.50 -15.16 19.35
C ALA C 304 58.71 -13.94 20.22
N LEU C 305 59.36 -14.11 21.36
CA LEU C 305 59.50 -13.04 22.35
C LEU C 305 60.38 -11.91 21.84
N HIS C 306 61.35 -12.23 20.98
CA HIS C 306 62.09 -11.20 20.25
C HIS C 306 61.20 -10.52 19.22
N PHE C 307 60.39 -11.29 18.48
CA PHE C 307 59.41 -10.70 17.59
C PHE C 307 58.49 -9.75 18.35
N LEU C 308 58.04 -10.15 19.55
CA LEU C 308 57.23 -9.26 20.37
C LEU C 308 58.00 -8.01 20.78
N GLY C 309 59.24 -8.18 21.21
CA GLY C 309 60.02 -7.06 21.69
C GLY C 309 60.17 -5.95 20.67
N GLY C 310 60.29 -6.31 19.40
CA GLY C 310 60.42 -5.29 18.36
C GLY C 310 59.12 -4.57 18.09
N VAL C 311 58.02 -5.32 18.04
CA VAL C 311 56.71 -4.70 17.87
C VAL C 311 56.46 -3.72 19.01
N LEU C 312 56.78 -4.11 20.24
CA LEU C 312 56.63 -3.17 21.35
C LEU C 312 57.62 -2.01 21.23
N ARG C 313 58.84 -2.27 20.73
CA ARG C 313 59.84 -1.21 20.70
C ARG C 313 59.40 -0.10 19.78
N HIS C 314 59.02 -0.45 18.54
CA HIS C 314 58.60 0.49 17.50
C HIS C 314 57.11 0.77 17.53
N ALA C 315 56.41 0.26 18.56
CA ALA C 315 54.96 0.33 18.60
C ALA C 315 54.45 1.74 18.35
N ARG C 316 54.95 2.73 19.11
CA ARG C 316 54.42 4.09 19.02
C ARG C 316 54.47 4.64 17.60
N GLY C 317 55.53 4.37 16.86
CA GLY C 317 55.54 4.78 15.45
C GLY C 317 54.70 3.87 14.60
N LEU C 318 54.66 2.59 14.97
CA LEU C 318 53.84 1.64 14.25
C LEU C 318 52.36 2.05 14.22
N ALA C 319 51.91 2.80 15.24
CA ALA C 319 50.51 3.21 15.31
C ALA C 319 50.11 4.03 14.09
N ALA C 320 51.06 4.71 13.45
CA ALA C 320 50.76 5.43 12.21
C ALA C 320 50.20 4.51 11.12
N PHE C 321 50.51 3.22 11.15
CA PHE C 321 49.92 2.31 10.16
C PHE C 321 48.84 1.44 10.73
N THR C 322 48.87 1.18 12.03
CA THR C 322 47.85 0.33 12.57
C THR C 322 46.61 1.07 12.98
N ASN C 323 46.76 2.35 13.29
CA ASN C 323 45.67 3.20 13.74
C ASN C 323 45.77 4.50 12.95
N ALA C 324 45.24 4.51 11.73
CA ALA C 324 45.58 5.49 10.71
C ALA C 324 44.53 6.58 10.52
N SER C 325 43.59 6.73 11.43
CA SER C 325 42.63 7.83 11.39
C SER C 325 42.70 8.56 12.72
N THR C 326 42.31 9.81 12.76
CA THR C 326 42.26 10.40 14.09
C THR C 326 41.24 9.68 14.96
N ASN C 327 40.16 9.17 14.36
CA ASN C 327 39.14 8.48 15.14
C ASN C 327 39.70 7.26 15.84
N SER C 328 40.82 6.74 15.35
CA SER C 328 41.47 5.59 15.96
C SER C 328 41.71 5.79 17.45
N TYR C 329 42.00 7.04 17.85
CA TYR C 329 42.49 7.33 19.19
C TYR C 329 41.39 7.67 20.18
N LYS C 330 40.21 8.03 19.69
CA LYS C 330 39.04 8.06 20.55
C LYS C 330 38.73 6.67 21.08
N ARG C 331 39.21 5.65 20.38
CA ARG C 331 39.08 4.30 20.87
C ARG C 331 40.15 3.98 21.90
N LEU C 332 41.34 4.56 21.74
CA LEU C 332 42.49 4.27 22.60
C LEU C 332 42.44 5.05 23.92
N ILE C 333 41.35 4.85 24.65
CA ILE C 333 41.13 5.44 25.98
C ILE C 333 40.86 4.32 26.99
N PRO C 334 41.33 4.42 28.25
CA PRO C 334 41.17 3.30 29.20
C PRO C 334 39.72 2.93 29.50
N GLY C 335 39.50 1.63 29.69
CA GLY C 335 38.26 1.10 30.21
C GLY C 335 37.29 0.53 29.21
N TYR C 336 37.75 0.22 28.00
CA TYR C 336 36.85 -0.24 26.95
C TYR C 336 37.41 -1.40 26.12
N GLU C 337 38.18 -2.30 26.72
CA GLU C 337 38.92 -3.33 25.98
C GLU C 337 39.86 -2.72 24.95
N ALA C 338 40.25 -1.47 25.19
CA ALA C 338 41.21 -0.81 24.35
C ALA C 338 42.52 -0.68 25.09
N PRO C 339 43.62 -1.15 24.52
CA PRO C 339 44.94 -0.89 25.11
C PRO C 339 45.37 0.55 24.88
N SER C 340 45.77 1.23 25.94
CA SER C 340 46.57 2.44 25.83
C SER C 340 47.98 2.19 26.37
N ILE C 341 48.22 1.02 26.96
CA ILE C 341 49.49 0.67 27.57
C ILE C 341 50.09 -0.47 26.79
N LEU C 342 51.38 -0.33 26.47
CA LEU C 342 52.13 -1.19 25.57
C LEU C 342 52.85 -2.25 26.38
N THR C 343 52.13 -3.30 26.73
CA THR C 343 52.74 -4.41 27.41
C THR C 343 52.13 -5.70 26.87
N TYR C 344 52.68 -6.84 27.32
CA TYR C 344 52.13 -8.14 26.94
C TYR C 344 51.64 -8.83 28.20
N SER C 345 50.66 -9.73 28.04
CA SER C 345 50.19 -10.50 29.18
C SER C 345 49.26 -11.61 28.72
N ALA C 346 49.29 -12.71 29.44
CA ALA C 346 48.34 -13.80 29.23
C ALA C 346 46.98 -13.49 29.86
N ASN C 347 45.92 -13.81 29.12
CA ASN C 347 44.55 -13.68 29.60
C ASN C 347 44.21 -12.26 30.01
N ASN C 348 44.93 -11.27 29.51
CA ASN C 348 44.76 -9.90 29.97
C ASN C 348 44.35 -9.03 28.79
N ARG C 349 43.18 -8.41 28.91
CA ARG C 349 42.63 -7.57 27.85
C ARG C 349 42.84 -6.09 28.11
N SER C 350 43.53 -5.71 29.19
CA SER C 350 44.01 -4.33 29.28
C SER C 350 45.36 -4.16 28.62
N ALA C 351 46.04 -5.26 28.33
CA ALA C 351 47.37 -5.19 27.75
C ALA C 351 47.27 -5.09 26.23
N SER C 352 48.24 -4.40 25.64
CA SER C 352 48.24 -4.23 24.20
C SER C 352 48.29 -5.57 23.49
N VAL C 353 49.17 -6.44 23.94
CA VAL C 353 49.32 -7.77 23.38
C VAL C 353 48.81 -8.74 24.43
N ARG C 354 48.26 -9.84 23.94
CA ARG C 354 47.65 -10.82 24.81
C ARG C 354 48.01 -12.21 24.34
N ILE C 355 48.34 -13.08 25.29
CA ILE C 355 48.61 -14.49 25.01
C ILE C 355 47.31 -15.27 25.16
N PRO C 356 46.77 -15.85 24.08
CA PRO C 356 45.55 -16.65 24.18
C PRO C 356 45.76 -17.89 25.04
N TYR C 357 44.63 -18.44 25.50
CA TYR C 357 44.65 -19.52 26.50
C TYR C 357 45.13 -20.85 25.90
N GLY C 358 44.54 -21.26 24.77
CA GLY C 358 44.79 -22.58 24.20
C GLY C 358 46.27 -22.92 24.07
N ILE C 359 47.00 -22.11 23.29
CA ILE C 359 48.46 -22.15 23.13
C ILE C 359 49.05 -23.56 23.07
N SER C 360 48.36 -24.49 22.40
CA SER C 360 49.01 -25.70 21.93
C SER C 360 50.03 -25.30 20.84
N LYS C 361 50.92 -26.22 20.47
CA LYS C 361 52.05 -25.82 19.63
C LYS C 361 51.59 -25.31 18.28
N ASN C 362 50.62 -25.96 17.68
CA ASN C 362 50.12 -25.53 16.39
C ASN C 362 49.37 -24.22 16.48
N SER C 363 48.89 -23.85 17.66
CA SER C 363 48.10 -22.65 17.88
C SER C 363 48.83 -21.56 18.69
N ALA C 364 50.09 -21.77 19.06
CA ALA C 364 50.82 -20.74 19.78
C ALA C 364 50.93 -19.50 18.93
N ARG C 365 50.44 -18.36 19.44
CA ARG C 365 50.61 -17.09 18.74
C ARG C 365 50.23 -15.92 19.63
N PHE C 366 50.44 -14.70 19.13
CA PHE C 366 50.07 -13.47 19.82
C PHE C 366 48.78 -12.91 19.26
N GLU C 367 48.14 -12.04 20.06
CA GLU C 367 47.03 -11.20 19.60
C GLU C 367 47.32 -9.74 19.92
N PHE C 368 47.49 -8.95 18.86
CA PHE C 368 47.69 -7.53 19.00
C PHE C 368 46.32 -6.87 18.96
N ARG C 369 45.96 -6.23 20.07
CA ARG C 369 44.63 -5.68 20.24
C ARG C 369 44.53 -4.23 19.86
N PHE C 370 45.67 -3.56 19.61
CA PHE C 370 45.69 -2.13 19.35
C PHE C 370 45.30 -1.69 17.92
N PRO C 371 45.41 -2.51 16.86
CA PRO C 371 45.04 -1.98 15.54
C PRO C 371 43.53 -1.83 15.41
N ASP C 372 43.13 -0.95 14.51
CA ASP C 372 41.73 -0.80 14.19
C ASP C 372 41.57 -0.78 12.69
N SER C 373 40.31 -0.87 12.27
CA SER C 373 39.93 -1.10 10.89
C SER C 373 40.01 0.13 10.01
N SER C 374 40.25 1.33 10.58
CA SER C 374 40.56 2.51 9.77
C SER C 374 41.91 2.38 9.07
N SER C 375 42.72 1.41 9.47
CA SER C 375 44.01 1.15 8.86
C SER C 375 43.83 0.40 7.57
N ASN C 376 44.78 0.56 6.68
CA ASN C 376 44.92 -0.29 5.52
C ASN C 376 45.48 -1.64 5.96
N PRO C 377 44.72 -2.76 5.81
CA PRO C 377 45.23 -4.07 6.23
C PRO C 377 46.58 -4.42 5.61
N TYR C 378 46.83 -4.01 4.38
CA TYR C 378 48.13 -4.28 3.77
C TYR C 378 49.27 -3.62 4.55
N LEU C 379 49.22 -2.29 4.67
CA LEU C 379 50.32 -1.55 5.29
C LEU C 379 50.56 -2.01 6.72
N ALA C 380 49.49 -2.18 7.48
CA ALA C 380 49.59 -2.64 8.87
C ALA C 380 50.32 -3.99 8.97
N PHE C 381 49.83 -4.99 8.23
CA PHE C 381 50.40 -6.33 8.34
C PHE C 381 51.88 -6.31 7.99
N ALA C 382 52.19 -5.69 6.85
CA ALA C 382 53.59 -5.51 6.47
C ALA C 382 54.36 -4.83 7.59
N ALA C 383 53.87 -3.66 8.04
CA ALA C 383 54.59 -2.91 9.07
C ALA C 383 54.71 -3.69 10.38
N ILE C 384 53.65 -4.35 10.82
CA ILE C 384 53.79 -5.22 11.99
C ILE C 384 54.87 -6.26 11.74
N LEU C 385 54.89 -6.82 10.52
CA LEU C 385 55.90 -7.82 10.24
C LEU C 385 57.29 -7.20 10.16
N MET C 386 57.41 -6.02 9.55
CA MET C 386 58.72 -5.38 9.49
C MET C 386 59.28 -5.06 10.86
N ALA C 387 58.41 -4.77 11.84
CA ALA C 387 58.88 -4.47 13.19
C ALA C 387 59.15 -5.72 13.98
N GLY C 388 58.41 -6.79 13.66
CA GLY C 388 58.69 -8.05 14.30
C GLY C 388 60.02 -8.64 13.89
N MET C 389 60.47 -8.33 12.66
CA MET C 389 61.76 -8.86 12.23
C MET C 389 62.92 -8.10 12.84
N ASP C 390 62.81 -6.78 12.96
CA ASP C 390 63.81 -6.02 13.71
C ASP C 390 63.98 -6.59 15.12
N GLY C 391 62.88 -7.05 15.72
CA GLY C 391 62.95 -7.65 17.04
C GLY C 391 63.73 -8.95 17.08
N VAL C 392 63.49 -9.84 16.13
CA VAL C 392 64.21 -11.10 16.14
C VAL C 392 65.64 -10.94 15.64
N LYS C 393 65.87 -10.04 14.68
CA LYS C 393 67.21 -9.79 14.19
C LYS C 393 68.08 -9.24 15.33
N ASN C 394 67.58 -8.22 16.03
CA ASN C 394 68.33 -7.60 17.10
C ASN C 394 68.03 -8.21 18.46
N LYS C 395 67.40 -9.36 18.48
CA LYS C 395 67.12 -10.11 19.70
C LYS C 395 66.64 -9.19 20.82
N ILE C 396 65.50 -8.54 20.56
CA ILE C 396 64.94 -7.51 21.46
C ILE C 396 64.19 -8.15 22.62
N ASP C 397 64.51 -7.68 23.82
CA ASP C 397 63.85 -8.06 25.07
C ASP C 397 62.51 -7.33 25.15
N PRO C 398 61.38 -8.02 25.27
CA PRO C 398 60.09 -7.32 25.43
C PRO C 398 59.77 -6.97 26.86
N GLY C 399 60.69 -7.18 27.78
CA GLY C 399 60.44 -6.94 29.18
C GLY C 399 59.71 -8.09 29.85
N GLU C 400 59.27 -7.81 31.09
CA GLU C 400 58.54 -8.78 31.89
C GLU C 400 57.05 -8.42 31.89
N ALA C 401 56.21 -9.43 32.08
CA ALA C 401 54.79 -9.28 31.83
C ALA C 401 54.11 -8.43 32.90
N MET C 402 52.99 -7.85 32.50
CA MET C 402 52.17 -7.04 33.37
C MET C 402 50.89 -7.85 33.54
N ASP C 403 50.84 -8.59 34.63
CA ASP C 403 49.63 -9.34 34.95
C ASP C 403 48.86 -8.63 36.06
N ILE C 404 48.59 -7.34 35.86
CA ILE C 404 47.71 -6.57 36.74
C ILE C 404 46.54 -6.02 35.92
N ASN C 405 45.53 -5.54 36.62
CA ASN C 405 44.52 -4.73 35.95
C ASN C 405 45.13 -3.36 35.69
N LEU C 406 45.49 -3.12 34.42
CA LEU C 406 46.24 -1.92 34.07
C LEU C 406 45.44 -0.65 34.30
N PHE C 407 44.11 -0.71 34.21
CA PHE C 407 43.30 0.48 34.50
C PHE C 407 43.35 0.85 35.97
N LYS C 408 44.54 0.88 36.56
CA LYS C 408 44.75 1.30 37.94
C LYS C 408 45.97 2.22 38.03
N LEU C 409 45.77 3.40 38.62
CA LEU C 409 46.80 4.42 38.91
C LEU C 409 47.25 5.19 37.67
N THR C 410 46.31 5.87 37.03
CA THR C 410 46.60 6.62 35.81
C THR C 410 47.70 7.65 36.05
N LEU C 411 47.47 8.60 36.95
CA LEU C 411 48.39 9.74 37.06
C LEU C 411 49.78 9.30 37.51
N ASP C 412 49.84 8.53 38.60
CA ASP C 412 51.14 8.12 39.12
C ASP C 412 51.78 7.00 38.29
N GLU C 413 51.18 5.81 38.30
CA GLU C 413 51.86 4.61 37.79
C GLU C 413 52.28 4.77 36.34
N ILE C 414 51.58 5.62 35.59
CA ILE C 414 52.03 5.93 34.25
C ILE C 414 53.31 6.75 34.34
N ARG C 415 53.22 7.99 34.84
CA ARG C 415 54.37 8.89 34.83
C ARG C 415 55.53 8.31 35.64
N GLU C 416 55.27 7.94 36.89
CA GLU C 416 56.36 7.60 37.81
C GLU C 416 57.05 6.30 37.41
N LYS C 417 56.28 5.27 37.03
CA LYS C 417 56.82 3.93 36.77
C LYS C 417 57.35 3.74 35.33
N GLY C 418 57.64 4.83 34.63
CA GLY C 418 58.37 4.81 33.36
C GLY C 418 57.68 3.94 32.30
N ILE C 419 56.35 3.86 32.37
CA ILE C 419 55.56 2.95 31.52
C ILE C 419 55.56 3.44 30.08
N LYS C 420 55.65 2.50 29.13
CA LYS C 420 55.55 2.87 27.72
C LYS C 420 54.10 2.76 27.27
N GLN C 421 53.64 3.78 26.53
CA GLN C 421 52.23 4.03 26.34
C GLN C 421 51.90 4.27 24.86
N MET C 422 50.64 4.07 24.49
CA MET C 422 50.21 4.37 23.12
C MET C 422 50.13 5.89 22.89
N PRO C 423 50.39 6.34 21.67
CA PRO C 423 50.20 7.77 21.36
C PRO C 423 48.73 8.13 21.42
N HIS C 424 48.50 9.37 21.82
CA HIS C 424 47.14 9.80 22.08
C HIS C 424 46.47 10.36 20.84
N THR C 425 47.23 10.84 19.86
CA THR C 425 46.66 11.42 18.65
C THR C 425 47.34 10.84 17.42
N LEU C 426 46.73 11.07 16.27
CA LEU C 426 47.44 10.64 15.06
C LEU C 426 48.70 11.46 14.80
N ARG C 427 48.71 12.76 15.14
CA ARG C 427 49.89 13.57 14.82
C ARG C 427 51.12 13.08 15.59
N ARG C 428 50.93 12.66 16.85
CA ARG C 428 52.09 12.12 17.56
C ARG C 428 52.39 10.67 17.13
N SER C 429 51.45 9.95 16.49
CA SER C 429 51.82 8.68 15.83
C SER C 429 52.66 8.89 14.59
N LEU C 430 52.37 9.94 13.83
CA LEU C 430 53.14 10.20 12.63
C LEU C 430 54.50 10.77 12.98
N GLU C 431 54.54 11.74 13.90
CA GLU C 431 55.81 12.27 14.39
C GLU C 431 56.70 11.13 14.84
N GLU C 432 56.18 10.27 15.69
CA GLU C 432 56.98 9.16 16.19
C GLU C 432 57.45 8.25 15.06
N MET C 433 56.58 7.98 14.09
CA MET C 433 56.95 7.07 13.02
C MET C 433 58.12 7.63 12.22
N LEU C 434 58.04 8.89 11.83
CA LEU C 434 59.11 9.47 11.01
C LEU C 434 60.43 9.59 11.77
N ALA C 435 60.44 9.54 13.10
CA ALA C 435 61.69 9.51 13.87
C ALA C 435 62.22 8.10 14.03
N ASP C 436 61.58 7.13 13.38
CA ASP C 436 61.99 5.74 13.44
C ASP C 436 61.51 4.96 12.22
N LYS C 437 62.21 5.06 11.09
CA LYS C 437 61.68 4.46 9.88
C LYS C 437 62.56 3.43 9.20
N GLN C 438 63.70 3.07 9.80
CA GLN C 438 64.65 2.20 9.12
C GLN C 438 64.12 0.77 9.07
N TYR C 439 63.50 0.32 10.16
CA TYR C 439 62.99 -1.04 10.19
C TYR C 439 61.89 -1.24 9.17
N LEU C 440 61.28 -0.16 8.70
CA LEU C 440 60.35 -0.20 7.60
C LEU C 440 61.05 -0.12 6.26
N LYS C 441 62.18 0.60 6.18
CA LYS C 441 62.86 0.83 4.90
C LYS C 441 63.74 -0.31 4.44
N GLU C 442 64.00 -1.29 5.29
CA GLU C 442 64.87 -2.38 4.90
C GLU C 442 64.40 -3.07 3.62
N SER C 443 65.35 -3.38 2.75
CA SER C 443 65.12 -4.17 1.55
C SER C 443 64.14 -3.50 0.61
N GLN C 444 64.03 -2.18 0.67
CA GLN C 444 63.10 -1.45 -0.17
C GLN C 444 61.66 -1.92 0.04
N VAL C 445 61.29 -2.32 1.26
CA VAL C 445 59.91 -2.69 1.54
C VAL C 445 59.03 -1.45 1.65
N PHE C 446 59.42 -0.48 2.47
CA PHE C 446 58.76 0.83 2.53
C PHE C 446 59.72 1.90 2.00
N SER C 447 59.59 2.28 0.73
CA SER C 447 60.46 3.34 0.23
C SER C 447 60.23 4.64 0.97
N GLU C 448 61.26 5.48 0.98
CA GLU C 448 61.08 6.78 1.60
C GLU C 448 60.12 7.64 0.79
N GLU C 449 60.10 7.49 -0.53
CA GLU C 449 59.09 8.22 -1.31
C GLU C 449 57.70 7.89 -0.79
N PHE C 450 57.42 6.63 -0.52
CA PHE C 450 56.12 6.26 0.01
C PHE C 450 55.90 6.81 1.41
N ILE C 451 56.86 6.60 2.30
CA ILE C 451 56.71 7.04 3.68
C ILE C 451 56.42 8.54 3.71
N GLN C 452 57.05 9.29 2.82
CA GLN C 452 56.79 10.73 2.74
C GLN C 452 55.42 11.04 2.11
N ALA C 453 55.00 10.25 1.13
CA ALA C 453 53.68 10.43 0.55
C ALA C 453 52.61 10.06 1.56
N TYR C 454 52.83 8.96 2.26
CA TYR C 454 51.85 8.51 3.23
C TYR C 454 51.71 9.51 4.36
N GLN C 455 52.82 10.06 4.82
CA GLN C 455 52.77 11.05 5.89
C GLN C 455 52.02 12.30 5.42
N SER C 456 52.38 12.79 4.23
CA SER C 456 51.78 14.01 3.67
C SER C 456 50.29 13.87 3.43
N LEU C 457 49.86 12.70 2.95
CA LEU C 457 48.45 12.39 2.73
C LEU C 457 47.69 12.32 4.04
N LYS C 458 48.28 11.74 5.07
CA LYS C 458 47.56 11.62 6.34
C LYS C 458 47.49 12.94 7.08
N PHE C 459 48.47 13.80 6.90
CA PHE C 459 48.37 15.13 7.46
C PHE C 459 47.29 15.93 6.74
N ASN C 460 47.19 15.80 5.42
CA ASN C 460 46.19 16.57 4.69
C ASN C 460 44.76 16.04 4.91
N ALA C 461 44.59 14.72 4.96
CA ALA C 461 43.26 14.11 5.04
C ALA C 461 42.72 14.04 6.47
N GLU C 462 43.58 13.81 7.44
CA GLU C 462 43.14 13.44 8.76
C GLU C 462 43.48 14.47 9.82
N VAL C 463 44.74 14.91 9.87
CA VAL C 463 45.23 15.69 11.01
C VAL C 463 44.79 17.14 10.92
N PHE C 464 45.20 17.85 9.87
CA PHE C 464 44.82 19.26 9.74
C PHE C 464 43.30 19.44 9.72
N PRO C 465 42.49 18.55 9.11
CA PRO C 465 41.02 18.76 9.18
C PRO C 465 40.44 18.64 10.58
N TRP C 466 40.92 17.67 11.37
CA TRP C 466 40.45 17.56 12.74
C TRP C 466 41.00 18.71 13.59
N GLU C 467 42.21 19.18 13.28
CA GLU C 467 42.82 20.27 14.02
C GLU C 467 42.16 21.62 13.75
N SER C 468 41.26 21.70 12.78
CA SER C 468 40.73 22.98 12.38
C SER C 468 39.23 23.06 12.41
N LYS C 469 38.53 21.96 12.51
CA LYS C 469 37.09 22.01 12.55
C LYS C 469 36.63 22.04 14.00
N PRO C 470 35.87 23.04 14.39
CA PRO C 470 35.48 23.13 15.79
C PRO C 470 34.74 21.86 16.16
N HIS C 471 34.80 21.54 17.43
CA HIS C 471 34.14 20.36 17.90
C HIS C 471 32.93 20.75 18.70
N PRO C 472 31.80 20.13 18.48
CA PRO C 472 30.59 20.48 19.25
C PRO C 472 30.78 20.48 20.76
N PHE C 473 31.79 19.76 21.26
CA PHE C 473 32.00 19.78 22.69
C PHE C 473 32.74 21.04 23.15
N GLU C 474 33.58 21.63 22.29
CA GLU C 474 34.19 22.90 22.65
C GLU C 474 33.14 23.95 22.87
N PHE C 475 31.95 23.77 22.29
CA PHE C 475 30.86 24.69 22.53
C PHE C 475 30.23 24.51 23.90
N ILE C 476 30.24 23.30 24.45
CA ILE C 476 29.80 23.19 25.83
C ILE C 476 30.85 23.75 26.77
N THR C 477 32.14 23.64 26.43
CA THR C 477 33.21 24.14 27.29
C THR C 477 33.36 25.64 27.19
N THR C 478 33.48 26.12 25.96
CA THR C 478 34.08 27.41 25.70
C THR C 478 33.10 28.45 25.24
N TYR C 479 31.90 28.08 24.78
CA TYR C 479 30.96 29.10 24.31
C TYR C 479 30.74 30.22 25.30
N SER C 480 30.55 29.89 26.58
CA SER C 480 30.33 30.87 27.63
C SER C 480 31.61 31.36 28.29
N CYS C 481 32.76 31.07 27.70
CA CYS C 481 34.01 31.62 28.20
C CYS C 481 33.96 33.15 28.29
N ASN D 7 19.00 4.64 -51.46
CA ASN D 7 19.70 3.53 -50.82
C ASN D 7 19.66 2.29 -51.73
N SER D 8 20.39 1.24 -51.33
CA SER D 8 20.57 0.08 -52.19
C SER D 8 19.42 -0.89 -51.99
N GLU D 9 18.76 -1.26 -53.10
CA GLU D 9 17.73 -2.28 -53.07
C GLU D 9 18.30 -3.65 -52.72
N SER D 10 19.63 -3.80 -52.73
CA SER D 10 20.24 -4.96 -52.10
C SER D 10 19.88 -5.00 -50.63
N LYS D 11 19.99 -3.86 -49.96
CA LYS D 11 19.71 -3.81 -48.53
C LYS D 11 18.21 -3.70 -48.25
N ILE D 12 17.51 -2.82 -48.99
CA ILE D 12 16.08 -2.54 -48.75
C ILE D 12 15.29 -3.82 -48.59
N LYS D 13 15.67 -4.86 -49.34
CA LYS D 13 14.92 -6.10 -49.33
C LYS D 13 15.08 -6.85 -48.01
N GLU D 14 16.27 -7.38 -47.69
CA GLU D 14 16.40 -8.27 -46.53
C GLU D 14 16.15 -7.54 -45.23
N PHE D 15 16.40 -6.22 -45.20
CA PHE D 15 15.91 -5.39 -44.09
C PHE D 15 14.43 -5.66 -43.80
N PHE D 16 13.59 -5.69 -44.85
CA PHE D 16 12.19 -6.05 -44.67
C PHE D 16 12.07 -7.47 -44.11
N GLU D 17 12.96 -8.36 -44.51
CA GLU D 17 12.98 -9.71 -43.95
C GLU D 17 13.47 -9.69 -42.51
N PHE D 18 14.28 -8.69 -42.16
CA PHE D 18 14.64 -8.47 -40.76
C PHE D 18 13.42 -8.07 -39.93
N CYS D 19 12.53 -7.26 -40.51
CA CYS D 19 11.29 -6.89 -39.84
C CYS D 19 10.37 -8.09 -39.65
N LYS D 20 10.17 -8.89 -40.72
CA LYS D 20 9.23 -10.01 -40.64
C LYS D 20 9.67 -11.05 -39.60
N GLU D 21 10.97 -11.32 -39.51
CA GLU D 21 11.45 -12.32 -38.58
C GLU D 21 11.71 -11.75 -37.21
N ASN D 22 11.49 -10.44 -37.01
CA ASN D 22 11.62 -9.83 -35.70
C ASN D 22 10.29 -9.31 -35.13
N GLU D 23 9.17 -9.56 -35.80
CA GLU D 23 7.85 -9.17 -35.31
C GLU D 23 7.77 -7.65 -35.10
N VAL D 24 7.95 -6.89 -36.18
CA VAL D 24 8.08 -5.44 -36.10
C VAL D 24 6.73 -4.81 -36.42
N GLU D 25 6.36 -3.78 -35.64
CA GLU D 25 5.12 -3.06 -35.78
C GLU D 25 5.30 -1.60 -36.19
N PHE D 26 6.49 -1.04 -35.96
CA PHE D 26 6.77 0.35 -36.27
C PHE D 26 8.21 0.47 -36.73
N VAL D 27 8.43 1.38 -37.66
CA VAL D 27 9.76 1.77 -38.10
C VAL D 27 9.97 3.20 -37.62
N ASP D 28 11.08 3.44 -36.92
CA ASP D 28 11.37 4.69 -36.24
C ASP D 28 12.55 5.40 -36.89
N PHE D 29 12.26 6.35 -37.78
CA PHE D 29 13.30 7.11 -38.48
C PHE D 29 13.85 8.20 -37.59
N ARG D 30 15.15 8.16 -37.37
CA ARG D 30 15.80 9.08 -36.48
C ARG D 30 16.87 9.86 -37.21
N PHE D 31 17.01 11.13 -36.85
CA PHE D 31 17.85 12.07 -37.56
C PHE D 31 18.23 13.17 -36.59
N SER D 32 19.35 13.84 -36.86
CA SER D 32 19.87 14.85 -35.96
C SER D 32 19.75 16.22 -36.58
N ASP D 33 19.09 17.13 -35.86
CA ASP D 33 19.16 18.54 -36.21
C ASP D 33 20.56 19.05 -35.87
N ILE D 34 20.83 20.34 -36.15
CA ILE D 34 22.18 20.90 -35.91
C ILE D 34 22.57 20.79 -34.44
N LYS D 35 21.64 21.13 -33.53
CA LYS D 35 22.00 21.21 -32.12
C LYS D 35 22.62 19.92 -31.59
N GLY D 36 22.22 18.78 -32.13
CA GLY D 36 22.60 17.48 -31.64
C GLY D 36 21.44 16.67 -31.12
N THR D 37 20.26 17.27 -31.07
CA THR D 37 19.08 16.57 -30.59
C THR D 37 18.72 15.45 -31.55
N TRP D 38 18.50 14.28 -31.03
CA TRP D 38 18.03 13.20 -31.86
C TRP D 38 16.52 13.33 -31.97
N ASN D 39 16.01 13.22 -33.19
CA ASN D 39 14.58 13.36 -33.46
C ASN D 39 14.05 12.12 -34.15
N HIS D 40 12.78 11.81 -33.93
CA HIS D 40 12.25 10.60 -34.55
C HIS D 40 10.84 10.85 -35.05
N ILE D 41 10.46 9.97 -35.97
CA ILE D 41 9.17 9.95 -36.62
C ILE D 41 8.92 8.50 -37.00
N ALA D 42 7.81 7.97 -36.52
CA ALA D 42 7.51 6.55 -36.65
C ALA D 42 6.51 6.33 -37.77
N TYR D 43 6.76 5.31 -38.59
CA TYR D 43 5.80 4.87 -39.58
C TYR D 43 5.30 3.48 -39.19
N SER D 44 3.99 3.30 -39.25
CA SER D 44 3.40 1.99 -39.03
C SER D 44 3.96 1.06 -40.09
N PHE D 45 4.61 -0.03 -39.67
CA PHE D 45 5.32 -0.92 -40.60
C PHE D 45 4.49 -1.20 -41.85
N GLY D 46 3.61 -2.22 -41.81
CA GLY D 46 2.64 -2.50 -42.87
C GLY D 46 2.42 -1.47 -43.97
N ALA D 47 2.63 -0.19 -43.66
CA ALA D 47 2.50 0.92 -44.61
C ALA D 47 3.82 1.38 -45.19
N LEU D 48 4.88 0.60 -45.05
CA LEU D 48 6.16 0.93 -45.66
C LEU D 48 6.30 0.19 -46.99
N THR D 49 6.61 0.95 -48.04
CA THR D 49 6.83 0.45 -49.38
C THR D 49 8.31 0.18 -49.61
N HIS D 50 8.62 -0.62 -50.64
CA HIS D 50 9.99 -0.62 -51.15
C HIS D 50 10.38 0.80 -51.55
N GLY D 51 9.44 1.52 -52.16
CA GLY D 51 9.75 2.84 -52.67
C GLY D 51 10.03 3.88 -51.59
N MET D 52 9.35 3.79 -50.44
CA MET D 52 9.48 4.85 -49.45
C MET D 52 10.88 4.90 -48.85
N LEU D 53 11.66 3.83 -49.01
CA LEU D 53 13.05 3.84 -48.59
C LEU D 53 13.98 4.22 -49.74
N LYS D 54 13.46 4.22 -50.97
CA LYS D 54 14.12 4.95 -52.05
C LYS D 54 13.67 6.40 -52.10
N GLU D 55 12.35 6.65 -52.15
CA GLU D 55 11.86 8.01 -52.24
C GLU D 55 12.26 8.83 -51.01
N GLY D 56 11.79 8.41 -49.84
CA GLY D 56 12.08 9.07 -48.60
C GLY D 56 10.82 9.37 -47.82
N ILE D 57 11.00 10.05 -46.70
CA ILE D 57 9.94 10.38 -45.77
C ILE D 57 9.82 11.89 -45.66
N PRO D 58 8.69 12.48 -46.00
CA PRO D 58 8.58 13.93 -45.89
C PRO D 58 8.48 14.32 -44.43
N PHE D 59 8.88 15.54 -44.14
CA PHE D 59 8.68 16.13 -42.83
C PHE D 59 8.76 17.64 -42.96
N ASP D 60 8.52 18.32 -41.85
CA ASP D 60 8.39 19.78 -41.79
C ASP D 60 9.71 20.31 -41.28
N ALA D 61 10.59 20.62 -42.22
CA ALA D 61 11.93 21.06 -41.84
C ALA D 61 11.96 22.52 -41.42
N SER D 62 10.82 23.16 -41.22
CA SER D 62 10.80 24.49 -40.66
C SER D 62 10.82 24.47 -39.13
N CYS D 63 10.51 23.33 -38.52
CA CYS D 63 10.42 23.25 -37.07
C CYS D 63 11.79 23.19 -36.40
N PHE D 64 12.87 23.17 -37.17
CA PHE D 64 14.22 22.96 -36.65
C PHE D 64 14.99 24.26 -36.88
N LYS D 65 15.50 24.86 -35.80
CA LYS D 65 16.15 26.17 -35.96
C LYS D 65 17.40 26.03 -36.81
N GLY D 66 17.63 27.03 -37.69
CA GLY D 66 18.74 26.98 -38.63
C GLY D 66 18.44 26.31 -39.96
N TRP D 67 17.31 25.63 -40.08
CA TRP D 67 16.95 24.93 -41.32
C TRP D 67 15.93 25.75 -42.07
N GLN D 68 14.82 25.19 -42.55
CA GLN D 68 14.05 25.77 -43.62
C GLN D 68 13.12 26.83 -43.08
N GLY D 69 12.88 27.85 -43.91
CA GLY D 69 11.77 28.74 -43.67
C GLY D 69 10.48 28.06 -44.05
N ILE D 70 9.38 28.54 -43.49
CA ILE D 70 8.10 27.87 -43.70
C ILE D 70 7.73 27.87 -45.18
N GLU D 71 8.11 28.91 -45.91
CA GLU D 71 7.83 28.95 -47.34
C GLU D 71 8.46 27.75 -48.07
N HIS D 72 9.63 27.29 -47.62
CA HIS D 72 10.24 26.12 -48.25
C HIS D 72 10.44 24.99 -47.24
N SER D 73 9.37 24.66 -46.52
CA SER D 73 9.40 23.80 -45.35
C SER D 73 9.51 22.31 -45.70
N ASP D 74 8.94 21.88 -46.81
CA ASP D 74 8.98 20.47 -47.14
C ASP D 74 10.43 20.07 -47.39
N MET D 75 10.86 18.98 -46.76
CA MET D 75 12.14 18.34 -47.02
C MET D 75 11.91 16.83 -47.00
N ILE D 76 12.98 16.08 -47.15
CA ILE D 76 12.90 14.63 -47.15
C ILE D 76 13.91 14.07 -46.17
N LEU D 77 13.50 13.05 -45.42
CA LEU D 77 14.46 12.19 -44.75
C LEU D 77 14.84 11.06 -45.69
N THR D 78 16.13 10.89 -45.90
CA THR D 78 16.58 9.79 -46.74
C THR D 78 17.24 8.72 -45.85
N PRO D 79 16.55 7.61 -45.59
CA PRO D 79 17.06 6.59 -44.65
C PRO D 79 18.25 5.77 -45.15
N ASP D 80 19.22 5.56 -44.25
CA ASP D 80 20.37 4.68 -44.44
C ASP D 80 20.20 3.42 -43.59
N LEU D 81 20.14 2.26 -44.25
CA LEU D 81 19.84 1.01 -43.56
C LEU D 81 21.10 0.24 -43.17
N VAL D 82 21.92 0.90 -42.36
CA VAL D 82 23.05 0.29 -41.68
C VAL D 82 22.90 0.66 -40.21
N ARG D 83 23.29 -0.27 -39.34
CA ARG D 83 23.31 -0.07 -37.89
C ARG D 83 21.93 0.28 -37.34
N TYR D 84 20.88 -0.10 -38.06
CA TYR D 84 19.54 -0.05 -37.49
C TYR D 84 19.44 -1.02 -36.30
N PHE D 85 18.45 -0.79 -35.44
CA PHE D 85 18.33 -1.64 -34.25
C PHE D 85 16.92 -1.58 -33.69
N ILE D 86 16.54 -2.66 -33.01
CA ILE D 86 15.26 -2.72 -32.33
C ILE D 86 15.35 -1.90 -31.06
N ASP D 87 14.39 -1.00 -30.90
CA ASP D 87 14.32 -0.17 -29.70
C ASP D 87 13.95 -0.98 -28.47
N PRO D 88 14.79 -1.01 -27.44
CA PRO D 88 14.45 -1.83 -26.26
C PRO D 88 13.34 -1.24 -25.43
N PHE D 89 13.16 0.08 -25.43
CA PHE D 89 12.29 0.69 -24.42
C PHE D 89 10.83 0.70 -24.82
N SER D 90 10.53 0.91 -26.10
CA SER D 90 9.14 0.98 -26.54
C SER D 90 8.44 -0.34 -26.21
N ALA D 91 7.24 -0.21 -25.61
CA ALA D 91 6.44 -1.38 -25.28
C ALA D 91 6.14 -2.20 -26.52
N ASP D 92 5.83 -1.52 -27.61
CA ASP D 92 5.57 -2.15 -28.90
C ASP D 92 6.85 -2.15 -29.75
N VAL D 93 7.07 -3.25 -30.49
CA VAL D 93 8.34 -3.42 -31.20
C VAL D 93 8.51 -2.35 -32.28
N SER D 94 9.64 -1.65 -32.22
CA SER D 94 9.97 -0.56 -33.10
C SER D 94 11.41 -0.77 -33.52
N VAL D 95 11.72 -0.39 -34.75
CA VAL D 95 13.08 -0.44 -35.24
C VAL D 95 13.54 1.00 -35.46
N VAL D 96 14.74 1.31 -34.98
CA VAL D 96 15.30 2.62 -35.21
C VAL D 96 16.14 2.55 -36.46
N VAL D 97 15.97 3.54 -37.33
CA VAL D 97 16.71 3.61 -38.58
C VAL D 97 17.17 5.04 -38.77
N PHE D 98 18.47 5.21 -39.06
CA PHE D 98 19.09 6.52 -39.22
C PHE D 98 18.69 7.18 -40.54
N CYS D 99 18.82 8.50 -40.58
CA CYS D 99 18.43 9.26 -41.77
C CYS D 99 19.32 10.48 -41.97
N ASP D 100 19.47 10.85 -43.23
CA ASP D 100 19.89 12.18 -43.63
C ASP D 100 18.69 12.87 -44.21
N VAL D 101 18.74 14.18 -44.19
CA VAL D 101 17.75 14.98 -44.87
C VAL D 101 18.22 15.22 -46.29
N TYR D 102 17.32 15.03 -47.24
CA TYR D 102 17.55 15.25 -48.66
C TYR D 102 16.94 16.60 -49.02
N ASP D 103 17.74 17.47 -49.61
CA ASP D 103 17.28 18.80 -50.01
C ASP D 103 16.52 18.69 -51.34
N VAL D 104 15.27 19.18 -51.35
CA VAL D 104 14.46 19.12 -52.57
C VAL D 104 14.50 20.40 -53.39
N TYR D 105 15.18 21.45 -52.91
CA TYR D 105 15.38 22.66 -53.71
C TYR D 105 16.70 22.63 -54.47
N LYS D 106 17.64 21.81 -54.02
CA LYS D 106 18.92 21.63 -54.67
C LYS D 106 19.16 20.19 -55.11
N ASN D 107 18.23 19.27 -54.83
CA ASN D 107 18.32 17.89 -55.30
C ASN D 107 19.67 17.24 -54.98
N GLN D 108 20.19 17.54 -53.78
CA GLN D 108 21.46 17.08 -53.22
C GLN D 108 21.27 16.79 -51.73
N PRO D 109 22.00 15.82 -51.17
CA PRO D 109 21.99 15.66 -49.70
C PRO D 109 22.22 16.99 -49.02
N TYR D 110 21.48 17.21 -47.93
CA TYR D 110 21.30 18.57 -47.41
C TYR D 110 22.59 19.20 -46.87
N GLU D 111 22.89 20.42 -47.35
CA GLU D 111 24.12 21.10 -46.96
C GLU D 111 24.10 21.52 -45.49
N LYS D 112 22.94 21.47 -44.84
CA LYS D 112 22.83 21.78 -43.43
C LYS D 112 22.50 20.55 -42.59
N CYS D 113 22.60 19.34 -43.15
CA CYS D 113 22.38 18.13 -42.37
C CYS D 113 23.68 17.73 -41.71
N PRO D 114 23.76 17.68 -40.37
CA PRO D 114 25.04 17.29 -39.75
C PRO D 114 25.51 15.92 -40.20
N ARG D 115 24.63 14.91 -40.16
CA ARG D 115 25.01 13.58 -40.59
C ARG D 115 25.41 13.55 -42.07
N SER D 116 24.88 14.47 -42.89
CA SER D 116 25.39 14.59 -44.25
C SER D 116 26.79 15.19 -44.28
N ILE D 117 27.01 16.25 -43.49
CA ILE D 117 28.31 16.92 -43.37
C ILE D 117 29.39 15.94 -42.89
N ALA D 118 29.05 15.06 -41.93
CA ALA D 118 30.01 14.05 -41.49
C ALA D 118 30.26 12.97 -42.54
N LYS D 119 29.33 12.78 -43.48
CA LYS D 119 29.58 11.90 -44.61
C LYS D 119 30.40 12.61 -45.69
N LYS D 120 30.14 13.90 -45.92
CA LYS D 120 30.90 14.65 -46.93
C LYS D 120 32.38 14.77 -46.55
N ALA D 121 32.68 14.81 -45.25
CA ALA D 121 34.07 14.93 -44.81
C ALA D 121 34.80 13.59 -44.91
N LEU D 122 34.13 12.48 -44.61
CA LEU D 122 34.78 11.19 -44.64
C LEU D 122 35.05 10.74 -46.08
N GLN D 123 34.29 11.24 -47.06
CA GLN D 123 34.68 11.02 -48.44
C GLN D 123 35.80 11.96 -48.87
N HIS D 124 35.73 13.21 -48.42
CA HIS D 124 36.75 14.21 -48.74
C HIS D 124 38.15 13.72 -48.39
N LEU D 125 38.27 12.82 -47.42
CA LEU D 125 39.58 12.30 -47.05
C LEU D 125 40.05 11.20 -48.01
N LYS D 126 39.15 10.26 -48.33
CA LYS D 126 39.43 9.28 -49.38
C LYS D 126 39.80 9.95 -50.71
N ASP D 127 39.07 11.01 -51.06
CA ASP D 127 39.31 11.68 -52.33
C ASP D 127 40.59 12.49 -52.29
N SER D 128 40.99 12.97 -51.12
CA SER D 128 42.27 13.67 -51.04
C SER D 128 43.44 12.70 -51.11
N GLY D 129 43.16 11.41 -50.93
CA GLY D 129 44.13 10.34 -51.01
C GLY D 129 44.89 10.08 -49.72
N LEU D 130 44.95 11.06 -48.81
CA LEU D 130 45.79 10.94 -47.62
C LEU D 130 45.46 9.69 -46.83
N GLY D 131 44.17 9.45 -46.63
CA GLY D 131 43.72 8.31 -45.87
C GLY D 131 42.39 7.85 -46.41
N ASP D 132 42.02 6.64 -46.01
CA ASP D 132 40.74 6.10 -46.41
C ASP D 132 39.71 6.06 -45.30
N VAL D 133 40.06 5.54 -44.14
CA VAL D 133 39.14 5.47 -43.03
C VAL D 133 39.62 6.42 -41.95
N ALA D 134 38.68 7.00 -41.20
CA ALA D 134 38.97 7.84 -40.03
C ALA D 134 38.23 7.26 -38.82
N TYR D 135 38.98 6.66 -37.89
CA TYR D 135 38.41 5.97 -36.74
C TYR D 135 38.24 6.96 -35.59
N PHE D 136 37.06 6.97 -34.98
CA PHE D 136 36.80 7.83 -33.83
C PHE D 136 36.29 6.97 -32.69
N GLY D 137 36.70 7.35 -31.49
CA GLY D 137 36.37 6.62 -30.29
C GLY D 137 36.09 7.64 -29.21
N ALA D 138 34.83 7.77 -28.82
CA ALA D 138 34.39 8.77 -27.88
C ALA D 138 34.13 8.15 -26.52
N GLU D 139 34.59 8.80 -25.47
CA GLU D 139 34.20 8.46 -24.10
C GLU D 139 33.28 9.57 -23.63
N ASN D 140 32.00 9.22 -23.42
CA ASN D 140 30.97 10.17 -22.96
C ASN D 140 30.72 9.96 -21.46
N GLU D 141 31.43 10.72 -20.63
CA GLU D 141 31.13 10.80 -19.20
C GLU D 141 29.76 11.39 -18.98
N PHE D 142 29.05 10.90 -17.96
CA PHE D 142 27.69 11.35 -17.71
C PHE D 142 27.35 11.37 -16.23
N PHE D 143 26.15 11.84 -15.93
CA PHE D 143 25.69 11.99 -14.57
C PHE D 143 24.29 11.41 -14.49
N ILE D 144 24.02 10.70 -13.42
CA ILE D 144 22.70 10.15 -13.20
C ILE D 144 22.19 10.68 -11.88
N PHE D 145 21.26 11.60 -11.96
CA PHE D 145 20.69 12.25 -10.80
C PHE D 145 19.34 11.65 -10.45
N ASP D 146 18.83 11.97 -9.25
CA ASP D 146 17.46 11.56 -8.94
C ASP D 146 16.45 12.57 -9.46
N SER D 147 16.74 13.86 -9.36
CA SER D 147 15.79 14.90 -9.72
C SER D 147 16.54 16.11 -10.24
N ILE D 148 15.88 16.88 -11.08
CA ILE D 148 16.40 18.16 -11.53
C ILE D 148 15.24 19.13 -11.56
N LYS D 149 15.42 20.31 -10.95
CA LYS D 149 14.36 21.32 -10.84
C LYS D 149 14.89 22.65 -11.32
N ILE D 150 14.16 23.30 -12.24
CA ILE D 150 14.64 24.51 -12.91
C ILE D 150 13.53 25.57 -12.93
N LYS D 151 13.95 26.83 -12.96
CA LYS D 151 13.06 27.98 -12.99
C LYS D 151 13.70 29.06 -13.83
N ASP D 152 12.96 29.51 -14.84
CA ASP D 152 13.34 30.64 -15.69
C ASP D 152 12.17 31.63 -15.66
N ALA D 153 12.34 32.77 -14.99
CA ALA D 153 11.25 33.72 -14.84
C ALA D 153 11.81 35.10 -14.65
N SER D 154 10.96 36.11 -14.85
CA SER D 154 11.34 37.51 -14.67
C SER D 154 12.08 37.74 -13.36
N ASN D 155 11.57 37.18 -12.26
CA ASN D 155 12.03 37.51 -10.92
C ASN D 155 12.85 36.42 -10.27
N SER D 156 13.23 35.38 -11.01
CA SER D 156 13.87 34.22 -10.41
C SER D 156 14.64 33.43 -11.45
N GLN D 157 15.91 33.17 -11.17
CA GLN D 157 16.64 32.10 -11.83
C GLN D 157 16.96 31.04 -10.79
N TYR D 158 16.88 29.77 -11.19
CA TYR D 158 16.99 28.67 -10.24
C TYR D 158 17.22 27.32 -10.91
N TYR D 159 18.24 26.61 -10.45
CA TYR D 159 18.43 25.23 -10.84
C TYR D 159 18.80 24.45 -9.59
N GLU D 160 18.51 23.16 -9.59
CA GLU D 160 18.88 22.33 -8.45
C GLU D 160 18.91 20.89 -8.91
N VAL D 161 20.07 20.31 -8.82
CA VAL D 161 20.24 18.90 -9.06
C VAL D 161 20.07 18.18 -7.75
N ASP D 162 19.70 16.90 -7.79
CA ASP D 162 19.72 16.09 -6.58
C ASP D 162 20.09 14.64 -6.86
N SER D 163 20.91 14.09 -5.98
CA SER D 163 21.38 12.70 -6.01
C SER D 163 21.79 12.30 -4.60
N GLU D 164 21.37 11.11 -4.14
CA GLU D 164 21.72 10.80 -2.77
C GLU D 164 23.21 10.51 -2.61
N GLU D 165 23.94 10.27 -3.70
CA GLU D 165 25.39 10.23 -3.51
C GLU D 165 25.96 11.58 -3.15
N GLY D 166 25.16 12.65 -3.23
CA GLY D 166 25.70 13.99 -3.11
C GLY D 166 26.12 14.34 -1.69
N GLU D 167 27.17 15.17 -1.60
CA GLU D 167 27.57 15.78 -0.34
C GLU D 167 26.41 16.53 0.29
N TRP D 168 25.46 16.98 -0.52
CA TRP D 168 24.40 17.81 0.00
C TRP D 168 23.28 17.01 0.66
N ASN D 169 23.28 15.69 0.62
CA ASN D 169 22.23 14.95 1.32
C ASN D 169 22.76 14.18 2.54
N ARG D 170 24.01 14.43 2.96
CA ARG D 170 24.65 13.69 4.06
C ARG D 170 23.87 13.79 5.36
N ASP D 171 22.98 14.78 5.45
CA ASP D 171 22.25 15.19 6.64
C ASP D 171 20.74 15.04 6.50
N ARG D 172 20.28 14.67 5.33
CA ARG D 172 18.86 14.69 5.03
C ARG D 172 18.16 13.46 5.59
N SER D 173 16.87 13.62 5.88
CA SER D 173 16.00 12.52 6.31
C SER D 173 15.25 11.98 5.09
N PHE D 174 15.45 10.69 4.78
CA PHE D 174 14.85 10.08 3.60
C PHE D 174 13.60 9.26 3.88
N GLU D 175 13.76 7.92 3.87
CA GLU D 175 12.66 6.94 3.94
C GLU D 175 12.31 6.66 5.41
N ASN D 176 11.65 7.66 6.03
CA ASN D 176 11.45 7.76 7.47
C ASN D 176 12.80 8.05 8.13
N GLY D 177 13.46 9.12 7.70
CA GLY D 177 14.66 9.61 8.33
C GLY D 177 15.84 8.66 8.36
N VAL D 178 15.89 7.69 7.45
CA VAL D 178 17.04 6.80 7.38
C VAL D 178 18.01 7.36 6.34
N ASN D 179 19.28 7.39 6.70
CA ASN D 179 20.30 7.81 5.76
C ASN D 179 21.36 6.73 5.70
N PHE D 180 21.66 6.25 4.49
CA PHE D 180 22.51 5.06 4.37
C PHE D 180 23.99 5.35 4.59
N GLY D 181 24.38 6.61 4.70
CA GLY D 181 25.79 6.91 4.74
C GLY D 181 26.51 6.45 3.48
N HIS D 182 27.81 6.27 3.64
CA HIS D 182 28.68 5.85 2.53
C HIS D 182 28.51 6.74 1.31
N ARG D 183 29.20 7.88 1.26
CA ARG D 183 29.11 8.76 0.09
C ARG D 183 30.50 9.12 -0.42
N PRO D 184 30.76 9.03 -1.73
CA PRO D 184 32.02 9.55 -2.25
C PRO D 184 32.07 11.05 -2.02
N GLY D 185 33.25 11.56 -1.71
CA GLY D 185 33.34 12.99 -1.51
C GLY D 185 33.04 13.79 -2.76
N LYS D 186 33.12 15.11 -2.64
CA LYS D 186 33.37 15.97 -3.80
C LYS D 186 34.60 15.46 -4.57
N GLN D 187 34.43 15.14 -5.85
CA GLN D 187 35.54 14.66 -6.68
C GLN D 187 36.09 13.32 -6.18
N GLY D 188 35.26 12.51 -5.53
CA GLY D 188 35.74 11.29 -4.93
C GLY D 188 35.14 10.01 -5.49
N GLY D 189 34.41 10.10 -6.59
CA GLY D 189 33.72 8.94 -7.10
C GLY D 189 34.60 7.93 -7.81
N TYR D 190 35.90 8.16 -7.80
CA TYR D 190 36.85 7.40 -8.61
C TYR D 190 37.81 6.59 -7.73
N MET D 191 37.63 5.27 -7.63
CA MET D 191 36.47 4.53 -8.15
C MET D 191 35.98 3.54 -7.08
N PRO D 192 35.48 4.08 -5.97
CA PRO D 192 35.12 3.23 -4.82
C PRO D 192 34.20 2.07 -5.17
N VAL D 193 34.26 1.02 -4.36
CA VAL D 193 33.34 -0.10 -4.50
C VAL D 193 31.98 0.28 -3.91
N PRO D 194 30.93 -0.51 -4.16
CA PRO D 194 29.69 -0.33 -3.39
C PRO D 194 29.97 -0.45 -1.89
N PRO D 195 29.14 0.15 -1.03
CA PRO D 195 27.90 0.91 -1.24
C PRO D 195 28.13 2.39 -1.58
N THR D 196 29.41 2.79 -1.56
CA THR D 196 29.73 4.14 -1.99
C THR D 196 29.32 4.37 -3.45
N ASP D 197 29.58 3.37 -4.31
CA ASP D 197 29.10 3.39 -5.70
C ASP D 197 27.70 2.80 -5.71
N THR D 198 26.70 3.66 -5.93
CA THR D 198 25.29 3.24 -5.96
C THR D 198 24.84 2.83 -7.36
N MET D 199 25.66 3.10 -8.37
CA MET D 199 25.24 2.93 -9.74
C MET D 199 25.81 1.67 -10.38
N MET D 200 26.37 0.73 -9.61
CA MET D 200 27.04 -0.39 -10.29
C MET D 200 26.03 -1.25 -11.02
N ASP D 201 24.84 -1.40 -10.47
CA ASP D 201 23.83 -2.17 -11.17
C ASP D 201 23.20 -1.37 -12.29
N ILE D 202 23.12 -0.05 -12.09
CA ILE D 202 22.60 0.84 -13.12
C ILE D 202 23.62 0.94 -14.25
N ARG D 203 24.91 1.07 -13.92
CA ARG D 203 25.91 1.14 -14.97
C ARG D 203 25.98 -0.17 -15.77
N THR D 204 25.96 -1.31 -15.07
CA THR D 204 25.92 -2.61 -15.74
C THR D 204 24.64 -2.74 -16.58
N GLU D 205 23.56 -2.10 -16.13
CA GLU D 205 22.30 -2.20 -16.86
C GLU D 205 22.47 -1.57 -18.24
N ILE D 206 23.23 -0.49 -18.31
CA ILE D 206 23.46 0.18 -19.59
C ILE D 206 24.19 -0.74 -20.56
N VAL D 207 25.38 -1.21 -20.17
CA VAL D 207 26.23 -2.02 -21.05
C VAL D 207 25.47 -3.14 -21.73
N LYS D 208 24.56 -3.78 -21.01
CA LYS D 208 23.70 -4.78 -21.64
C LYS D 208 22.88 -4.17 -22.76
N VAL D 209 22.14 -3.10 -22.44
CA VAL D 209 21.38 -2.42 -23.49
C VAL D 209 22.31 -1.87 -24.58
N LEU D 210 23.52 -1.44 -24.23
CA LEU D 210 24.49 -1.08 -25.25
C LEU D 210 24.83 -2.28 -26.13
N ASN D 211 25.03 -3.46 -25.52
CA ASN D 211 25.22 -4.67 -26.32
C ASN D 211 23.99 -4.97 -27.15
N GLN D 212 22.79 -4.89 -26.54
CA GLN D 212 21.55 -5.15 -27.27
C GLN D 212 21.38 -4.31 -28.53
N VAL D 213 21.84 -3.05 -28.51
CA VAL D 213 21.56 -2.13 -29.62
C VAL D 213 22.72 -2.04 -30.60
N GLY D 214 23.66 -2.96 -30.51
CA GLY D 214 24.79 -2.93 -31.42
C GLY D 214 25.92 -2.00 -31.04
N LEU D 215 26.21 -1.88 -29.74
CA LEU D 215 27.36 -1.13 -29.25
C LEU D 215 28.19 -2.07 -28.40
N GLU D 216 29.48 -2.20 -28.71
CA GLU D 216 30.37 -3.12 -28.01
C GLU D 216 31.12 -2.38 -26.92
N THR D 217 31.06 -2.93 -25.73
CA THR D 217 31.47 -2.23 -24.54
C THR D 217 32.76 -2.84 -24.04
N PHE D 218 33.66 -2.00 -23.52
CA PHE D 218 34.79 -2.52 -22.79
C PHE D 218 34.71 -2.19 -21.30
N VAL D 219 34.65 -0.91 -20.90
CA VAL D 219 34.81 -0.49 -19.50
C VAL D 219 33.54 0.18 -18.96
N VAL D 220 33.32 0.01 -17.68
CA VAL D 220 32.25 0.71 -16.99
C VAL D 220 32.79 0.99 -15.59
N HIS D 221 32.85 2.25 -15.23
CA HIS D 221 33.31 2.60 -13.88
C HIS D 221 32.63 3.88 -13.47
N HIS D 222 32.51 4.07 -12.16
CA HIS D 222 32.21 5.41 -11.67
C HIS D 222 33.31 6.38 -12.08
N GLU D 223 32.94 7.66 -12.26
CA GLU D 223 33.92 8.67 -12.59
C GLU D 223 34.16 9.56 -11.37
N VAL D 224 34.89 10.66 -11.56
CA VAL D 224 35.40 11.39 -10.40
C VAL D 224 34.27 12.10 -9.67
N ALA D 225 33.40 12.76 -10.42
CA ALA D 225 32.35 13.55 -9.78
C ALA D 225 31.30 12.62 -9.17
N GLN D 226 30.42 13.21 -8.37
CA GLN D 226 29.67 12.43 -7.40
C GLN D 226 28.72 11.43 -8.07
N ALA D 227 28.02 11.81 -9.13
CA ALA D 227 27.07 10.88 -9.71
C ALA D 227 27.51 10.45 -11.11
N GLN D 228 28.82 10.47 -11.33
CA GLN D 228 29.35 10.45 -12.69
C GLN D 228 29.70 9.04 -13.11
N GLY D 229 29.67 8.82 -14.42
CA GLY D 229 29.92 7.49 -14.93
C GLY D 229 30.42 7.59 -16.35
N GLU D 230 30.82 6.45 -16.89
CA GLU D 230 31.38 6.40 -18.24
C GLU D 230 31.39 4.95 -18.68
N VAL D 231 31.28 4.73 -19.99
CA VAL D 231 31.43 3.43 -20.63
C VAL D 231 32.28 3.58 -21.88
N GLY D 232 33.23 2.66 -22.03
CA GLY D 232 34.01 2.58 -23.26
C GLY D 232 33.31 1.76 -24.33
N VAL D 233 33.15 2.37 -25.50
CA VAL D 233 32.52 1.76 -26.66
C VAL D 233 33.57 1.68 -27.77
N LYS D 234 33.51 0.61 -28.56
CA LYS D 234 34.46 0.42 -29.67
C LYS D 234 34.60 1.66 -30.55
N PHE D 235 35.81 1.85 -31.09
CA PHE D 235 36.05 2.83 -32.13
C PHE D 235 35.15 2.54 -33.32
N GLY D 236 34.87 3.59 -34.10
CA GLY D 236 34.15 3.40 -35.35
C GLY D 236 34.59 4.44 -36.35
N ASP D 237 34.15 4.24 -37.61
CA ASP D 237 34.39 5.24 -38.66
C ASP D 237 33.72 6.56 -38.28
N LEU D 238 34.09 7.62 -39.00
CA LEU D 238 33.75 8.96 -38.56
C LEU D 238 32.24 9.08 -38.33
N VAL D 239 31.47 8.65 -39.32
CA VAL D 239 30.00 8.64 -39.21
C VAL D 239 29.52 7.54 -38.25
N GLU D 240 29.98 6.31 -38.40
CA GLU D 240 29.54 5.28 -37.47
C GLU D 240 29.81 5.66 -36.01
N ALA D 241 30.96 6.25 -35.73
CA ALA D 241 31.24 6.71 -34.37
C ALA D 241 30.24 7.77 -33.92
N ALA D 242 29.97 8.75 -34.78
CA ALA D 242 28.97 9.75 -34.41
C ALA D 242 27.59 9.14 -34.29
N ASP D 243 27.28 8.12 -35.11
CA ASP D 243 26.01 7.40 -34.96
C ASP D 243 25.92 6.75 -33.60
N ASN D 244 27.00 6.08 -33.18
CA ASN D 244 26.94 5.35 -31.93
C ASN D 244 27.01 6.26 -30.72
N VAL D 245 27.51 7.49 -30.89
CA VAL D 245 27.37 8.50 -29.82
C VAL D 245 25.88 8.83 -29.60
N GLN D 246 25.11 9.08 -30.68
CA GLN D 246 23.68 9.30 -30.51
C GLN D 246 23.03 8.15 -29.75
N LYS D 247 23.34 6.90 -30.15
CA LYS D 247 22.74 5.75 -29.47
C LYS D 247 23.08 5.74 -27.98
N LEU D 248 24.37 5.75 -27.65
CA LEU D 248 24.83 5.72 -26.26
C LEU D 248 24.04 6.72 -25.42
N LYS D 249 23.90 7.96 -25.91
CA LYS D 249 23.09 8.96 -25.22
C LYS D 249 21.64 8.48 -25.04
N TYR D 250 21.04 7.94 -26.10
CA TYR D 250 19.67 7.47 -25.99
C TYR D 250 19.56 6.36 -24.97
N VAL D 251 20.54 5.48 -24.90
CA VAL D 251 20.39 4.35 -24.00
C VAL D 251 20.48 4.80 -22.56
N VAL D 252 21.51 5.57 -22.24
CA VAL D 252 21.72 5.92 -20.86
C VAL D 252 20.59 6.80 -20.35
N LYS D 253 20.19 7.78 -21.14
CA LYS D 253 19.11 8.65 -20.68
C LYS D 253 17.83 7.86 -20.45
N MET D 254 17.59 6.87 -21.28
CA MET D 254 16.35 6.12 -21.19
C MET D 254 16.40 5.07 -20.09
N VAL D 255 17.58 4.57 -19.76
CA VAL D 255 17.68 3.59 -18.68
C VAL D 255 17.63 4.30 -17.34
N ALA D 256 18.36 5.41 -17.23
CA ALA D 256 18.20 6.36 -16.13
C ALA D 256 16.72 6.56 -15.86
N HIS D 257 15.96 6.79 -16.93
CA HIS D 257 14.55 7.05 -16.78
C HIS D 257 13.81 5.83 -16.21
N LEU D 258 14.10 4.62 -16.74
CA LEU D 258 13.37 3.43 -16.30
C LEU D 258 13.61 3.09 -14.84
N ASN D 259 14.80 3.37 -14.34
CA ASN D 259 15.12 3.11 -12.94
C ASN D 259 14.75 4.28 -12.04
N GLY D 260 13.87 5.16 -12.51
CA GLY D 260 13.37 6.24 -11.68
C GLY D 260 14.32 7.38 -11.54
N LYS D 261 15.24 7.55 -12.48
CA LYS D 261 16.24 8.60 -12.44
C LYS D 261 16.30 9.40 -13.74
N THR D 262 17.34 10.22 -13.89
CA THR D 262 17.41 11.14 -15.02
C THR D 262 18.87 11.40 -15.36
N ALA D 263 19.27 11.14 -16.59
CA ALA D 263 20.67 11.35 -16.90
C ALA D 263 20.86 12.61 -17.73
N THR D 264 22.10 13.06 -17.78
CA THR D 264 22.50 14.20 -18.60
C THR D 264 23.97 14.07 -18.95
N PHE D 265 24.31 14.50 -20.17
CA PHE D 265 25.69 14.59 -20.66
C PHE D 265 26.22 16.01 -20.66
N MET D 266 25.58 16.92 -19.92
CA MET D 266 25.98 18.32 -20.00
C MET D 266 27.37 18.50 -19.40
N PRO D 267 28.19 19.40 -19.96
CA PRO D 267 29.60 19.43 -19.56
C PRO D 267 29.80 19.66 -18.06
N LYS D 268 29.16 20.66 -17.45
CA LYS D 268 29.43 20.97 -16.04
C LYS D 268 28.12 21.13 -15.26
N PRO D 269 27.54 20.00 -14.73
CA PRO D 269 26.33 20.13 -13.89
C PRO D 269 26.62 20.56 -12.46
N LEU D 270 27.79 20.24 -11.91
CA LEU D 270 28.11 20.55 -10.53
C LEU D 270 29.29 21.51 -10.45
N TYR D 271 29.10 22.65 -9.81
CA TYR D 271 30.18 23.57 -9.51
C TYR D 271 31.16 23.00 -8.51
N GLY D 272 32.45 23.14 -8.80
CA GLY D 272 33.44 22.61 -7.89
C GLY D 272 33.57 21.10 -7.94
N ASP D 273 32.97 20.47 -8.95
CA ASP D 273 33.14 19.04 -9.15
C ASP D 273 33.38 18.82 -10.63
N ASN D 274 33.86 17.61 -10.94
CA ASN D 274 34.30 17.34 -12.29
C ASN D 274 33.18 17.51 -13.29
N GLY D 275 33.54 18.01 -14.45
CA GLY D 275 32.68 17.99 -15.62
C GLY D 275 32.79 16.70 -16.44
N SER D 276 31.94 16.61 -17.45
CA SER D 276 31.89 15.50 -18.39
C SER D 276 32.61 15.90 -19.68
N GLY D 277 33.49 15.04 -20.17
CA GLY D 277 34.07 15.32 -21.47
C GLY D 277 33.62 14.27 -22.45
N MET D 278 33.75 14.56 -23.75
CA MET D 278 33.71 13.53 -24.77
C MET D 278 35.16 13.36 -25.20
N HIS D 279 35.89 12.54 -24.43
CA HIS D 279 37.26 12.17 -24.74
C HIS D 279 37.27 11.41 -26.05
N THR D 280 37.77 12.10 -27.07
CA THR D 280 37.71 11.70 -28.47
C THR D 280 39.06 11.12 -28.85
N HIS D 281 39.07 9.86 -29.26
CA HIS D 281 40.28 9.18 -29.71
C HIS D 281 40.20 9.05 -31.22
N VAL D 282 41.21 9.56 -31.92
CA VAL D 282 41.24 9.46 -33.38
C VAL D 282 42.49 8.68 -33.79
N SER D 283 42.33 7.90 -34.85
CA SER D 283 43.42 7.36 -35.63
C SER D 283 42.96 7.38 -37.09
N VAL D 284 43.90 7.62 -38.01
CA VAL D 284 43.64 7.54 -39.45
C VAL D 284 44.34 6.32 -40.03
N TRP D 285 43.64 5.57 -40.87
CA TRP D 285 44.18 4.38 -41.52
C TRP D 285 44.11 4.47 -43.04
N LYS D 286 44.88 3.60 -43.69
CA LYS D 286 44.82 3.38 -45.13
C LYS D 286 45.32 1.98 -45.40
N ASN D 287 44.62 1.26 -46.29
CA ASN D 287 45.06 -0.06 -46.77
C ASN D 287 45.27 -1.06 -45.63
N ASN D 288 44.55 -0.90 -44.51
CA ASN D 288 44.62 -1.78 -43.35
C ASN D 288 45.84 -1.51 -42.46
N GLU D 289 46.31 -0.26 -42.40
CA GLU D 289 47.45 0.12 -41.58
C GLU D 289 47.22 1.50 -40.99
N ASN D 290 47.72 1.71 -39.77
CA ASN D 290 47.48 2.93 -39.02
C ASN D 290 48.53 3.98 -39.35
N LEU D 291 48.12 5.04 -40.03
CA LEU D 291 49.02 6.13 -40.40
C LEU D 291 49.42 7.03 -39.24
N PHE D 292 48.81 6.87 -38.08
CA PHE D 292 49.22 7.71 -36.96
C PHE D 292 50.45 7.13 -36.30
N SER D 293 50.71 5.86 -36.58
CA SER D 293 51.79 5.10 -35.98
C SER D 293 53.12 5.45 -36.63
N GLY D 294 54.13 5.55 -35.81
CA GLY D 294 55.47 5.70 -36.32
C GLY D 294 56.43 5.49 -35.19
N GLU D 295 57.64 6.03 -35.36
CA GLU D 295 58.61 6.05 -34.29
C GLU D 295 59.26 7.43 -34.18
N THR D 296 58.63 8.46 -34.78
CA THR D 296 59.06 9.86 -34.64
C THR D 296 59.05 10.32 -33.20
N TYR D 297 57.95 10.08 -32.51
CA TYR D 297 57.70 10.58 -31.16
C TYR D 297 56.82 9.57 -30.45
N LYS D 298 57.39 8.88 -29.48
CA LYS D 298 56.67 7.97 -28.60
C LYS D 298 55.65 7.14 -29.38
N GLY D 299 56.07 6.63 -30.53
CA GLY D 299 55.21 5.77 -31.29
C GLY D 299 54.26 6.43 -32.28
N LEU D 300 54.52 7.66 -32.69
CA LEU D 300 53.65 8.31 -33.64
C LEU D 300 54.43 8.76 -34.87
N SER D 301 53.73 8.88 -35.99
CA SER D 301 54.32 9.26 -37.26
C SER D 301 54.31 10.77 -37.42
N GLU D 302 55.05 11.26 -38.41
CA GLU D 302 54.92 12.67 -38.74
C GLU D 302 53.76 12.95 -39.66
N PHE D 303 52.97 11.94 -40.00
CA PHE D 303 51.62 12.21 -40.49
C PHE D 303 50.73 12.59 -39.31
N ALA D 304 50.81 11.82 -38.23
CA ALA D 304 50.01 12.13 -37.06
C ALA D 304 50.37 13.50 -36.51
N LEU D 305 51.66 13.80 -36.35
CA LEU D 305 52.06 15.05 -35.70
C LEU D 305 51.64 16.27 -36.49
N HIS D 306 51.62 16.15 -37.83
CA HIS D 306 51.08 17.21 -38.67
C HIS D 306 49.56 17.29 -38.51
N PHE D 307 48.91 16.13 -38.41
CA PHE D 307 47.49 16.13 -38.10
C PHE D 307 47.21 16.93 -36.83
N LEU D 308 47.92 16.57 -35.74
CA LEU D 308 47.70 17.24 -34.46
C LEU D 308 48.04 18.72 -34.55
N GLY D 309 49.11 19.07 -35.27
CA GLY D 309 49.42 20.47 -35.50
C GLY D 309 48.27 21.19 -36.17
N GLY D 310 47.53 20.49 -37.03
CA GLY D 310 46.39 21.08 -37.69
C GLY D 310 45.21 21.28 -36.78
N VAL D 311 44.96 20.33 -35.88
CA VAL D 311 43.89 20.49 -34.88
C VAL D 311 44.22 21.64 -33.92
N LEU D 312 45.49 21.71 -33.49
CA LEU D 312 45.92 22.78 -32.58
C LEU D 312 45.91 24.12 -33.25
N ARG D 313 46.22 24.17 -34.55
CA ARG D 313 46.34 25.48 -35.19
C ARG D 313 45.01 26.20 -35.14
N HIS D 314 43.94 25.48 -35.48
CA HIS D 314 42.58 25.98 -35.54
C HIS D 314 41.77 25.71 -34.29
N ALA D 315 42.40 25.18 -33.24
CA ALA D 315 41.61 24.70 -32.11
C ALA D 315 40.62 25.76 -31.61
N ARG D 316 41.11 26.99 -31.41
CA ARG D 316 40.29 28.05 -30.81
C ARG D 316 38.94 28.21 -31.49
N GLY D 317 38.92 28.21 -32.82
CA GLY D 317 37.66 28.22 -33.53
C GLY D 317 36.97 26.87 -33.59
N LEU D 318 37.75 25.79 -33.58
CA LEU D 318 37.21 24.44 -33.59
C LEU D 318 36.27 24.18 -32.42
N ALA D 319 36.48 24.91 -31.31
CA ALA D 319 35.68 24.76 -30.09
C ALA D 319 34.22 25.06 -30.34
N ALA D 320 33.93 25.93 -31.29
CA ALA D 320 32.55 26.21 -31.64
C ALA D 320 31.80 24.96 -32.07
N PHE D 321 32.48 23.91 -32.54
CA PHE D 321 31.73 22.70 -32.89
C PHE D 321 31.92 21.60 -31.87
N THR D 322 33.03 21.60 -31.15
CA THR D 322 33.27 20.60 -30.11
C THR D 322 32.76 21.02 -28.73
N ASN D 323 32.64 22.33 -28.48
CA ASN D 323 32.19 22.87 -27.19
C ASN D 323 31.10 23.89 -27.52
N ALA D 324 29.89 23.38 -27.78
CA ALA D 324 28.86 24.11 -28.51
C ALA D 324 27.81 24.75 -27.61
N SER D 325 28.02 24.77 -26.30
CA SER D 325 27.10 25.40 -25.37
C SER D 325 27.86 26.34 -24.47
N THR D 326 27.15 27.29 -23.86
CA THR D 326 27.81 28.09 -22.86
C THR D 326 28.24 27.23 -21.70
N ASN D 327 27.49 26.17 -21.39
CA ASN D 327 27.89 25.32 -20.27
C ASN D 327 29.22 24.64 -20.52
N SER D 328 29.59 24.44 -21.79
CA SER D 328 30.90 23.87 -22.12
C SER D 328 32.05 24.60 -21.47
N TYR D 329 31.91 25.92 -21.29
CA TYR D 329 33.03 26.75 -20.85
C TYR D 329 33.15 26.83 -19.33
N LYS D 330 32.10 26.47 -18.60
CA LYS D 330 32.22 26.25 -17.16
C LYS D 330 33.02 25.00 -16.82
N ARG D 331 33.17 24.07 -17.77
CA ARG D 331 33.99 22.88 -17.58
C ARG D 331 35.46 23.12 -17.88
N LEU D 332 35.77 23.91 -18.91
CA LEU D 332 37.16 24.15 -19.32
C LEU D 332 37.83 25.17 -18.39
N ILE D 333 37.83 24.84 -17.10
CA ILE D 333 38.46 25.65 -16.07
C ILE D 333 39.51 24.74 -15.42
N PRO D 334 40.70 25.24 -15.08
CA PRO D 334 41.77 24.35 -14.60
C PRO D 334 41.44 23.64 -13.29
N GLY D 335 41.90 22.39 -13.20
CA GLY D 335 41.87 21.61 -11.97
C GLY D 335 40.77 20.57 -11.85
N TYR D 336 40.12 20.17 -12.96
CA TYR D 336 39.07 19.17 -12.92
C TYR D 336 39.23 18.14 -14.05
N GLU D 337 40.50 17.89 -14.44
CA GLU D 337 40.85 17.09 -15.62
C GLU D 337 40.23 17.65 -16.89
N ALA D 338 40.01 18.97 -16.90
CA ALA D 338 39.57 19.67 -18.09
C ALA D 338 40.69 20.55 -18.59
N PRO D 339 41.10 20.38 -19.86
CA PRO D 339 42.20 21.17 -20.42
C PRO D 339 41.81 22.60 -20.69
N SER D 340 42.67 23.50 -20.22
CA SER D 340 42.55 24.90 -20.58
C SER D 340 43.65 25.36 -21.51
N ILE D 341 44.69 24.54 -21.71
CA ILE D 341 45.83 24.91 -22.55
C ILE D 341 45.96 23.93 -23.69
N LEU D 342 46.27 24.46 -24.87
CA LEU D 342 46.28 23.72 -26.13
C LEU D 342 47.65 23.11 -26.33
N THR D 343 47.87 21.97 -25.67
CA THR D 343 49.14 21.26 -25.80
C THR D 343 48.89 19.77 -25.95
N TYR D 344 49.97 19.06 -26.26
CA TYR D 344 49.96 17.61 -26.26
C TYR D 344 50.99 17.15 -25.23
N SER D 345 50.81 15.93 -24.75
CA SER D 345 51.73 15.35 -23.78
C SER D 345 51.39 13.88 -23.58
N ALA D 346 52.41 13.10 -23.28
CA ALA D 346 52.17 11.72 -22.89
C ALA D 346 51.65 11.72 -21.46
N ASN D 347 50.60 10.94 -21.22
CA ASN D 347 50.09 10.61 -19.89
C ASN D 347 49.74 11.85 -19.04
N ASN D 348 49.43 12.98 -19.68
CA ASN D 348 49.18 14.23 -18.98
C ASN D 348 47.75 14.64 -19.26
N ARG D 349 46.95 14.69 -18.20
CA ARG D 349 45.53 14.97 -18.30
C ARG D 349 45.22 16.43 -18.05
N SER D 350 46.25 17.25 -17.83
CA SER D 350 46.13 18.69 -17.86
C SER D 350 46.27 19.26 -19.27
N ALA D 351 46.77 18.44 -20.21
CA ALA D 351 46.98 18.83 -21.58
C ALA D 351 45.71 18.59 -22.38
N SER D 352 45.48 19.43 -23.40
CA SER D 352 44.34 19.26 -24.28
C SER D 352 44.39 17.92 -24.99
N VAL D 353 45.55 17.58 -25.53
CA VAL D 353 45.73 16.29 -26.18
C VAL D 353 46.69 15.45 -25.36
N ARG D 354 46.44 14.15 -25.40
CA ARG D 354 47.19 13.18 -24.62
C ARG D 354 47.52 12.01 -25.52
N ILE D 355 48.77 11.55 -25.43
CA ILE D 355 49.20 10.30 -26.06
C ILE D 355 48.97 9.18 -25.05
N PRO D 356 48.07 8.25 -25.32
CA PRO D 356 47.81 7.17 -24.38
C PRO D 356 49.05 6.30 -24.22
N TYR D 357 49.04 5.54 -23.12
CA TYR D 357 50.19 4.75 -22.71
C TYR D 357 50.46 3.59 -23.65
N GLY D 358 49.42 2.83 -23.97
CA GLY D 358 49.55 1.59 -24.73
C GLY D 358 50.42 1.68 -25.96
N ILE D 359 50.01 2.57 -26.87
CA ILE D 359 50.67 2.91 -28.14
C ILE D 359 51.27 1.69 -28.82
N SER D 360 50.52 0.59 -28.85
CA SER D 360 50.78 -0.42 -29.87
C SER D 360 50.41 0.18 -31.23
N LYS D 361 50.99 -0.35 -32.30
CA LYS D 361 50.79 0.33 -33.58
C LYS D 361 49.36 0.20 -34.09
N ASN D 362 48.70 -0.92 -33.82
CA ASN D 362 47.27 -0.99 -34.09
C ASN D 362 46.50 0.03 -33.28
N SER D 363 47.08 0.47 -32.16
CA SER D 363 46.41 1.35 -31.22
C SER D 363 46.97 2.77 -31.16
N ALA D 364 47.92 3.15 -32.02
CA ALA D 364 48.45 4.51 -32.00
C ALA D 364 47.35 5.53 -32.23
N ARG D 365 47.23 6.49 -31.32
CA ARG D 365 46.15 7.47 -31.41
C ARG D 365 46.51 8.69 -30.57
N PHE D 366 45.84 9.80 -30.86
CA PHE D 366 45.71 10.90 -29.92
C PHE D 366 44.40 10.78 -29.15
N GLU D 367 44.34 11.48 -28.02
CA GLU D 367 43.09 11.67 -27.32
C GLU D 367 42.90 13.16 -27.08
N PHE D 368 41.86 13.70 -27.68
CA PHE D 368 41.50 15.09 -27.51
C PHE D 368 40.55 15.14 -26.32
N ARG D 369 40.93 15.91 -25.29
CA ARG D 369 40.14 15.93 -24.07
C ARG D 369 39.14 17.08 -24.05
N PHE D 370 39.32 18.09 -24.90
CA PHE D 370 38.54 19.32 -24.82
C PHE D 370 37.09 19.24 -25.30
N PRO D 371 36.69 18.30 -26.18
CA PRO D 371 35.27 18.24 -26.55
C PRO D 371 34.41 17.70 -25.40
N ASP D 372 33.13 18.05 -25.45
CA ASP D 372 32.14 17.57 -24.50
C ASP D 372 30.89 17.14 -25.25
N SER D 373 29.97 16.54 -24.53
CA SER D 373 28.86 15.91 -25.23
C SER D 373 27.75 16.88 -25.59
N SER D 374 27.90 18.16 -25.22
CA SER D 374 27.06 19.19 -25.77
C SER D 374 27.28 19.38 -27.28
N SER D 375 28.33 18.80 -27.85
CA SER D 375 28.58 18.97 -29.27
C SER D 375 27.67 18.07 -30.10
N ASN D 376 27.39 18.50 -31.31
CA ASN D 376 26.79 17.57 -32.24
C ASN D 376 27.86 16.58 -32.68
N PRO D 377 27.74 15.27 -32.35
CA PRO D 377 28.82 14.31 -32.67
C PRO D 377 29.23 14.27 -34.13
N TYR D 378 28.27 14.45 -35.03
CA TYR D 378 28.56 14.60 -36.44
C TYR D 378 29.39 15.85 -36.70
N LEU D 379 28.92 17.02 -36.25
CA LEU D 379 29.63 18.28 -36.48
C LEU D 379 30.99 18.32 -35.80
N ALA D 380 31.09 17.85 -34.54
CA ALA D 380 32.39 17.84 -33.88
C ALA D 380 33.41 17.05 -34.68
N PHE D 381 33.07 15.78 -35.00
CA PHE D 381 34.03 14.88 -35.65
C PHE D 381 34.50 15.43 -36.99
N ALA D 382 33.56 15.91 -37.81
CA ALA D 382 33.92 16.55 -39.08
C ALA D 382 34.98 17.62 -38.88
N ALA D 383 34.69 18.62 -38.04
CA ALA D 383 35.59 19.76 -37.86
C ALA D 383 36.97 19.33 -37.35
N ILE D 384 37.01 18.35 -36.44
CA ILE D 384 38.27 17.76 -36.02
C ILE D 384 39.02 17.17 -37.21
N LEU D 385 38.33 16.47 -38.11
CA LEU D 385 39.09 15.86 -39.20
C LEU D 385 39.56 16.90 -40.21
N MET D 386 38.71 17.86 -40.59
CA MET D 386 39.11 18.91 -41.53
C MET D 386 40.26 19.72 -40.97
N ALA D 387 40.39 19.76 -39.65
CA ALA D 387 41.49 20.47 -39.03
C ALA D 387 42.77 19.64 -39.00
N GLY D 388 42.65 18.32 -38.77
CA GLY D 388 43.83 17.47 -38.85
C GLY D 388 44.36 17.32 -40.25
N MET D 389 43.47 17.34 -41.24
CA MET D 389 43.90 17.22 -42.63
C MET D 389 44.53 18.53 -43.11
N ASP D 390 44.03 19.67 -42.66
CA ASP D 390 44.75 20.91 -42.94
C ASP D 390 46.18 20.88 -42.42
N GLY D 391 46.40 20.26 -41.25
CA GLY D 391 47.74 20.17 -40.71
C GLY D 391 48.67 19.40 -41.61
N VAL D 392 48.15 18.31 -42.18
CA VAL D 392 48.91 17.44 -43.08
C VAL D 392 49.18 18.16 -44.40
N LYS D 393 48.23 18.96 -44.86
CA LYS D 393 48.43 19.77 -46.05
C LYS D 393 49.62 20.72 -45.88
N ASN D 394 49.63 21.48 -44.80
CA ASN D 394 50.64 22.52 -44.66
C ASN D 394 51.86 22.01 -43.90
N LYS D 395 51.95 20.70 -43.67
CA LYS D 395 52.99 20.08 -42.87
C LYS D 395 53.25 20.93 -41.62
N ILE D 396 52.17 21.14 -40.86
CA ILE D 396 52.20 22.04 -39.72
C ILE D 396 52.81 21.35 -38.52
N ASP D 397 53.86 21.94 -37.98
CA ASP D 397 54.54 21.47 -36.78
C ASP D 397 53.71 21.88 -35.57
N PRO D 398 53.36 20.95 -34.67
CA PRO D 398 52.55 21.31 -33.52
C PRO D 398 53.31 21.89 -32.34
N GLY D 399 54.59 22.25 -32.44
CA GLY D 399 55.35 22.72 -31.30
C GLY D 399 55.83 21.58 -30.41
N GLU D 400 56.53 21.93 -29.32
CA GLU D 400 57.08 20.93 -28.41
C GLU D 400 56.06 20.57 -27.33
N ALA D 401 55.98 19.29 -27.01
CA ALA D 401 55.10 18.83 -25.94
C ALA D 401 55.42 19.56 -24.64
N MET D 402 54.41 19.64 -23.76
CA MET D 402 54.55 20.24 -22.43
C MET D 402 54.18 19.14 -21.44
N ASP D 403 55.18 18.45 -20.88
CA ASP D 403 54.92 17.38 -19.91
C ASP D 403 55.10 17.86 -18.47
N ILE D 404 54.35 18.92 -18.13
CA ILE D 404 54.25 19.40 -16.75
C ILE D 404 52.79 19.27 -16.31
N ASN D 405 52.58 19.43 -15.02
CA ASN D 405 51.23 19.69 -14.53
C ASN D 405 50.92 21.08 -15.01
N LEU D 406 50.13 21.19 -16.07
CA LEU D 406 50.02 22.49 -16.72
C LEU D 406 49.38 23.50 -15.79
N PHE D 407 48.54 23.04 -14.85
CA PHE D 407 47.95 23.92 -13.85
C PHE D 407 49.09 24.41 -12.94
N LYS D 408 49.74 25.49 -13.39
CA LYS D 408 50.85 26.13 -12.67
C LYS D 408 51.20 27.49 -13.29
N LEU D 409 51.21 28.53 -12.45
CA LEU D 409 51.51 29.92 -12.80
C LEU D 409 50.44 30.50 -13.73
N THR D 410 49.40 31.10 -13.15
CA THR D 410 48.25 31.57 -13.93
C THR D 410 48.56 32.84 -14.70
N LEU D 411 49.04 33.88 -14.01
CA LEU D 411 49.17 35.18 -14.63
C LEU D 411 50.38 35.25 -15.56
N ASP D 412 51.55 34.83 -15.07
CA ASP D 412 52.77 34.92 -15.88
C ASP D 412 52.83 33.86 -16.97
N GLU D 413 52.94 32.60 -16.58
CA GLU D 413 53.27 31.54 -17.53
C GLU D 413 52.28 31.47 -18.68
N ILE D 414 51.04 31.89 -18.46
CA ILE D 414 50.08 31.95 -19.55
C ILE D 414 50.41 33.10 -20.51
N ARG D 415 50.75 34.28 -19.98
CA ARG D 415 50.93 35.48 -20.79
C ARG D 415 52.39 35.69 -21.21
N GLU D 416 53.33 35.51 -20.27
CA GLU D 416 54.73 35.66 -20.61
C GLU D 416 55.15 34.66 -21.69
N LYS D 417 54.71 33.41 -21.58
CA LYS D 417 55.16 32.34 -22.47
C LYS D 417 54.44 32.31 -23.80
N GLY D 418 53.49 33.23 -24.03
CA GLY D 418 52.82 33.36 -25.33
C GLY D 418 52.08 32.09 -25.72
N ILE D 419 51.59 31.36 -24.72
CA ILE D 419 51.08 30.02 -24.95
C ILE D 419 49.59 30.08 -25.25
N LYS D 420 49.20 29.52 -26.39
CA LYS D 420 47.81 29.55 -26.77
C LYS D 420 47.02 28.57 -25.94
N GLN D 421 45.71 28.81 -25.88
CA GLN D 421 44.88 28.22 -24.84
C GLN D 421 43.42 28.22 -25.30
N MET D 422 42.59 27.47 -24.58
CA MET D 422 41.17 27.35 -24.92
C MET D 422 40.42 28.67 -24.73
N PRO D 423 39.41 28.92 -25.54
CA PRO D 423 38.61 30.14 -25.38
C PRO D 423 37.70 30.13 -24.15
N HIS D 424 37.47 31.31 -23.57
CA HIS D 424 36.75 31.36 -22.30
C HIS D 424 35.24 31.45 -22.44
N THR D 425 34.73 31.99 -23.54
CA THR D 425 33.30 32.11 -23.78
C THR D 425 32.96 31.48 -25.13
N LEU D 426 31.69 31.19 -25.32
CA LEU D 426 31.24 30.72 -26.63
C LEU D 426 31.32 31.82 -27.69
N ARG D 427 31.12 33.08 -27.28
CA ARG D 427 31.18 34.14 -28.29
C ARG D 427 32.59 34.32 -28.84
N ARG D 428 33.64 34.00 -28.05
CA ARG D 428 34.96 34.07 -28.65
C ARG D 428 35.31 32.79 -29.42
N SER D 429 34.76 31.63 -29.06
CA SER D 429 34.93 30.45 -29.91
C SER D 429 34.34 30.68 -31.28
N LEU D 430 33.24 31.42 -31.34
CA LEU D 430 32.60 31.73 -32.61
C LEU D 430 33.30 32.86 -33.33
N GLU D 431 33.68 33.94 -32.61
CA GLU D 431 34.49 34.98 -33.24
C GLU D 431 35.73 34.37 -33.88
N GLU D 432 36.51 33.60 -33.10
CA GLU D 432 37.71 32.96 -33.62
C GLU D 432 37.37 31.97 -34.73
N MET D 433 36.24 31.27 -34.60
CA MET D 433 35.86 30.34 -35.65
C MET D 433 35.58 31.08 -36.96
N LEU D 434 34.80 32.16 -36.89
CA LEU D 434 34.40 32.86 -38.10
C LEU D 434 35.55 33.53 -38.81
N ALA D 435 36.66 33.81 -38.14
CA ALA D 435 37.80 34.42 -38.80
C ALA D 435 38.72 33.39 -39.41
N ASP D 436 38.41 32.10 -39.28
CA ASP D 436 39.29 31.15 -39.92
C ASP D 436 38.48 29.90 -40.13
N LYS D 437 37.71 29.95 -41.20
CA LYS D 437 36.70 28.96 -41.56
C LYS D 437 37.08 28.29 -42.86
N GLN D 438 38.31 28.53 -43.31
CA GLN D 438 38.75 28.15 -44.65
C GLN D 438 38.99 26.64 -44.77
N TYR D 439 39.60 26.04 -43.76
CA TYR D 439 39.92 24.61 -43.81
C TYR D 439 38.69 23.73 -43.70
N LEU D 440 37.59 24.29 -43.21
CA LEU D 440 36.34 23.55 -43.19
C LEU D 440 35.63 23.65 -44.53
N LYS D 441 35.80 24.78 -45.22
CA LYS D 441 35.09 25.09 -46.45
C LYS D 441 35.72 24.40 -47.64
N GLU D 442 36.84 23.71 -47.40
CA GLU D 442 37.46 22.89 -48.43
C GLU D 442 36.42 21.93 -48.98
N SER D 443 36.38 21.81 -50.31
CA SER D 443 35.49 20.87 -51.01
C SER D 443 34.03 21.12 -50.65
N GLN D 444 33.79 22.16 -49.85
CA GLN D 444 32.44 22.53 -49.39
C GLN D 444 31.78 21.36 -48.67
N VAL D 445 32.57 20.73 -47.78
CA VAL D 445 32.00 19.87 -46.74
C VAL D 445 31.13 20.71 -45.80
N PHE D 446 31.61 21.91 -45.45
CA PHE D 446 30.84 22.93 -44.70
C PHE D 446 30.55 24.11 -45.64
N SER D 447 29.33 24.19 -46.19
CA SER D 447 28.96 25.37 -46.96
C SER D 447 28.88 26.60 -46.05
N GLU D 448 29.12 27.77 -46.63
CA GLU D 448 29.15 29.00 -45.83
C GLU D 448 27.77 29.37 -45.32
N GLU D 449 26.71 29.06 -46.09
CA GLU D 449 25.35 29.24 -45.62
C GLU D 449 25.13 28.52 -44.29
N PHE D 450 25.53 27.25 -44.23
CA PHE D 450 25.48 26.48 -42.98
C PHE D 450 26.31 27.14 -41.89
N ILE D 451 27.58 27.40 -42.18
CA ILE D 451 28.47 27.94 -41.15
C ILE D 451 27.86 29.23 -40.59
N GLN D 452 27.27 30.05 -41.46
CA GLN D 452 26.61 31.26 -40.99
C GLN D 452 25.30 30.94 -40.28
N ALA D 453 24.59 29.89 -40.70
CA ALA D 453 23.39 29.44 -39.98
C ALA D 453 23.76 28.91 -38.59
N TYR D 454 24.84 28.15 -38.49
CA TYR D 454 25.29 27.62 -37.22
C TYR D 454 25.72 28.75 -36.27
N GLN D 455 26.35 29.79 -36.80
CA GLN D 455 26.71 30.92 -35.96
C GLN D 455 25.45 31.64 -35.45
N SER D 456 24.50 31.90 -36.34
CA SER D 456 23.29 32.65 -35.96
C SER D 456 22.44 31.88 -34.96
N LEU D 457 22.33 30.57 -35.11
CA LEU D 457 21.55 29.76 -34.18
C LEU D 457 22.15 29.82 -32.76
N LYS D 458 23.47 29.70 -32.66
CA LYS D 458 24.14 29.61 -31.37
C LYS D 458 24.16 30.95 -30.67
N PHE D 459 24.23 32.03 -31.41
CA PHE D 459 24.15 33.32 -30.75
C PHE D 459 22.76 33.50 -30.15
N ASN D 460 21.70 33.10 -30.88
CA ASN D 460 20.35 33.25 -30.36
C ASN D 460 20.03 32.20 -29.30
N ALA D 461 20.50 30.96 -29.48
CA ALA D 461 20.14 29.90 -28.55
C ALA D 461 20.97 29.96 -27.27
N GLU D 462 22.24 30.27 -27.38
CA GLU D 462 23.13 30.07 -26.24
C GLU D 462 23.69 31.38 -25.71
N VAL D 463 24.26 32.21 -26.59
CA VAL D 463 25.08 33.34 -26.18
C VAL D 463 24.22 34.48 -25.65
N PHE D 464 23.33 35.00 -26.50
CA PHE D 464 22.44 36.08 -26.06
C PHE D 464 21.64 35.71 -24.80
N PRO D 465 21.14 34.48 -24.63
CA PRO D 465 20.45 34.17 -23.36
C PRO D 465 21.38 34.21 -22.16
N TRP D 466 22.59 33.67 -22.29
CA TRP D 466 23.50 33.73 -21.16
C TRP D 466 23.99 35.15 -20.93
N GLU D 467 24.19 35.89 -22.01
CA GLU D 467 24.62 37.28 -21.88
C GLU D 467 23.50 38.20 -21.37
N SER D 468 22.27 37.71 -21.24
CA SER D 468 21.13 38.59 -20.99
C SER D 468 20.22 38.24 -19.81
N LYS D 469 20.30 37.04 -19.22
CA LYS D 469 19.48 36.66 -18.05
C LYS D 469 20.33 36.79 -16.79
N PRO D 470 19.96 37.63 -15.82
CA PRO D 470 20.88 37.88 -14.70
C PRO D 470 21.18 36.58 -13.99
N HIS D 471 22.36 36.51 -13.39
CA HIS D 471 22.85 35.27 -12.81
C HIS D 471 22.74 35.30 -11.30
N PRO D 472 22.24 34.23 -10.66
CA PRO D 472 22.09 34.24 -9.20
C PRO D 472 23.34 34.66 -8.43
N PHE D 473 24.53 34.50 -8.99
CA PHE D 473 25.71 34.92 -8.24
C PHE D 473 25.90 36.42 -8.22
N GLU D 474 25.40 37.11 -9.24
CA GLU D 474 25.44 38.56 -9.25
C GLU D 474 24.67 39.15 -8.07
N PHE D 475 23.73 38.40 -7.52
CA PHE D 475 23.05 38.85 -6.30
C PHE D 475 23.96 38.75 -5.09
N ILE D 476 24.90 37.81 -5.09
CA ILE D 476 25.88 37.81 -4.02
C ILE D 476 26.85 38.98 -4.17
N THR D 477 27.26 39.31 -5.39
CA THR D 477 28.25 40.36 -5.55
C THR D 477 27.64 41.75 -5.54
N THR D 478 26.59 41.95 -6.36
CA THR D 478 26.19 43.29 -6.78
C THR D 478 24.94 43.80 -6.11
N TYR D 479 24.13 42.94 -5.52
CA TYR D 479 22.89 43.41 -4.89
C TYR D 479 23.15 44.56 -3.90
N SER D 480 24.22 44.46 -3.09
CA SER D 480 24.62 45.39 -2.05
C SER D 480 25.46 46.56 -2.57
N CYS D 481 25.60 46.71 -3.89
CA CYS D 481 26.27 47.87 -4.51
C CYS D 481 25.49 49.18 -4.35
N SER E 8 -30.09 -3.18 -46.31
CA SER E 8 -30.14 -4.16 -47.41
C SER E 8 -29.84 -5.54 -46.87
N GLU E 9 -30.83 -6.43 -46.86
CA GLU E 9 -30.84 -7.57 -45.94
C GLU E 9 -29.65 -8.51 -46.09
N SER E 10 -28.80 -8.33 -47.11
CA SER E 10 -27.58 -9.15 -47.22
C SER E 10 -26.38 -8.60 -46.44
N LYS E 11 -26.34 -7.28 -46.18
CA LYS E 11 -25.45 -6.73 -45.17
C LYS E 11 -25.91 -7.07 -43.75
N ILE E 12 -27.22 -7.12 -43.55
CA ILE E 12 -27.80 -7.32 -42.22
C ILE E 12 -27.54 -8.75 -41.77
N LYS E 13 -27.80 -9.71 -42.67
CA LYS E 13 -27.33 -11.07 -42.45
C LYS E 13 -25.83 -11.08 -42.20
N GLU E 14 -25.06 -10.36 -43.00
CA GLU E 14 -23.61 -10.34 -42.83
C GLU E 14 -23.24 -9.92 -41.42
N PHE E 15 -24.00 -9.00 -40.88
CA PHE E 15 -23.62 -8.39 -39.62
C PHE E 15 -23.98 -9.30 -38.46
N PHE E 16 -25.16 -9.88 -38.50
CA PHE E 16 -25.60 -10.66 -37.36
C PHE E 16 -24.67 -11.85 -37.09
N GLU E 17 -24.15 -12.49 -38.14
CA GLU E 17 -23.16 -13.52 -37.89
C GLU E 17 -21.82 -12.90 -37.52
N PHE E 18 -21.63 -11.61 -37.78
CA PHE E 18 -20.47 -10.96 -37.19
C PHE E 18 -20.59 -10.94 -35.67
N CYS E 19 -21.80 -10.68 -35.18
CA CYS E 19 -22.03 -10.61 -33.74
C CYS E 19 -21.86 -11.97 -33.06
N LYS E 20 -22.49 -13.01 -33.60
CA LYS E 20 -22.39 -14.34 -33.00
C LYS E 20 -20.94 -14.79 -32.88
N GLU E 21 -20.13 -14.50 -33.89
CA GLU E 21 -18.74 -14.95 -33.90
C GLU E 21 -17.80 -14.00 -33.19
N ASN E 22 -18.28 -12.87 -32.70
CA ASN E 22 -17.47 -11.99 -31.87
C ASN E 22 -17.98 -11.86 -30.44
N GLU E 23 -18.88 -12.75 -30.00
CA GLU E 23 -19.31 -12.82 -28.61
C GLU E 23 -19.95 -11.50 -28.19
N VAL E 24 -20.99 -11.09 -28.90
CA VAL E 24 -21.52 -9.74 -28.76
C VAL E 24 -22.67 -9.72 -27.77
N GLU E 25 -22.62 -8.75 -26.87
CA GLU E 25 -23.65 -8.61 -25.87
C GLU E 25 -24.43 -7.32 -26.02
N PHE E 26 -23.89 -6.35 -26.74
CA PHE E 26 -24.56 -5.07 -26.91
C PHE E 26 -24.22 -4.51 -28.27
N VAL E 27 -25.19 -3.84 -28.86
CA VAL E 27 -24.99 -3.10 -30.09
C VAL E 27 -25.16 -1.62 -29.77
N ASP E 28 -24.15 -0.84 -30.11
CA ASP E 28 -24.03 0.56 -29.73
C ASP E 28 -24.28 1.45 -30.96
N PHE E 29 -25.52 1.88 -31.15
CA PHE E 29 -25.82 2.72 -32.30
C PHE E 29 -25.33 4.13 -32.01
N ARG E 30 -24.46 4.65 -32.89
CA ARG E 30 -23.81 5.93 -32.71
C ARG E 30 -24.15 6.95 -33.79
N PHE E 31 -24.25 8.21 -33.38
CA PHE E 31 -24.65 9.29 -34.28
C PHE E 31 -24.16 10.61 -33.73
N SER E 32 -23.91 11.56 -34.63
CA SER E 32 -23.23 12.82 -34.34
C SER E 32 -24.19 13.99 -34.38
N ASP E 33 -24.28 14.74 -33.28
CA ASP E 33 -25.11 15.95 -33.28
C ASP E 33 -24.47 17.04 -34.15
N ILE E 34 -25.18 18.17 -34.26
CA ILE E 34 -24.73 19.28 -35.09
C ILE E 34 -23.35 19.73 -34.64
N LYS E 35 -23.17 19.89 -33.34
CA LYS E 35 -21.91 20.38 -32.79
C LYS E 35 -20.75 19.49 -33.18
N GLY E 36 -21.00 18.19 -33.36
CA GLY E 36 -19.96 17.19 -33.55
C GLY E 36 -19.84 16.16 -32.43
N THR E 37 -20.65 16.26 -31.39
CA THR E 37 -20.53 15.30 -30.30
C THR E 37 -20.91 13.92 -30.78
N TRP E 38 -20.11 12.92 -30.45
CA TRP E 38 -20.49 11.56 -30.78
C TRP E 38 -21.39 11.03 -29.69
N ASN E 39 -22.54 10.48 -30.08
CA ASN E 39 -23.55 10.01 -29.14
C ASN E 39 -23.87 8.53 -29.34
N HIS E 40 -24.28 7.88 -28.27
CA HIS E 40 -24.58 6.47 -28.40
C HIS E 40 -25.74 6.13 -27.50
N ILE E 41 -26.36 5.03 -27.84
CA ILE E 41 -27.46 4.43 -27.13
C ILE E 41 -27.31 2.94 -27.41
N ALA E 42 -27.14 2.15 -26.35
CA ALA E 42 -26.77 0.75 -26.44
C ALA E 42 -28.00 -0.13 -26.29
N TYR E 43 -28.13 -1.08 -27.19
CA TYR E 43 -29.17 -2.09 -27.14
C TYR E 43 -28.57 -3.45 -26.79
N SER E 44 -29.26 -4.20 -25.94
CA SER E 44 -28.91 -5.60 -25.73
C SER E 44 -29.05 -6.37 -27.04
N PHE E 45 -28.01 -7.10 -27.41
CA PHE E 45 -28.03 -7.85 -28.67
C PHE E 45 -29.32 -8.65 -28.70
N GLY E 46 -29.33 -9.85 -28.13
CA GLY E 46 -30.52 -10.68 -28.00
C GLY E 46 -31.90 -10.13 -28.37
N ALA E 47 -32.08 -8.83 -28.16
CA ALA E 47 -33.34 -8.16 -28.46
C ALA E 47 -33.35 -7.46 -29.81
N LEU E 48 -32.35 -7.70 -30.66
CA LEU E 48 -32.29 -7.05 -31.97
C LEU E 48 -32.86 -7.98 -33.02
N THR E 49 -33.88 -7.51 -33.75
CA THR E 49 -34.36 -8.25 -34.91
C THR E 49 -33.87 -7.56 -36.19
N HIS E 50 -33.81 -8.32 -37.29
CA HIS E 50 -33.47 -7.72 -38.60
C HIS E 50 -34.36 -6.53 -38.90
N GLY E 51 -35.65 -6.65 -38.60
CA GLY E 51 -36.58 -5.57 -38.87
C GLY E 51 -36.24 -4.34 -38.05
N MET E 52 -35.63 -4.55 -36.89
CA MET E 52 -35.30 -3.42 -36.06
C MET E 52 -34.22 -2.56 -36.67
N LEU E 53 -33.42 -3.13 -37.57
CA LEU E 53 -32.42 -2.32 -38.23
C LEU E 53 -32.90 -1.83 -39.59
N LYS E 54 -34.11 -2.19 -39.99
CA LYS E 54 -34.72 -1.55 -41.14
C LYS E 54 -35.48 -0.36 -40.59
N GLU E 55 -36.64 -0.66 -40.01
CA GLU E 55 -37.53 0.32 -39.41
C GLU E 55 -36.75 1.42 -38.68
N GLY E 56 -35.92 1.05 -37.69
CA GLY E 56 -35.03 1.99 -37.04
C GLY E 56 -35.11 1.97 -35.52
N ILE E 57 -34.36 2.90 -34.91
CA ILE E 57 -34.22 2.99 -33.48
C ILE E 57 -34.80 4.33 -33.02
N PRO E 58 -35.84 4.34 -32.19
CA PRO E 58 -36.42 5.60 -31.74
C PRO E 58 -35.53 6.24 -30.71
N PHE E 59 -35.60 7.56 -30.63
CA PHE E 59 -34.92 8.32 -29.59
C PHE E 59 -35.55 9.69 -29.49
N ASP E 60 -35.04 10.49 -28.55
CA ASP E 60 -35.57 11.83 -28.23
C ASP E 60 -34.64 12.90 -28.81
N ALA E 61 -34.95 13.33 -30.01
CA ALA E 61 -34.18 14.34 -30.71
C ALA E 61 -34.53 15.74 -30.24
N SER E 62 -35.29 15.86 -29.16
CA SER E 62 -35.54 17.18 -28.61
C SER E 62 -34.42 17.64 -27.69
N CYS E 63 -33.57 16.73 -27.23
CA CYS E 63 -32.44 17.04 -26.34
C CYS E 63 -31.24 17.61 -27.06
N PHE E 64 -31.30 17.80 -28.38
CA PHE E 64 -30.14 18.19 -29.16
C PHE E 64 -30.37 19.56 -29.73
N LYS E 65 -29.45 20.46 -29.42
CA LYS E 65 -29.59 21.83 -29.85
C LYS E 65 -29.52 21.88 -31.37
N GLY E 66 -30.42 22.64 -32.00
CA GLY E 66 -30.49 22.66 -33.44
C GLY E 66 -31.41 21.64 -34.06
N TRP E 67 -31.97 20.74 -33.27
CA TRP E 67 -32.83 19.69 -33.79
C TRP E 67 -34.28 19.97 -33.42
N GLN E 68 -34.98 19.03 -32.80
CA GLN E 68 -36.43 19.01 -32.70
C GLN E 68 -36.92 19.81 -31.53
N GLY E 69 -38.13 20.34 -31.68
CA GLY E 69 -38.88 20.81 -30.54
C GLY E 69 -39.50 19.65 -29.78
N ILE E 70 -39.86 19.91 -28.53
CA ILE E 70 -40.42 18.87 -27.67
C ILE E 70 -41.75 18.35 -28.21
N GLU E 71 -42.56 19.22 -28.83
CA GLU E 71 -43.83 18.79 -29.42
C GLU E 71 -43.61 17.73 -30.50
N HIS E 72 -42.48 17.82 -31.20
CA HIS E 72 -42.08 16.89 -32.25
C HIS E 72 -40.77 16.24 -31.84
N SER E 73 -40.78 15.60 -30.68
CA SER E 73 -39.56 15.08 -30.08
C SER E 73 -39.09 13.79 -30.74
N ASP E 74 -40.01 12.90 -31.13
CA ASP E 74 -39.61 11.60 -31.66
C ASP E 74 -38.94 11.76 -33.00
N MET E 75 -37.82 11.07 -33.19
CA MET E 75 -37.19 10.90 -34.50
C MET E 75 -36.72 9.45 -34.56
N ILE E 76 -36.13 9.07 -35.68
CA ILE E 76 -35.63 7.70 -35.86
C ILE E 76 -34.14 7.80 -36.18
N LEU E 77 -33.35 6.91 -35.60
CA LEU E 77 -32.00 6.65 -36.09
C LEU E 77 -32.05 5.52 -37.10
N THR E 78 -31.41 5.73 -38.25
CA THR E 78 -31.33 4.69 -39.27
C THR E 78 -29.91 4.16 -39.28
N PRO E 79 -29.67 2.97 -38.75
CA PRO E 79 -28.30 2.44 -38.69
C PRO E 79 -27.78 2.16 -40.09
N ASP E 80 -26.50 2.49 -40.30
CA ASP E 80 -25.77 2.20 -41.53
C ASP E 80 -24.72 1.11 -41.27
N LEU E 81 -24.79 0.03 -42.06
CA LEU E 81 -23.91 -1.13 -41.83
C LEU E 81 -22.61 -1.05 -42.63
N VAL E 82 -21.87 0.00 -42.35
CA VAL E 82 -20.51 0.16 -42.84
C VAL E 82 -19.65 0.53 -41.65
N ARG E 83 -18.40 0.06 -41.65
CA ARG E 83 -17.40 0.49 -40.69
C ARG E 83 -17.80 0.26 -39.23
N TYR E 84 -18.71 -0.67 -38.96
CA TYR E 84 -18.96 -1.08 -37.58
C TYR E 84 -17.73 -1.79 -36.97
N PHE E 85 -17.68 -1.79 -35.64
CA PHE E 85 -16.52 -2.35 -34.96
C PHE E 85 -16.82 -2.69 -33.49
N ILE E 86 -16.02 -3.61 -32.98
CA ILE E 86 -16.04 -3.96 -31.58
C ILE E 86 -15.47 -2.81 -30.78
N ASP E 87 -16.16 -2.42 -29.75
CA ASP E 87 -15.62 -1.41 -28.89
C ASP E 87 -14.46 -2.00 -28.09
N PRO E 88 -13.25 -1.46 -28.19
CA PRO E 88 -12.13 -2.07 -27.43
C PRO E 88 -12.21 -1.80 -25.94
N PHE E 89 -12.84 -0.71 -25.52
CA PHE E 89 -12.78 -0.28 -24.13
C PHE E 89 -13.78 -1.00 -23.24
N SER E 90 -14.96 -1.26 -23.79
CA SER E 90 -16.09 -1.83 -23.06
C SER E 90 -15.76 -3.16 -22.38
N ALA E 91 -16.19 -3.29 -21.11
CA ALA E 91 -15.97 -4.52 -20.36
C ALA E 91 -16.68 -5.70 -21.01
N ASP E 92 -17.92 -5.50 -21.40
CA ASP E 92 -18.68 -6.50 -22.13
C ASP E 92 -18.62 -6.17 -23.60
N VAL E 93 -18.58 -7.22 -24.43
CA VAL E 93 -18.38 -7.02 -25.85
C VAL E 93 -19.53 -6.18 -26.40
N SER E 94 -19.19 -5.15 -27.15
CA SER E 94 -20.16 -4.23 -27.71
C SER E 94 -19.73 -3.93 -29.12
N VAL E 95 -20.69 -3.81 -30.03
CA VAL E 95 -20.39 -3.43 -31.39
C VAL E 95 -20.89 -2.03 -31.59
N VAL E 96 -20.07 -1.22 -32.18
CA VAL E 96 -20.44 0.15 -32.50
C VAL E 96 -21.02 0.17 -33.91
N VAL E 97 -22.08 0.96 -34.10
CA VAL E 97 -22.72 1.10 -35.41
C VAL E 97 -23.10 2.57 -35.63
N PHE E 98 -22.74 3.14 -36.78
CA PHE E 98 -23.07 4.53 -37.12
C PHE E 98 -24.54 4.66 -37.45
N CYS E 99 -25.05 5.88 -37.40
CA CYS E 99 -26.46 6.07 -37.70
C CYS E 99 -26.69 7.43 -38.37
N ASP E 100 -27.75 7.50 -39.16
CA ASP E 100 -28.33 8.72 -39.70
C ASP E 100 -29.61 8.97 -38.91
N VAL E 101 -30.04 10.24 -38.82
CA VAL E 101 -31.35 10.52 -38.26
C VAL E 101 -32.38 10.54 -39.41
N TYR E 102 -33.49 9.82 -39.23
CA TYR E 102 -34.56 9.87 -40.22
C TYR E 102 -35.69 10.72 -39.68
N ASP E 103 -36.06 11.72 -40.45
CA ASP E 103 -37.13 12.64 -40.10
C ASP E 103 -38.45 11.97 -40.42
N VAL E 104 -39.28 11.75 -39.40
CA VAL E 104 -40.54 11.02 -39.58
C VAL E 104 -41.69 11.95 -39.91
N TYR E 105 -41.48 13.26 -39.82
CA TYR E 105 -42.54 14.21 -40.16
C TYR E 105 -42.47 14.61 -41.61
N LYS E 106 -41.29 14.56 -42.22
CA LYS E 106 -41.15 14.86 -43.64
C LYS E 106 -40.89 13.60 -44.45
N ASN E 107 -40.69 12.48 -43.78
CA ASN E 107 -40.48 11.20 -44.42
C ASN E 107 -39.35 11.26 -45.46
N GLN E 108 -38.23 11.85 -45.04
CA GLN E 108 -36.98 11.96 -45.78
C GLN E 108 -35.84 11.83 -44.79
N PRO E 109 -34.66 11.32 -45.21
CA PRO E 109 -33.50 11.37 -44.31
C PRO E 109 -33.31 12.79 -43.81
N TYR E 110 -32.97 12.91 -42.53
CA TYR E 110 -33.08 14.16 -41.80
C TYR E 110 -32.17 15.26 -42.36
N GLU E 111 -32.79 16.41 -42.68
CA GLU E 111 -32.10 17.55 -43.30
C GLU E 111 -31.13 18.25 -42.36
N LYS E 112 -31.19 17.99 -41.06
CA LYS E 112 -30.25 18.56 -40.10
C LYS E 112 -29.29 17.52 -39.53
N CYS E 113 -29.23 16.34 -40.14
CA CYS E 113 -28.30 15.30 -39.73
C CYS E 113 -26.98 15.47 -40.48
N PRO E 114 -25.89 15.84 -39.81
CA PRO E 114 -24.63 16.07 -40.54
C PRO E 114 -24.19 14.89 -41.36
N ARG E 115 -24.22 13.68 -40.80
CA ARG E 115 -23.83 12.53 -41.60
C ARG E 115 -24.71 12.35 -42.83
N SER E 116 -26.00 12.69 -42.73
CA SER E 116 -26.83 12.69 -43.95
C SER E 116 -26.44 13.84 -44.87
N ILE E 117 -26.18 15.03 -44.32
CA ILE E 117 -25.68 16.14 -45.13
C ILE E 117 -24.41 15.72 -45.88
N ALA E 118 -23.54 14.96 -45.21
CA ALA E 118 -22.35 14.47 -45.91
C ALA E 118 -22.68 13.46 -46.99
N LYS E 119 -23.81 12.76 -46.90
CA LYS E 119 -24.17 11.86 -47.99
C LYS E 119 -24.78 12.60 -49.16
N LYS E 120 -25.53 13.65 -48.89
CA LYS E 120 -26.15 14.38 -50.00
C LYS E 120 -25.12 15.15 -50.82
N ALA E 121 -23.98 15.53 -50.24
CA ALA E 121 -22.98 16.26 -51.02
C ALA E 121 -22.21 15.34 -51.97
N LEU E 122 -21.89 14.11 -51.50
CA LEU E 122 -21.19 13.19 -52.38
C LEU E 122 -22.10 12.66 -53.46
N GLN E 123 -23.38 12.47 -53.17
CA GLN E 123 -24.34 12.17 -54.22
C GLN E 123 -24.39 13.32 -55.23
N HIS E 124 -24.50 14.57 -54.73
CA HIS E 124 -24.46 15.74 -55.60
C HIS E 124 -23.23 15.77 -56.50
N LEU E 125 -22.12 15.15 -56.07
CA LEU E 125 -20.93 15.15 -56.89
C LEU E 125 -21.05 14.17 -58.05
N LYS E 126 -21.67 13.01 -57.82
CA LYS E 126 -21.84 12.05 -58.91
C LYS E 126 -22.93 12.52 -59.87
N ASP E 127 -24.09 12.90 -59.33
CA ASP E 127 -25.20 13.38 -60.14
C ASP E 127 -24.80 14.56 -61.04
N SER E 128 -23.86 15.38 -60.59
CA SER E 128 -23.42 16.51 -61.38
C SER E 128 -22.55 16.11 -62.55
N GLY E 129 -22.02 14.89 -62.54
CA GLY E 129 -21.18 14.42 -63.61
C GLY E 129 -19.72 14.82 -63.49
N LEU E 130 -19.41 15.82 -62.67
CA LEU E 130 -18.04 16.25 -62.54
C LEU E 130 -17.13 15.15 -62.01
N GLY E 131 -17.55 14.43 -60.98
CA GLY E 131 -16.68 13.45 -60.37
C GLY E 131 -17.40 12.22 -59.87
N ASP E 132 -16.60 11.18 -59.59
CA ASP E 132 -17.09 9.90 -59.05
C ASP E 132 -16.84 9.74 -57.56
N VAL E 133 -15.60 9.98 -57.11
CA VAL E 133 -15.23 9.91 -55.70
C VAL E 133 -14.66 11.26 -55.28
N ALA E 134 -14.82 11.59 -54.01
CA ALA E 134 -14.14 12.73 -53.39
C ALA E 134 -13.34 12.18 -52.22
N TYR E 135 -12.03 12.16 -52.36
CA TYR E 135 -11.14 11.60 -51.35
C TYR E 135 -10.69 12.68 -50.37
N PHE E 136 -10.78 12.36 -49.07
CA PHE E 136 -10.37 13.22 -47.95
C PHE E 136 -9.41 12.47 -47.04
N GLY E 137 -8.45 13.20 -46.48
CA GLY E 137 -7.46 12.60 -45.60
C GLY E 137 -7.17 13.55 -44.46
N ALA E 138 -7.63 13.24 -43.25
CA ALA E 138 -7.63 14.20 -42.16
C ALA E 138 -6.47 13.98 -41.20
N GLU E 139 -5.78 15.08 -40.85
CA GLU E 139 -4.77 15.07 -39.79
C GLU E 139 -5.31 15.84 -38.61
N ASN E 140 -5.66 15.13 -37.54
CA ASN E 140 -6.19 15.71 -36.33
C ASN E 140 -5.10 15.73 -35.27
N GLU E 141 -4.41 16.87 -35.16
CA GLU E 141 -3.52 17.12 -34.03
C GLU E 141 -4.31 17.15 -32.73
N PHE E 142 -3.70 16.58 -31.69
CA PHE E 142 -4.37 16.49 -30.41
C PHE E 142 -3.33 16.66 -29.32
N PHE E 143 -3.85 16.75 -28.09
CA PHE E 143 -3.10 17.04 -26.88
C PHE E 143 -3.45 15.99 -25.85
N ILE E 144 -2.46 15.54 -25.08
CA ILE E 144 -2.73 14.61 -24.00
C ILE E 144 -2.16 15.21 -22.72
N PHE E 145 -3.04 15.71 -21.86
CA PHE E 145 -2.68 16.38 -20.63
C PHE E 145 -2.79 15.43 -19.46
N ASP E 146 -2.24 15.86 -18.32
CA ASP E 146 -2.53 15.10 -17.09
C ASP E 146 -3.86 15.53 -16.49
N SER E 147 -4.16 16.82 -16.45
CA SER E 147 -5.34 17.26 -15.74
C SER E 147 -5.87 18.54 -16.37
N ILE E 148 -7.17 18.78 -16.22
CA ILE E 148 -7.80 19.99 -16.69
C ILE E 148 -8.79 20.44 -15.64
N LYS E 149 -8.72 21.72 -15.22
CA LYS E 149 -9.52 22.28 -14.13
C LYS E 149 -10.17 23.57 -14.60
N ILE E 150 -11.47 23.71 -14.37
CA ILE E 150 -12.26 24.79 -14.95
C ILE E 150 -13.16 25.39 -13.89
N LYS E 151 -13.45 26.68 -14.05
CA LYS E 151 -14.35 27.34 -13.14
C LYS E 151 -15.04 28.43 -13.94
N ASP E 152 -16.38 28.36 -13.98
CA ASP E 152 -17.25 29.34 -14.63
C ASP E 152 -18.27 29.78 -13.59
N ALA E 153 -18.19 31.03 -13.15
CA ALA E 153 -19.09 31.51 -12.12
C ALA E 153 -19.12 33.02 -12.14
N SER E 154 -20.09 33.55 -11.41
CA SER E 154 -20.27 34.98 -11.20
C SER E 154 -18.98 35.78 -10.98
N ASN E 155 -18.11 35.31 -10.10
CA ASN E 155 -16.97 36.10 -9.64
C ASN E 155 -15.64 35.53 -10.08
N SER E 156 -15.65 34.51 -10.92
CA SER E 156 -14.43 33.78 -11.21
C SER E 156 -14.58 33.10 -12.56
N GLN E 157 -13.60 33.30 -13.44
CA GLN E 157 -13.35 32.43 -14.58
C GLN E 157 -11.98 31.80 -14.43
N TYR E 158 -11.83 30.53 -14.85
CA TYR E 158 -10.59 29.82 -14.54
C TYR E 158 -10.42 28.61 -15.45
N TYR E 159 -9.22 28.45 -16.01
CA TYR E 159 -8.84 27.18 -16.62
C TYR E 159 -7.39 26.90 -16.26
N GLU E 160 -7.03 25.61 -16.24
CA GLU E 160 -5.65 25.19 -16.01
C GLU E 160 -5.45 23.77 -16.55
N VAL E 161 -4.60 23.65 -17.57
CA VAL E 161 -4.15 22.34 -18.04
C VAL E 161 -2.82 21.99 -17.39
N ASP E 162 -2.59 20.69 -17.30
CA ASP E 162 -1.38 20.20 -16.67
C ASP E 162 -0.83 18.99 -17.42
N SER E 163 0.49 18.97 -17.54
CA SER E 163 1.27 17.97 -18.25
C SER E 163 2.71 17.99 -17.73
N GLU E 164 3.33 16.81 -17.58
CA GLU E 164 4.70 16.80 -17.09
C GLU E 164 5.68 17.35 -18.11
N GLU E 165 5.29 17.41 -19.39
CA GLU E 165 6.18 17.98 -20.37
C GLU E 165 6.17 19.51 -20.37
N GLY E 166 5.20 20.16 -19.75
CA GLY E 166 5.06 21.58 -19.91
C GLY E 166 6.15 22.35 -19.17
N GLU E 167 6.56 23.47 -19.77
CA GLU E 167 7.47 24.42 -19.11
C GLU E 167 7.01 24.76 -17.69
N TRP E 168 5.69 24.83 -17.46
CA TRP E 168 5.22 25.28 -16.16
C TRP E 168 5.53 24.30 -15.04
N ASN E 169 6.06 23.12 -15.35
CA ASN E 169 6.34 22.12 -14.33
C ASN E 169 7.84 21.95 -14.07
N ARG E 170 8.68 22.84 -14.61
CA ARG E 170 10.13 22.72 -14.54
C ARG E 170 10.68 22.75 -13.12
N ASP E 171 9.91 23.28 -12.18
CA ASP E 171 10.33 23.55 -10.81
C ASP E 171 9.51 22.76 -9.80
N ARG E 172 8.50 22.04 -10.28
CA ARG E 172 7.52 21.38 -9.42
C ARG E 172 8.10 20.14 -8.78
N SER E 173 7.55 19.80 -7.62
CA SER E 173 7.82 18.56 -6.90
C SER E 173 6.71 17.57 -7.25
N PHE E 174 7.09 16.40 -7.78
CA PHE E 174 6.10 15.40 -8.21
C PHE E 174 5.85 14.33 -7.14
N GLU E 175 6.51 13.17 -7.29
CA GLU E 175 6.46 12.08 -6.32
C GLU E 175 7.80 12.04 -5.57
N ASN E 176 7.78 12.43 -4.30
CA ASN E 176 8.95 12.67 -3.46
C ASN E 176 9.71 13.93 -3.89
N GLY E 177 9.06 14.81 -4.65
CA GLY E 177 9.72 16.00 -5.14
C GLY E 177 10.79 15.76 -6.19
N VAL E 178 10.69 14.63 -6.91
CA VAL E 178 11.59 14.32 -8.01
C VAL E 178 10.96 14.81 -9.30
N ASN E 179 11.74 15.53 -10.07
CA ASN E 179 11.34 16.10 -11.35
C ASN E 179 12.29 15.54 -12.38
N PHE E 180 11.77 14.99 -13.46
CA PHE E 180 12.70 14.29 -14.32
C PHE E 180 13.42 15.21 -15.29
N GLY E 181 13.07 16.47 -15.37
CA GLY E 181 13.71 17.26 -16.40
C GLY E 181 13.31 16.72 -17.76
N HIS E 182 14.20 16.90 -18.75
CA HIS E 182 13.98 16.43 -20.13
C HIS E 182 12.63 16.86 -20.67
N ARG E 183 12.51 18.14 -21.07
CA ARG E 183 11.24 18.69 -21.52
C ARG E 183 11.40 19.43 -22.84
N PRO E 184 10.51 19.24 -23.80
CA PRO E 184 10.53 20.12 -24.96
C PRO E 184 10.20 21.52 -24.48
N GLY E 185 10.88 22.51 -25.04
CA GLY E 185 10.52 23.86 -24.66
C GLY E 185 9.11 24.19 -25.12
N LYS E 186 8.67 25.43 -24.91
CA LYS E 186 7.56 25.93 -25.70
C LYS E 186 7.86 25.73 -27.19
N GLN E 187 6.85 25.31 -27.95
CA GLN E 187 7.02 25.06 -29.39
C GLN E 187 8.18 24.13 -29.70
N GLY E 188 8.56 23.26 -28.77
CA GLY E 188 9.77 22.46 -28.96
C GLY E 188 9.59 20.97 -29.12
N GLY E 189 8.37 20.48 -29.28
CA GLY E 189 8.12 19.07 -29.32
C GLY E 189 8.42 18.36 -30.64
N TYR E 190 8.94 19.05 -31.65
CA TYR E 190 9.09 18.42 -32.97
C TYR E 190 10.55 18.25 -33.32
N MET E 191 11.07 17.03 -33.19
CA MET E 191 10.38 15.87 -32.61
C MET E 191 11.34 15.15 -31.70
N PRO E 192 11.70 15.71 -30.56
CA PRO E 192 12.73 15.06 -29.74
C PRO E 192 12.36 13.61 -29.45
N VAL E 193 13.41 12.81 -29.28
CA VAL E 193 13.25 11.42 -28.86
C VAL E 193 13.05 11.43 -27.35
N PRO E 194 12.52 10.37 -26.78
CA PRO E 194 12.46 10.20 -25.33
C PRO E 194 13.87 10.25 -24.75
N PRO E 195 14.00 10.65 -23.48
CA PRO E 195 12.86 10.89 -22.59
C PRO E 195 12.16 12.28 -22.74
N THR E 196 12.66 13.16 -23.62
CA THR E 196 11.98 14.43 -23.86
C THR E 196 10.54 14.19 -24.30
N ASP E 197 10.36 13.23 -25.18
CA ASP E 197 9.07 12.78 -25.67
C ASP E 197 8.55 11.73 -24.69
N THR E 198 7.54 12.07 -23.91
CA THR E 198 7.00 11.12 -22.95
C THR E 198 5.90 10.24 -23.52
N MET E 199 5.42 10.53 -24.73
CA MET E 199 4.18 9.97 -25.23
C MET E 199 4.39 8.86 -26.24
N MET E 200 5.59 8.31 -26.32
CA MET E 200 5.87 7.34 -27.37
C MET E 200 5.05 6.07 -27.19
N ASP E 201 4.85 5.62 -25.94
CA ASP E 201 4.03 4.43 -25.75
C ASP E 201 2.53 4.76 -25.80
N ILE E 202 2.17 5.99 -25.44
CA ILE E 202 0.78 6.39 -25.56
C ILE E 202 0.41 6.49 -27.03
N ARG E 203 1.29 7.09 -27.84
CA ARG E 203 1.04 7.15 -29.28
C ARG E 203 1.07 5.77 -29.94
N THR E 204 2.06 4.94 -29.60
CA THR E 204 2.10 3.61 -30.19
C THR E 204 0.85 2.84 -29.85
N GLU E 205 0.32 2.99 -28.61
CA GLU E 205 -0.88 2.23 -28.25
C GLU E 205 -2.12 2.78 -28.95
N ILE E 206 -2.14 4.09 -29.22
CA ILE E 206 -3.22 4.69 -30.01
C ILE E 206 -3.28 4.06 -31.39
N VAL E 207 -2.17 4.06 -32.12
CA VAL E 207 -2.17 3.44 -33.43
C VAL E 207 -2.66 1.99 -33.36
N LYS E 208 -2.26 1.26 -32.31
CA LYS E 208 -2.63 -0.16 -32.21
C LYS E 208 -4.14 -0.33 -32.22
N VAL E 209 -4.84 0.51 -31.46
CA VAL E 209 -6.29 0.42 -31.37
C VAL E 209 -6.96 0.91 -32.64
N LEU E 210 -6.39 1.91 -33.30
CA LEU E 210 -6.96 2.42 -34.54
C LEU E 210 -7.04 1.33 -35.61
N ASN E 211 -6.01 0.48 -35.72
CA ASN E 211 -6.14 -0.63 -36.65
C ASN E 211 -7.24 -1.59 -36.21
N GLN E 212 -7.28 -1.93 -34.91
CA GLN E 212 -8.30 -2.86 -34.40
C GLN E 212 -9.72 -2.40 -34.71
N VAL E 213 -9.92 -1.09 -34.81
CA VAL E 213 -11.23 -0.51 -35.01
C VAL E 213 -11.46 -0.08 -36.47
N GLY E 214 -10.73 -0.69 -37.42
CA GLY E 214 -10.90 -0.47 -38.84
C GLY E 214 -10.24 0.78 -39.41
N LEU E 215 -9.10 1.19 -38.87
CA LEU E 215 -8.44 2.39 -39.34
C LEU E 215 -6.98 2.11 -39.68
N GLU E 216 -6.60 2.41 -40.91
CA GLU E 216 -5.24 2.24 -41.39
C GLU E 216 -4.44 3.50 -41.08
N THR E 217 -3.33 3.32 -40.35
CA THR E 217 -2.46 4.40 -39.89
C THR E 217 -1.13 4.33 -40.61
N PHE E 218 -0.46 5.47 -40.76
CA PHE E 218 0.89 5.36 -41.29
C PHE E 218 1.89 6.11 -40.40
N VAL E 219 1.72 7.41 -40.21
CA VAL E 219 2.70 8.18 -39.44
C VAL E 219 2.18 8.45 -38.04
N VAL E 220 3.11 8.47 -37.09
CA VAL E 220 2.82 8.82 -35.71
C VAL E 220 3.99 9.55 -35.06
N HIS E 221 3.76 10.78 -34.64
CA HIS E 221 4.87 11.51 -34.07
C HIS E 221 4.38 12.50 -33.05
N HIS E 222 5.31 12.88 -32.17
CA HIS E 222 5.10 14.09 -31.42
C HIS E 222 4.94 15.23 -32.42
N GLU E 223 4.20 16.25 -32.01
CA GLU E 223 4.03 17.49 -32.77
C GLU E 223 4.77 18.65 -32.07
N VAL E 224 4.53 19.87 -32.55
CA VAL E 224 5.36 21.00 -32.15
C VAL E 224 5.07 21.43 -30.74
N ALA E 225 3.81 21.50 -30.36
CA ALA E 225 3.48 21.94 -29.03
C ALA E 225 3.79 20.84 -28.02
N GLN E 226 3.82 21.24 -26.75
CA GLN E 226 4.55 20.49 -25.74
C GLN E 226 3.97 19.09 -25.54
N ALA E 227 2.66 18.97 -25.42
CA ALA E 227 2.08 17.66 -25.13
C ALA E 227 1.29 17.11 -26.30
N GLN E 228 1.67 17.49 -27.50
CA GLN E 228 0.87 17.40 -28.71
C GLN E 228 1.22 16.15 -29.51
N GLY E 229 0.29 15.73 -30.36
CA GLY E 229 0.51 14.52 -31.13
C GLY E 229 -0.28 14.60 -32.40
N GLU E 230 -0.10 13.59 -33.26
CA GLU E 230 -0.78 13.55 -34.55
C GLU E 230 -0.68 12.11 -35.01
N VAL E 231 -1.68 11.65 -35.76
CA VAL E 231 -1.63 10.34 -36.40
C VAL E 231 -2.07 10.51 -37.85
N GLY E 232 -1.31 9.90 -38.77
CA GLY E 232 -1.72 9.85 -40.16
C GLY E 232 -2.69 8.71 -40.39
N VAL E 233 -3.85 9.03 -40.97
CA VAL E 233 -4.86 8.02 -41.25
C VAL E 233 -5.11 7.97 -42.75
N LYS E 234 -5.25 6.75 -43.26
CA LYS E 234 -5.54 6.48 -44.66
C LYS E 234 -6.66 7.37 -45.16
N PHE E 235 -6.40 8.07 -46.28
CA PHE E 235 -7.45 8.75 -47.04
C PHE E 235 -8.73 7.95 -47.10
N GLY E 236 -9.86 8.64 -47.15
CA GLY E 236 -11.12 8.00 -47.41
C GLY E 236 -12.02 8.97 -48.15
N ASP E 237 -13.08 8.43 -48.74
CA ASP E 237 -14.06 9.29 -49.37
C ASP E 237 -14.80 10.12 -48.29
N LEU E 238 -15.58 11.10 -48.75
CA LEU E 238 -16.00 12.18 -47.86
C LEU E 238 -16.72 11.68 -46.60
N VAL E 239 -17.71 10.78 -46.76
CA VAL E 239 -18.41 10.32 -45.56
C VAL E 239 -17.48 9.44 -44.73
N GLU E 240 -16.88 8.43 -45.35
CA GLU E 240 -15.98 7.53 -44.64
C GLU E 240 -14.85 8.27 -43.94
N ALA E 241 -14.33 9.34 -44.52
CA ALA E 241 -13.28 10.06 -43.82
C ALA E 241 -13.79 10.62 -42.48
N ALA E 242 -14.95 11.32 -42.50
CA ALA E 242 -15.49 11.93 -41.27
C ALA E 242 -15.93 10.88 -40.27
N ASP E 243 -16.34 9.69 -40.74
CA ASP E 243 -16.59 8.56 -39.85
C ASP E 243 -15.30 8.15 -39.12
N ASN E 244 -14.20 8.12 -39.86
CA ASN E 244 -12.92 7.74 -39.24
C ASN E 244 -12.38 8.85 -38.37
N VAL E 245 -12.75 10.11 -38.65
CA VAL E 245 -12.42 11.21 -37.76
C VAL E 245 -13.12 11.07 -36.41
N GLN E 246 -14.44 10.82 -36.43
CA GLN E 246 -15.16 10.51 -35.20
C GLN E 246 -14.50 9.33 -34.45
N LYS E 247 -14.10 8.26 -35.17
CA LYS E 247 -13.43 7.14 -34.51
C LYS E 247 -12.14 7.59 -33.82
N LEU E 248 -11.23 8.19 -34.59
CA LEU E 248 -9.93 8.61 -34.07
C LEU E 248 -10.10 9.42 -32.80
N LYS E 249 -11.02 10.39 -32.83
CA LYS E 249 -11.36 11.13 -31.62
C LYS E 249 -11.74 10.22 -30.46
N TYR E 250 -12.49 9.16 -30.74
CA TYR E 250 -12.90 8.25 -29.68
C TYR E 250 -11.70 7.51 -29.11
N VAL E 251 -10.75 7.11 -29.94
CA VAL E 251 -9.68 6.27 -29.43
C VAL E 251 -8.71 7.06 -28.57
N VAL E 252 -8.21 8.19 -29.04
CA VAL E 252 -7.21 8.85 -28.22
C VAL E 252 -7.84 9.39 -26.94
N LYS E 253 -9.07 9.92 -27.01
CA LYS E 253 -9.67 10.39 -25.77
C LYS E 253 -9.82 9.27 -24.73
N MET E 254 -10.16 8.04 -25.20
CA MET E 254 -10.40 6.92 -24.29
C MET E 254 -9.13 6.23 -23.86
N VAL E 255 -8.16 6.18 -24.75
CA VAL E 255 -6.89 5.57 -24.44
C VAL E 255 -6.11 6.44 -23.51
N ALA E 256 -6.13 7.76 -23.76
CA ALA E 256 -5.69 8.71 -22.76
C ALA E 256 -6.32 8.40 -21.41
N HIS E 257 -7.64 8.22 -21.37
CA HIS E 257 -8.33 7.99 -20.11
C HIS E 257 -7.88 6.70 -19.44
N LEU E 258 -7.70 5.62 -20.22
CA LEU E 258 -7.23 4.36 -19.66
C LEU E 258 -5.82 4.51 -19.10
N ASN E 259 -5.02 5.39 -19.66
CA ASN E 259 -3.69 5.64 -19.15
C ASN E 259 -3.71 6.74 -18.11
N GLY E 260 -4.87 7.09 -17.61
CA GLY E 260 -4.93 8.02 -16.50
C GLY E 260 -4.70 9.46 -16.85
N LYS E 261 -4.94 9.84 -18.11
CA LYS E 261 -4.79 11.20 -18.61
C LYS E 261 -6.04 11.63 -19.35
N THR E 262 -5.95 12.73 -20.09
CA THR E 262 -7.14 13.31 -20.69
C THR E 262 -6.75 14.02 -21.97
N ALA E 263 -7.42 13.65 -23.06
CA ALA E 263 -7.07 14.16 -24.36
C ALA E 263 -7.98 15.34 -24.71
N THR E 264 -7.58 16.10 -25.71
CA THR E 264 -8.47 17.09 -26.28
C THR E 264 -7.97 17.43 -27.66
N PHE E 265 -8.91 17.59 -28.58
CA PHE E 265 -8.61 18.06 -29.91
C PHE E 265 -8.92 19.53 -30.08
N MET E 266 -9.11 20.27 -28.99
CA MET E 266 -9.49 21.67 -29.10
C MET E 266 -8.36 22.46 -29.75
N PRO E 267 -8.71 23.50 -30.53
CA PRO E 267 -7.69 24.17 -31.37
C PRO E 267 -6.55 24.80 -30.60
N LYS E 268 -6.83 25.59 -29.58
CA LYS E 268 -5.76 26.36 -28.94
C LYS E 268 -5.91 26.23 -27.45
N PRO E 269 -5.34 25.17 -26.85
CA PRO E 269 -5.35 25.06 -25.39
C PRO E 269 -4.28 25.87 -24.69
N LEU E 270 -3.13 26.15 -25.33
CA LEU E 270 -2.04 26.87 -24.67
C LEU E 270 -1.74 28.18 -25.39
N TYR E 271 -1.68 29.27 -24.63
CA TYR E 271 -1.22 30.52 -25.20
C TYR E 271 0.27 30.49 -25.52
N GLY E 272 0.62 31.00 -26.70
CA GLY E 272 2.01 31.11 -27.12
C GLY E 272 2.64 29.81 -27.56
N ASP E 273 1.83 28.79 -27.80
CA ASP E 273 2.30 27.50 -28.30
C ASP E 273 1.38 27.14 -29.45
N ASN E 274 1.81 26.16 -30.22
CA ASN E 274 1.12 25.78 -31.44
C ASN E 274 -0.30 25.33 -31.17
N GLY E 275 -1.20 25.68 -32.11
CA GLY E 275 -2.54 25.10 -32.08
C GLY E 275 -2.65 23.72 -32.79
N SER E 276 -3.84 23.13 -32.64
CA SER E 276 -4.18 21.86 -33.24
C SER E 276 -4.96 22.08 -34.54
N GLY E 277 -4.56 21.39 -35.61
CA GLY E 277 -5.28 21.51 -36.86
C GLY E 277 -5.99 20.25 -37.30
N MET E 278 -6.95 20.39 -38.23
CA MET E 278 -7.44 19.27 -39.05
C MET E 278 -7.02 19.56 -40.49
N HIS E 279 -5.75 19.31 -40.77
CA HIS E 279 -5.21 19.41 -42.11
C HIS E 279 -5.93 18.43 -43.03
N THR E 280 -6.72 18.98 -43.93
CA THR E 280 -7.55 18.16 -44.79
C THR E 280 -6.94 18.16 -46.18
N HIS E 281 -6.76 16.96 -46.72
CA HIS E 281 -6.22 16.74 -48.04
C HIS E 281 -7.35 16.26 -48.96
N VAL E 282 -7.56 16.94 -50.09
CA VAL E 282 -8.62 16.54 -51.00
C VAL E 282 -8.06 16.16 -52.36
N SER E 283 -8.69 15.18 -52.98
CA SER E 283 -8.54 14.91 -54.40
C SER E 283 -9.86 14.38 -54.95
N VAL E 284 -10.12 14.69 -56.20
CA VAL E 284 -11.28 14.20 -56.92
C VAL E 284 -10.82 13.21 -57.97
N TRP E 285 -11.57 12.11 -58.13
CA TRP E 285 -11.27 11.11 -59.14
C TRP E 285 -12.48 10.87 -60.02
N LYS E 286 -12.23 10.37 -61.23
CA LYS E 286 -13.30 9.89 -62.11
C LYS E 286 -12.69 8.78 -62.96
N ASN E 287 -13.38 7.62 -63.03
CA ASN E 287 -12.89 6.42 -63.73
C ASN E 287 -11.47 6.07 -63.29
N ASN E 288 -11.21 6.19 -61.99
CA ASN E 288 -9.94 5.86 -61.35
C ASN E 288 -8.78 6.76 -61.79
N GLU E 289 -9.04 7.97 -62.29
CA GLU E 289 -7.99 8.91 -62.63
C GLU E 289 -8.11 10.16 -61.76
N ASN E 290 -7.03 10.55 -61.12
CA ASN E 290 -7.10 11.72 -60.25
C ASN E 290 -7.24 12.96 -61.10
N LEU E 291 -8.42 13.62 -61.03
CA LEU E 291 -8.72 14.78 -61.84
C LEU E 291 -7.91 16.00 -61.44
N PHE E 292 -7.15 15.94 -60.37
CA PHE E 292 -6.39 17.10 -59.97
C PHE E 292 -5.03 17.20 -60.64
N SER E 293 -4.50 16.10 -61.14
CA SER E 293 -3.14 16.13 -61.68
C SER E 293 -3.17 16.72 -63.07
N GLY E 294 -2.24 17.62 -63.33
CA GLY E 294 -2.15 18.26 -64.63
C GLY E 294 -0.84 19.00 -64.77
N GLU E 295 -0.84 20.01 -65.65
CA GLU E 295 0.36 20.82 -65.89
C GLU E 295 0.07 22.31 -65.89
N THR E 296 -1.14 22.71 -65.52
CA THR E 296 -1.39 24.13 -65.32
C THR E 296 -0.46 24.71 -64.27
N TYR E 297 -0.26 23.97 -63.18
CA TYR E 297 0.60 24.42 -62.09
C TYR E 297 1.18 23.23 -61.32
N LYS E 298 2.50 23.24 -61.14
CA LYS E 298 3.23 22.25 -60.32
C LYS E 298 2.59 20.88 -60.21
N GLY E 299 2.15 20.29 -61.31
CA GLY E 299 1.56 18.97 -61.28
C GLY E 299 0.06 18.93 -61.07
N LEU E 300 -0.63 20.07 -61.23
CA LEU E 300 -2.07 20.16 -61.02
C LEU E 300 -2.73 20.66 -62.29
N SER E 301 -4.02 20.33 -62.42
CA SER E 301 -4.84 20.64 -63.58
C SER E 301 -5.55 21.98 -63.40
N GLU E 302 -6.19 22.45 -64.47
CA GLU E 302 -7.08 23.60 -64.37
C GLU E 302 -8.31 23.25 -63.52
N PHE E 303 -8.80 22.02 -63.66
CA PHE E 303 -9.93 21.54 -62.85
C PHE E 303 -9.61 21.64 -61.37
N ALA E 304 -8.41 21.17 -61.00
CA ALA E 304 -7.98 21.25 -59.60
C ALA E 304 -7.89 22.71 -59.15
N LEU E 305 -7.34 23.57 -60.01
CA LEU E 305 -7.14 24.97 -59.64
C LEU E 305 -8.45 25.75 -59.60
N HIS E 306 -9.43 25.37 -60.44
CA HIS E 306 -10.76 25.95 -60.30
C HIS E 306 -11.44 25.51 -59.00
N PHE E 307 -11.26 24.25 -58.61
CA PHE E 307 -11.72 23.80 -57.31
C PHE E 307 -11.19 24.69 -56.21
N LEU E 308 -9.87 24.89 -56.20
CA LEU E 308 -9.22 25.68 -55.16
C LEU E 308 -9.74 27.11 -55.15
N GLY E 309 -9.92 27.70 -56.33
CA GLY E 309 -10.45 29.04 -56.42
C GLY E 309 -11.82 29.17 -55.78
N GLY E 310 -12.63 28.13 -55.90
CA GLY E 310 -13.94 28.16 -55.28
C GLY E 310 -13.84 28.06 -53.77
N VAL E 311 -12.94 27.21 -53.27
CA VAL E 311 -12.66 27.10 -51.84
C VAL E 311 -12.15 28.42 -51.28
N LEU E 312 -11.26 29.08 -52.04
CA LEU E 312 -10.69 30.35 -51.60
C LEU E 312 -11.73 31.46 -51.57
N ARG E 313 -12.62 31.51 -52.57
CA ARG E 313 -13.59 32.59 -52.67
C ARG E 313 -14.52 32.56 -51.49
N HIS E 314 -15.02 31.36 -51.17
CA HIS E 314 -16.00 31.19 -50.13
C HIS E 314 -15.38 30.92 -48.77
N ALA E 315 -14.05 30.99 -48.69
CA ALA E 315 -13.32 30.62 -47.47
C ALA E 315 -13.84 31.39 -46.25
N ARG E 316 -14.00 32.70 -46.37
CA ARG E 316 -14.46 33.49 -45.23
C ARG E 316 -15.76 32.94 -44.64
N GLY E 317 -16.72 32.60 -45.50
CA GLY E 317 -17.94 31.99 -45.00
C GLY E 317 -17.81 30.53 -44.64
N LEU E 318 -16.94 29.80 -45.35
CA LEU E 318 -16.63 28.41 -45.06
C LEU E 318 -16.04 28.22 -43.67
N ALA E 319 -15.48 29.28 -43.09
CA ALA E 319 -14.90 29.21 -41.76
C ALA E 319 -15.92 28.84 -40.72
N ALA E 320 -17.18 29.22 -40.94
CA ALA E 320 -18.22 28.85 -39.98
C ALA E 320 -18.34 27.35 -39.80
N PHE E 321 -17.97 26.56 -40.82
CA PHE E 321 -18.03 25.12 -40.69
C PHE E 321 -16.68 24.48 -40.46
N THR E 322 -15.58 25.11 -40.87
CA THR E 322 -14.27 24.52 -40.59
C THR E 322 -13.65 25.02 -39.29
N ASN E 323 -14.05 26.18 -38.80
CA ASN E 323 -13.47 26.78 -37.59
C ASN E 323 -14.63 27.13 -36.68
N ALA E 324 -15.16 26.10 -36.01
CA ALA E 324 -16.51 26.08 -35.49
C ALA E 324 -16.59 26.44 -34.01
N SER E 325 -15.52 26.93 -33.43
CA SER E 325 -15.53 27.41 -32.05
C SER E 325 -14.92 28.79 -31.99
N THR E 326 -15.25 29.53 -30.93
CA THR E 326 -14.50 30.75 -30.74
C THR E 326 -13.04 30.43 -30.52
N ASN E 327 -12.75 29.27 -29.93
CA ASN E 327 -11.36 28.93 -29.67
C ASN E 327 -10.57 28.71 -30.95
N SER E 328 -11.23 28.28 -32.04
CA SER E 328 -10.52 28.14 -33.32
C SER E 328 -9.78 29.39 -33.68
N TYR E 329 -10.31 30.54 -33.33
CA TYR E 329 -9.80 31.80 -33.81
C TYR E 329 -8.65 32.31 -32.98
N LYS E 330 -8.45 31.74 -31.78
CA LYS E 330 -7.20 31.89 -31.06
C LYS E 330 -6.07 31.12 -31.72
N ARG E 331 -6.43 30.15 -32.58
CA ARG E 331 -5.43 29.38 -33.29
C ARG E 331 -4.95 30.10 -34.53
N LEU E 332 -5.84 30.83 -35.20
CA LEU E 332 -5.52 31.49 -36.46
C LEU E 332 -4.81 32.83 -36.21
N ILE E 333 -3.69 32.75 -35.49
CA ILE E 333 -2.82 33.89 -35.20
C ILE E 333 -1.47 33.60 -35.85
N PRO E 334 -0.82 34.61 -36.44
CA PRO E 334 0.41 34.35 -37.19
C PRO E 334 1.50 33.80 -36.30
N GLY E 335 2.31 32.93 -36.87
CA GLY E 335 3.51 32.49 -36.20
C GLY E 335 3.37 31.20 -35.46
N TYR E 336 2.33 30.41 -35.75
CA TYR E 336 2.16 29.15 -35.04
C TYR E 336 1.85 28.05 -36.04
N GLU E 337 2.33 28.24 -37.28
CA GLU E 337 2.06 27.37 -38.44
C GLU E 337 0.57 27.21 -38.71
N ALA E 338 -0.19 28.27 -38.35
CA ALA E 338 -1.60 28.43 -38.64
C ALA E 338 -1.82 29.52 -39.67
N PRO E 339 -2.59 29.23 -40.71
CA PRO E 339 -2.81 30.21 -41.78
C PRO E 339 -3.70 31.35 -41.33
N SER E 340 -3.27 32.57 -41.64
CA SER E 340 -4.18 33.69 -41.59
C SER E 340 -4.47 34.27 -42.95
N ILE E 341 -3.74 33.89 -44.01
CA ILE E 341 -3.86 34.56 -45.30
C ILE E 341 -4.37 33.54 -46.33
N LEU E 342 -5.36 33.96 -47.12
CA LEU E 342 -6.10 33.06 -48.00
C LEU E 342 -5.40 32.99 -49.36
N THR E 343 -4.32 32.22 -49.39
CA THR E 343 -3.63 31.90 -50.63
C THR E 343 -3.20 30.44 -50.58
N TYR E 344 -2.67 29.99 -51.71
CA TYR E 344 -2.08 28.68 -51.91
C TYR E 344 -0.60 28.90 -52.19
N SER E 345 0.19 27.87 -51.92
CA SER E 345 1.61 27.98 -52.18
C SER E 345 2.18 26.59 -52.07
N ALA E 346 3.19 26.33 -52.86
CA ALA E 346 3.84 25.05 -52.75
C ALA E 346 4.73 25.05 -51.51
N ASN E 347 4.65 23.94 -50.77
CA ASN E 347 5.58 23.67 -49.68
C ASN E 347 5.57 24.77 -48.62
N ASN E 348 4.44 25.45 -48.49
CA ASN E 348 4.33 26.60 -47.63
C ASN E 348 3.33 26.31 -46.53
N ARG E 349 3.81 26.32 -45.29
CA ARG E 349 3.02 26.14 -44.07
C ARG E 349 2.64 27.46 -43.44
N SER E 350 2.96 28.59 -44.08
CA SER E 350 2.26 29.83 -43.76
C SER E 350 1.01 29.99 -44.62
N ALA E 351 0.82 29.14 -45.63
CA ALA E 351 -0.29 29.30 -46.54
C ALA E 351 -1.56 28.60 -46.05
N SER E 352 -2.71 29.13 -46.45
CA SER E 352 -3.96 28.42 -46.19
C SER E 352 -3.97 27.09 -46.90
N VAL E 353 -3.63 27.11 -48.18
CA VAL E 353 -3.54 25.89 -48.94
C VAL E 353 -2.08 25.64 -49.19
N ARG E 354 -1.73 24.39 -49.29
CA ARG E 354 -0.35 24.04 -49.49
C ARG E 354 -0.35 22.98 -50.56
N ILE E 355 0.55 23.09 -51.53
CA ILE E 355 0.79 22.04 -52.51
C ILE E 355 1.93 21.18 -51.97
N PRO E 356 1.65 19.96 -51.51
CA PRO E 356 2.72 19.11 -50.95
C PRO E 356 3.72 18.68 -52.02
N TYR E 357 4.88 18.21 -51.56
CA TYR E 357 6.01 18.02 -52.47
C TYR E 357 5.75 16.90 -53.48
N GLY E 358 5.40 15.71 -53.02
CA GLY E 358 5.30 14.57 -53.93
C GLY E 358 4.41 14.67 -55.17
N ILE E 359 3.10 14.75 -54.93
CA ILE E 359 2.05 14.98 -55.93
C ILE E 359 2.37 14.35 -57.28
N SER E 360 2.74 13.06 -57.28
CA SER E 360 2.68 12.30 -58.53
C SER E 360 1.23 12.26 -59.03
N LYS E 361 1.01 11.62 -60.18
CA LYS E 361 -0.33 11.54 -60.76
C LYS E 361 -1.36 11.06 -59.74
N ASN E 362 -1.01 10.03 -58.97
CA ASN E 362 -1.95 9.33 -58.10
C ASN E 362 -2.14 10.01 -56.74
N SER E 363 -1.18 10.81 -56.31
CA SER E 363 -1.19 11.48 -55.03
C SER E 363 -1.41 12.99 -55.14
N ALA E 364 -1.69 13.51 -56.35
CA ALA E 364 -1.92 14.93 -56.53
C ALA E 364 -3.07 15.40 -55.64
N ARG E 365 -2.88 16.51 -54.92
CA ARG E 365 -3.82 16.93 -53.87
C ARG E 365 -3.51 18.34 -53.37
N PHE E 366 -4.50 18.95 -52.74
CA PHE E 366 -4.28 20.10 -51.88
C PHE E 366 -4.32 19.64 -50.43
N GLU E 367 -3.74 20.47 -49.55
CA GLU E 367 -3.89 20.32 -48.11
C GLU E 367 -4.39 21.64 -47.56
N PHE E 368 -5.59 21.64 -47.00
CA PHE E 368 -6.14 22.85 -46.41
C PHE E 368 -5.76 22.87 -44.93
N ARG E 369 -5.00 23.89 -44.56
CA ARG E 369 -4.40 24.01 -43.25
C ARG E 369 -5.26 24.78 -42.26
N PHE E 370 -6.33 25.46 -42.71
CA PHE E 370 -7.16 26.25 -41.79
C PHE E 370 -8.22 25.51 -40.96
N PRO E 371 -8.75 24.34 -41.36
CA PRO E 371 -9.72 23.66 -40.49
C PRO E 371 -9.10 23.14 -39.20
N ASP E 372 -9.97 23.03 -38.18
CA ASP E 372 -9.58 22.41 -36.92
C ASP E 372 -10.69 21.46 -36.49
N SER E 373 -10.38 20.68 -35.47
CA SER E 373 -11.28 19.60 -35.08
C SER E 373 -12.45 20.06 -34.20
N SER E 374 -12.53 21.33 -33.83
CA SER E 374 -13.76 21.83 -33.21
C SER E 374 -14.92 21.84 -34.20
N SER E 375 -14.64 21.63 -35.47
CA SER E 375 -15.67 21.56 -36.48
C SER E 375 -16.35 20.20 -36.43
N ASN E 376 -17.58 20.16 -36.89
CA ASN E 376 -18.18 18.88 -37.21
C ASN E 376 -17.51 18.32 -38.46
N PRO E 377 -16.78 17.21 -38.37
CA PRO E 377 -16.12 16.65 -39.56
C PRO E 377 -17.06 16.36 -40.72
N TYR E 378 -18.30 15.95 -40.47
CA TYR E 378 -19.24 15.81 -41.57
C TYR E 378 -19.48 17.16 -42.24
N LEU E 379 -19.85 18.16 -41.45
CA LEU E 379 -20.19 19.47 -41.96
C LEU E 379 -19.00 20.14 -42.64
N ALA E 380 -17.80 20.05 -42.05
CA ALA E 380 -16.63 20.67 -42.68
C ALA E 380 -16.38 20.12 -44.08
N PHE E 381 -16.19 18.79 -44.17
CA PHE E 381 -15.83 18.16 -45.45
C PHE E 381 -16.88 18.43 -46.50
N ALA E 382 -18.15 18.22 -46.16
CA ALA E 382 -19.23 18.51 -47.07
C ALA E 382 -19.10 19.92 -47.61
N ALA E 383 -19.03 20.91 -46.69
CA ALA E 383 -18.96 22.32 -47.07
C ALA E 383 -17.73 22.63 -47.92
N ILE E 384 -16.56 22.07 -47.57
CA ILE E 384 -15.37 22.26 -48.41
C ILE E 384 -15.64 21.79 -49.84
N LEU E 385 -16.28 20.62 -49.99
CA LEU E 385 -16.55 20.12 -51.33
C LEU E 385 -17.57 21.02 -52.04
N MET E 386 -18.58 21.51 -51.31
CA MET E 386 -19.57 22.40 -51.93
C MET E 386 -18.95 23.72 -52.40
N ALA E 387 -17.82 24.15 -51.84
CA ALA E 387 -17.19 25.35 -52.37
C ALA E 387 -16.26 25.08 -53.55
N GLY E 388 -15.55 23.95 -53.54
CA GLY E 388 -14.72 23.58 -54.68
C GLY E 388 -15.52 23.17 -55.90
N MET E 389 -16.71 22.64 -55.71
CA MET E 389 -17.49 22.30 -56.89
C MET E 389 -18.08 23.55 -57.51
N ASP E 390 -18.45 24.53 -56.68
CA ASP E 390 -18.80 25.85 -57.20
C ASP E 390 -17.68 26.42 -58.07
N GLY E 391 -16.44 26.25 -57.64
CA GLY E 391 -15.32 26.74 -58.41
C GLY E 391 -15.22 26.06 -59.76
N VAL E 392 -15.38 24.73 -59.80
CA VAL E 392 -15.21 24.06 -61.08
C VAL E 392 -16.43 24.31 -61.97
N LYS E 393 -17.63 24.41 -61.39
CA LYS E 393 -18.81 24.80 -62.15
C LYS E 393 -18.64 26.20 -62.72
N ASN E 394 -18.26 27.17 -61.90
CA ASN E 394 -18.11 28.54 -62.35
C ASN E 394 -16.68 28.90 -62.75
N LYS E 395 -15.79 27.92 -62.88
CA LYS E 395 -14.40 28.17 -63.29
C LYS E 395 -13.85 29.44 -62.65
N ILE E 396 -13.84 29.41 -61.31
CA ILE E 396 -13.43 30.52 -60.47
C ILE E 396 -11.91 30.55 -60.40
N ASP E 397 -11.33 31.70 -60.70
CA ASP E 397 -9.87 31.85 -60.67
C ASP E 397 -9.36 31.93 -59.24
N PRO E 398 -8.35 31.13 -58.86
CA PRO E 398 -7.79 31.16 -57.51
C PRO E 398 -6.70 32.19 -57.28
N GLY E 399 -6.46 33.10 -58.21
CA GLY E 399 -5.44 34.11 -57.99
C GLY E 399 -4.06 33.51 -58.06
N GLU E 400 -3.06 34.35 -57.84
CA GLU E 400 -1.67 33.95 -58.04
C GLU E 400 -0.99 33.56 -56.73
N ALA E 401 -0.21 32.47 -56.81
CA ALA E 401 0.45 31.91 -55.64
C ALA E 401 1.27 32.95 -54.90
N MET E 402 1.45 32.73 -53.59
CA MET E 402 2.29 33.60 -52.76
C MET E 402 3.36 32.75 -52.08
N ASP E 403 4.57 32.71 -52.65
CA ASP E 403 5.66 31.96 -52.03
C ASP E 403 6.55 32.92 -51.22
N ILE E 404 5.90 33.53 -50.24
CA ILE E 404 6.57 34.34 -49.24
C ILE E 404 6.31 33.68 -47.89
N ASN E 405 7.07 34.11 -46.88
CA ASN E 405 6.70 33.80 -45.52
C ASN E 405 5.56 34.76 -45.17
N LEU E 406 4.34 34.20 -45.16
CA LEU E 406 3.14 35.02 -45.12
C LEU E 406 3.00 35.84 -43.84
N PHE E 407 3.60 35.39 -42.74
CA PHE E 407 3.55 36.16 -41.50
C PHE E 407 4.39 37.44 -41.56
N LYS E 408 4.32 38.20 -42.64
CA LYS E 408 5.07 39.44 -42.69
C LYS E 408 4.17 40.59 -43.13
N LEU E 409 4.72 41.79 -42.96
CA LEU E 409 4.10 43.11 -43.11
C LEU E 409 2.61 43.14 -42.79
N THR E 410 2.31 43.49 -41.53
CA THR E 410 0.95 43.41 -41.03
C THR E 410 0.08 44.56 -41.54
N LEU E 411 0.30 45.75 -40.99
CA LEU E 411 -0.66 46.84 -41.13
C LEU E 411 -0.83 47.25 -42.60
N ASP E 412 0.27 47.47 -43.30
CA ASP E 412 0.17 47.90 -44.69
C ASP E 412 -0.17 46.74 -45.65
N GLU E 413 0.70 45.74 -45.74
CA GLU E 413 0.65 44.80 -46.86
C GLU E 413 -0.64 44.01 -46.95
N ILE E 414 -1.34 43.77 -45.85
CA ILE E 414 -2.62 43.07 -45.97
C ILE E 414 -3.66 43.96 -46.64
N ARG E 415 -3.74 45.22 -46.20
CA ARG E 415 -4.62 46.20 -46.83
C ARG E 415 -4.03 46.72 -48.14
N GLU E 416 -2.85 47.33 -48.06
CA GLU E 416 -2.30 48.07 -49.21
C GLU E 416 -2.36 47.24 -50.48
N LYS E 417 -1.93 45.98 -50.40
CA LYS E 417 -1.93 45.08 -51.54
C LYS E 417 -3.25 44.31 -51.63
N GLY E 418 -4.26 44.71 -50.83
CA GLY E 418 -5.61 44.14 -50.79
C GLY E 418 -5.63 42.63 -50.98
N ILE E 419 -5.24 41.88 -49.93
CA ILE E 419 -5.18 40.42 -49.96
C ILE E 419 -6.11 39.86 -48.90
N LYS E 420 -6.82 38.79 -49.25
CA LYS E 420 -7.94 38.32 -48.43
C LYS E 420 -7.43 37.49 -47.26
N GLN E 421 -7.99 37.73 -46.07
CA GLN E 421 -7.55 36.97 -44.90
C GLN E 421 -8.74 36.33 -44.19
N MET E 422 -8.42 35.38 -43.31
CA MET E 422 -9.42 34.67 -42.52
C MET E 422 -10.11 35.61 -41.53
N PRO E 423 -11.39 35.43 -41.27
CA PRO E 423 -12.05 36.24 -40.25
C PRO E 423 -11.48 35.96 -38.88
N HIS E 424 -11.46 36.99 -38.07
CA HIS E 424 -10.76 36.88 -36.82
C HIS E 424 -11.65 36.36 -35.69
N THR E 425 -12.97 36.46 -35.83
CA THR E 425 -13.90 35.96 -34.84
C THR E 425 -14.90 35.07 -35.55
N LEU E 426 -15.55 34.19 -34.78
CA LEU E 426 -16.59 33.32 -35.33
C LEU E 426 -17.80 34.12 -35.82
N ARG E 427 -18.07 35.27 -35.18
CA ARG E 427 -19.22 36.09 -35.56
C ARG E 427 -19.09 36.57 -36.99
N ARG E 428 -17.89 37.01 -37.39
CA ARG E 428 -17.74 37.41 -38.79
C ARG E 428 -17.84 36.19 -39.71
N SER E 429 -17.28 35.05 -39.29
CA SER E 429 -17.44 33.82 -40.06
C SER E 429 -18.91 33.46 -40.31
N LEU E 430 -19.79 33.72 -39.35
CA LEU E 430 -21.22 33.43 -39.54
C LEU E 430 -21.92 34.50 -40.36
N GLU E 431 -21.72 35.79 -40.03
CA GLU E 431 -22.29 36.86 -40.84
C GLU E 431 -21.87 36.72 -42.30
N GLU E 432 -20.57 36.47 -42.54
CA GLU E 432 -20.09 36.26 -43.91
C GLU E 432 -20.78 35.05 -44.53
N MET E 433 -20.96 34.00 -43.75
CA MET E 433 -21.57 32.78 -44.27
C MET E 433 -23.03 33.03 -44.68
N LEU E 434 -23.81 33.70 -43.81
CA LEU E 434 -25.22 33.93 -44.10
C LEU E 434 -25.39 34.83 -45.34
N ALA E 435 -24.34 35.58 -45.70
CA ALA E 435 -24.34 36.38 -46.90
C ALA E 435 -23.86 35.59 -48.13
N ASP E 436 -23.53 34.31 -47.95
CA ASP E 436 -23.07 33.51 -49.07
C ASP E 436 -23.33 32.03 -48.82
N LYS E 437 -24.56 31.60 -49.06
CA LYS E 437 -24.99 30.26 -48.71
C LYS E 437 -25.52 29.50 -49.92
N GLN E 438 -25.36 30.06 -51.13
CA GLN E 438 -25.96 29.50 -52.33
C GLN E 438 -25.21 28.25 -52.82
N TYR E 439 -23.88 28.27 -52.75
CA TYR E 439 -23.11 27.09 -53.16
C TYR E 439 -23.35 25.91 -52.22
N LEU E 440 -23.81 26.19 -51.00
CA LEU E 440 -24.23 25.14 -50.09
C LEU E 440 -25.67 24.69 -50.32
N LYS E 441 -26.53 25.58 -50.84
CA LYS E 441 -27.94 25.25 -51.02
C LYS E 441 -28.20 24.40 -52.26
N GLU E 442 -27.22 24.31 -53.18
CA GLU E 442 -27.35 23.51 -54.40
C GLU E 442 -27.77 22.09 -54.10
N SER E 443 -28.65 21.56 -54.95
CA SER E 443 -29.10 20.16 -54.87
C SER E 443 -29.72 19.84 -53.52
N GLN E 444 -30.07 20.88 -52.76
CA GLN E 444 -30.65 20.73 -51.43
C GLN E 444 -29.69 20.02 -50.47
N VAL E 445 -28.38 20.25 -50.64
CA VAL E 445 -27.39 19.64 -49.76
C VAL E 445 -27.43 20.27 -48.38
N PHE E 446 -27.39 21.59 -48.32
CA PHE E 446 -27.58 22.32 -47.08
C PHE E 446 -28.94 23.01 -47.18
N SER E 447 -29.97 22.42 -46.58
CA SER E 447 -31.25 23.11 -46.50
C SER E 447 -31.13 24.38 -45.67
N GLU E 448 -31.92 25.41 -46.00
CA GLU E 448 -31.79 26.64 -45.24
C GLU E 448 -32.37 26.48 -43.83
N GLU E 449 -33.22 25.50 -43.60
CA GLU E 449 -33.56 25.20 -42.22
C GLU E 449 -32.30 24.81 -41.45
N PHE E 450 -31.49 23.90 -42.00
CA PHE E 450 -30.27 23.55 -41.30
C PHE E 450 -29.35 24.76 -41.10
N ILE E 451 -29.19 25.60 -42.13
CA ILE E 451 -28.34 26.78 -42.01
C ILE E 451 -28.82 27.69 -40.89
N GLN E 452 -30.13 27.96 -40.81
CA GLN E 452 -30.57 28.88 -39.77
C GLN E 452 -30.47 28.25 -38.40
N ALA E 453 -30.70 26.94 -38.31
CA ALA E 453 -30.49 26.26 -37.01
C ALA E 453 -29.02 26.30 -36.63
N TYR E 454 -28.13 26.09 -37.59
CA TYR E 454 -26.69 26.10 -37.32
C TYR E 454 -26.26 27.49 -36.85
N GLN E 455 -26.81 28.54 -37.44
CA GLN E 455 -26.46 29.88 -37.00
C GLN E 455 -26.93 30.13 -35.56
N SER E 456 -28.21 29.81 -35.28
CA SER E 456 -28.78 30.04 -33.95
C SER E 456 -28.11 29.19 -32.88
N LEU E 457 -27.71 27.97 -33.23
CA LEU E 457 -26.97 27.13 -32.29
C LEU E 457 -25.61 27.74 -31.98
N LYS E 458 -24.88 28.19 -33.02
CA LYS E 458 -23.52 28.65 -32.80
C LYS E 458 -23.50 30.01 -32.11
N PHE E 459 -24.47 30.85 -32.38
CA PHE E 459 -24.45 32.13 -31.69
C PHE E 459 -24.64 31.95 -30.19
N ASN E 460 -25.58 31.09 -29.80
CA ASN E 460 -25.86 30.96 -28.37
C ASN E 460 -24.82 30.11 -27.66
N ALA E 461 -24.25 29.11 -28.33
CA ALA E 461 -23.33 28.22 -27.64
C ALA E 461 -21.95 28.86 -27.45
N GLU E 462 -21.43 29.54 -28.46
CA GLU E 462 -20.06 30.02 -28.38
C GLU E 462 -19.95 31.53 -28.40
N VAL E 463 -20.63 32.22 -29.31
CA VAL E 463 -20.31 33.62 -29.51
C VAL E 463 -20.79 34.44 -28.32
N PHE E 464 -22.11 34.49 -28.09
CA PHE E 464 -22.61 35.29 -26.98
C PHE E 464 -21.99 34.90 -25.63
N PRO E 465 -21.72 33.63 -25.33
CA PRO E 465 -20.98 33.37 -24.09
C PRO E 465 -19.63 34.03 -24.07
N TRP E 466 -18.93 34.01 -25.19
CA TRP E 466 -17.64 34.66 -25.24
C TRP E 466 -17.79 36.18 -25.18
N GLU E 467 -18.84 36.72 -25.79
CA GLU E 467 -19.01 38.17 -25.75
C GLU E 467 -19.44 38.68 -24.38
N SER E 468 -19.77 37.78 -23.44
CA SER E 468 -20.41 38.20 -22.20
C SER E 468 -19.78 37.68 -20.91
N LYS E 469 -18.90 36.68 -20.95
CA LYS E 469 -18.22 36.22 -19.73
C LYS E 469 -16.85 36.87 -19.70
N PRO E 470 -16.51 37.68 -18.69
CA PRO E 470 -15.28 38.46 -18.76
C PRO E 470 -14.07 37.54 -18.89
N HIS E 471 -13.01 38.11 -19.44
CA HIS E 471 -11.82 37.35 -19.65
C HIS E 471 -10.80 37.80 -18.61
N PRO E 472 -10.10 36.87 -17.97
CA PRO E 472 -9.12 37.27 -16.96
C PRO E 472 -8.12 38.31 -17.44
N PHE E 473 -7.94 38.49 -18.73
CA PHE E 473 -6.97 39.49 -19.15
C PHE E 473 -7.53 40.89 -19.05
N GLU E 474 -8.85 41.02 -19.17
CA GLU E 474 -9.45 42.32 -18.96
C GLU E 474 -9.18 42.82 -17.55
N PHE E 475 -8.95 41.92 -16.61
CA PHE E 475 -8.56 42.33 -15.26
C PHE E 475 -7.11 42.79 -15.20
N ILE E 476 -6.26 42.29 -16.09
CA ILE E 476 -4.93 42.89 -16.11
C ILE E 476 -5.00 44.29 -16.68
N THR E 477 -5.83 44.48 -17.71
CA THR E 477 -5.89 45.73 -18.46
C THR E 477 -6.72 46.79 -17.77
N THR E 478 -7.92 46.39 -17.40
CA THR E 478 -8.97 47.33 -17.08
C THR E 478 -9.28 47.39 -15.59
N TYR E 479 -8.89 46.39 -14.80
CA TYR E 479 -9.20 46.46 -13.38
C TYR E 479 -8.82 47.81 -12.78
N SER E 480 -7.64 48.35 -13.13
CA SER E 480 -7.13 49.60 -12.59
C SER E 480 -7.58 50.85 -13.35
N CYS E 481 -8.45 50.72 -14.34
CA CYS E 481 -8.98 51.90 -15.01
C CYS E 481 -9.79 52.74 -14.02
N SER F 8 -49.56 -24.17 -4.73
CA SER F 8 -49.80 -25.43 -5.41
C SER F 8 -48.65 -26.39 -5.15
N GLU F 9 -48.97 -27.56 -4.59
CA GLU F 9 -48.03 -28.65 -4.37
C GLU F 9 -46.96 -28.70 -5.46
N SER F 10 -47.37 -28.54 -6.73
CA SER F 10 -46.44 -28.67 -7.86
C SER F 10 -45.27 -27.68 -7.76
N LYS F 11 -45.58 -26.38 -7.62
CA LYS F 11 -44.53 -25.37 -7.54
C LYS F 11 -43.63 -25.58 -6.33
N ILE F 12 -44.23 -25.81 -5.16
CA ILE F 12 -43.45 -26.07 -3.95
C ILE F 12 -42.41 -27.16 -4.17
N LYS F 13 -42.82 -28.30 -4.75
CA LYS F 13 -41.87 -29.38 -5.01
C LYS F 13 -40.73 -28.92 -5.90
N GLU F 14 -41.06 -28.47 -7.13
CA GLU F 14 -40.03 -28.06 -8.09
C GLU F 14 -39.23 -26.87 -7.59
N PHE F 15 -39.72 -26.17 -6.57
CA PHE F 15 -38.94 -25.09 -5.98
C PHE F 15 -37.87 -25.63 -5.05
N PHE F 16 -38.22 -26.59 -4.18
CA PHE F 16 -37.20 -27.15 -3.29
C PHE F 16 -36.07 -27.78 -4.07
N GLU F 17 -36.37 -28.33 -5.26
CA GLU F 17 -35.36 -28.93 -6.12
C GLU F 17 -34.47 -27.88 -6.77
N PHE F 18 -35.07 -26.87 -7.42
CA PHE F 18 -34.29 -25.74 -7.89
C PHE F 18 -33.23 -25.28 -6.91
N CYS F 19 -33.62 -25.15 -5.64
CA CYS F 19 -32.64 -24.76 -4.63
C CYS F 19 -31.51 -25.77 -4.54
N LYS F 20 -31.86 -27.06 -4.47
CA LYS F 20 -30.86 -28.09 -4.29
C LYS F 20 -29.87 -28.08 -5.43
N GLU F 21 -30.33 -27.84 -6.66
CA GLU F 21 -29.42 -27.96 -7.79
C GLU F 21 -28.61 -26.70 -8.01
N ASN F 22 -28.87 -25.68 -7.21
CA ASN F 22 -28.04 -24.49 -7.17
C ASN F 22 -27.34 -24.35 -5.83
N GLU F 23 -27.36 -25.41 -5.02
CA GLU F 23 -26.54 -25.48 -3.82
C GLU F 23 -26.89 -24.32 -2.91
N VAL F 24 -28.13 -24.25 -2.45
CA VAL F 24 -28.63 -23.05 -1.76
C VAL F 24 -28.55 -23.20 -0.24
N GLU F 25 -28.14 -22.12 0.43
CA GLU F 25 -28.05 -22.13 1.88
C GLU F 25 -29.03 -21.23 2.61
N PHE F 26 -29.70 -20.30 1.91
CA PHE F 26 -30.64 -19.41 2.57
C PHE F 26 -31.83 -19.12 1.68
N VAL F 27 -32.97 -18.89 2.31
CA VAL F 27 -34.20 -18.43 1.64
C VAL F 27 -34.56 -17.03 2.16
N ASP F 28 -34.68 -16.07 1.23
CA ASP F 28 -34.88 -14.64 1.49
C ASP F 28 -36.30 -14.22 1.07
N PHE F 29 -37.24 -14.24 2.01
CA PHE F 29 -38.61 -13.84 1.71
C PHE F 29 -38.72 -12.33 1.66
N ARG F 30 -39.25 -11.82 0.55
CA ARG F 30 -39.37 -10.39 0.36
C ARG F 30 -40.82 -9.99 0.12
N PHE F 31 -41.15 -8.82 0.65
CA PHE F 31 -42.50 -8.31 0.67
C PHE F 31 -42.34 -6.81 0.74
N SER F 32 -43.27 -6.10 0.15
CA SER F 32 -43.15 -4.66 -0.02
C SER F 32 -44.15 -4.04 0.95
N ASP F 33 -43.65 -3.17 1.83
CA ASP F 33 -44.54 -2.39 2.68
C ASP F 33 -45.27 -1.31 1.88
N ILE F 34 -46.16 -0.59 2.56
CA ILE F 34 -46.92 0.47 1.89
C ILE F 34 -45.97 1.47 1.28
N LYS F 35 -44.90 1.81 2.01
CA LYS F 35 -43.98 2.84 1.52
C LYS F 35 -43.42 2.50 0.15
N GLY F 36 -43.28 1.23 -0.16
CA GLY F 36 -42.64 0.75 -1.38
C GLY F 36 -41.28 0.15 -1.11
N THR F 37 -40.80 0.23 0.13
CA THR F 37 -39.52 -0.35 0.50
C THR F 37 -39.57 -1.86 0.52
N TRP F 38 -38.55 -2.48 -0.05
CA TRP F 38 -38.49 -3.93 -0.10
C TRP F 38 -37.91 -4.47 1.21
N ASN F 39 -38.61 -5.44 1.78
CA ASN F 39 -38.24 -5.99 3.06
C ASN F 39 -37.91 -7.46 2.90
N HIS F 40 -37.02 -7.95 3.75
CA HIS F 40 -36.65 -9.35 3.65
C HIS F 40 -36.38 -9.93 5.02
N ILE F 41 -36.44 -11.26 5.07
CA ILE F 41 -36.18 -12.01 6.28
C ILE F 41 -35.72 -13.38 5.81
N ALA F 42 -34.60 -13.82 6.33
CA ALA F 42 -33.92 -15.01 5.84
C ALA F 42 -34.16 -16.23 6.73
N TYR F 43 -34.54 -17.35 6.12
CA TYR F 43 -34.66 -18.63 6.79
C TYR F 43 -33.55 -19.53 6.30
N SER F 44 -32.89 -20.21 7.23
CA SER F 44 -31.91 -21.24 6.88
C SER F 44 -32.59 -22.33 6.08
N PHE F 45 -32.07 -22.59 4.87
CA PHE F 45 -32.69 -23.52 3.91
C PHE F 45 -33.07 -24.78 4.66
N GLY F 46 -32.15 -25.74 4.73
CA GLY F 46 -32.29 -26.94 5.56
C GLY F 46 -33.39 -27.05 6.60
N ALA F 47 -33.82 -25.92 7.18
CA ALA F 47 -34.90 -25.87 8.15
C ALA F 47 -36.24 -25.50 7.53
N LEU F 48 -36.36 -25.53 6.22
CA LEU F 48 -37.62 -25.24 5.55
C LEU F 48 -38.34 -26.54 5.21
N THR F 49 -39.59 -26.68 5.68
CA THR F 49 -40.43 -27.81 5.28
C THR F 49 -41.44 -27.38 4.21
N HIS F 50 -41.93 -28.38 3.46
CA HIS F 50 -43.02 -28.14 2.52
C HIS F 50 -44.18 -27.44 3.22
N GLY F 51 -44.45 -27.84 4.46
CA GLY F 51 -45.57 -27.28 5.20
C GLY F 51 -45.44 -25.82 5.57
N MET F 52 -44.21 -25.35 5.80
CA MET F 52 -44.06 -23.95 6.19
C MET F 52 -44.34 -22.98 5.05
N LEU F 53 -44.35 -23.46 3.81
CA LEU F 53 -44.66 -22.62 2.67
C LEU F 53 -46.12 -22.69 2.28
N LYS F 54 -46.92 -23.45 3.04
CA LYS F 54 -48.37 -23.30 3.06
C LYS F 54 -48.79 -22.52 4.30
N GLU F 55 -48.27 -22.89 5.46
CA GLU F 55 -48.54 -22.16 6.71
C GLU F 55 -48.25 -20.67 6.54
N GLY F 56 -47.00 -20.34 6.15
CA GLY F 56 -46.53 -19.00 5.94
C GLY F 56 -45.28 -18.72 6.75
N ILE F 57 -44.90 -17.45 6.80
CA ILE F 57 -43.76 -16.97 7.58
C ILE F 57 -44.28 -15.95 8.58
N PRO F 58 -44.21 -16.19 9.89
CA PRO F 58 -44.70 -15.18 10.83
C PRO F 58 -43.70 -14.06 10.95
N PHE F 59 -44.22 -12.85 11.17
CA PHE F 59 -43.36 -11.69 11.41
C PHE F 59 -44.19 -10.67 12.16
N ASP F 60 -43.55 -9.56 12.55
CA ASP F 60 -44.13 -8.53 13.42
C ASP F 60 -44.56 -7.30 12.62
N ALA F 61 -45.81 -7.30 12.17
CA ALA F 61 -46.26 -6.22 11.30
C ALA F 61 -46.57 -4.94 12.06
N SER F 62 -46.20 -4.86 13.32
CA SER F 62 -46.41 -3.63 14.06
C SER F 62 -45.32 -2.59 13.81
N CYS F 63 -44.17 -3.01 13.27
CA CYS F 63 -42.99 -2.22 12.94
C CYS F 63 -43.08 -1.51 11.59
N PHE F 64 -44.20 -1.61 10.88
CA PHE F 64 -44.35 -1.00 9.57
C PHE F 64 -45.48 -0.01 9.62
N LYS F 65 -45.19 1.27 9.36
CA LYS F 65 -46.30 2.21 9.47
C LYS F 65 -47.27 1.98 8.34
N GLY F 66 -48.55 2.11 8.67
CA GLY F 66 -49.62 1.76 7.76
C GLY F 66 -50.16 0.38 7.99
N TRP F 67 -49.53 -0.44 8.81
CA TRP F 67 -49.99 -1.81 9.06
C TRP F 67 -50.52 -1.91 10.48
N GLN F 68 -50.08 -2.88 11.27
CA GLN F 68 -50.75 -3.29 12.50
C GLN F 68 -50.21 -2.49 13.69
N GLY F 69 -51.12 -2.23 14.66
CA GLY F 69 -50.70 -1.86 16.00
C GLY F 69 -50.20 -3.09 16.76
N ILE F 70 -49.43 -2.86 17.82
CA ILE F 70 -48.83 -3.98 18.55
C ILE F 70 -49.86 -4.89 19.21
N GLU F 71 -51.05 -4.38 19.56
CA GLU F 71 -52.02 -5.27 20.21
C GLU F 71 -52.34 -6.49 19.34
N HIS F 72 -52.33 -6.31 18.01
CA HIS F 72 -52.55 -7.37 17.03
C HIS F 72 -51.34 -7.48 16.10
N SER F 73 -50.15 -7.70 16.66
CA SER F 73 -48.91 -7.54 15.90
C SER F 73 -48.60 -8.69 14.95
N ASP F 74 -48.98 -9.92 15.30
CA ASP F 74 -48.61 -11.07 14.49
C ASP F 74 -49.27 -11.01 13.14
N MET F 75 -48.51 -11.24 12.09
CA MET F 75 -49.09 -11.39 10.76
C MET F 75 -48.38 -12.51 10.03
N ILE F 76 -48.83 -12.83 8.83
CA ILE F 76 -48.18 -13.89 8.07
C ILE F 76 -47.80 -13.40 6.67
N LEU F 77 -46.58 -13.71 6.26
CA LEU F 77 -46.13 -13.63 4.87
C LEU F 77 -46.43 -14.96 4.18
N THR F 78 -47.12 -14.89 3.06
CA THR F 78 -47.44 -16.08 2.27
C THR F 78 -46.65 -16.00 0.96
N PRO F 79 -45.54 -16.72 0.84
CA PRO F 79 -44.66 -16.60 -0.35
C PRO F 79 -45.28 -17.10 -1.65
N ASP F 80 -44.99 -16.36 -2.71
CA ASP F 80 -45.40 -16.70 -4.07
C ASP F 80 -44.18 -17.24 -4.81
N LEU F 81 -44.30 -18.47 -5.33
CA LEU F 81 -43.20 -19.19 -6.00
C LEU F 81 -43.22 -18.99 -7.51
N VAL F 82 -43.14 -17.73 -7.90
CA VAL F 82 -42.98 -17.32 -9.28
C VAL F 82 -41.87 -16.29 -9.29
N ARG F 83 -41.09 -16.27 -10.38
CA ARG F 83 -40.07 -15.24 -10.55
C ARG F 83 -39.04 -15.23 -9.41
N TYR F 84 -39.00 -16.28 -8.61
CA TYR F 84 -37.91 -16.35 -7.65
C TYR F 84 -36.60 -16.50 -8.40
N PHE F 85 -35.53 -16.09 -7.74
CA PHE F 85 -34.25 -16.01 -8.40
C PHE F 85 -33.16 -16.02 -7.34
N ILE F 86 -31.98 -16.48 -7.75
CA ILE F 86 -30.82 -16.48 -6.90
C ILE F 86 -30.28 -15.08 -6.76
N ASP F 87 -30.03 -14.70 -5.54
CA ASP F 87 -29.45 -13.41 -5.26
C ASP F 87 -28.01 -13.40 -5.73
N PRO F 88 -27.61 -12.49 -6.62
CA PRO F 88 -26.21 -12.48 -7.06
C PRO F 88 -25.26 -11.96 -6.01
N PHE F 89 -25.70 -11.04 -5.15
CA PHE F 89 -24.74 -10.31 -4.31
C PHE F 89 -24.35 -11.09 -3.06
N SER F 90 -25.31 -11.70 -2.39
CA SER F 90 -25.04 -12.34 -1.12
C SER F 90 -23.88 -13.31 -1.27
N ALA F 91 -22.96 -13.25 -0.30
CA ALA F 91 -21.77 -14.10 -0.26
C ALA F 91 -22.14 -15.57 -0.19
N ASP F 92 -23.14 -15.89 0.61
CA ASP F 92 -23.69 -17.24 0.66
C ASP F 92 -25.00 -17.28 -0.13
N VAL F 93 -25.19 -18.36 -0.88
CA VAL F 93 -26.27 -18.42 -1.87
C VAL F 93 -27.64 -18.26 -1.20
N SER F 94 -28.43 -17.37 -1.76
CA SER F 94 -29.75 -17.08 -1.23
C SER F 94 -30.71 -16.95 -2.39
N VAL F 95 -31.94 -17.34 -2.15
CA VAL F 95 -33.00 -17.22 -3.12
C VAL F 95 -33.92 -16.12 -2.65
N VAL F 96 -34.29 -15.25 -3.55
CA VAL F 96 -35.22 -14.21 -3.22
C VAL F 96 -36.59 -14.70 -3.65
N VAL F 97 -37.57 -14.60 -2.75
CA VAL F 97 -38.91 -15.07 -3.03
C VAL F 97 -39.89 -14.02 -2.56
N PHE F 98 -40.75 -13.57 -3.45
CA PHE F 98 -41.73 -12.56 -3.10
C PHE F 98 -42.75 -13.13 -2.13
N CYS F 99 -43.43 -12.21 -1.44
CA CYS F 99 -44.45 -12.58 -0.47
C CYS F 99 -45.60 -11.59 -0.53
N ASP F 100 -46.74 -12.08 -0.06
CA ASP F 100 -47.91 -11.27 0.31
C ASP F 100 -48.07 -11.35 1.83
N VAL F 101 -48.63 -10.31 2.42
CA VAL F 101 -49.03 -10.31 3.82
C VAL F 101 -50.42 -10.90 3.92
N TYR F 102 -50.60 -11.83 4.84
CA TYR F 102 -51.91 -12.40 5.11
C TYR F 102 -52.45 -11.86 6.43
N ASP F 103 -53.67 -11.34 6.40
CA ASP F 103 -54.32 -10.83 7.60
C ASP F 103 -54.82 -12.01 8.41
N VAL F 104 -54.35 -12.11 9.66
CA VAL F 104 -54.76 -13.24 10.49
C VAL F 104 -55.96 -12.91 11.34
N TYR F 105 -56.40 -11.66 11.37
CA TYR F 105 -57.57 -11.23 12.13
C TYR F 105 -58.83 -11.20 11.30
N LYS F 106 -58.70 -11.11 9.98
CA LYS F 106 -59.83 -11.15 9.08
C LYS F 106 -59.79 -12.38 8.19
N ASN F 107 -58.72 -13.18 8.29
CA ASN F 107 -58.55 -14.44 7.54
C ASN F 107 -58.70 -14.27 6.02
N GLN F 108 -58.08 -13.22 5.51
CA GLN F 108 -58.06 -12.84 4.10
C GLN F 108 -56.68 -12.27 3.81
N PRO F 109 -56.24 -12.28 2.54
CA PRO F 109 -55.03 -11.53 2.19
C PRO F 109 -55.13 -10.12 2.75
N TYR F 110 -54.01 -9.63 3.24
CA TYR F 110 -54.00 -8.40 4.00
C TYR F 110 -54.50 -7.26 3.12
N GLU F 111 -55.56 -6.57 3.58
CA GLU F 111 -56.19 -5.51 2.77
C GLU F 111 -55.29 -4.30 2.58
N LYS F 112 -54.19 -4.21 3.33
CA LYS F 112 -53.25 -3.11 3.24
C LYS F 112 -51.90 -3.55 2.70
N CYS F 113 -51.86 -4.73 2.07
CA CYS F 113 -50.65 -5.22 1.43
C CYS F 113 -50.56 -4.72 -0.01
N PRO F 114 -49.55 -3.92 -0.37
CA PRO F 114 -49.52 -3.33 -1.72
C PRO F 114 -49.60 -4.34 -2.83
N ARG F 115 -48.72 -5.34 -2.77
CA ARG F 115 -48.71 -6.37 -3.79
C ARG F 115 -50.03 -7.13 -3.85
N SER F 116 -50.70 -7.29 -2.70
CA SER F 116 -52.01 -7.90 -2.72
C SER F 116 -53.03 -7.00 -3.42
N ILE F 117 -53.00 -5.70 -3.12
CA ILE F 117 -53.86 -4.76 -3.83
C ILE F 117 -53.64 -4.84 -5.34
N ALA F 118 -52.37 -4.96 -5.77
CA ALA F 118 -52.09 -5.04 -7.20
C ALA F 118 -52.62 -6.33 -7.82
N LYS F 119 -52.74 -7.39 -7.03
CA LYS F 119 -53.40 -8.56 -7.58
C LYS F 119 -54.90 -8.33 -7.63
N LYS F 120 -55.44 -7.63 -6.64
CA LYS F 120 -56.87 -7.35 -6.68
C LYS F 120 -57.20 -6.47 -7.86
N ALA F 121 -56.21 -5.74 -8.37
CA ALA F 121 -56.46 -4.87 -9.52
C ALA F 121 -56.61 -5.71 -10.79
N LEU F 122 -55.81 -6.77 -10.91
CA LEU F 122 -55.92 -7.57 -12.10
C LEU F 122 -57.24 -8.29 -12.13
N GLN F 123 -57.64 -8.82 -10.98
CA GLN F 123 -58.91 -9.53 -10.92
C GLN F 123 -60.04 -8.61 -11.34
N HIS F 124 -60.07 -7.39 -10.79
CA HIS F 124 -61.21 -6.51 -10.99
C HIS F 124 -61.43 -6.24 -12.47
N LEU F 125 -60.34 -6.30 -13.27
CA LEU F 125 -60.45 -6.08 -14.71
C LEU F 125 -61.03 -7.32 -15.39
N LYS F 126 -60.35 -8.45 -15.23
CA LYS F 126 -60.81 -9.78 -15.58
C LYS F 126 -62.28 -10.01 -15.20
N ASP F 127 -62.64 -9.62 -13.98
CA ASP F 127 -64.01 -9.81 -13.55
C ASP F 127 -64.95 -8.84 -14.25
N SER F 128 -64.47 -7.69 -14.65
CA SER F 128 -65.34 -6.71 -15.27
C SER F 128 -65.67 -7.05 -16.70
N GLY F 129 -64.90 -7.93 -17.32
CA GLY F 129 -65.11 -8.25 -18.71
C GLY F 129 -64.41 -7.32 -19.68
N LEU F 130 -63.96 -6.15 -19.23
CA LEU F 130 -63.27 -5.21 -20.10
C LEU F 130 -61.97 -5.78 -20.65
N GLY F 131 -61.16 -6.42 -19.80
CA GLY F 131 -59.89 -6.96 -20.26
C GLY F 131 -59.46 -8.22 -19.54
N ASP F 132 -58.50 -8.92 -20.15
CA ASP F 132 -57.88 -10.08 -19.51
C ASP F 132 -56.55 -9.71 -18.90
N VAL F 133 -55.67 -9.10 -19.68
CA VAL F 133 -54.36 -8.77 -19.16
C VAL F 133 -54.15 -7.26 -19.27
N ALA F 134 -53.37 -6.73 -18.34
CA ALA F 134 -52.95 -5.34 -18.38
C ALA F 134 -51.44 -5.29 -18.39
N TYR F 135 -50.86 -4.97 -19.54
CA TYR F 135 -49.41 -4.98 -19.70
C TYR F 135 -48.88 -3.60 -19.31
N PHE F 136 -47.86 -3.60 -18.45
CA PHE F 136 -47.23 -2.40 -17.91
C PHE F 136 -45.74 -2.48 -18.13
N GLY F 137 -45.15 -1.33 -18.40
CA GLY F 137 -43.74 -1.31 -18.73
C GLY F 137 -43.09 -0.08 -18.18
N ALA F 138 -42.27 -0.24 -17.16
CA ALA F 138 -41.74 0.90 -16.46
C ALA F 138 -40.32 1.17 -16.94
N GLU F 139 -40.02 2.44 -17.11
CA GLU F 139 -38.68 2.96 -17.30
C GLU F 139 -38.36 3.74 -16.04
N ASN F 140 -37.42 3.23 -15.27
CA ASN F 140 -37.02 3.91 -14.05
C ASN F 140 -35.70 4.61 -14.32
N GLU F 141 -35.78 5.87 -14.73
CA GLU F 141 -34.59 6.69 -14.75
C GLU F 141 -34.05 6.82 -13.32
N PHE F 142 -32.72 6.83 -13.19
CA PHE F 142 -32.08 6.85 -11.89
C PHE F 142 -30.80 7.67 -11.97
N PHE F 143 -30.11 7.74 -10.84
CA PHE F 143 -28.88 8.49 -10.67
C PHE F 143 -27.91 7.61 -9.92
N ILE F 144 -26.62 7.72 -10.26
CA ILE F 144 -25.58 7.01 -9.57
C ILE F 144 -24.59 8.02 -9.06
N PHE F 145 -24.60 8.24 -7.75
CA PHE F 145 -23.71 9.24 -7.19
C PHE F 145 -22.47 8.58 -6.65
N ASP F 146 -21.46 9.40 -6.35
CA ASP F 146 -20.31 8.90 -5.61
C ASP F 146 -20.56 8.94 -4.11
N SER F 147 -21.24 9.98 -3.61
CA SER F 147 -21.38 10.18 -2.18
C SER F 147 -22.71 10.89 -1.92
N ILE F 148 -23.30 10.66 -0.75
CA ILE F 148 -24.52 11.35 -0.34
C ILE F 148 -24.42 11.74 1.12
N LYS F 149 -24.61 13.03 1.42
CA LYS F 149 -24.42 13.53 2.78
C LYS F 149 -25.63 14.31 3.25
N ILE F 150 -26.13 13.98 4.43
CA ILE F 150 -27.38 14.56 4.93
C ILE F 150 -27.21 14.96 6.38
N LYS F 151 -28.01 15.95 6.78
CA LYS F 151 -28.04 16.40 8.18
C LYS F 151 -29.44 16.91 8.45
N ASP F 152 -30.07 16.36 9.51
CA ASP F 152 -31.36 16.85 9.99
C ASP F 152 -31.20 17.19 11.46
N ALA F 153 -31.28 18.47 11.78
CA ALA F 153 -31.05 18.90 13.14
C ALA F 153 -31.77 20.21 13.36
N SER F 154 -31.98 20.50 14.64
CA SER F 154 -32.58 21.74 15.08
C SER F 154 -31.98 22.96 14.38
N ASN F 155 -30.65 23.04 14.30
CA ASN F 155 -30.01 24.28 13.85
C ASN F 155 -29.43 24.21 12.45
N SER F 156 -29.65 23.12 11.71
CA SER F 156 -28.99 22.86 10.43
C SER F 156 -29.77 21.85 9.60
N GLN F 157 -30.18 22.24 8.38
CA GLN F 157 -30.62 21.29 7.38
C GLN F 157 -29.58 21.31 6.26
N TYR F 158 -29.25 20.16 5.71
CA TYR F 158 -28.11 20.10 4.78
C TYR F 158 -28.17 18.82 3.96
N TYR F 159 -27.91 18.96 2.66
CA TYR F 159 -27.69 17.82 1.80
C TYR F 159 -26.63 18.19 0.77
N GLU F 160 -25.96 17.18 0.23
CA GLU F 160 -24.97 17.40 -0.83
C GLU F 160 -24.78 16.08 -1.56
N VAL F 161 -25.10 16.03 -2.82
CA VAL F 161 -24.75 14.85 -3.58
C VAL F 161 -23.39 15.04 -4.22
N ASP F 162 -22.76 13.95 -4.61
CA ASP F 162 -21.50 14.08 -5.34
C ASP F 162 -21.39 13.05 -6.46
N SER F 163 -20.79 13.52 -7.55
CA SER F 163 -20.54 12.72 -8.74
C SER F 163 -19.40 13.40 -9.48
N GLU F 164 -18.51 12.62 -10.09
CA GLU F 164 -17.44 13.26 -10.84
C GLU F 164 -17.96 13.99 -12.08
N GLU F 165 -19.08 13.55 -12.65
CA GLU F 165 -19.63 14.14 -13.85
C GLU F 165 -20.25 15.51 -13.61
N GLY F 166 -20.46 15.90 -12.36
CA GLY F 166 -21.21 17.12 -12.06
C GLY F 166 -20.40 18.40 -12.20
N GLU F 167 -20.95 19.35 -12.95
CA GLU F 167 -20.40 20.70 -13.15
C GLU F 167 -19.69 21.26 -11.92
N TRP F 168 -20.18 20.94 -10.71
CA TRP F 168 -19.54 21.47 -9.51
C TRP F 168 -18.14 20.92 -9.25
N ASN F 169 -17.68 19.95 -10.04
CA ASN F 169 -16.38 19.35 -9.79
C ASN F 169 -15.35 19.73 -10.86
N ARG F 170 -15.66 20.70 -11.71
CA ARG F 170 -14.75 21.09 -12.79
C ARG F 170 -13.41 21.64 -12.29
N ASP F 171 -13.35 22.06 -11.03
CA ASP F 171 -12.19 22.74 -10.46
C ASP F 171 -11.61 21.93 -9.32
N ARG F 172 -12.23 20.82 -8.98
CA ARG F 172 -11.83 20.06 -7.82
C ARG F 172 -10.58 19.24 -8.12
N SER F 173 -9.74 19.06 -7.12
CA SER F 173 -8.55 18.23 -7.21
C SER F 173 -8.87 16.84 -6.69
N PHE F 174 -8.70 15.83 -7.54
CA PHE F 174 -8.97 14.45 -7.18
C PHE F 174 -7.67 13.76 -6.76
N GLU F 175 -7.27 12.74 -7.52
CA GLU F 175 -6.12 11.90 -7.23
C GLU F 175 -4.79 12.60 -7.48
N ASN F 176 -4.26 13.29 -6.46
CA ASN F 176 -3.09 14.18 -6.49
C ASN F 176 -3.44 15.50 -7.15
N GLY F 177 -4.73 15.78 -7.35
CA GLY F 177 -5.12 17.00 -8.01
C GLY F 177 -5.25 16.90 -9.50
N VAL F 178 -5.46 15.70 -10.03
CA VAL F 178 -5.72 15.49 -11.45
C VAL F 178 -7.22 15.45 -11.63
N ASN F 179 -7.73 16.23 -12.56
CA ASN F 179 -9.16 16.27 -12.87
C ASN F 179 -9.22 15.89 -14.35
N PHE F 180 -9.82 14.75 -14.65
CA PHE F 180 -9.75 14.36 -16.07
C PHE F 180 -10.71 15.20 -17.01
N GLY F 181 -11.36 16.30 -16.64
CA GLY F 181 -12.26 17.00 -17.55
C GLY F 181 -13.37 16.09 -18.11
N HIS F 182 -13.79 16.42 -19.33
CA HIS F 182 -14.82 15.68 -20.07
C HIS F 182 -16.06 15.44 -19.23
N ARG F 183 -16.92 16.44 -19.14
CA ARG F 183 -18.07 16.35 -18.30
C ARG F 183 -19.27 16.76 -19.14
N PRO F 184 -20.35 15.96 -19.18
CA PRO F 184 -21.55 16.47 -19.83
C PRO F 184 -21.93 17.70 -19.04
N GLY F 185 -22.37 18.72 -19.74
CA GLY F 185 -22.79 19.86 -18.97
C GLY F 185 -23.95 19.54 -18.07
N LYS F 186 -24.36 20.52 -17.28
CA LYS F 186 -25.73 20.57 -16.81
C LYS F 186 -26.67 20.23 -17.95
N GLN F 187 -27.59 19.29 -17.70
CA GLN F 187 -28.55 18.84 -18.70
C GLN F 187 -27.90 18.28 -19.98
N GLY F 188 -26.68 17.76 -19.96
CA GLY F 188 -26.09 17.33 -21.21
C GLY F 188 -25.94 15.85 -21.35
N GLY F 189 -26.50 15.04 -20.46
CA GLY F 189 -26.05 13.68 -20.46
C GLY F 189 -26.53 12.83 -21.60
N TYR F 190 -27.34 13.39 -22.48
CA TYR F 190 -28.04 12.64 -23.51
C TYR F 190 -27.54 13.02 -24.90
N MET F 191 -26.69 12.19 -25.53
CA MET F 191 -26.08 11.00 -24.94
C MET F 191 -24.60 10.90 -25.33
N PRO F 192 -23.79 11.77 -24.85
CA PRO F 192 -22.37 11.77 -25.25
C PRO F 192 -21.64 10.44 -25.08
N VAL F 193 -20.58 10.24 -25.85
CA VAL F 193 -19.71 9.08 -25.70
C VAL F 193 -18.71 9.29 -24.56
N PRO F 194 -18.07 8.22 -24.07
CA PRO F 194 -16.96 8.32 -23.12
C PRO F 194 -15.76 9.10 -23.66
N PRO F 195 -14.93 9.69 -22.77
CA PRO F 195 -14.99 9.56 -21.30
C PRO F 195 -15.99 10.50 -20.66
N THR F 196 -16.63 11.32 -21.49
CA THR F 196 -17.71 12.16 -20.99
C THR F 196 -18.77 11.31 -20.29
N ASP F 197 -19.14 10.18 -20.91
CA ASP F 197 -20.00 9.19 -20.27
C ASP F 197 -19.12 8.22 -19.49
N THR F 198 -19.08 8.37 -18.17
CA THR F 198 -18.20 7.57 -17.33
C THR F 198 -18.83 6.29 -16.81
N MET F 199 -20.12 6.08 -17.01
CA MET F 199 -20.82 4.95 -16.42
C MET F 199 -21.24 3.90 -17.43
N MET F 200 -20.55 3.83 -18.57
CA MET F 200 -20.94 2.88 -19.62
C MET F 200 -20.78 1.44 -19.14
N ASP F 201 -19.73 1.15 -18.37
CA ASP F 201 -19.54 -0.23 -17.92
C ASP F 201 -20.46 -0.61 -16.78
N ILE F 202 -20.87 0.34 -15.95
CA ILE F 202 -21.78 -0.02 -14.87
C ILE F 202 -23.17 -0.31 -15.42
N ARG F 203 -23.65 0.51 -16.36
CA ARG F 203 -24.94 0.23 -16.97
C ARG F 203 -24.92 -1.11 -17.70
N THR F 204 -23.76 -1.47 -18.28
CA THR F 204 -23.57 -2.79 -18.89
C THR F 204 -23.67 -3.92 -17.88
N GLU F 205 -23.01 -3.73 -16.74
CA GLU F 205 -22.96 -4.74 -15.70
C GLU F 205 -24.32 -4.87 -15.03
N ILE F 206 -25.07 -3.78 -14.92
CA ILE F 206 -26.44 -3.89 -14.41
C ILE F 206 -27.28 -4.77 -15.33
N VAL F 207 -27.31 -4.45 -16.62
CA VAL F 207 -28.04 -5.26 -17.58
C VAL F 207 -27.66 -6.71 -17.42
N LYS F 208 -26.35 -6.96 -17.32
CA LYS F 208 -25.87 -8.31 -17.07
C LYS F 208 -26.64 -8.98 -15.95
N VAL F 209 -26.73 -8.29 -14.81
CA VAL F 209 -27.39 -8.88 -13.65
C VAL F 209 -28.92 -8.90 -13.79
N LEU F 210 -29.51 -7.94 -14.51
CA LEU F 210 -30.96 -7.98 -14.72
C LEU F 210 -31.33 -9.26 -15.45
N ASN F 211 -30.58 -9.57 -16.50
CA ASN F 211 -30.80 -10.81 -17.22
C ASN F 211 -30.55 -11.98 -16.31
N GLN F 212 -29.64 -11.80 -15.34
CA GLN F 212 -29.36 -12.83 -14.35
C GLN F 212 -30.56 -13.12 -13.46
N VAL F 213 -31.29 -12.09 -13.05
CA VAL F 213 -32.37 -12.26 -12.08
C VAL F 213 -33.74 -12.33 -12.75
N GLY F 214 -33.77 -12.65 -14.04
CA GLY F 214 -35.01 -12.81 -14.78
C GLY F 214 -35.60 -11.54 -15.35
N LEU F 215 -34.76 -10.61 -15.76
CA LEU F 215 -35.22 -9.37 -16.34
C LEU F 215 -34.72 -9.36 -17.77
N GLU F 216 -35.64 -9.12 -18.71
CA GLU F 216 -35.21 -8.95 -20.08
C GLU F 216 -34.99 -7.47 -20.32
N THR F 217 -33.85 -7.16 -20.95
CA THR F 217 -33.41 -5.80 -21.19
C THR F 217 -33.52 -5.48 -22.67
N PHE F 218 -33.86 -4.22 -22.98
CA PHE F 218 -33.91 -3.74 -24.35
C PHE F 218 -32.86 -2.66 -24.58
N VAL F 219 -32.99 -1.53 -23.90
CA VAL F 219 -32.21 -0.34 -24.19
C VAL F 219 -31.43 0.04 -22.96
N VAL F 220 -30.26 0.64 -23.17
CA VAL F 220 -29.50 1.17 -22.04
C VAL F 220 -28.85 2.46 -22.46
N HIS F 221 -29.15 3.54 -21.77
CA HIS F 221 -28.42 4.76 -22.09
C HIS F 221 -28.28 5.64 -20.88
N HIS F 222 -27.27 6.47 -20.93
CA HIS F 222 -27.24 7.66 -20.09
C HIS F 222 -28.48 8.49 -20.40
N GLU F 223 -28.99 9.22 -19.41
CA GLU F 223 -30.11 10.12 -19.71
C GLU F 223 -29.63 11.59 -19.58
N VAL F 224 -30.56 12.54 -19.60
CA VAL F 224 -30.22 13.95 -19.79
C VAL F 224 -29.53 14.53 -18.57
N ALA F 225 -29.97 14.19 -17.35
CA ALA F 225 -29.36 14.79 -16.17
C ALA F 225 -27.97 14.22 -15.94
N GLN F 226 -27.20 14.89 -15.07
CA GLN F 226 -25.75 14.73 -15.14
C GLN F 226 -25.30 13.31 -14.86
N ALA F 227 -25.84 12.63 -13.84
CA ALA F 227 -25.37 11.28 -13.51
C ALA F 227 -26.41 10.22 -13.81
N GLN F 228 -27.21 10.46 -14.83
CA GLN F 228 -28.49 9.75 -14.93
C GLN F 228 -28.39 8.51 -15.82
N GLY F 229 -29.29 7.57 -15.58
CA GLY F 229 -29.31 6.35 -16.36
C GLY F 229 -30.70 5.75 -16.36
N GLU F 230 -30.89 4.82 -17.29
CA GLU F 230 -32.19 4.22 -17.58
C GLU F 230 -31.96 2.94 -18.36
N VAL F 231 -32.85 1.99 -18.16
CA VAL F 231 -32.80 0.70 -18.82
C VAL F 231 -34.18 0.34 -19.32
N GLY F 232 -34.24 -0.14 -20.55
CA GLY F 232 -35.48 -0.68 -21.06
C GLY F 232 -35.63 -2.13 -20.67
N VAL F 233 -36.71 -2.44 -19.96
CA VAL F 233 -37.02 -3.79 -19.54
C VAL F 233 -38.35 -4.17 -20.17
N LYS F 234 -38.60 -5.47 -20.26
CA LYS F 234 -39.77 -5.91 -21.02
C LYS F 234 -41.06 -5.61 -20.26
N PHE F 235 -42.08 -5.20 -21.00
CA PHE F 235 -43.41 -5.00 -20.46
C PHE F 235 -43.84 -6.27 -19.73
N GLY F 236 -44.61 -6.12 -18.64
CA GLY F 236 -45.16 -7.26 -17.96
C GLY F 236 -46.55 -6.98 -17.44
N ASP F 237 -47.28 -8.04 -17.04
CA ASP F 237 -48.60 -7.78 -16.46
C ASP F 237 -48.44 -6.98 -15.17
N LEU F 238 -49.56 -6.49 -14.66
CA LEU F 238 -49.48 -5.42 -13.67
C LEU F 238 -48.57 -5.78 -12.49
N VAL F 239 -48.79 -6.93 -11.86
CA VAL F 239 -47.93 -7.29 -10.75
C VAL F 239 -46.54 -7.65 -11.26
N GLU F 240 -46.46 -8.53 -12.27
CA GLU F 240 -45.17 -8.94 -12.82
C GLU F 240 -44.32 -7.74 -13.18
N ALA F 241 -44.93 -6.68 -13.69
CA ALA F 241 -44.24 -5.41 -13.91
C ALA F 241 -43.76 -4.79 -12.61
N ALA F 242 -44.66 -4.64 -11.64
CA ALA F 242 -44.31 -3.98 -10.38
C ALA F 242 -43.27 -4.77 -9.59
N ASP F 243 -43.32 -6.11 -9.69
CA ASP F 243 -42.30 -6.98 -9.13
C ASP F 243 -40.93 -6.70 -9.72
N ASN F 244 -40.89 -6.47 -11.03
CA ASN F 244 -39.63 -6.23 -11.69
C ASN F 244 -39.07 -4.87 -11.38
N VAL F 245 -39.91 -3.93 -10.98
CA VAL F 245 -39.37 -2.67 -10.48
C VAL F 245 -38.61 -2.91 -9.19
N GLN F 246 -39.23 -3.65 -8.26
CA GLN F 246 -38.53 -4.01 -7.04
C GLN F 246 -37.20 -4.69 -7.36
N LYS F 247 -37.20 -5.66 -8.29
CA LYS F 247 -35.94 -6.28 -8.70
C LYS F 247 -34.95 -5.25 -9.26
N LEU F 248 -35.38 -4.50 -10.28
CA LEU F 248 -34.51 -3.50 -10.89
C LEU F 248 -33.95 -2.52 -9.88
N LYS F 249 -34.80 -1.95 -9.01
CA LYS F 249 -34.28 -1.02 -8.01
C LYS F 249 -33.19 -1.67 -7.16
N TYR F 250 -33.44 -2.88 -6.70
CA TYR F 250 -32.46 -3.57 -5.88
C TYR F 250 -31.14 -3.75 -6.64
N VAL F 251 -31.22 -4.11 -7.92
CA VAL F 251 -30.00 -4.48 -8.61
C VAL F 251 -29.17 -3.25 -8.83
N VAL F 252 -29.81 -2.19 -9.31
CA VAL F 252 -29.09 -0.97 -9.61
C VAL F 252 -28.46 -0.43 -8.34
N LYS F 253 -29.26 -0.35 -7.27
CA LYS F 253 -28.70 0.17 -6.05
C LYS F 253 -27.56 -0.71 -5.56
N MET F 254 -27.67 -2.02 -5.73
CA MET F 254 -26.65 -2.89 -5.15
C MET F 254 -25.39 -2.94 -5.99
N VAL F 255 -25.57 -2.85 -7.30
CA VAL F 255 -24.42 -2.84 -8.20
C VAL F 255 -23.66 -1.57 -8.00
N ALA F 256 -24.40 -0.45 -7.90
CA ALA F 256 -23.85 0.82 -7.42
C ALA F 256 -23.00 0.61 -6.19
N HIS F 257 -23.57 -0.07 -5.20
CA HIS F 257 -22.88 -0.29 -3.93
C HIS F 257 -21.59 -1.08 -4.10
N LEU F 258 -21.61 -2.12 -4.95
CA LEU F 258 -20.41 -2.91 -5.19
C LEU F 258 -19.29 -2.14 -5.89
N ASN F 259 -19.62 -1.16 -6.73
CA ASN F 259 -18.57 -0.36 -7.35
C ASN F 259 -18.19 0.88 -6.56
N GLY F 260 -18.59 0.94 -5.29
CA GLY F 260 -18.18 2.05 -4.47
C GLY F 260 -18.97 3.31 -4.72
N LYS F 261 -20.22 3.19 -5.16
CA LYS F 261 -21.10 4.35 -5.37
C LYS F 261 -22.43 4.16 -4.66
N THR F 262 -23.40 5.02 -4.97
CA THR F 262 -24.66 5.01 -4.25
C THR F 262 -25.69 5.56 -5.20
N ALA F 263 -26.73 4.78 -5.43
CA ALA F 263 -27.75 5.12 -6.41
C ALA F 263 -29.02 5.54 -5.70
N THR F 264 -29.93 6.10 -6.49
CA THR F 264 -31.20 6.53 -5.96
C THR F 264 -32.16 6.71 -7.11
N PHE F 265 -33.40 6.29 -6.90
CA PHE F 265 -34.47 6.52 -7.85
C PHE F 265 -35.33 7.68 -7.47
N MET F 266 -34.84 8.56 -6.59
CA MET F 266 -35.63 9.68 -6.09
C MET F 266 -35.90 10.69 -7.20
N PRO F 267 -37.07 11.34 -7.17
CA PRO F 267 -37.47 12.16 -8.32
C PRO F 267 -36.53 13.29 -8.68
N LYS F 268 -36.08 14.11 -7.71
CA LYS F 268 -35.27 15.31 -8.01
C LYS F 268 -34.12 15.52 -7.04
N PRO F 269 -32.95 14.90 -7.31
CA PRO F 269 -31.77 15.07 -6.43
C PRO F 269 -30.99 16.34 -6.69
N LEU F 270 -31.07 16.84 -7.92
CA LEU F 270 -30.33 18.00 -8.38
C LEU F 270 -31.26 19.11 -8.79
N TYR F 271 -31.03 20.31 -8.25
CA TYR F 271 -31.71 21.50 -8.73
C TYR F 271 -31.23 21.92 -10.12
N GLY F 272 -32.17 22.33 -10.97
CA GLY F 272 -31.80 22.91 -12.25
C GLY F 272 -31.33 21.90 -13.25
N ASP F 273 -31.54 20.63 -12.96
CA ASP F 273 -31.27 19.56 -13.89
C ASP F 273 -32.44 18.62 -13.83
N ASN F 274 -32.45 17.70 -14.79
CA ASN F 274 -33.61 16.86 -14.99
C ASN F 274 -33.88 15.97 -13.77
N GLY F 275 -35.18 15.77 -13.48
CA GLY F 275 -35.54 14.74 -12.53
C GLY F 275 -35.65 13.35 -13.17
N SER F 276 -35.83 12.36 -12.32
CA SER F 276 -36.03 11.00 -12.79
C SER F 276 -37.53 10.70 -12.80
N GLY F 277 -38.01 10.16 -13.90
CA GLY F 277 -39.39 9.76 -14.02
C GLY F 277 -39.48 8.25 -13.99
N MET F 278 -40.69 7.78 -13.76
CA MET F 278 -41.09 6.42 -14.08
C MET F 278 -42.11 6.52 -15.22
N HIS F 279 -41.58 6.63 -16.43
CA HIS F 279 -42.40 6.62 -17.62
C HIS F 279 -43.09 5.25 -17.74
N THR F 280 -44.41 5.21 -17.55
CA THR F 280 -45.19 3.98 -17.58
C THR F 280 -45.91 3.86 -18.89
N HIS F 281 -45.74 2.72 -19.55
CA HIS F 281 -46.42 2.41 -20.80
C HIS F 281 -47.50 1.38 -20.51
N VAL F 282 -48.75 1.65 -20.89
CA VAL F 282 -49.79 0.66 -20.63
C VAL F 282 -50.51 0.24 -21.91
N SER F 283 -50.96 -1.01 -21.91
CA SER F 283 -51.96 -1.53 -22.83
C SER F 283 -52.79 -2.61 -22.12
N VAL F 284 -54.06 -2.72 -22.52
CA VAL F 284 -54.92 -3.80 -22.04
C VAL F 284 -55.14 -4.77 -23.17
N TRP F 285 -54.99 -6.06 -22.87
CA TRP F 285 -55.18 -7.08 -23.86
C TRP F 285 -56.34 -7.95 -23.41
N LYS F 286 -56.96 -8.60 -24.39
CA LYS F 286 -57.99 -9.55 -24.06
C LYS F 286 -57.97 -10.53 -25.20
N ASN F 287 -58.02 -11.82 -24.88
CA ASN F 287 -57.99 -12.84 -25.92
C ASN F 287 -56.77 -12.62 -26.81
N ASN F 288 -55.66 -12.22 -26.16
CA ASN F 288 -54.34 -11.85 -26.72
C ASN F 288 -54.40 -10.87 -27.91
N GLU F 289 -55.46 -10.10 -28.01
CA GLU F 289 -55.53 -8.98 -28.94
C GLU F 289 -55.31 -7.72 -28.13
N ASN F 290 -54.70 -6.71 -28.73
CA ASN F 290 -54.48 -5.47 -28.02
C ASN F 290 -55.72 -4.59 -28.21
N LEU F 291 -56.46 -4.33 -27.13
CA LEU F 291 -57.67 -3.52 -27.27
C LEU F 291 -57.39 -2.06 -27.55
N PHE F 292 -56.14 -1.61 -27.44
CA PHE F 292 -55.79 -0.21 -27.60
C PHE F 292 -55.58 0.17 -29.06
N SER F 293 -55.34 -0.81 -29.92
CA SER F 293 -55.10 -0.56 -31.33
C SER F 293 -56.41 -0.44 -32.07
N GLY F 294 -56.51 0.62 -32.85
CA GLY F 294 -57.66 0.90 -33.67
C GLY F 294 -57.24 2.03 -34.58
N GLU F 295 -58.23 2.75 -35.13
CA GLU F 295 -57.87 3.85 -36.03
C GLU F 295 -58.62 5.14 -35.77
N THR F 296 -59.30 5.25 -34.63
CA THR F 296 -59.93 6.51 -34.25
C THR F 296 -58.92 7.66 -34.13
N TYR F 297 -57.75 7.40 -33.53
CA TYR F 297 -56.74 8.47 -33.40
C TYR F 297 -55.32 7.94 -33.39
N LYS F 298 -54.53 8.43 -34.34
CA LYS F 298 -53.11 8.13 -34.50
C LYS F 298 -52.76 6.71 -34.06
N GLY F 299 -53.55 5.75 -34.56
CA GLY F 299 -53.32 4.34 -34.33
C GLY F 299 -53.95 3.72 -33.11
N LEU F 300 -54.93 4.38 -32.49
CA LEU F 300 -55.56 3.91 -31.27
C LEU F 300 -57.05 3.78 -31.45
N SER F 301 -57.64 2.97 -30.58
CA SER F 301 -59.06 2.63 -30.55
C SER F 301 -59.88 3.57 -29.64
N GLU F 302 -61.19 3.61 -29.91
CA GLU F 302 -62.14 4.28 -29.01
C GLU F 302 -61.93 3.81 -27.58
N PHE F 303 -61.63 2.53 -27.42
CA PHE F 303 -61.42 1.94 -26.08
C PHE F 303 -60.25 2.60 -25.37
N ALA F 304 -59.14 2.80 -26.10
CA ALA F 304 -57.96 3.41 -25.49
C ALA F 304 -58.24 4.82 -25.04
N LEU F 305 -58.93 5.60 -25.87
CA LEU F 305 -59.13 7.00 -25.51
C LEU F 305 -60.07 7.14 -24.32
N HIS F 306 -61.02 6.22 -24.20
CA HIS F 306 -61.85 6.22 -23.02
C HIS F 306 -61.02 5.88 -21.79
N PHE F 307 -60.08 4.94 -21.95
CA PHE F 307 -59.14 4.65 -20.87
C PHE F 307 -58.38 5.89 -20.47
N LEU F 308 -57.84 6.59 -21.45
CA LEU F 308 -57.06 7.78 -21.20
C LEU F 308 -57.90 8.86 -20.53
N GLY F 309 -59.14 9.03 -20.97
CA GLY F 309 -60.02 10.00 -20.37
C GLY F 309 -60.20 9.75 -18.88
N GLY F 310 -60.25 8.47 -18.52
CA GLY F 310 -60.36 8.08 -17.13
C GLY F 310 -59.08 8.29 -16.35
N VAL F 311 -57.93 8.04 -16.98
CA VAL F 311 -56.67 8.37 -16.33
C VAL F 311 -56.52 9.87 -16.14
N LEU F 312 -56.87 10.67 -17.16
CA LEU F 312 -56.72 12.13 -17.07
C LEU F 312 -57.70 12.73 -16.07
N ARG F 313 -58.90 12.18 -16.00
CA ARG F 313 -59.94 12.76 -15.14
C ARG F 313 -59.57 12.65 -13.68
N HIS F 314 -59.09 11.49 -13.26
CA HIS F 314 -58.74 11.25 -11.87
C HIS F 314 -57.28 11.55 -11.57
N ALA F 315 -56.56 12.15 -12.52
CA ALA F 315 -55.12 12.35 -12.42
C ALA F 315 -54.73 13.04 -11.13
N ARG F 316 -55.36 14.18 -10.86
CA ARG F 316 -54.95 14.99 -9.72
C ARG F 316 -54.91 14.17 -8.42
N GLY F 317 -55.87 13.28 -8.22
CA GLY F 317 -55.82 12.41 -7.05
C GLY F 317 -54.93 11.21 -7.24
N LEU F 318 -54.87 10.69 -8.47
CA LEU F 318 -53.98 9.57 -8.75
C LEU F 318 -52.54 9.94 -8.43
N ALA F 319 -52.21 11.24 -8.46
CA ALA F 319 -50.85 11.64 -8.16
C ALA F 319 -50.47 11.19 -6.77
N ALA F 320 -51.46 11.11 -5.87
CA ALA F 320 -51.20 10.65 -4.49
C ALA F 320 -50.52 9.29 -4.47
N PHE F 321 -50.74 8.46 -5.48
CA PHE F 321 -50.00 7.21 -5.56
C PHE F 321 -48.93 7.21 -6.62
N THR F 322 -49.05 8.02 -7.66
CA THR F 322 -47.99 8.03 -8.65
C THR F 322 -46.87 8.98 -8.27
N ASN F 323 -47.17 9.93 -7.40
CA ASN F 323 -46.21 10.93 -6.96
C ASN F 323 -46.27 11.01 -5.43
N ALA F 324 -45.59 10.08 -4.76
CA ALA F 324 -45.86 9.81 -3.36
C ALA F 324 -44.90 10.51 -2.41
N SER F 325 -44.02 11.37 -2.91
CA SER F 325 -43.14 12.13 -2.02
C SER F 325 -43.24 13.61 -2.32
N THR F 326 -42.99 14.45 -1.30
CA THR F 326 -42.90 15.87 -1.63
C THR F 326 -41.82 16.08 -2.66
N ASN F 327 -40.78 15.24 -2.65
CA ASN F 327 -39.72 15.37 -3.66
C ASN F 327 -40.23 15.08 -5.05
N SER F 328 -41.32 14.32 -5.19
CA SER F 328 -41.93 14.14 -6.51
C SER F 328 -42.20 15.47 -7.20
N TYR F 329 -42.55 16.51 -6.41
CA TYR F 329 -43.11 17.77 -6.89
C TYR F 329 -42.06 18.82 -7.19
N LYS F 330 -40.83 18.63 -6.75
CA LYS F 330 -39.75 19.45 -7.27
C LYS F 330 -39.40 19.10 -8.72
N ARG F 331 -39.80 17.91 -9.17
CA ARG F 331 -39.62 17.50 -10.56
C ARG F 331 -40.72 18.04 -11.45
N LEU F 332 -41.94 18.12 -10.90
CA LEU F 332 -43.13 18.55 -11.64
C LEU F 332 -43.13 20.05 -11.88
N ILE F 333 -42.04 20.47 -12.51
CA ILE F 333 -41.72 21.85 -12.89
C ILE F 333 -41.57 21.93 -14.41
N PRO F 334 -42.02 23.01 -15.04
CA PRO F 334 -41.94 23.08 -16.49
C PRO F 334 -40.49 23.09 -16.94
N GLY F 335 -40.22 22.45 -18.08
CA GLY F 335 -38.96 22.62 -18.78
C GLY F 335 -37.89 21.58 -18.58
N TYR F 336 -38.23 20.38 -18.11
CA TYR F 336 -37.27 19.30 -17.88
C TYR F 336 -37.83 17.99 -18.43
N GLU F 337 -38.67 18.10 -19.46
CA GLU F 337 -39.48 17.01 -20.00
C GLU F 337 -40.34 16.38 -18.90
N ALA F 338 -40.68 17.16 -17.94
CA ALA F 338 -41.58 16.72 -16.90
C ALA F 338 -42.95 17.33 -17.11
N PRO F 339 -43.99 16.51 -17.14
CA PRO F 339 -45.34 17.03 -17.37
C PRO F 339 -45.82 17.82 -16.17
N SER F 340 -46.34 19.01 -16.44
CA SER F 340 -47.07 19.78 -15.47
C SER F 340 -48.53 19.95 -15.90
N ILE F 341 -48.88 19.50 -17.10
CA ILE F 341 -50.19 19.75 -17.68
C ILE F 341 -50.81 18.44 -18.13
N LEU F 342 -52.09 18.26 -17.85
CA LEU F 342 -52.79 17.01 -18.09
C LEU F 342 -53.43 16.99 -19.47
N THR F 343 -52.60 16.69 -20.46
CA THR F 343 -53.11 16.39 -21.79
C THR F 343 -52.25 15.29 -22.41
N TYR F 344 -52.68 14.82 -23.56
CA TYR F 344 -52.01 13.82 -24.35
C TYR F 344 -51.59 14.39 -25.71
N SER F 345 -50.55 13.80 -26.29
CA SER F 345 -50.11 14.25 -27.60
C SER F 345 -49.13 13.24 -28.18
N ALA F 346 -49.18 13.07 -29.50
CA ALA F 346 -48.22 12.22 -30.17
C ALA F 346 -46.89 12.93 -30.26
N ASN F 347 -45.82 12.19 -29.96
CA ASN F 347 -44.44 12.67 -30.08
C ASN F 347 -44.19 13.91 -29.23
N ASN F 348 -44.96 14.11 -28.15
CA ASN F 348 -44.87 15.32 -27.35
C ASN F 348 -44.46 14.94 -25.94
N ARG F 349 -43.30 15.44 -25.49
CA ARG F 349 -42.78 15.12 -24.18
C ARG F 349 -43.05 16.22 -23.17
N SER F 350 -43.75 17.28 -23.56
CA SER F 350 -44.32 18.20 -22.59
C SER F 350 -45.67 17.73 -22.08
N ALA F 351 -46.29 16.76 -22.76
CA ALA F 351 -47.64 16.34 -22.40
C ALA F 351 -47.58 15.31 -21.31
N SER F 352 -48.64 15.23 -20.49
CA SER F 352 -48.67 14.20 -19.47
C SER F 352 -48.53 12.85 -20.12
N VAL F 353 -49.31 12.63 -21.16
CA VAL F 353 -49.35 11.39 -21.88
C VAL F 353 -48.78 11.62 -23.26
N ARG F 354 -48.21 10.56 -23.80
CA ARG F 354 -47.59 10.59 -25.11
C ARG F 354 -48.00 9.32 -25.84
N ILE F 355 -48.38 9.44 -27.10
CA ILE F 355 -48.54 8.28 -27.99
C ILE F 355 -47.21 8.10 -28.71
N PRO F 356 -46.44 7.06 -28.39
CA PRO F 356 -45.14 6.90 -29.02
C PRO F 356 -45.28 6.69 -30.52
N TYR F 357 -44.17 6.93 -31.23
CA TYR F 357 -44.25 7.04 -32.68
C TYR F 357 -44.59 5.69 -33.30
N GLY F 358 -43.91 4.62 -32.87
CA GLY F 358 -44.01 3.32 -33.51
C GLY F 358 -45.43 2.86 -33.81
N ILE F 359 -46.20 2.70 -32.74
CA ILE F 359 -47.65 2.47 -32.74
C ILE F 359 -48.15 1.57 -33.87
N SER F 360 -47.41 0.50 -34.17
CA SER F 360 -48.05 -0.64 -34.82
C SER F 360 -49.08 -1.21 -33.84
N LYS F 361 -49.87 -2.17 -34.31
CA LYS F 361 -50.95 -2.65 -33.47
C LYS F 361 -50.41 -3.27 -32.18
N ASN F 362 -49.55 -4.29 -32.32
CA ASN F 362 -49.06 -4.98 -31.14
C ASN F 362 -48.33 -4.06 -30.18
N SER F 363 -47.88 -2.88 -30.64
CA SER F 363 -47.19 -1.98 -29.73
C SER F 363 -48.03 -0.78 -29.31
N ALA F 364 -49.30 -0.70 -29.71
CA ALA F 364 -50.12 0.44 -29.31
C ALA F 364 -50.13 0.55 -27.80
N ARG F 365 -50.09 1.79 -27.30
CA ARG F 365 -49.98 2.07 -25.87
C ARG F 365 -49.94 3.58 -25.64
N PHE F 366 -50.34 3.97 -24.44
CA PHE F 366 -50.07 5.29 -23.87
C PHE F 366 -48.79 5.24 -23.07
N GLU F 367 -48.18 6.40 -22.89
CA GLU F 367 -47.06 6.53 -21.96
C GLU F 367 -47.39 7.65 -21.00
N PHE F 368 -47.57 7.30 -19.73
CA PHE F 368 -47.84 8.27 -18.70
C PHE F 368 -46.51 8.69 -18.14
N ARG F 369 -46.18 9.97 -18.31
CA ARG F 369 -44.86 10.49 -18.01
C ARG F 369 -44.78 11.10 -16.63
N PHE F 370 -45.91 11.36 -16.00
CA PHE F 370 -45.93 12.05 -14.71
C PHE F 370 -45.50 11.23 -13.50
N PRO F 371 -45.60 9.90 -13.47
CA PRO F 371 -45.18 9.16 -12.28
C PRO F 371 -43.67 9.14 -12.09
N ASP F 372 -43.26 8.83 -10.87
CA ASP F 372 -41.87 8.70 -10.53
C ASP F 372 -41.71 7.48 -9.62
N SER F 373 -40.47 7.13 -9.35
CA SER F 373 -40.18 5.93 -8.57
C SER F 373 -40.28 6.14 -7.05
N SER F 374 -40.58 7.35 -6.56
CA SER F 374 -40.86 7.46 -5.12
C SER F 374 -42.16 6.75 -4.74
N SER F 375 -42.97 6.38 -5.71
CA SER F 375 -44.19 5.64 -5.46
C SER F 375 -43.90 4.19 -5.18
N ASN F 376 -44.80 3.55 -4.47
CA ASN F 376 -44.85 2.10 -4.47
C ASN F 376 -45.37 1.60 -5.81
N PRO F 377 -44.57 0.90 -6.63
CA PRO F 377 -45.06 0.48 -7.96
C PRO F 377 -46.34 -0.33 -7.93
N TYR F 378 -46.56 -1.17 -6.93
CA TYR F 378 -47.85 -1.87 -6.85
C TYR F 378 -49.01 -0.86 -6.81
N LEU F 379 -48.95 0.07 -5.86
CA LEU F 379 -49.99 1.08 -5.69
C LEU F 379 -50.10 2.03 -6.89
N ALA F 380 -48.97 2.45 -7.46
CA ALA F 380 -49.06 3.31 -8.63
C ALA F 380 -49.84 2.60 -9.74
N PHE F 381 -49.35 1.43 -10.15
CA PHE F 381 -49.93 0.73 -11.29
C PHE F 381 -51.39 0.38 -11.06
N ALA F 382 -51.70 -0.20 -9.89
CA ALA F 382 -53.08 -0.53 -9.56
C ALA F 382 -53.97 0.69 -9.78
N ALA F 383 -53.61 1.80 -9.12
CA ALA F 383 -54.39 3.03 -9.15
C ALA F 383 -54.55 3.57 -10.58
N ILE F 384 -53.48 3.56 -11.36
CA ILE F 384 -53.58 4.01 -12.76
C ILE F 384 -54.60 3.17 -13.50
N LEU F 385 -54.55 1.82 -13.32
CA LEU F 385 -55.48 0.97 -14.04
C LEU F 385 -56.89 1.20 -13.55
N MET F 386 -57.08 1.35 -12.22
CA MET F 386 -58.43 1.57 -11.67
C MET F 386 -59.05 2.85 -12.22
N ALA F 387 -58.24 3.83 -12.58
CA ALA F 387 -58.83 5.01 -13.19
C ALA F 387 -59.09 4.78 -14.67
N GLY F 388 -58.20 4.06 -15.33
CA GLY F 388 -58.42 3.77 -16.73
C GLY F 388 -59.64 2.92 -16.96
N MET F 389 -60.02 2.09 -15.97
CA MET F 389 -61.26 1.34 -16.14
C MET F 389 -62.48 2.18 -15.85
N ASP F 390 -62.39 3.05 -14.84
CA ASP F 390 -63.44 4.03 -14.64
C ASP F 390 -63.63 4.81 -15.92
N GLY F 391 -62.53 5.04 -16.64
CA GLY F 391 -62.64 5.70 -17.93
C GLY F 391 -63.44 4.90 -18.94
N VAL F 392 -63.20 3.58 -19.02
CA VAL F 392 -63.91 2.78 -20.01
C VAL F 392 -65.36 2.56 -19.61
N LYS F 393 -65.64 2.36 -18.32
CA LYS F 393 -67.02 2.15 -17.88
C LYS F 393 -67.89 3.36 -18.17
N ASN F 394 -67.43 4.56 -17.80
CA ASN F 394 -68.24 5.76 -17.95
C ASN F 394 -68.02 6.47 -19.28
N LYS F 395 -67.42 5.81 -20.26
CA LYS F 395 -67.16 6.41 -21.55
C LYS F 395 -66.62 7.82 -21.37
N ILE F 396 -65.51 7.93 -20.65
CA ILE F 396 -64.96 9.24 -20.35
C ILE F 396 -64.13 9.72 -21.53
N ASP F 397 -64.48 10.89 -22.07
CA ASP F 397 -63.70 11.53 -23.15
C ASP F 397 -62.53 12.32 -22.56
N PRO F 398 -61.33 12.19 -23.13
CA PRO F 398 -60.14 12.91 -22.64
C PRO F 398 -59.91 14.30 -23.24
N GLY F 399 -60.87 14.90 -23.93
CA GLY F 399 -60.62 16.17 -24.57
C GLY F 399 -59.86 15.94 -25.85
N GLU F 400 -59.36 17.02 -26.42
CA GLU F 400 -58.57 16.87 -27.63
C GLU F 400 -57.10 17.18 -27.37
N ALA F 401 -56.25 16.66 -28.25
CA ALA F 401 -54.81 16.76 -28.07
C ALA F 401 -54.32 18.18 -28.23
N MET F 402 -53.19 18.43 -27.58
CA MET F 402 -52.49 19.72 -27.62
C MET F 402 -51.10 19.46 -28.21
N ASP F 403 -50.94 19.68 -29.50
CA ASP F 403 -49.64 19.48 -30.12
C ASP F 403 -48.90 20.81 -30.16
N ILE F 404 -48.81 21.43 -28.98
CA ILE F 404 -48.14 22.71 -28.79
C ILE F 404 -46.94 22.46 -27.86
N ASN F 405 -46.04 23.43 -27.80
CA ASN F 405 -45.07 23.45 -26.71
C ASN F 405 -45.83 23.91 -25.49
N LEU F 406 -46.19 22.96 -24.62
CA LEU F 406 -47.10 23.29 -23.53
C LEU F 406 -46.49 24.29 -22.56
N PHE F 407 -45.16 24.28 -22.42
CA PHE F 407 -44.45 25.23 -21.58
C PHE F 407 -44.46 26.63 -22.18
N LYS F 408 -45.63 27.10 -22.60
CA LYS F 408 -45.79 28.44 -23.12
C LYS F 408 -46.94 29.10 -22.36
N LEU F 409 -47.00 30.43 -22.47
CA LEU F 409 -47.95 31.28 -21.75
C LEU F 409 -48.45 30.61 -20.48
N THR F 410 -47.55 30.51 -19.49
CA THR F 410 -47.89 29.85 -18.24
C THR F 410 -49.18 30.41 -17.65
N LEU F 411 -49.16 31.68 -17.23
CA LEU F 411 -50.20 32.17 -16.31
C LEU F 411 -51.55 32.27 -16.99
N ASP F 412 -51.63 32.96 -18.13
CA ASP F 412 -52.92 33.16 -18.79
C ASP F 412 -53.42 31.90 -19.49
N GLU F 413 -52.68 31.40 -20.48
CA GLU F 413 -53.21 30.37 -21.36
C GLU F 413 -53.61 29.10 -20.61
N ILE F 414 -53.01 28.84 -19.44
CA ILE F 414 -53.45 27.72 -18.62
C ILE F 414 -54.82 28.01 -17.99
N ARG F 415 -54.95 29.18 -17.36
CA ARG F 415 -56.24 29.56 -16.76
C ARG F 415 -57.21 30.10 -17.81
N GLU F 416 -56.74 31.01 -18.69
CA GLU F 416 -57.62 31.63 -19.67
C GLU F 416 -58.20 30.61 -20.64
N LYS F 417 -57.37 29.71 -21.16
CA LYS F 417 -57.87 28.72 -22.10
C LYS F 417 -58.41 27.50 -21.40
N GLY F 418 -58.39 27.52 -20.06
CA GLY F 418 -59.05 26.54 -19.21
C GLY F 418 -58.55 25.12 -19.46
N ILE F 419 -57.61 24.66 -18.63
CA ILE F 419 -57.07 23.30 -18.75
C ILE F 419 -56.44 22.90 -17.43
N LYS F 420 -56.47 21.59 -17.15
CA LYS F 420 -56.19 21.05 -15.83
C LYS F 420 -54.74 20.60 -15.73
N GLN F 421 -54.05 21.04 -14.69
CA GLN F 421 -52.63 20.81 -14.51
C GLN F 421 -52.42 20.00 -13.24
N MET F 422 -51.17 19.55 -13.03
CA MET F 422 -50.81 18.71 -11.90
C MET F 422 -50.91 19.47 -10.58
N PRO F 423 -51.24 18.78 -9.48
CA PRO F 423 -51.19 19.44 -8.17
C PRO F 423 -49.75 19.75 -7.84
N HIS F 424 -49.53 20.89 -7.19
CA HIS F 424 -48.16 21.33 -7.04
C HIS F 424 -47.47 20.73 -5.82
N THR F 425 -48.21 20.33 -4.81
CA THR F 425 -47.63 19.78 -3.59
C THR F 425 -48.32 18.46 -3.28
N LEU F 426 -47.63 17.65 -2.48
CA LEU F 426 -48.18 16.35 -2.11
C LEU F 426 -49.47 16.47 -1.29
N ARG F 427 -49.62 17.51 -0.48
CA ARG F 427 -50.83 17.63 0.35
C ARG F 427 -52.05 17.74 -0.53
N ARG F 428 -51.91 18.39 -1.69
CA ARG F 428 -53.09 18.65 -2.50
C ARG F 428 -53.45 17.40 -3.29
N SER F 429 -52.42 16.73 -3.81
CA SER F 429 -52.55 15.39 -4.35
C SER F 429 -53.31 14.48 -3.40
N LEU F 430 -53.10 14.68 -2.10
CA LEU F 430 -53.81 13.86 -1.13
C LEU F 430 -55.25 14.31 -0.99
N GLU F 431 -55.46 15.63 -0.91
CA GLU F 431 -56.79 16.22 -0.77
C GLU F 431 -57.71 15.77 -1.89
N GLU F 432 -57.28 16.01 -3.12
CA GLU F 432 -58.12 15.68 -4.26
C GLU F 432 -58.40 14.19 -4.29
N MET F 433 -57.40 13.40 -3.90
CA MET F 433 -57.58 11.97 -3.86
C MET F 433 -58.68 11.60 -2.88
N LEU F 434 -58.67 12.20 -1.68
CA LEU F 434 -59.65 11.88 -0.64
C LEU F 434 -61.06 12.36 -0.99
N ALA F 435 -61.21 13.38 -1.81
CA ALA F 435 -62.53 13.89 -2.12
C ALA F 435 -63.14 13.20 -3.33
N ASP F 436 -62.41 12.26 -3.93
CA ASP F 436 -62.90 11.55 -5.07
C ASP F 436 -62.12 10.25 -5.14
N LYS F 437 -62.58 9.26 -4.37
CA LYS F 437 -61.84 8.01 -4.15
C LYS F 437 -62.62 6.80 -4.62
N GLN F 438 -63.73 6.99 -5.32
CA GLN F 438 -64.63 5.87 -5.56
C GLN F 438 -64.05 4.92 -6.60
N TYR F 439 -63.43 5.46 -7.64
CA TYR F 439 -62.90 4.62 -8.69
C TYR F 439 -61.79 3.72 -8.20
N LEU F 440 -61.16 4.07 -7.09
CA LEU F 440 -60.20 3.16 -6.49
C LEU F 440 -60.92 2.13 -5.63
N LYS F 441 -62.10 2.47 -5.11
CA LYS F 441 -62.77 1.59 -4.15
C LYS F 441 -63.56 0.47 -4.80
N GLU F 442 -63.83 0.56 -6.09
CA GLU F 442 -64.58 -0.49 -6.76
C GLU F 442 -63.97 -1.85 -6.47
N SER F 443 -64.85 -2.81 -6.15
CA SER F 443 -64.46 -4.18 -5.85
C SER F 443 -63.47 -4.23 -4.70
N GLN F 444 -63.52 -3.23 -3.81
CA GLN F 444 -62.68 -3.20 -2.62
C GLN F 444 -61.19 -3.16 -2.90
N VAL F 445 -60.77 -2.95 -4.15
CA VAL F 445 -59.34 -3.03 -4.48
C VAL F 445 -58.54 -2.15 -3.53
N PHE F 446 -59.00 -0.91 -3.34
CA PHE F 446 -58.48 0.01 -2.34
C PHE F 446 -59.55 0.17 -1.25
N SER F 447 -59.47 -0.62 -0.16
CA SER F 447 -60.43 -0.46 0.94
C SER F 447 -60.22 0.88 1.63
N GLU F 448 -61.30 1.40 2.22
CA GLU F 448 -61.20 2.77 2.74
C GLU F 448 -60.21 2.84 3.89
N GLU F 449 -60.14 1.78 4.70
CA GLU F 449 -59.15 1.74 5.77
C GLU F 449 -57.74 1.86 5.20
N PHE F 450 -57.42 1.12 4.14
CA PHE F 450 -56.10 1.26 3.54
C PHE F 450 -55.87 2.68 3.08
N ILE F 451 -56.82 3.24 2.35
CA ILE F 451 -56.68 4.60 1.86
C ILE F 451 -56.46 5.55 3.03
N GLN F 452 -57.21 5.37 4.12
CA GLN F 452 -57.03 6.24 5.28
C GLN F 452 -55.70 5.94 5.95
N ALA F 453 -55.26 4.69 5.95
CA ALA F 453 -53.94 4.42 6.47
C ALA F 453 -52.91 5.13 5.60
N TYR F 454 -53.08 5.04 4.28
CA TYR F 454 -52.14 5.68 3.38
C TYR F 454 -52.13 7.18 3.59
N GLN F 455 -53.29 7.75 3.85
CA GLN F 455 -53.38 9.19 4.07
C GLN F 455 -52.61 9.64 5.32
N SER F 456 -52.89 9.04 6.47
CA SER F 456 -52.17 9.40 7.70
C SER F 456 -50.70 9.05 7.57
N LEU F 457 -50.42 7.95 6.91
CA LEU F 457 -49.04 7.55 6.67
C LEU F 457 -48.31 8.60 5.84
N LYS F 458 -48.95 9.11 4.79
CA LYS F 458 -48.26 10.02 3.90
C LYS F 458 -48.17 11.43 4.47
N PHE F 459 -49.17 11.86 5.22
CA PHE F 459 -49.06 13.18 5.82
C PHE F 459 -47.96 13.21 6.84
N ASN F 460 -47.86 12.15 7.64
CA ASN F 460 -46.88 12.09 8.71
C ASN F 460 -45.48 11.75 8.23
N ALA F 461 -45.35 10.98 7.15
CA ALA F 461 -44.00 10.71 6.66
C ALA F 461 -43.48 11.89 5.85
N GLU F 462 -44.31 12.47 5.01
CA GLU F 462 -43.78 13.40 4.05
C GLU F 462 -44.25 14.81 4.24
N VAL F 463 -45.53 15.03 4.50
CA VAL F 463 -46.04 16.38 4.40
C VAL F 463 -45.68 17.21 5.63
N PHE F 464 -46.18 16.81 6.82
CA PHE F 464 -45.91 17.61 8.03
C PHE F 464 -44.44 17.84 8.32
N PRO F 465 -43.53 16.89 8.06
CA PRO F 465 -42.13 17.23 8.23
C PRO F 465 -41.68 18.29 7.26
N TRP F 466 -42.14 18.21 6.02
CA TRP F 466 -41.72 19.18 5.03
C TRP F 466 -42.32 20.52 5.35
N GLU F 467 -43.54 20.50 5.87
CA GLU F 467 -44.20 21.72 6.22
C GLU F 467 -43.63 22.36 7.50
N SER F 468 -42.79 21.64 8.26
CA SER F 468 -42.31 22.12 9.56
C SER F 468 -40.80 22.15 9.70
N LYS F 469 -40.05 21.59 8.74
CA LYS F 469 -38.57 21.69 8.76
C LYS F 469 -38.14 22.83 7.88
N PRO F 470 -37.49 23.86 8.44
CA PRO F 470 -37.19 25.04 7.63
C PRO F 470 -36.28 24.66 6.48
N HIS F 471 -36.38 25.41 5.42
CA HIS F 471 -35.65 25.12 4.22
C HIS F 471 -34.53 26.13 4.09
N PRO F 472 -33.32 25.70 3.77
CA PRO F 472 -32.20 26.66 3.70
C PRO F 472 -32.49 27.89 2.84
N PHE F 473 -33.46 27.83 1.94
CA PHE F 473 -33.72 28.98 1.09
C PHE F 473 -34.49 30.08 1.79
N GLU F 474 -35.24 29.73 2.83
CA GLU F 474 -35.89 30.78 3.60
C GLU F 474 -34.85 31.71 4.24
N PHE F 475 -33.66 31.21 4.53
CA PHE F 475 -32.63 32.09 5.04
C PHE F 475 -32.07 32.99 3.95
N ILE F 476 -32.09 32.56 2.69
CA ILE F 476 -31.66 33.48 1.65
C ILE F 476 -32.69 34.57 1.50
N THR F 477 -33.97 34.20 1.65
CA THR F 477 -35.12 35.08 1.47
C THR F 477 -35.40 35.90 2.71
N THR F 478 -35.50 35.23 3.86
CA THR F 478 -36.13 35.75 5.06
C THR F 478 -35.18 36.09 6.20
N TYR F 479 -33.98 35.51 6.26
CA TYR F 479 -33.09 35.81 7.39
C TYR F 479 -32.86 37.31 7.59
N SER F 480 -32.71 38.08 6.52
CA SER F 480 -32.52 39.52 6.61
C SER F 480 -33.82 40.30 6.67
N CYS F 481 -34.97 39.62 6.72
CA CYS F 481 -36.23 40.34 6.83
C CYS F 481 -36.25 41.15 8.17
#